data_8KEG
#
_entry.id   8KEG
#
_cell.length_a   1.00
_cell.length_b   1.00
_cell.length_c   1.00
_cell.angle_alpha   90.00
_cell.angle_beta   90.00
_cell.angle_gamma   90.00
#
_symmetry.space_group_name_H-M   'P 1'
#
loop_
_entity.id
_entity.type
_entity.pdbx_description
1 polymer 'Neck gp5'
2 polymer 'neck fiber gp82N'
#
loop_
_entity_poly.entity_id
_entity_poly.type
_entity_poly.pdbx_seq_one_letter_code
_entity_poly.pdbx_strand_id
1 'polypeptide(L)'
;VTPGAILVTHPLESYYNQFLDGLPTSELEELEIEFVAMCIGFPRSQNNFVNALLDLSTIEVYTIRTSVKEILRLDKLNKE
SIENRQVTKVEDITMNMNYIGDIKDELVTEVKKLARILKLPVLDNLYVSYDDVEGRIGANGLLEPLNRGSGFGSYLTGYT
VR
;
A,B,C,D,E,F,G,H,I,J,K,L,M,N,O
2 'polypeptide(L)'
;MRRLKGTIRHLDDQPWINVSLFLTLINGTFNSANQYPIDTKHAKTDQNGEFVFNVVPNVGIDQSYYILTTPDNKKHSFTV
PDGTSDIEFSVVREAGIIATDPEYTNVLNYLEDYIDDAIANIQASSVIAEIFTCGQTISALKALRFDSSTGKVFYASSSD
ATHLNKCVGVSSQSGVLNDNIQVVTSGYLSDQSWNWTIGSPIFFDSGGTLTHTPGSSYYQVIGIPVTTNKVLISVEQPIK
L
;
a,b,c,d,e,f,g,h,i,j,k,l,m,n,o
#
# COMPACT_ATOMS: atom_id res chain seq x y z
N THR A 9 -9.52 54.56 0.45
CA THR A 9 -10.31 54.40 -0.77
C THR A 9 -11.77 54.67 -0.47
N HIS A 10 -12.39 53.75 0.25
CA HIS A 10 -13.77 53.92 0.65
C HIS A 10 -13.89 55.13 1.58
N PRO A 11 -14.88 56.01 1.40
CA PRO A 11 -15.01 57.12 2.34
C PRO A 11 -15.06 56.67 3.79
N LEU A 12 -15.93 55.73 4.12
CA LEU A 12 -15.96 55.16 5.46
C LEU A 12 -14.58 54.65 5.86
N GLU A 13 -13.83 54.08 4.92
CA GLU A 13 -12.53 53.54 5.27
C GLU A 13 -11.61 54.64 5.80
N SER A 14 -11.52 55.77 5.10
CA SER A 14 -10.69 56.87 5.58
C SER A 14 -11.24 57.43 6.88
N TYR A 15 -12.56 57.66 6.93
CA TYR A 15 -13.17 58.21 8.14
C TYR A 15 -12.80 57.39 9.36
N TYR A 16 -12.77 56.07 9.21
CA TYR A 16 -12.35 55.20 10.30
C TYR A 16 -10.83 55.20 10.48
N ASN A 17 -10.07 55.36 9.39
CA ASN A 17 -8.63 55.47 9.51
C ASN A 17 -8.26 56.62 10.42
N GLN A 18 -9.09 57.66 10.46
CA GLN A 18 -8.79 58.79 11.34
C GLN A 18 -8.76 58.36 12.79
N PHE A 19 -9.70 57.52 13.21
CA PHE A 19 -9.79 57.08 14.60
C PHE A 19 -8.80 55.94 14.83
N LEU A 20 -8.03 56.04 15.92
CA LEU A 20 -7.08 55.00 16.29
C LEU A 20 -7.59 54.16 17.46
N ASP A 21 -7.89 54.79 18.59
CA ASP A 21 -8.45 54.06 19.71
C ASP A 21 -9.90 53.73 19.41
N GLY A 22 -10.14 52.50 18.95
CA GLY A 22 -11.47 52.12 18.52
C GLY A 22 -12.08 53.16 17.61
N LEU A 23 -13.35 53.47 17.81
CA LEU A 23 -14.04 54.47 17.03
C LEU A 23 -15.06 55.13 17.94
N PRO A 24 -15.57 56.30 17.57
CA PRO A 24 -16.51 57.01 18.43
C PRO A 24 -17.88 56.34 18.43
N THR A 25 -18.77 56.88 19.27
CA THR A 25 -20.18 56.57 19.25
C THR A 25 -20.99 57.85 19.12
N SER A 26 -20.34 58.93 18.71
CA SER A 26 -20.93 60.27 18.70
C SER A 26 -22.20 60.31 17.87
N GLU A 27 -22.07 60.11 16.57
CA GLU A 27 -23.19 60.23 15.64
C GLU A 27 -23.00 59.20 14.55
N LEU A 28 -24.02 58.38 14.30
CA LEU A 28 -23.97 57.52 13.13
C LEU A 28 -23.98 58.41 11.90
N GLU A 29 -22.89 58.40 11.15
CA GLU A 29 -22.76 59.31 10.02
C GLU A 29 -23.76 58.93 8.93
N GLU A 30 -24.31 59.94 8.26
CA GLU A 30 -25.26 59.68 7.18
C GLU A 30 -24.62 58.75 6.16
N LEU A 31 -23.30 58.84 5.99
CA LEU A 31 -22.59 57.81 5.23
C LEU A 31 -22.77 56.45 5.87
N GLU A 32 -22.65 56.38 7.20
CA GLU A 32 -22.78 55.10 7.89
C GLU A 32 -24.20 54.56 7.79
N ILE A 33 -25.20 55.41 7.99
CA ILE A 33 -26.58 54.94 7.83
C ILE A 33 -26.82 54.52 6.40
N GLU A 34 -26.25 55.24 5.44
CA GLU A 34 -26.42 54.89 4.04
C GLU A 34 -25.84 53.51 3.75
N PHE A 35 -24.64 53.26 4.25
CA PHE A 35 -24.02 51.95 4.06
C PHE A 35 -24.84 50.86 4.73
N VAL A 36 -25.35 51.13 5.93
CA VAL A 36 -26.22 50.17 6.61
C VAL A 36 -27.41 49.84 5.73
N ALA A 37 -28.16 50.87 5.34
CA ALA A 37 -29.34 50.65 4.51
C ALA A 37 -29.00 49.85 3.26
N MET A 38 -27.88 50.18 2.63
CA MET A 38 -27.48 49.46 1.43
C MET A 38 -27.21 47.99 1.74
N CYS A 39 -26.54 47.71 2.86
CA CYS A 39 -26.16 46.35 3.18
C CYS A 39 -27.32 45.52 3.73
N ILE A 40 -28.42 46.14 4.14
CA ILE A 40 -29.62 45.42 4.55
C ILE A 40 -30.86 45.88 3.82
N GLY A 41 -30.74 46.78 2.84
CA GLY A 41 -31.85 47.09 1.97
C GLY A 41 -32.99 47.84 2.63
N PHE A 42 -32.73 48.55 3.72
CA PHE A 42 -33.75 49.39 4.33
C PHE A 42 -33.53 50.83 3.89
N PRO A 43 -34.21 51.30 2.85
CA PRO A 43 -34.12 52.73 2.52
C PRO A 43 -34.28 53.57 3.78
N ARG A 44 -33.30 54.45 4.01
CA ARG A 44 -33.22 55.13 5.29
C ARG A 44 -34.48 55.93 5.61
N SER A 45 -35.26 56.29 4.58
CA SER A 45 -36.54 56.93 4.82
C SER A 45 -37.54 55.99 5.50
N GLN A 46 -37.33 54.67 5.42
CA GLN A 46 -38.31 53.72 5.92
C GLN A 46 -38.63 54.00 7.38
N ASN A 47 -39.92 54.17 7.67
CA ASN A 47 -40.34 54.48 9.03
C ASN A 47 -39.96 53.36 9.99
N ASN A 48 -40.20 52.11 9.60
CA ASN A 48 -39.78 50.98 10.42
C ASN A 48 -38.26 50.89 10.53
N PHE A 49 -37.54 51.64 9.70
CA PHE A 49 -36.09 51.76 9.83
C PHE A 49 -35.70 52.98 10.65
N VAL A 50 -36.27 54.15 10.37
CA VAL A 50 -35.90 55.36 11.11
C VAL A 50 -36.20 55.18 12.59
N ASN A 51 -37.37 54.64 12.92
CA ASN A 51 -37.70 54.40 14.32
C ASN A 51 -36.63 53.58 15.00
N ALA A 52 -36.00 52.66 14.26
CA ALA A 52 -34.88 51.88 14.81
C ALA A 52 -33.62 52.71 14.97
N LEU A 53 -33.59 53.94 14.45
CA LEU A 53 -32.43 54.81 14.58
C LEU A 53 -32.50 55.72 15.80
N LEU A 54 -33.55 55.61 16.60
CA LEU A 54 -33.67 56.35 17.84
C LEU A 54 -33.50 55.40 19.02
N ASP A 55 -33.35 55.96 20.21
CA ASP A 55 -33.17 55.18 21.42
C ASP A 55 -31.98 54.24 21.27
N LEU A 56 -30.88 54.76 20.74
CA LEU A 56 -29.73 53.96 20.37
C LEU A 56 -28.67 54.02 21.46
N SER A 57 -28.21 52.86 21.91
CA SER A 57 -27.16 52.78 22.90
C SER A 57 -25.80 53.07 22.26
N THR A 58 -24.92 53.70 23.03
CA THR A 58 -23.60 54.08 22.50
C THR A 58 -22.78 52.86 22.12
N ILE A 59 -22.66 51.89 23.02
CA ILE A 59 -21.90 50.69 22.70
C ILE A 59 -22.51 49.99 21.50
N GLU A 60 -23.82 50.11 21.33
CA GLU A 60 -24.44 49.65 20.10
C GLU A 60 -23.76 50.30 18.90
N VAL A 61 -23.53 51.60 18.96
CA VAL A 61 -22.91 52.31 17.84
C VAL A 61 -21.49 51.81 17.62
N TYR A 62 -20.75 51.61 18.71
CA TYR A 62 -19.39 51.12 18.56
C TYR A 62 -19.39 49.76 17.88
N THR A 63 -20.30 48.87 18.28
CA THR A 63 -20.39 47.57 17.65
C THR A 63 -20.78 47.68 16.18
N ILE A 64 -21.70 48.59 15.86
CA ILE A 64 -22.08 48.78 14.45
C ILE A 64 -20.86 49.18 13.64
N ARG A 65 -20.08 50.12 14.15
CA ARG A 65 -18.92 50.59 13.42
C ARG A 65 -17.87 49.49 13.28
N THR A 66 -17.68 48.69 14.34
CA THR A 66 -16.77 47.56 14.23
C THR A 66 -17.23 46.60 13.16
N SER A 67 -18.53 46.30 13.14
CA SER A 67 -19.06 45.34 12.17
C SER A 67 -18.92 45.84 10.74
N VAL A 68 -19.20 47.12 10.50
CA VAL A 68 -19.08 47.63 9.14
C VAL A 68 -17.61 47.71 8.73
N LYS A 69 -16.72 48.05 9.66
CA LYS A 69 -15.29 47.98 9.37
C LYS A 69 -14.89 46.58 8.93
N GLU A 70 -15.34 45.58 9.68
CA GLU A 70 -15.06 44.19 9.32
C GLU A 70 -15.65 43.85 7.96
N ILE A 71 -16.85 44.35 7.68
CA ILE A 71 -17.47 44.08 6.38
C ILE A 71 -16.57 44.60 5.26
N LEU A 72 -16.11 45.84 5.40
CA LEU A 72 -15.23 46.41 4.37
C LEU A 72 -13.96 45.59 4.22
N ARG A 73 -13.34 45.20 5.34
CA ARG A 73 -12.12 44.41 5.26
C ARG A 73 -12.37 43.09 4.55
N LEU A 74 -13.47 42.41 4.89
CA LEU A 74 -13.77 41.13 4.27
C LEU A 74 -14.05 41.29 2.79
N ASP A 75 -14.73 42.37 2.40
CA ASP A 75 -14.99 42.60 0.98
C ASP A 75 -13.68 42.78 0.22
N LYS A 76 -12.76 43.55 0.79
CA LYS A 76 -11.46 43.73 0.14
C LYS A 76 -10.72 42.40 0.03
N LEU A 77 -10.74 41.62 1.11
CA LEU A 77 -10.07 40.32 1.08
C LEU A 77 -10.68 39.41 0.03
N ASN A 78 -12.01 39.44 -0.11
CA ASN A 78 -12.67 38.69 -1.17
C ASN A 78 -12.15 39.11 -2.53
N LYS A 79 -12.14 40.42 -2.79
CA LYS A 79 -11.65 40.90 -4.08
C LYS A 79 -10.25 40.38 -4.35
N GLU A 80 -9.39 40.37 -3.33
CA GLU A 80 -8.00 39.98 -3.54
C GLU A 80 -7.86 38.47 -3.72
N SER A 81 -8.73 37.69 -3.09
CA SER A 81 -8.51 36.25 -3.04
C SER A 81 -8.46 35.60 -4.41
N ILE A 82 -9.22 36.14 -5.38
CA ILE A 82 -9.37 35.43 -6.65
C ILE A 82 -8.03 35.27 -7.36
N GLU A 83 -7.05 36.12 -7.03
CA GLU A 83 -5.69 35.89 -7.53
C GLU A 83 -5.25 34.47 -7.21
N ASN A 84 -5.47 34.04 -5.97
CA ASN A 84 -5.21 32.66 -5.57
C ASN A 84 -6.38 31.83 -6.08
N ARG A 85 -6.51 30.59 -5.60
CA ARG A 85 -7.50 29.63 -6.07
C ARG A 85 -7.14 29.06 -7.43
N GLN A 86 -6.05 29.55 -8.05
CA GLN A 86 -5.61 28.99 -9.31
C GLN A 86 -5.05 27.59 -9.15
N VAL A 87 -4.38 27.32 -8.02
CA VAL A 87 -3.68 26.06 -7.83
C VAL A 87 -3.94 25.50 -6.44
N THR A 88 -3.31 24.37 -6.12
CA THR A 88 -3.38 23.76 -4.82
C THR A 88 -2.08 23.03 -4.56
N LYS A 89 -1.65 23.03 -3.29
CA LYS A 89 -0.40 22.41 -2.85
C LYS A 89 0.79 22.73 -3.78
N VAL A 90 1.12 24.03 -3.81
CA VAL A 90 2.16 24.52 -4.71
C VAL A 90 3.44 23.72 -4.53
N GLU A 91 4.02 23.79 -3.33
CA GLU A 91 5.19 23.00 -2.97
C GLU A 91 4.87 22.00 -1.88
N ASP A 92 4.41 22.49 -0.73
CA ASP A 92 3.89 21.65 0.34
C ASP A 92 2.61 22.14 1.00
N ILE A 93 1.99 23.18 0.46
CA ILE A 93 0.90 23.90 1.12
C ILE A 93 -0.37 23.67 0.31
N THR A 94 -1.26 22.83 0.82
CA THR A 94 -2.58 22.75 0.25
C THR A 94 -3.29 24.09 0.46
N MET A 95 -4.48 24.23 -0.12
CA MET A 95 -5.21 25.48 -0.03
C MET A 95 -6.68 25.17 0.15
N ASN A 96 -7.32 25.88 1.09
CA ASN A 96 -8.75 25.69 1.29
C ASN A 96 -9.51 26.14 0.06
N MET A 97 -10.03 25.18 -0.71
CA MET A 97 -10.85 25.53 -1.87
C MET A 97 -12.17 26.17 -1.48
N ASN A 98 -12.55 26.10 -0.21
CA ASN A 98 -13.76 26.74 0.30
C ASN A 98 -13.50 28.12 0.88
N TYR A 99 -12.24 28.56 0.91
CA TYR A 99 -11.88 29.83 1.53
C TYR A 99 -12.86 30.95 1.17
N ILE A 100 -13.13 31.11 -0.12
CA ILE A 100 -14.10 32.10 -0.54
C ILE A 100 -15.45 31.85 0.12
N GLY A 101 -15.85 30.58 0.20
CA GLY A 101 -17.06 30.26 0.93
C GLY A 101 -16.99 30.73 2.38
N ASP A 102 -15.83 30.55 3.01
CA ASP A 102 -15.67 30.99 4.39
C ASP A 102 -15.90 32.49 4.51
N ILE A 103 -15.26 33.28 3.65
CA ILE A 103 -15.38 34.72 3.78
C ILE A 103 -16.81 35.17 3.45
N LYS A 104 -17.46 34.50 2.49
CA LYS A 104 -18.85 34.82 2.21
C LYS A 104 -19.73 34.57 3.44
N ASP A 105 -19.49 33.43 4.10
CA ASP A 105 -20.25 33.12 5.31
C ASP A 105 -20.02 34.18 6.37
N GLU A 106 -18.77 34.61 6.54
CA GLU A 106 -18.48 35.65 7.52
C GLU A 106 -19.20 36.95 7.18
N LEU A 107 -19.20 37.33 5.90
CA LEU A 107 -19.89 38.56 5.49
C LEU A 107 -21.37 38.48 5.82
N VAL A 108 -22.02 37.37 5.46
CA VAL A 108 -23.45 37.25 5.75
C VAL A 108 -23.68 37.23 7.24
N THR A 109 -22.77 36.63 8.02
CA THR A 109 -22.91 36.65 9.47
C THR A 109 -22.87 38.07 10.01
N GLU A 110 -21.95 38.89 9.50
CA GLU A 110 -21.89 40.29 9.94
C GLU A 110 -23.16 41.04 9.56
N VAL A 111 -23.67 40.79 8.35
CA VAL A 111 -24.93 41.40 7.95
C VAL A 111 -26.03 41.01 8.92
N LYS A 112 -26.09 39.73 9.28
CA LYS A 112 -27.07 39.28 10.28
C LYS A 112 -26.88 40.02 11.59
N LYS A 113 -25.63 40.15 12.04
CA LYS A 113 -25.35 40.80 13.31
C LYS A 113 -25.85 42.23 13.33
N LEU A 114 -25.71 42.95 12.23
CA LEU A 114 -26.22 44.32 12.17
C LEU A 114 -27.70 44.35 12.52
N ALA A 115 -28.53 43.68 11.72
CA ALA A 115 -29.96 43.69 11.98
C ALA A 115 -30.29 43.16 13.38
N ARG A 116 -29.53 42.17 13.86
CA ARG A 116 -29.75 41.68 15.21
C ARG A 116 -29.56 42.79 16.23
N ILE A 117 -28.52 43.60 16.05
CA ILE A 117 -28.30 44.74 16.93
C ILE A 117 -29.46 45.72 16.82
N LEU A 118 -29.93 45.97 15.60
CA LEU A 118 -31.05 46.89 15.41
C LEU A 118 -32.41 46.23 15.56
N LYS A 119 -32.45 44.95 15.91
CA LYS A 119 -33.70 44.22 16.15
C LYS A 119 -34.55 44.10 14.90
N LEU A 120 -33.98 44.33 13.73
CA LEU A 120 -34.71 44.34 12.48
C LEU A 120 -34.54 43.02 11.74
N PRO A 121 -35.42 42.73 10.78
CA PRO A 121 -35.23 41.57 9.92
C PRO A 121 -34.29 41.90 8.77
N VAL A 122 -33.60 40.86 8.29
CA VAL A 122 -32.66 40.99 7.19
C VAL A 122 -33.43 40.67 5.91
N LEU A 123 -33.72 41.70 5.14
CA LEU A 123 -34.34 41.53 3.84
C LEU A 123 -33.32 41.30 2.74
N ASP A 124 -33.77 41.07 1.51
CA ASP A 124 -32.84 40.90 0.40
C ASP A 124 -31.95 42.13 0.31
N ASN A 125 -30.64 41.92 0.28
CA ASN A 125 -29.44 42.72 0.27
C ASN A 125 -28.38 42.15 -0.67
N LEU A 126 -27.37 42.98 -0.95
CA LEU A 126 -26.34 42.61 -1.91
C LEU A 126 -25.55 41.38 -1.45
N TYR A 127 -25.55 41.09 -0.15
CA TYR A 127 -24.78 39.98 0.39
C TYR A 127 -25.62 38.75 0.72
N VAL A 128 -26.74 38.92 1.43
CA VAL A 128 -27.57 37.77 1.75
C VAL A 128 -28.03 37.10 0.46
N SER A 129 -28.27 35.78 0.54
CA SER A 129 -28.66 34.99 -0.62
C SER A 129 -29.96 34.27 -0.31
N TYR A 130 -31.08 34.98 -0.50
CA TYR A 130 -32.43 34.47 -0.42
C TYR A 130 -32.82 34.03 0.99
N ASP A 131 -31.91 34.06 1.96
CA ASP A 131 -32.22 33.71 3.34
C ASP A 131 -32.56 34.98 4.10
N ASP A 132 -33.50 35.74 3.53
CA ASP A 132 -33.93 37.01 4.09
C ASP A 132 -34.88 36.75 5.25
N VAL A 133 -35.48 37.83 5.76
CA VAL A 133 -36.43 37.76 6.86
C VAL A 133 -37.56 38.71 6.55
N GLU A 134 -38.75 38.16 6.28
CA GLU A 134 -40.03 38.86 6.31
C GLU A 134 -40.14 39.98 5.29
N GLY A 135 -39.19 40.12 4.36
CA GLY A 135 -38.90 40.89 3.17
C GLY A 135 -39.05 42.39 3.37
N ARG A 136 -39.88 43.01 2.54
CA ARG A 136 -39.94 44.48 2.49
C ARG A 136 -40.45 45.09 3.79
N ILE A 137 -41.67 44.73 4.21
CA ILE A 137 -42.29 45.37 5.37
C ILE A 137 -42.88 44.30 6.29
N GLY A 138 -42.55 43.03 6.01
CA GLY A 138 -43.19 41.93 6.69
C GLY A 138 -43.86 41.00 5.72
N ALA A 139 -43.39 39.74 5.65
CA ALA A 139 -43.92 38.78 4.71
C ALA A 139 -43.25 37.42 4.88
N ASN A 140 -42.06 37.26 4.32
CA ASN A 140 -41.29 36.03 4.46
C ASN A 140 -41.19 35.60 5.92
N THR B 9 -7.67 48.08 -23.85
CA THR B 9 -8.00 49.20 -22.98
C THR B 9 -9.49 49.51 -23.03
N HIS B 10 -10.25 48.87 -22.16
CA HIS B 10 -11.66 49.14 -22.07
C HIS B 10 -11.88 50.61 -21.70
N PRO B 11 -12.83 51.31 -22.33
CA PRO B 11 -13.02 52.72 -22.00
C PRO B 11 -13.25 52.97 -20.52
N LEU B 12 -14.00 52.11 -19.85
CA LEU B 12 -14.16 52.24 -18.41
C LEU B 12 -12.83 52.11 -17.68
N GLU B 13 -11.98 51.18 -18.10
CA GLU B 13 -10.66 51.05 -17.48
C GLU B 13 -9.90 52.37 -17.55
N SER B 14 -9.86 52.98 -18.73
CA SER B 14 -9.21 54.28 -18.86
C SER B 14 -9.89 55.33 -17.99
N TYR B 15 -11.22 55.32 -17.94
CA TYR B 15 -11.94 56.33 -17.18
C TYR B 15 -11.69 56.24 -15.68
N TYR B 16 -11.47 55.02 -15.17
CA TYR B 16 -11.33 54.83 -13.74
C TYR B 16 -9.91 55.04 -13.23
N ASN B 17 -8.90 54.70 -14.02
CA ASN B 17 -7.53 54.69 -13.50
C ASN B 17 -7.07 56.06 -13.01
N GLN B 18 -7.81 57.12 -13.30
CA GLN B 18 -7.41 58.44 -12.80
C GLN B 18 -7.67 58.56 -11.31
N PHE B 19 -8.82 58.08 -10.86
CA PHE B 19 -9.18 58.16 -9.45
C PHE B 19 -8.46 57.05 -8.69
N LEU B 20 -7.73 57.43 -7.65
CA LEU B 20 -6.85 56.51 -6.94
C LEU B 20 -7.33 56.24 -5.52
N ASP B 21 -7.51 57.27 -4.70
CA ASP B 21 -7.95 57.09 -3.32
C ASP B 21 -9.45 56.83 -3.31
N GLY B 22 -9.83 55.71 -3.92
CA GLY B 22 -11.22 55.36 -4.11
C GLY B 22 -11.73 55.79 -5.48
N LEU B 23 -13.05 55.94 -5.60
CA LEU B 23 -13.66 56.34 -6.86
C LEU B 23 -14.74 57.37 -6.58
N PRO B 24 -15.08 58.23 -7.53
CA PRO B 24 -16.11 59.24 -7.28
C PRO B 24 -17.51 58.68 -7.37
N THR B 25 -18.42 59.35 -6.66
CA THR B 25 -19.86 59.21 -6.90
C THR B 25 -20.37 60.39 -7.71
N SER B 26 -19.48 61.27 -8.15
CA SER B 26 -19.85 62.56 -8.71
C SER B 26 -21.08 62.45 -9.61
N GLU B 27 -21.00 61.59 -10.62
CA GLU B 27 -22.12 61.36 -11.51
C GLU B 27 -21.90 60.05 -12.26
N LEU B 28 -23.00 59.49 -12.77
CA LEU B 28 -22.97 58.26 -13.54
C LEU B 28 -22.90 58.66 -15.01
N GLU B 29 -21.71 58.61 -15.58
CA GLU B 29 -21.53 58.94 -16.98
C GLU B 29 -22.19 57.90 -17.86
N GLU B 30 -22.67 58.34 -19.02
CA GLU B 30 -23.39 57.46 -19.94
C GLU B 30 -22.72 56.10 -20.10
N LEU B 31 -21.39 56.05 -20.09
CA LEU B 31 -20.71 54.76 -20.19
C LEU B 31 -21.12 53.82 -19.07
N GLU B 32 -21.19 54.33 -17.84
CA GLU B 32 -21.54 53.47 -16.71
C GLU B 32 -22.96 52.93 -16.85
N ILE B 33 -23.91 53.81 -17.21
CA ILE B 33 -25.29 53.37 -17.35
C ILE B 33 -25.41 52.36 -18.48
N GLU B 34 -24.70 52.60 -19.58
CA GLU B 34 -24.74 51.67 -20.71
C GLU B 34 -24.18 50.31 -20.30
N PHE B 35 -23.05 50.30 -19.59
CA PHE B 35 -22.45 49.05 -19.16
C PHE B 35 -23.38 48.31 -18.20
N VAL B 36 -24.02 49.04 -17.28
CA VAL B 36 -24.97 48.40 -16.38
C VAL B 36 -26.14 47.83 -17.17
N ALA B 37 -26.66 48.60 -18.13
CA ALA B 37 -27.72 48.11 -18.99
C ALA B 37 -27.34 46.77 -19.59
N MET B 38 -26.14 46.68 -20.16
CA MET B 38 -25.68 45.40 -20.70
C MET B 38 -25.63 44.33 -19.62
N CYS B 39 -25.08 44.68 -18.45
CA CYS B 39 -24.87 43.67 -17.41
C CYS B 39 -26.17 43.07 -16.93
N ILE B 40 -27.25 43.86 -16.90
CA ILE B 40 -28.57 43.34 -16.55
C ILE B 40 -29.50 43.31 -17.75
N GLY B 41 -28.96 43.52 -18.96
CA GLY B 41 -29.80 43.45 -20.15
C GLY B 41 -30.97 44.39 -20.11
N PHE B 42 -30.78 45.60 -19.59
CA PHE B 42 -31.85 46.58 -19.50
C PHE B 42 -31.61 47.69 -20.50
N PRO B 43 -32.34 47.73 -21.62
CA PRO B 43 -32.25 48.92 -22.48
C PRO B 43 -32.55 50.16 -21.66
N ARG B 44 -31.55 51.05 -21.55
CA ARG B 44 -31.64 52.13 -20.59
C ARG B 44 -32.90 52.97 -20.78
N SER B 45 -33.42 53.03 -22.01
CA SER B 45 -34.65 53.78 -22.25
C SER B 45 -35.83 53.25 -21.45
N GLN B 46 -35.78 51.99 -21.01
CA GLN B 46 -36.88 51.43 -20.23
C GLN B 46 -37.13 52.31 -19.00
N ASN B 47 -38.39 52.68 -18.81
CA ASN B 47 -38.72 53.66 -17.78
C ASN B 47 -38.31 53.17 -16.39
N ASN B 48 -38.62 51.91 -16.07
CA ASN B 48 -38.30 51.38 -14.76
C ASN B 48 -36.81 51.49 -14.46
N PHE B 49 -35.98 51.17 -15.44
CA PHE B 49 -34.54 51.25 -15.25
C PHE B 49 -34.11 52.66 -14.89
N VAL B 50 -34.60 53.65 -15.64
CA VAL B 50 -34.23 55.04 -15.38
C VAL B 50 -34.73 55.46 -14.01
N ASN B 51 -35.97 55.11 -13.68
CA ASN B 51 -36.51 55.47 -12.37
C ASN B 51 -35.63 54.92 -11.25
N ALA B 52 -35.22 53.65 -11.37
CA ALA B 52 -34.29 53.10 -10.41
C ALA B 52 -32.97 53.86 -10.42
N LEU B 53 -32.59 54.40 -11.58
CA LEU B 53 -31.36 55.19 -11.66
C LEU B 53 -31.42 56.44 -10.80
N LEU B 54 -32.61 56.85 -10.37
CA LEU B 54 -32.74 57.96 -9.44
C LEU B 54 -32.62 57.46 -8.00
N ASP B 55 -32.59 58.41 -7.07
CA ASP B 55 -32.51 58.13 -5.63
C ASP B 55 -31.19 57.49 -5.22
N LEU B 56 -30.25 57.34 -6.15
CA LEU B 56 -28.98 56.71 -5.83
C LEU B 56 -28.23 57.55 -4.81
N SER B 57 -27.85 56.93 -3.71
CA SER B 57 -27.08 57.60 -2.67
C SER B 57 -25.59 57.36 -2.90
N THR B 58 -24.77 58.12 -2.18
CA THR B 58 -23.33 58.15 -2.47
C THR B 58 -22.72 56.76 -2.38
N ILE B 59 -22.90 56.10 -1.24
CA ILE B 59 -22.34 54.76 -1.05
C ILE B 59 -22.87 53.82 -2.11
N GLU B 60 -24.14 53.96 -2.49
CA GLU B 60 -24.71 53.09 -3.51
C GLU B 60 -23.93 53.21 -4.81
N VAL B 61 -23.69 54.44 -5.26
CA VAL B 61 -22.96 54.65 -6.51
C VAL B 61 -21.54 54.14 -6.40
N TYR B 62 -20.89 54.39 -5.27
CA TYR B 62 -19.54 53.88 -5.07
C TYR B 62 -19.52 52.36 -5.18
N THR B 63 -20.52 51.71 -4.61
CA THR B 63 -20.62 50.26 -4.69
C THR B 63 -20.82 49.81 -6.14
N ILE B 64 -21.67 50.52 -6.88
CA ILE B 64 -21.86 50.17 -8.29
C ILE B 64 -20.53 50.23 -9.02
N ARG B 65 -19.77 51.30 -8.79
CA ARG B 65 -18.53 51.49 -9.54
C ARG B 65 -17.50 50.43 -9.19
N THR B 66 -17.35 50.12 -7.90
CA THR B 66 -16.39 49.08 -7.52
C THR B 66 -16.81 47.73 -8.08
N SER B 67 -18.12 47.44 -8.07
CA SER B 67 -18.58 46.19 -8.66
C SER B 67 -18.28 46.13 -10.15
N VAL B 68 -18.47 47.24 -10.85
CA VAL B 68 -18.16 47.27 -12.29
C VAL B 68 -16.67 47.02 -12.51
N LYS B 69 -15.82 47.67 -11.71
CA LYS B 69 -14.39 47.46 -11.83
C LYS B 69 -14.03 46.00 -11.61
N GLU B 70 -14.64 45.38 -10.59
CA GLU B 70 -14.38 43.97 -10.33
C GLU B 70 -14.85 43.10 -11.49
N ILE B 71 -15.99 43.45 -12.08
CA ILE B 71 -16.48 42.71 -13.25
C ILE B 71 -15.44 42.76 -14.35
N LEU B 72 -14.91 43.95 -14.63
CA LEU B 72 -13.89 44.06 -15.66
C LEU B 72 -12.67 43.23 -15.32
N ARG B 73 -12.22 43.30 -14.07
CA ARG B 73 -11.02 42.56 -13.67
C ARG B 73 -11.21 41.05 -13.87
N LEU B 74 -12.34 40.52 -13.41
CA LEU B 74 -12.59 39.10 -13.54
C LEU B 74 -12.74 38.70 -15.01
N ASP B 75 -13.44 39.51 -15.80
CA ASP B 75 -13.59 39.21 -17.20
C ASP B 75 -12.24 39.15 -17.88
N LYS B 76 -11.33 40.06 -17.54
CA LYS B 76 -9.99 40.02 -18.10
C LYS B 76 -9.24 38.76 -17.66
N LEU B 77 -9.27 38.47 -16.35
CA LEU B 77 -8.57 37.29 -15.85
C LEU B 77 -9.07 36.02 -16.53
N ASN B 78 -10.34 35.99 -16.93
CA ASN B 78 -10.88 34.81 -17.58
C ASN B 78 -10.11 34.47 -18.85
N LYS B 79 -9.82 35.46 -19.68
CA LYS B 79 -9.06 35.20 -20.89
C LYS B 79 -7.66 34.72 -20.56
N GLU B 80 -7.01 35.32 -19.57
CA GLU B 80 -5.66 34.91 -19.23
C GLU B 80 -5.61 33.45 -18.81
N SER B 81 -6.56 33.03 -17.98
CA SER B 81 -6.48 31.68 -17.43
C SER B 81 -6.74 30.60 -18.47
N ILE B 82 -7.37 30.92 -19.60
CA ILE B 82 -7.77 29.87 -20.53
C ILE B 82 -6.55 29.21 -21.15
N GLU B 83 -5.44 29.93 -21.31
CA GLU B 83 -4.22 29.28 -21.76
C GLU B 83 -3.80 28.20 -20.76
N ASN B 84 -3.92 28.49 -19.47
CA ASN B 84 -3.83 27.46 -18.47
C ASN B 84 -5.01 26.50 -18.66
N ARG B 85 -5.07 25.46 -17.83
CA ARG B 85 -5.92 24.29 -18.00
C ARG B 85 -5.33 23.34 -19.04
N GLN B 86 -4.25 23.72 -19.72
CA GLN B 86 -3.59 22.80 -20.63
C GLN B 86 -3.03 21.59 -19.90
N VAL B 87 -2.76 21.74 -18.59
CA VAL B 87 -2.01 20.75 -17.85
C VAL B 87 -2.56 20.64 -16.44
N THR B 88 -1.95 19.73 -15.67
CA THR B 88 -2.19 19.58 -14.24
C THR B 88 -0.88 19.12 -13.62
N LYS B 89 -0.78 19.30 -12.29
CA LYS B 89 0.36 18.79 -11.54
C LYS B 89 1.72 18.89 -12.23
N VAL B 90 2.15 20.11 -12.54
CA VAL B 90 3.33 20.34 -13.36
C VAL B 90 4.52 19.59 -12.79
N GLU B 91 4.90 19.91 -11.55
CA GLU B 91 5.86 19.11 -10.80
C GLU B 91 5.30 18.69 -9.44
N ASP B 92 4.82 19.65 -8.66
CA ASP B 92 3.95 19.35 -7.53
C ASP B 92 2.79 20.34 -7.37
N ILE B 93 2.56 21.18 -8.36
CA ILE B 93 1.53 22.20 -8.34
C ILE B 93 0.34 21.67 -9.11
N THR B 94 -0.73 21.35 -8.42
CA THR B 94 -1.94 21.00 -9.13
C THR B 94 -2.59 22.26 -9.69
N MET B 95 -3.77 22.10 -10.27
CA MET B 95 -4.50 23.19 -10.87
C MET B 95 -5.96 23.06 -10.50
N ASN B 96 -6.56 24.16 -10.07
CA ASN B 96 -7.99 24.15 -9.77
C ASN B 96 -8.76 24.04 -11.07
N MET B 97 -9.10 22.81 -11.46
CA MET B 97 -9.68 22.59 -12.77
C MET B 97 -11.05 23.23 -12.93
N ASN B 98 -11.68 23.64 -11.84
CA ASN B 98 -12.92 24.40 -11.88
C ASN B 98 -12.68 25.89 -11.66
N TYR B 99 -11.42 26.33 -11.71
CA TYR B 99 -11.11 27.75 -11.54
C TYR B 99 -11.97 28.62 -12.44
N ILE B 100 -12.12 28.22 -13.70
CA ILE B 100 -13.01 28.93 -14.60
C ILE B 100 -14.42 28.97 -14.02
N GLY B 101 -14.87 27.84 -13.47
CA GLY B 101 -16.18 27.82 -12.83
C GLY B 101 -16.28 28.82 -11.71
N ASP B 102 -15.22 28.93 -10.89
CA ASP B 102 -15.22 29.88 -9.80
C ASP B 102 -15.29 31.31 -10.32
N ILE B 103 -14.56 31.61 -11.40
CA ILE B 103 -14.59 32.95 -11.97
C ILE B 103 -15.99 33.27 -12.47
N LYS B 104 -16.61 32.32 -13.17
CA LYS B 104 -17.96 32.54 -13.66
C LYS B 104 -18.93 32.78 -12.51
N ASP B 105 -18.79 31.99 -11.44
CA ASP B 105 -19.69 32.14 -10.31
C ASP B 105 -19.51 33.50 -9.64
N GLU B 106 -18.27 33.94 -9.49
CA GLU B 106 -18.03 35.25 -8.91
C GLU B 106 -18.61 36.34 -9.79
N LEU B 107 -18.49 36.19 -11.12
CA LEU B 107 -19.03 37.19 -12.03
C LEU B 107 -20.54 37.29 -11.90
N VAL B 108 -21.22 36.14 -11.86
CA VAL B 108 -22.68 36.18 -11.71
C VAL B 108 -23.06 36.73 -10.34
N THR B 109 -22.25 36.45 -9.32
CA THR B 109 -22.49 37.06 -8.02
C THR B 109 -22.42 38.58 -8.12
N GLU B 110 -21.44 39.09 -8.86
CA GLU B 110 -21.30 40.54 -9.00
C GLU B 110 -22.49 41.15 -9.75
N VAL B 111 -22.95 40.50 -10.82
CA VAL B 111 -24.07 41.06 -11.55
C VAL B 111 -25.34 41.02 -10.69
N LYS B 112 -25.54 39.91 -9.96
CA LYS B 112 -26.64 39.85 -9.00
C LYS B 112 -26.51 40.95 -7.95
N LYS B 113 -25.29 41.24 -7.53
CA LYS B 113 -25.06 42.32 -6.57
C LYS B 113 -25.53 43.66 -7.14
N LEU B 114 -25.16 43.94 -8.39
CA LEU B 114 -25.62 45.15 -9.04
C LEU B 114 -27.15 45.20 -9.06
N ALA B 115 -27.79 44.13 -9.51
CA ALA B 115 -29.24 44.13 -9.60
C ALA B 115 -29.87 44.34 -8.23
N ARG B 116 -29.36 43.66 -7.21
CA ARG B 116 -29.91 43.80 -5.87
C ARG B 116 -29.78 45.23 -5.37
N ILE B 117 -28.64 45.86 -5.63
CA ILE B 117 -28.48 47.27 -5.26
C ILE B 117 -29.51 48.11 -5.97
N LEU B 118 -29.74 47.86 -7.26
CA LEU B 118 -30.74 48.62 -8.01
C LEU B 118 -32.16 48.17 -7.72
N LYS B 119 -32.35 47.12 -6.93
CA LYS B 119 -33.69 46.61 -6.61
C LYS B 119 -34.39 46.07 -7.84
N LEU B 120 -33.64 45.76 -8.89
CA LEU B 120 -34.23 45.37 -10.16
C LEU B 120 -34.11 43.87 -10.39
N PRO B 121 -35.04 43.28 -11.12
CA PRO B 121 -34.87 41.88 -11.52
C PRO B 121 -33.71 41.73 -12.50
N VAL B 122 -33.11 40.55 -12.47
CA VAL B 122 -32.07 40.21 -13.43
C VAL B 122 -32.72 39.50 -14.61
N LEU B 123 -32.53 40.05 -15.80
CA LEU B 123 -33.00 39.43 -17.04
C LEU B 123 -31.86 38.89 -17.90
N ASP B 124 -32.24 38.17 -18.95
CA ASP B 124 -31.26 37.61 -19.87
C ASP B 124 -30.30 38.68 -20.34
N ASN B 125 -29.03 38.54 -20.01
CA ASN B 125 -27.76 39.24 -20.20
C ASN B 125 -26.62 38.32 -20.61
N LEU B 126 -25.49 38.94 -20.92
CA LEU B 126 -24.34 38.19 -21.43
C LEU B 126 -23.85 37.16 -20.41
N TYR B 127 -23.76 37.53 -19.13
CA TYR B 127 -23.09 36.68 -18.17
C TYR B 127 -24.02 35.59 -17.63
N VAL B 128 -25.10 35.97 -16.96
CA VAL B 128 -25.96 34.98 -16.33
C VAL B 128 -26.79 34.26 -17.37
N SER B 129 -27.11 32.99 -17.10
CA SER B 129 -27.82 32.13 -18.03
C SER B 129 -28.97 31.44 -17.30
N TYR B 130 -30.20 31.71 -17.73
CA TYR B 130 -31.40 31.02 -17.27
C TYR B 130 -31.78 31.38 -15.83
N ASP B 131 -30.91 32.12 -15.15
CA ASP B 131 -31.19 32.58 -13.78
C ASP B 131 -31.66 34.02 -13.88
N ASP B 132 -32.81 34.20 -14.53
CA ASP B 132 -33.39 35.52 -14.74
C ASP B 132 -34.65 35.66 -13.90
N VAL B 133 -35.19 36.88 -13.90
CA VAL B 133 -36.35 37.21 -13.09
C VAL B 133 -37.25 38.15 -13.87
N GLU B 134 -38.48 37.72 -14.13
CA GLU B 134 -39.60 38.58 -14.52
C GLU B 134 -39.48 39.19 -15.89
N GLY B 135 -38.55 38.73 -16.73
CA GLY B 135 -38.08 38.90 -18.09
C GLY B 135 -37.95 40.37 -18.46
N ARG B 136 -38.77 40.82 -19.41
CA ARG B 136 -38.64 42.19 -19.92
C ARG B 136 -39.23 43.21 -18.96
N ILE B 137 -40.54 43.11 -18.69
CA ILE B 137 -41.25 44.09 -17.88
C ILE B 137 -42.00 43.46 -16.72
N GLY B 138 -41.81 42.17 -16.46
CA GLY B 138 -42.61 41.45 -15.50
C GLY B 138 -43.33 40.29 -16.15
N ALA B 139 -42.91 39.07 -15.82
CA ALA B 139 -43.45 37.87 -16.44
C ALA B 139 -42.68 36.63 -16.00
N ASN B 140 -41.42 36.54 -16.39
CA ASN B 140 -40.59 35.38 -16.11
C ASN B 140 -40.44 35.15 -14.60
N THR C 9 -3.50 37.36 -40.91
CA THR C 9 -4.08 36.17 -41.52
C THR C 9 -5.57 36.36 -41.75
N HIS C 10 -6.36 36.11 -40.71
CA HIS C 10 -7.80 36.32 -40.81
C HIS C 10 -8.07 37.80 -41.07
N PRO C 11 -8.95 38.15 -42.01
CA PRO C 11 -9.18 39.58 -42.30
C PRO C 11 -9.46 40.40 -41.06
N LEU C 12 -10.45 40.00 -40.27
CA LEU C 12 -10.75 40.72 -39.04
C LEU C 12 -9.55 40.80 -38.12
N GLU C 13 -8.70 39.77 -38.13
CA GLU C 13 -7.53 39.78 -37.25
C GLU C 13 -6.62 40.95 -37.58
N SER C 14 -6.25 41.10 -38.86
CA SER C 14 -5.42 42.23 -39.25
C SER C 14 -6.17 43.54 -39.03
N TYR C 15 -7.45 43.59 -39.38
CA TYR C 15 -8.22 44.82 -39.21
C TYR C 15 -8.17 45.31 -37.77
N TYR C 16 -8.27 44.39 -36.81
CA TYR C 16 -8.17 44.76 -35.41
C TYR C 16 -6.73 45.04 -35.00
N ASN C 17 -5.77 44.32 -35.56
CA ASN C 17 -4.37 44.60 -35.28
C ASN C 17 -4.01 46.02 -35.69
N GLN C 18 -4.72 46.60 -36.65
CA GLN C 18 -4.51 48.00 -36.97
C GLN C 18 -4.70 48.89 -35.74
N PHE C 19 -5.70 48.57 -34.91
CA PHE C 19 -5.99 49.37 -33.72
C PHE C 19 -5.24 48.77 -32.54
N LEU C 20 -4.04 49.31 -32.28
CA LEU C 20 -3.23 48.79 -31.19
C LEU C 20 -3.91 49.00 -29.84
N ASP C 21 -4.34 50.23 -29.54
CA ASP C 21 -4.89 50.57 -28.23
C ASP C 21 -6.39 50.33 -28.23
N GLY C 22 -6.79 49.26 -27.54
CA GLY C 22 -8.19 48.92 -27.46
C GLY C 22 -8.76 48.61 -28.83
N LEU C 23 -10.04 48.87 -29.02
CA LEU C 23 -10.67 48.70 -30.32
C LEU C 23 -11.61 49.87 -30.60
N PRO C 24 -11.89 50.13 -31.88
CA PRO C 24 -12.80 51.23 -32.20
C PRO C 24 -14.23 50.89 -31.84
N THR C 25 -15.05 51.93 -31.65
CA THR C 25 -16.41 51.78 -31.16
C THR C 25 -17.40 52.54 -32.02
N SER C 26 -17.06 52.81 -33.28
CA SER C 26 -17.93 53.64 -34.12
C SER C 26 -19.15 52.87 -34.59
N GLU C 27 -18.94 51.85 -35.42
CA GLU C 27 -20.03 51.04 -35.96
C GLU C 27 -19.45 49.69 -36.37
N LEU C 28 -20.35 48.75 -36.63
CA LEU C 28 -19.93 47.44 -37.09
C LEU C 28 -19.69 47.47 -38.60
N GLU C 29 -18.52 47.01 -39.00
CA GLU C 29 -18.16 46.96 -40.41
C GLU C 29 -18.87 45.79 -41.07
N GLU C 30 -19.33 46.01 -42.30
CA GLU C 30 -20.00 44.95 -43.05
C GLU C 30 -19.20 43.65 -43.01
N LEU C 31 -17.88 43.73 -42.87
CA LEU C 31 -17.11 42.52 -42.60
C LEU C 31 -17.44 41.96 -41.22
N GLU C 32 -17.42 42.82 -40.21
CA GLU C 32 -17.81 42.37 -38.87
C GLU C 32 -19.25 41.92 -38.85
N ILE C 33 -20.13 42.63 -39.57
CA ILE C 33 -21.53 42.24 -39.63
C ILE C 33 -21.66 40.85 -40.25
N GLU C 34 -20.94 40.61 -41.34
CA GLU C 34 -20.97 39.31 -41.99
C GLU C 34 -20.46 38.23 -41.05
N PHE C 35 -19.39 38.50 -40.32
CA PHE C 35 -18.85 37.52 -39.38
C PHE C 35 -19.85 37.21 -38.28
N VAL C 36 -20.52 38.25 -37.74
CA VAL C 36 -21.53 38.03 -36.72
C VAL C 36 -22.65 37.17 -37.27
N ALA C 37 -23.12 37.49 -38.48
CA ALA C 37 -24.14 36.68 -39.13
C ALA C 37 -23.71 35.22 -39.22
N MET C 38 -22.48 35.00 -39.68
CA MET C 38 -21.97 33.64 -39.85
C MET C 38 -21.94 32.89 -38.53
N CYS C 39 -21.38 33.51 -37.50
CA CYS C 39 -21.19 32.82 -36.22
C CYS C 39 -22.45 32.73 -35.39
N ILE C 40 -23.50 33.47 -35.75
CA ILE C 40 -24.82 33.27 -35.15
C ILE C 40 -25.74 32.47 -36.05
N GLY C 41 -25.41 32.31 -37.32
CA GLY C 41 -26.24 31.58 -38.25
C GLY C 41 -27.35 32.39 -38.86
N PHE C 42 -27.41 33.69 -38.62
CA PHE C 42 -28.40 34.53 -39.28
C PHE C 42 -27.86 34.98 -40.63
N PRO C 43 -28.50 34.60 -41.74
CA PRO C 43 -28.17 35.24 -43.01
C PRO C 43 -28.26 36.76 -42.90
N ARG C 44 -27.28 37.44 -43.49
CA ARG C 44 -27.13 38.88 -43.33
C ARG C 44 -28.39 39.64 -43.69
N SER C 45 -29.10 39.23 -44.74
CA SER C 45 -30.21 40.02 -45.27
C SER C 45 -31.46 39.96 -44.41
N GLN C 46 -31.51 39.10 -43.40
CA GLN C 46 -32.75 38.90 -42.65
C GLN C 46 -33.11 40.14 -41.87
N ASN C 47 -34.36 40.59 -42.01
CA ASN C 47 -34.79 41.81 -41.35
C ASN C 47 -34.66 41.69 -39.83
N ASN C 48 -35.16 40.59 -39.26
CA ASN C 48 -35.03 40.37 -37.83
C ASN C 48 -33.60 40.60 -37.35
N PHE C 49 -32.60 40.39 -38.21
CA PHE C 49 -31.21 40.62 -37.87
C PHE C 49 -30.81 42.08 -38.06
N VAL C 50 -31.09 42.64 -39.25
CA VAL C 50 -30.63 43.99 -39.54
C VAL C 50 -31.24 45.00 -38.56
N ASN C 51 -32.54 44.87 -38.29
CA ASN C 51 -33.18 45.80 -37.37
C ASN C 51 -32.53 45.73 -35.99
N ALA C 52 -32.25 44.51 -35.51
CA ALA C 52 -31.58 44.36 -34.24
C ALA C 52 -30.21 45.01 -34.26
N LEU C 53 -29.49 44.87 -35.38
CA LEU C 53 -28.19 45.52 -35.52
C LEU C 53 -28.30 47.03 -35.32
N LEU C 54 -29.46 47.61 -35.61
CA LEU C 54 -29.64 49.03 -35.45
C LEU C 54 -29.69 49.40 -33.97
N ASP C 55 -29.45 50.68 -33.69
CA ASP C 55 -29.62 51.29 -32.39
C ASP C 55 -28.60 50.83 -31.35
N LEU C 56 -27.63 50.00 -31.75
CA LEU C 56 -26.65 49.51 -30.79
C LEU C 56 -25.85 50.68 -30.21
N SER C 57 -25.55 50.58 -28.92
CA SER C 57 -24.79 51.61 -28.24
C SER C 57 -23.30 51.29 -28.27
N THR C 58 -22.48 52.29 -27.92
CA THR C 58 -21.04 52.17 -28.10
C THR C 58 -20.46 50.98 -27.34
N ILE C 59 -20.82 50.86 -26.05
CA ILE C 59 -20.29 49.74 -25.26
C ILE C 59 -20.74 48.42 -25.84
N GLU C 60 -21.96 48.36 -26.37
CA GLU C 60 -22.42 47.11 -26.99
C GLU C 60 -21.50 46.70 -28.14
N VAL C 61 -21.16 47.64 -29.02
CA VAL C 61 -20.32 47.30 -30.15
C VAL C 61 -18.91 46.96 -29.68
N TYR C 62 -18.42 47.68 -28.67
CA TYR C 62 -17.10 47.37 -28.13
C TYR C 62 -17.05 45.94 -27.59
N THR C 63 -18.07 45.56 -26.83
CA THR C 63 -18.12 44.21 -26.29
C THR C 63 -18.27 43.17 -27.39
N ILE C 64 -19.03 43.49 -28.43
CA ILE C 64 -19.17 42.57 -29.55
C ILE C 64 -17.81 42.35 -30.21
N ARG C 65 -17.05 43.42 -30.42
CA ARG C 65 -15.72 43.27 -31.01
C ARG C 65 -14.80 42.48 -30.09
N THR C 66 -14.90 42.72 -28.79
CA THR C 66 -14.13 41.92 -27.84
C THR C 66 -14.46 40.45 -27.97
N SER C 67 -15.75 40.13 -28.05
CA SER C 67 -16.17 38.73 -28.18
C SER C 67 -15.69 38.13 -29.48
N VAL C 68 -15.69 38.90 -30.57
CA VAL C 68 -15.18 38.40 -31.83
C VAL C 68 -13.69 38.10 -31.73
N LYS C 69 -12.95 38.99 -31.06
CA LYS C 69 -11.54 38.72 -30.79
C LYS C 69 -11.37 37.41 -30.04
N GLU C 70 -12.19 37.21 -29.02
CA GLU C 70 -12.16 35.96 -28.27
C GLU C 70 -12.40 34.78 -29.19
N ILE C 71 -13.41 34.89 -30.05
CA ILE C 71 -13.74 33.78 -30.95
C ILE C 71 -12.54 33.43 -31.80
N LEU C 72 -11.92 34.43 -32.43
CA LEU C 72 -10.78 34.16 -33.29
C LEU C 72 -9.63 33.55 -32.51
N ARG C 73 -9.31 34.12 -31.34
CA ARG C 73 -8.18 33.62 -30.56
C ARG C 73 -8.40 32.17 -30.14
N LEU C 74 -9.59 31.86 -29.63
CA LEU C 74 -9.89 30.51 -29.20
C LEU C 74 -9.93 29.55 -30.37
N ASP C 75 -10.39 30.00 -31.54
CA ASP C 75 -10.35 29.14 -32.71
C ASP C 75 -8.91 28.76 -33.06
N LYS C 76 -8.02 29.76 -33.08
CA LYS C 76 -6.62 29.47 -33.37
C LYS C 76 -6.04 28.53 -32.32
N LEU C 77 -6.37 28.75 -31.05
CA LEU C 77 -5.86 27.88 -30.00
C LEU C 77 -6.34 26.45 -30.18
N ASN C 78 -7.61 26.29 -30.56
CA ASN C 78 -8.14 24.95 -30.81
C ASN C 78 -7.42 24.28 -31.97
N LYS C 79 -7.15 25.03 -33.05
CA LYS C 79 -6.41 24.46 -34.15
C LYS C 79 -5.03 24.01 -33.70
N GLU C 80 -4.35 24.84 -32.90
CA GLU C 80 -2.99 24.54 -32.51
C GLU C 80 -2.91 23.35 -31.55
N SER C 81 -3.86 23.23 -30.62
CA SER C 81 -3.70 22.27 -29.53
C SER C 81 -3.70 20.83 -30.02
N ILE C 82 -4.36 20.53 -31.13
CA ILE C 82 -4.56 19.13 -31.51
C ILE C 82 -3.24 18.41 -31.70
N GLU C 83 -2.17 19.13 -32.01
CA GLU C 83 -0.86 18.48 -32.09
C GLU C 83 -0.50 17.83 -30.76
N ASN C 84 -0.98 18.40 -29.66
CA ASN C 84 -0.87 17.75 -28.37
C ASN C 84 -1.95 16.67 -28.29
N ARG C 85 -2.16 16.11 -27.11
CA ARG C 85 -3.03 14.96 -26.85
C ARG C 85 -2.36 13.67 -27.27
N GLN C 86 -1.20 13.72 -27.93
CA GLN C 86 -0.42 12.52 -28.18
C GLN C 86 0.11 11.90 -26.90
N VAL C 87 0.11 12.65 -25.80
CA VAL C 87 0.83 12.28 -24.59
C VAL C 87 -0.01 12.59 -23.37
N THR C 88 0.34 11.94 -22.26
CA THR C 88 -0.17 12.30 -20.95
C THR C 88 0.96 12.11 -19.96
N LYS C 89 1.22 13.14 -19.15
CA LYS C 89 2.31 13.15 -18.16
C LYS C 89 3.70 12.92 -18.79
N VAL C 90 4.13 13.92 -19.55
CA VAL C 90 5.35 13.79 -20.35
C VAL C 90 6.49 13.26 -19.48
N GLU C 91 6.93 14.05 -18.52
CA GLU C 91 7.85 13.56 -17.50
C GLU C 91 7.37 13.90 -16.10
N ASP C 92 6.77 15.08 -15.92
CA ASP C 92 6.07 15.41 -14.69
C ASP C 92 4.80 16.23 -14.85
N ILE C 93 4.43 16.58 -16.08
CA ILE C 93 3.29 17.46 -16.35
C ILE C 93 2.17 16.60 -16.91
N THR C 94 1.28 16.17 -16.04
CA THR C 94 0.04 15.56 -16.48
C THR C 94 -0.82 16.64 -17.11
N MET C 95 -1.44 16.31 -18.24
CA MET C 95 -2.12 17.30 -19.06
C MET C 95 -3.62 17.06 -19.01
N ASN C 96 -4.36 18.14 -18.78
CA ASN C 96 -5.81 18.08 -18.80
C ASN C 96 -6.29 17.59 -20.17
N MET C 97 -6.88 16.39 -20.21
CA MET C 97 -7.29 15.82 -21.47
C MET C 97 -8.54 16.49 -22.03
N ASN C 98 -9.23 17.29 -21.23
CA ASN C 98 -10.47 17.92 -21.67
C ASN C 98 -10.27 19.33 -22.18
N TYR C 99 -9.02 19.79 -22.31
CA TYR C 99 -8.72 21.13 -22.78
C TYR C 99 -9.53 21.44 -24.04
N ILE C 100 -9.64 20.46 -24.94
CA ILE C 100 -10.46 20.64 -26.13
C ILE C 100 -11.90 20.98 -25.75
N GLY C 101 -12.47 20.18 -24.84
CA GLY C 101 -13.83 20.47 -24.41
C GLY C 101 -13.96 21.84 -23.79
N ASP C 102 -12.96 22.23 -23.00
CA ASP C 102 -12.98 23.53 -22.36
C ASP C 102 -13.03 24.64 -23.40
N ILE C 103 -12.17 24.57 -24.42
CA ILE C 103 -12.14 25.63 -25.41
C ILE C 103 -13.42 25.63 -26.25
N LYS C 104 -13.96 24.44 -26.54
CA LYS C 104 -15.24 24.40 -27.26
C LYS C 104 -16.33 25.08 -26.46
N ASP C 105 -16.36 24.83 -25.14
CA ASP C 105 -17.35 25.47 -24.30
C ASP C 105 -17.13 26.98 -24.23
N GLU C 106 -15.87 27.42 -24.23
CA GLU C 106 -15.61 28.85 -24.29
C GLU C 106 -16.16 29.44 -25.59
N LEU C 107 -15.96 28.75 -26.71
CA LEU C 107 -16.52 29.21 -27.98
C LEU C 107 -18.03 29.36 -27.88
N VAL C 108 -18.71 28.32 -27.39
CA VAL C 108 -20.17 28.37 -27.37
C VAL C 108 -20.65 29.46 -26.43
N THR C 109 -19.95 29.66 -25.31
CA THR C 109 -20.32 30.74 -24.40
C THR C 109 -20.17 32.10 -25.05
N GLU C 110 -19.09 32.29 -25.83
CA GLU C 110 -18.91 33.56 -26.52
C GLU C 110 -20.02 33.78 -27.55
N VAL C 111 -20.40 32.73 -28.27
CA VAL C 111 -21.50 32.86 -29.23
C VAL C 111 -22.78 33.24 -28.50
N LYS C 112 -23.04 32.61 -27.36
CA LYS C 112 -24.20 32.99 -26.55
C LYS C 112 -24.12 34.44 -26.11
N LYS C 113 -22.92 34.91 -25.77
CA LYS C 113 -22.76 36.32 -25.40
C LYS C 113 -23.16 37.23 -26.55
N LEU C 114 -22.70 36.89 -27.76
CA LEU C 114 -23.10 37.66 -28.94
C LEU C 114 -24.62 37.66 -29.08
N ALA C 115 -25.23 36.49 -28.94
CA ALA C 115 -26.68 36.39 -29.09
C ALA C 115 -27.39 37.27 -28.08
N ARG C 116 -26.90 37.29 -26.84
CA ARG C 116 -27.57 38.05 -25.80
C ARG C 116 -27.36 39.55 -26.00
N ILE C 117 -26.17 39.95 -26.45
CA ILE C 117 -25.96 41.36 -26.76
C ILE C 117 -26.90 41.81 -27.85
N LEU C 118 -27.05 41.00 -28.90
CA LEU C 118 -27.98 41.34 -29.97
C LEU C 118 -29.43 41.24 -29.56
N LYS C 119 -29.72 40.70 -28.39
CA LYS C 119 -31.09 40.50 -27.91
C LYS C 119 -31.82 39.45 -28.73
N LEU C 120 -31.08 38.65 -29.51
CA LEU C 120 -31.71 37.68 -30.40
C LEU C 120 -31.44 36.26 -29.93
N PRO C 121 -32.37 35.33 -30.16
CA PRO C 121 -32.08 33.93 -29.90
C PRO C 121 -31.00 33.41 -30.84
N VAL C 122 -30.21 32.48 -30.34
CA VAL C 122 -29.14 31.88 -31.11
C VAL C 122 -29.67 30.67 -31.86
N LEU C 123 -29.49 30.67 -33.17
CA LEU C 123 -29.93 29.57 -34.02
C LEU C 123 -28.81 28.58 -34.36
N ASP C 124 -29.17 27.52 -35.06
CA ASP C 124 -28.19 26.52 -35.46
C ASP C 124 -27.14 27.15 -36.35
N ASN C 125 -25.91 27.23 -35.86
CA ASN C 125 -24.61 27.70 -36.30
C ASN C 125 -23.53 26.63 -36.12
N LEU C 126 -22.41 26.83 -36.81
CA LEU C 126 -21.32 25.87 -36.77
C LEU C 126 -20.88 25.57 -35.34
N TYR C 127 -20.63 26.62 -34.55
CA TYR C 127 -20.08 26.40 -33.21
C TYR C 127 -21.11 25.77 -32.29
N VAL C 128 -22.35 26.30 -32.28
CA VAL C 128 -23.38 25.71 -31.44
C VAL C 128 -23.82 24.37 -32.01
N SER C 129 -24.45 23.56 -31.16
CA SER C 129 -24.86 22.22 -31.56
C SER C 129 -26.03 21.76 -30.71
N TYR C 130 -27.22 21.73 -31.30
CA TYR C 130 -28.41 21.13 -30.70
C TYR C 130 -28.96 21.99 -29.56
N ASP C 131 -28.24 23.04 -29.17
CA ASP C 131 -28.69 23.95 -28.12
C ASP C 131 -28.87 25.31 -28.78
N ASP C 132 -30.04 25.50 -29.38
CA ASP C 132 -30.33 26.71 -30.14
C ASP C 132 -31.83 26.94 -30.10
N VAL C 133 -32.28 27.96 -30.82
CA VAL C 133 -33.65 28.43 -30.72
C VAL C 133 -33.95 29.30 -31.92
N GLU C 134 -35.24 29.46 -32.23
CA GLU C 134 -35.81 30.34 -33.24
C GLU C 134 -35.79 29.73 -34.64
N GLY C 135 -35.24 28.53 -34.84
CA GLY C 135 -35.19 27.93 -36.16
C GLY C 135 -34.86 28.97 -37.22
N ARG C 136 -35.76 29.16 -38.19
CA ARG C 136 -35.61 30.27 -39.12
C ARG C 136 -36.19 31.55 -38.51
N ILE C 137 -37.49 31.54 -38.19
CA ILE C 137 -38.16 32.70 -37.62
C ILE C 137 -39.02 32.35 -36.42
N GLY C 138 -39.31 31.07 -36.19
CA GLY C 138 -40.18 30.65 -35.12
C GLY C 138 -39.39 30.22 -33.90
N ALA C 139 -39.60 30.93 -32.79
CA ALA C 139 -38.89 30.63 -31.56
C ALA C 139 -39.13 29.18 -31.15
N ASN C 140 -38.06 28.50 -30.76
CA ASN C 140 -38.14 27.09 -30.39
C ASN C 140 -36.91 26.66 -29.61
N THR D 9 1.34 15.38 -52.48
CA THR D 9 0.77 16.70 -52.24
C THR D 9 -0.63 16.79 -52.83
N HIS D 10 -1.58 17.16 -51.99
CA HIS D 10 -2.95 17.33 -52.46
C HIS D 10 -3.06 18.62 -53.27
N PRO D 11 -3.67 18.60 -54.46
CA PRO D 11 -3.72 19.83 -55.27
C PRO D 11 -4.18 21.06 -54.50
N LEU D 12 -5.31 20.97 -53.82
CA LEU D 12 -5.77 22.07 -52.98
C LEU D 12 -4.68 22.49 -51.99
N GLU D 13 -3.88 21.53 -51.52
CA GLU D 13 -2.80 21.86 -50.61
C GLU D 13 -1.85 22.88 -51.23
N SER D 14 -1.40 22.61 -52.45
CA SER D 14 -0.53 23.57 -53.14
C SER D 14 -1.27 24.87 -53.41
N TYR D 15 -2.51 24.78 -53.88
CA TYR D 15 -3.28 25.99 -54.19
C TYR D 15 -3.33 26.92 -52.99
N TYR D 16 -3.53 26.36 -51.80
CA TYR D 16 -3.53 27.17 -50.59
C TYR D 16 -2.12 27.58 -50.19
N ASN D 17 -1.13 26.72 -50.44
CA ASN D 17 0.25 27.11 -50.18
C ASN D 17 0.61 28.38 -50.93
N GLN D 18 0.01 28.60 -52.09
CA GLN D 18 0.29 29.82 -52.83
C GLN D 18 -0.08 31.06 -52.04
N PHE D 19 -1.02 30.93 -51.10
CA PHE D 19 -1.52 32.06 -50.31
C PHE D 19 -0.91 32.00 -48.92
N LEU D 20 -0.38 33.13 -48.47
CA LEU D 20 0.24 33.23 -47.14
C LEU D 20 -0.54 34.14 -46.21
N ASP D 21 -0.86 35.35 -46.65
CA ASP D 21 -1.67 36.28 -45.86
C ASP D 21 -3.10 35.80 -45.89
N GLY D 22 -3.41 34.82 -45.04
CA GLY D 22 -4.74 34.24 -45.05
C GLY D 22 -4.99 33.49 -46.35
N LEU D 23 -6.27 33.29 -46.63
CA LEU D 23 -6.72 32.66 -47.86
C LEU D 23 -7.59 33.62 -48.64
N PRO D 24 -7.66 33.45 -49.96
CA PRO D 24 -8.46 34.38 -50.76
C PRO D 24 -9.93 34.23 -50.45
N THR D 25 -10.69 35.30 -50.69
CA THR D 25 -12.11 35.34 -50.40
C THR D 25 -12.93 35.57 -51.65
N SER D 26 -12.45 35.09 -52.80
CA SER D 26 -13.13 35.37 -54.05
C SER D 26 -14.38 34.50 -54.23
N GLU D 27 -14.19 33.19 -54.34
CA GLU D 27 -15.29 32.25 -54.50
C GLU D 27 -14.70 30.86 -54.57
N LEU D 28 -15.57 29.86 -54.52
CA LEU D 28 -15.14 28.47 -54.44
C LEU D 28 -14.67 27.99 -55.80
N GLU D 29 -13.39 27.69 -55.92
CA GLU D 29 -12.84 27.22 -57.18
C GLU D 29 -13.31 25.79 -57.46
N GLU D 30 -13.18 25.39 -58.72
CA GLU D 30 -13.63 24.07 -59.16
C GLU D 30 -13.19 22.98 -58.18
N LEU D 31 -11.90 22.90 -57.90
CA LEU D 31 -11.41 21.87 -56.97
C LEU D 31 -12.03 22.03 -55.60
N GLU D 32 -12.18 23.26 -55.12
CA GLU D 32 -12.80 23.46 -53.81
C GLU D 32 -14.24 22.97 -53.80
N ILE D 33 -14.99 23.27 -54.85
CA ILE D 33 -16.38 22.81 -54.93
C ILE D 33 -16.40 21.28 -54.95
N GLU D 34 -15.51 20.69 -55.74
CA GLU D 34 -15.48 19.23 -55.85
C GLU D 34 -15.16 18.59 -54.51
N PHE D 35 -14.21 19.15 -53.78
CA PHE D 35 -13.82 18.57 -52.50
C PHE D 35 -14.92 18.77 -51.45
N VAL D 36 -15.62 19.89 -51.50
CA VAL D 36 -16.76 20.08 -50.61
C VAL D 36 -17.83 19.04 -50.89
N ALA D 37 -18.15 18.83 -52.17
CA ALA D 37 -19.08 17.78 -52.55
C ALA D 37 -18.61 16.44 -52.01
N MET D 38 -17.33 16.15 -52.14
CA MET D 38 -16.76 14.93 -51.60
C MET D 38 -17.02 14.82 -50.10
N CYS D 39 -16.68 15.87 -49.35
CA CYS D 39 -16.78 15.83 -47.90
C CYS D 39 -18.22 15.73 -47.42
N ILE D 40 -19.18 16.24 -48.19
CA ILE D 40 -20.59 16.15 -47.81
C ILE D 40 -21.33 15.08 -48.60
N GLY D 41 -20.79 14.61 -49.72
CA GLY D 41 -21.48 13.64 -50.55
C GLY D 41 -22.52 14.21 -51.47
N PHE D 42 -22.54 15.52 -51.65
CA PHE D 42 -23.48 16.15 -52.59
C PHE D 42 -22.86 16.23 -53.97
N PRO D 43 -23.34 15.48 -54.95
CA PRO D 43 -22.93 15.74 -56.33
C PRO D 43 -23.14 17.21 -56.68
N ARG D 44 -22.09 17.85 -57.19
CA ARG D 44 -22.15 19.28 -57.43
C ARG D 44 -23.25 19.64 -58.42
N SER D 45 -23.70 18.69 -59.22
CA SER D 45 -24.79 18.94 -60.17
C SER D 45 -26.11 19.23 -59.48
N GLN D 46 -26.31 18.74 -58.26
CA GLN D 46 -27.59 18.92 -57.58
C GLN D 46 -27.93 20.39 -57.45
N ASN D 47 -29.15 20.75 -57.82
CA ASN D 47 -29.60 22.13 -57.62
C ASN D 47 -29.64 22.48 -56.14
N ASN D 48 -30.14 21.55 -55.31
CA ASN D 48 -30.19 21.81 -53.87
C ASN D 48 -28.80 22.07 -53.30
N PHE D 49 -27.76 21.66 -54.01
CA PHE D 49 -26.40 21.95 -53.58
C PHE D 49 -25.92 23.30 -54.13
N VAL D 50 -26.01 23.49 -55.45
CA VAL D 50 -25.48 24.69 -56.07
C VAL D 50 -26.17 25.93 -55.51
N ASN D 51 -27.49 25.88 -55.35
CA ASN D 51 -28.20 27.04 -54.81
C ASN D 51 -27.60 27.48 -53.48
N ALA D 52 -27.09 26.54 -52.69
CA ALA D 52 -26.39 26.91 -51.47
C ALA D 52 -25.17 27.77 -51.78
N LEU D 53 -24.40 27.38 -52.79
CA LEU D 53 -23.28 28.21 -53.22
C LEU D 53 -23.76 29.58 -53.69
N LEU D 54 -24.86 29.62 -54.43
CA LEU D 54 -25.40 30.90 -54.87
C LEU D 54 -25.67 31.79 -53.66
N ASP D 55 -25.32 33.06 -53.79
CA ASP D 55 -25.58 34.06 -52.75
C ASP D 55 -24.78 33.77 -51.48
N LEU D 56 -23.64 33.09 -51.62
CA LEU D 56 -22.80 32.76 -50.47
C LEU D 56 -21.92 33.94 -50.13
N SER D 57 -21.79 34.22 -48.83
CA SER D 57 -21.09 35.42 -48.38
C SER D 57 -19.58 35.23 -48.49
N THR D 58 -18.83 36.27 -48.12
CA THR D 58 -17.38 36.28 -48.22
C THR D 58 -16.72 35.58 -47.05
N ILE D 59 -16.97 36.06 -45.83
CA ILE D 59 -16.47 35.37 -44.64
C ILE D 59 -16.89 33.91 -44.68
N GLU D 60 -18.05 33.62 -45.29
CA GLU D 60 -18.41 32.24 -45.53
C GLU D 60 -17.32 31.52 -46.32
N VAL D 61 -16.84 32.15 -47.40
CA VAL D 61 -15.81 31.52 -48.22
C VAL D 61 -14.54 31.31 -47.40
N TYR D 62 -14.15 32.32 -46.64
CA TYR D 62 -12.92 32.21 -45.86
C TYR D 62 -13.01 31.08 -44.85
N THR D 63 -14.14 30.99 -44.13
CA THR D 63 -14.31 29.94 -43.16
C THR D 63 -14.35 28.56 -43.82
N ILE D 64 -15.01 28.46 -44.98
CA ILE D 64 -15.04 27.20 -45.69
C ILE D 64 -13.63 26.74 -46.04
N ARG D 65 -12.81 27.66 -46.56
CA ARG D 65 -11.46 27.29 -46.92
C ARG D 65 -10.62 26.95 -45.70
N THR D 66 -10.84 27.65 -44.58
CA THR D 66 -10.17 27.28 -43.34
C THR D 66 -10.53 25.87 -42.93
N SER D 67 -11.82 25.53 -42.99
CA SER D 67 -12.27 24.20 -42.61
C SER D 67 -11.66 23.14 -43.52
N VAL D 68 -11.60 23.41 -44.82
CA VAL D 68 -11.02 22.44 -45.74
C VAL D 68 -9.53 22.26 -45.46
N LYS D 69 -8.82 23.36 -45.22
CA LYS D 69 -7.41 23.29 -44.87
C LYS D 69 -7.21 22.42 -43.64
N GLU D 70 -8.01 22.65 -42.60
CA GLU D 70 -7.89 21.86 -41.39
C GLU D 70 -8.22 20.40 -41.64
N ILE D 71 -9.23 20.13 -42.48
CA ILE D 71 -9.57 18.75 -42.82
C ILE D 71 -8.36 18.06 -43.41
N LEU D 72 -7.73 18.71 -44.39
CA LEU D 72 -6.56 18.12 -45.04
C LEU D 72 -5.44 17.87 -44.03
N ARG D 73 -5.14 18.88 -43.20
CA ARG D 73 -4.09 18.73 -42.22
C ARG D 73 -4.37 17.55 -41.30
N LEU D 74 -5.61 17.43 -40.83
CA LEU D 74 -5.95 16.36 -39.92
C LEU D 74 -5.91 15.01 -40.59
N ASP D 75 -6.25 14.94 -41.88
CA ASP D 75 -6.12 13.67 -42.59
C ASP D 75 -4.67 13.24 -42.67
N LYS D 76 -3.77 14.17 -42.97
CA LYS D 76 -2.35 13.83 -42.97
C LYS D 76 -1.90 13.39 -41.60
N LEU D 77 -2.33 14.09 -40.55
CA LEU D 77 -1.95 13.71 -39.20
C LEU D 77 -2.46 12.33 -38.86
N ASN D 78 -3.69 12.01 -39.27
CA ASN D 78 -4.25 10.68 -39.05
C ASN D 78 -3.38 9.62 -39.71
N LYS D 79 -3.02 9.83 -40.99
CA LYS D 79 -2.17 8.85 -41.66
C LYS D 79 -0.86 8.67 -40.92
N GLU D 80 -0.24 9.77 -40.49
CA GLU D 80 1.08 9.68 -39.88
C GLU D 80 1.02 8.99 -38.53
N SER D 81 0.00 9.27 -37.73
CA SER D 81 -0.01 8.83 -36.33
C SER D 81 -0.06 7.32 -36.17
N ILE D 82 -0.43 6.56 -37.20
CA ILE D 82 -0.57 5.12 -37.01
C ILE D 82 0.77 4.48 -36.73
N GLU D 83 1.87 5.13 -37.12
CA GLU D 83 3.19 4.65 -36.72
C GLU D 83 3.26 4.41 -35.23
N ASN D 84 2.67 5.30 -34.44
CA ASN D 84 2.60 5.14 -32.99
C ASN D 84 1.48 4.16 -32.66
N ARG D 85 1.10 4.10 -31.38
CA ARG D 85 0.16 3.12 -30.84
C ARG D 85 0.78 1.76 -30.66
N GLN D 86 2.06 1.60 -30.99
CA GLN D 86 2.73 0.33 -30.71
C GLN D 86 2.82 0.10 -29.22
N VAL D 87 3.07 1.16 -28.45
CA VAL D 87 3.54 1.06 -27.08
C VAL D 87 2.75 2.02 -26.21
N THR D 88 3.16 2.11 -24.95
CA THR D 88 2.59 3.06 -24.00
C THR D 88 3.64 3.35 -22.94
N LYS D 89 3.83 4.65 -22.64
CA LYS D 89 4.77 5.11 -21.62
C LYS D 89 6.20 4.61 -21.86
N VAL D 90 6.80 5.09 -22.95
CA VAL D 90 8.12 4.63 -23.34
C VAL D 90 9.09 4.73 -22.18
N GLU D 91 9.32 5.94 -21.69
CA GLU D 91 10.09 6.14 -20.46
C GLU D 91 9.23 6.73 -19.36
N ASP D 92 8.69 7.93 -19.57
CA ASP D 92 7.57 8.43 -18.80
C ASP D 92 6.41 9.00 -19.61
N ILE D 93 6.64 9.29 -20.89
CA ILE D 93 5.60 9.79 -21.80
C ILE D 93 4.60 8.66 -22.03
N THR D 94 3.39 8.81 -21.49
CA THR D 94 2.30 7.90 -21.77
C THR D 94 1.37 8.54 -22.78
N MET D 95 0.94 7.75 -23.76
CA MET D 95 0.20 8.26 -24.91
C MET D 95 -1.28 7.99 -24.72
N ASN D 96 -2.09 9.00 -25.04
CA ASN D 96 -3.53 8.83 -25.10
C ASN D 96 -3.86 7.82 -26.19
N MET D 97 -4.34 6.64 -25.80
CA MET D 97 -4.67 5.62 -26.79
C MET D 97 -5.85 6.00 -27.65
N ASN D 98 -6.57 7.06 -27.28
CA ASN D 98 -7.75 7.52 -28.02
C ASN D 98 -7.41 8.63 -29.00
N TYR D 99 -6.12 8.94 -29.19
CA TYR D 99 -5.73 10.04 -30.07
C TYR D 99 -6.36 9.89 -31.45
N ILE D 100 -6.32 8.68 -32.02
CA ILE D 100 -6.94 8.45 -33.31
C ILE D 100 -8.43 8.76 -33.26
N GLY D 101 -9.10 8.29 -32.21
CA GLY D 101 -10.50 8.64 -32.03
C GLY D 101 -10.70 10.14 -31.92
N ASP D 102 -9.77 10.82 -31.23
CA ASP D 102 -9.89 12.26 -31.08
C ASP D 102 -9.85 12.96 -32.44
N ILE D 103 -8.87 12.60 -33.27
CA ILE D 103 -8.74 13.26 -34.56
C ILE D 103 -9.90 12.89 -35.47
N LYS D 104 -10.41 11.66 -35.37
CA LYS D 104 -11.59 11.30 -36.15
C LYS D 104 -12.80 12.12 -35.73
N ASP D 105 -12.98 12.31 -34.43
CA ASP D 105 -14.07 13.15 -33.94
C ASP D 105 -13.89 14.57 -34.44
N GLU D 106 -12.67 15.08 -34.44
CA GLU D 106 -12.43 16.42 -34.97
C GLU D 106 -12.76 16.50 -36.45
N LEU D 107 -12.43 15.45 -37.22
CA LEU D 107 -12.77 15.43 -38.63
C LEU D 107 -14.27 15.53 -38.84
N VAL D 108 -15.03 14.70 -38.13
CA VAL D 108 -16.48 14.74 -38.29
C VAL D 108 -17.02 16.09 -37.84
N THR D 109 -16.41 16.68 -36.80
CA THR D 109 -16.80 18.02 -36.38
C THR D 109 -16.57 19.02 -37.51
N GLU D 110 -15.43 18.92 -38.19
CA GLU D 110 -15.12 19.85 -39.26
C GLU D 110 -16.10 19.71 -40.42
N VAL D 111 -16.46 18.48 -40.77
CA VAL D 111 -17.38 18.31 -41.90
C VAL D 111 -18.78 18.80 -41.51
N LYS D 112 -19.19 18.55 -40.26
CA LYS D 112 -20.46 19.11 -39.81
C LYS D 112 -20.44 20.63 -39.84
N LYS D 113 -19.31 21.22 -39.45
CA LYS D 113 -19.15 22.66 -39.52
C LYS D 113 -19.26 23.17 -40.95
N LEU D 114 -18.64 22.46 -41.90
CA LEU D 114 -18.79 22.80 -43.31
C LEU D 114 -20.25 22.79 -43.72
N ALA D 115 -20.95 21.70 -43.41
CA ALA D 115 -22.34 21.56 -43.84
C ALA D 115 -23.22 22.66 -43.24
N ARG D 116 -23.05 22.94 -41.95
CA ARG D 116 -23.96 23.87 -41.29
C ARG D 116 -23.88 25.28 -41.89
N ILE D 117 -22.67 25.75 -42.22
CA ILE D 117 -22.54 27.09 -42.79
C ILE D 117 -23.13 27.18 -44.19
N LEU D 118 -23.41 26.05 -44.83
CA LEU D 118 -24.17 26.03 -46.07
C LEU D 118 -25.64 25.70 -45.84
N LYS D 119 -26.06 25.55 -44.58
CA LYS D 119 -27.45 25.27 -44.24
C LYS D 119 -27.92 23.92 -44.77
N LEU D 120 -27.00 23.06 -45.19
CA LEU D 120 -27.39 21.80 -45.81
C LEU D 120 -27.22 20.64 -44.85
N PRO D 121 -27.91 19.53 -45.08
CA PRO D 121 -27.75 18.36 -44.22
C PRO D 121 -26.63 17.45 -44.71
N VAL D 122 -25.95 16.83 -43.75
CA VAL D 122 -24.83 15.96 -44.06
C VAL D 122 -25.37 14.60 -44.47
N LEU D 123 -24.95 14.13 -45.63
CA LEU D 123 -25.30 12.80 -46.12
C LEU D 123 -24.08 11.88 -46.22
N ASP D 124 -24.30 10.66 -46.71
CA ASP D 124 -23.22 9.69 -46.82
C ASP D 124 -22.01 10.33 -47.48
N ASN D 125 -20.92 10.44 -46.70
CA ASN D 125 -19.56 10.94 -46.88
C ASN D 125 -18.52 10.04 -46.22
N LEU D 126 -17.30 10.12 -46.74
CA LEU D 126 -16.21 9.26 -46.28
C LEU D 126 -15.94 9.42 -44.79
N TYR D 127 -16.22 10.59 -44.22
CA TYR D 127 -15.84 10.84 -42.83
C TYR D 127 -16.99 10.58 -41.86
N VAL D 128 -18.18 11.08 -42.17
CA VAL D 128 -19.32 10.83 -41.30
C VAL D 128 -19.56 9.33 -41.21
N SER D 129 -20.00 8.87 -40.03
CA SER D 129 -20.14 7.44 -39.75
C SER D 129 -21.56 7.15 -39.27
N TYR D 130 -22.48 7.00 -40.23
CA TYR D 130 -23.82 6.49 -39.98
C TYR D 130 -24.67 7.46 -39.16
N ASP D 131 -24.09 8.57 -38.70
CA ASP D 131 -24.85 9.61 -38.03
C ASP D 131 -25.18 10.68 -39.07
N ASP D 132 -25.76 10.21 -40.18
CA ASP D 132 -26.15 11.08 -41.29
C ASP D 132 -27.50 11.69 -40.98
N VAL D 133 -27.83 12.77 -41.67
CA VAL D 133 -29.08 13.48 -41.46
C VAL D 133 -29.79 13.69 -42.79
N GLU D 134 -31.03 13.22 -42.87
CA GLU D 134 -31.96 13.57 -43.94
C GLU D 134 -31.41 13.18 -45.33
N GLY D 135 -30.81 12.00 -45.43
CA GLY D 135 -30.41 11.03 -46.43
C GLY D 135 -30.02 11.67 -47.75
N ARG D 136 -30.52 11.12 -48.86
CA ARG D 136 -30.27 11.70 -50.16
C ARG D 136 -30.83 13.12 -50.23
N ILE D 137 -32.15 13.26 -50.15
CA ILE D 137 -32.80 14.55 -50.06
C ILE D 137 -33.61 14.72 -48.79
N GLY D 138 -33.80 13.65 -48.02
CA GLY D 138 -34.53 13.71 -46.77
C GLY D 138 -34.89 12.33 -46.26
N ALA D 139 -34.72 12.11 -44.97
CA ALA D 139 -34.95 10.80 -44.38
C ALA D 139 -34.62 10.79 -42.89
N ASN D 140 -33.33 10.74 -42.57
CA ASN D 140 -32.87 10.68 -41.19
C ASN D 140 -33.02 12.04 -40.52
N THR E 9 7.36 -6.32 -53.72
CA THR E 9 6.89 -5.05 -54.25
C THR E 9 5.56 -5.20 -54.98
N HIS E 10 4.52 -4.62 -54.41
CA HIS E 10 3.21 -4.70 -55.02
C HIS E 10 3.20 -3.94 -56.35
N PRO E 11 2.50 -4.46 -57.37
CA PRO E 11 2.43 -3.71 -58.63
C PRO E 11 1.96 -2.28 -58.46
N LEU E 12 0.96 -2.04 -57.61
CA LEU E 12 0.50 -0.68 -57.40
C LEU E 12 1.51 0.15 -56.64
N GLU E 13 2.29 -0.47 -55.76
CA GLU E 13 3.39 0.24 -55.10
C GLU E 13 4.34 0.79 -56.15
N SER E 14 4.75 -0.08 -57.08
CA SER E 14 5.63 0.35 -58.16
C SER E 14 4.97 1.45 -58.99
N TYR E 15 3.69 1.29 -59.30
CA TYR E 15 2.98 2.29 -60.09
C TYR E 15 3.02 3.65 -59.42
N TYR E 16 2.78 3.68 -58.12
CA TYR E 16 2.71 4.94 -57.38
C TYR E 16 4.09 5.53 -57.12
N ASN E 17 5.13 4.70 -57.06
CA ASN E 17 6.46 5.22 -56.79
C ASN E 17 6.90 6.23 -57.85
N GLN E 18 6.33 6.17 -59.04
CA GLN E 18 6.76 7.08 -60.11
C GLN E 18 6.36 8.52 -59.81
N PHE E 19 5.28 8.72 -59.06
CA PHE E 19 4.73 10.06 -58.82
C PHE E 19 5.12 10.49 -57.41
N LEU E 20 5.87 11.59 -57.32
CA LEU E 20 6.35 12.12 -56.05
C LEU E 20 5.58 13.36 -55.61
N ASP E 21 5.37 14.31 -56.51
CA ASP E 21 4.56 15.50 -56.21
C ASP E 21 3.09 15.06 -56.19
N GLY E 22 2.75 14.33 -55.14
CA GLY E 22 1.41 13.78 -55.05
C GLY E 22 1.23 12.61 -56.02
N LEU E 23 -0.03 12.31 -56.28
CA LEU E 23 -0.43 11.22 -57.16
C LEU E 23 -1.18 11.77 -58.36
N PRO E 24 -1.22 11.05 -59.46
CA PRO E 24 -1.92 11.55 -60.65
C PRO E 24 -3.42 11.48 -60.47
N THR E 25 -4.13 12.22 -61.31
CA THR E 25 -5.58 12.30 -61.22
C THR E 25 -6.27 11.95 -62.53
N SER E 26 -5.57 11.31 -63.48
CA SER E 26 -6.16 11.04 -64.78
C SER E 26 -7.40 10.16 -64.66
N GLU E 27 -7.21 8.91 -64.27
CA GLU E 27 -8.30 7.96 -64.07
C GLU E 27 -7.68 6.66 -63.56
N LEU E 28 -8.53 5.71 -63.21
CA LEU E 28 -8.08 4.43 -62.66
C LEU E 28 -7.76 3.48 -63.80
N GLU E 29 -6.55 2.93 -63.79
CA GLU E 29 -6.15 1.94 -64.78
C GLU E 29 -6.67 0.56 -64.41
N GLU E 30 -6.42 -0.40 -65.29
CA GLU E 30 -6.91 -1.76 -65.05
C GLU E 30 -6.44 -2.29 -63.71
N LEU E 31 -5.19 -2.02 -63.33
CA LEU E 31 -4.69 -2.49 -62.05
C LEU E 31 -5.48 -1.91 -60.89
N GLU E 32 -5.64 -0.59 -60.87
CA GLU E 32 -6.36 0.06 -59.78
C GLU E 32 -7.82 -0.38 -59.75
N ILE E 33 -8.46 -0.46 -60.91
CA ILE E 33 -9.86 -0.86 -60.95
C ILE E 33 -10.02 -2.27 -60.41
N GLU E 34 -9.14 -3.17 -60.84
CA GLU E 34 -9.18 -4.55 -60.36
C GLU E 34 -8.97 -4.60 -58.84
N PHE E 35 -7.99 -3.85 -58.35
CA PHE E 35 -7.69 -3.86 -56.92
C PHE E 35 -8.89 -3.37 -56.11
N VAL E 36 -9.49 -2.25 -56.52
CA VAL E 36 -10.64 -1.73 -55.79
C VAL E 36 -11.80 -2.72 -55.87
N ALA E 37 -12.06 -3.27 -57.06
CA ALA E 37 -13.12 -4.25 -57.20
C ALA E 37 -12.94 -5.39 -56.21
N MET E 38 -11.70 -5.84 -56.02
CA MET E 38 -11.42 -6.84 -55.00
C MET E 38 -11.74 -6.31 -53.60
N CYS E 39 -11.23 -5.11 -53.29
CA CYS E 39 -11.31 -4.61 -51.92
C CYS E 39 -12.74 -4.38 -51.44
N ILE E 40 -13.70 -4.31 -52.35
CA ILE E 40 -15.11 -4.18 -51.98
C ILE E 40 -15.93 -5.35 -52.51
N GLY E 41 -15.30 -6.51 -52.71
CA GLY E 41 -16.04 -7.70 -53.07
C GLY E 41 -16.86 -7.56 -54.32
N PHE E 42 -16.31 -6.97 -55.37
CA PHE E 42 -17.03 -6.80 -56.62
C PHE E 42 -16.28 -7.45 -57.77
N PRO E 43 -16.99 -8.09 -58.70
CA PRO E 43 -16.34 -8.50 -59.95
C PRO E 43 -16.07 -7.30 -60.85
N ARG E 44 -14.92 -7.33 -61.52
CA ARG E 44 -14.58 -6.25 -62.45
C ARG E 44 -15.71 -5.98 -63.44
N SER E 45 -16.35 -7.04 -63.93
CA SER E 45 -17.34 -6.91 -64.98
C SER E 45 -18.72 -6.58 -64.46
N GLN E 46 -18.91 -6.49 -63.14
CA GLN E 46 -20.23 -6.21 -62.60
C GLN E 46 -20.76 -4.91 -63.18
N ASN E 47 -22.00 -4.96 -63.68
CA ASN E 47 -22.55 -3.80 -64.39
C ASN E 47 -22.67 -2.58 -63.48
N ASN E 48 -23.20 -2.76 -62.27
CA ASN E 48 -23.35 -1.63 -61.37
C ASN E 48 -21.99 -1.04 -61.00
N PHE E 49 -20.99 -1.90 -60.78
CA PHE E 49 -19.66 -1.42 -60.45
C PHE E 49 -19.09 -0.54 -61.56
N VAL E 50 -19.16 -1.02 -62.81
CA VAL E 50 -18.64 -0.23 -63.93
C VAL E 50 -19.44 1.06 -64.10
N ASN E 51 -20.76 0.98 -63.91
CA ASN E 51 -21.57 2.20 -63.98
C ASN E 51 -21.10 3.22 -62.95
N ALA E 52 -20.81 2.76 -61.73
CA ALA E 52 -20.25 3.65 -60.72
C ALA E 52 -18.89 4.18 -61.14
N LEU E 53 -18.13 3.39 -61.91
CA LEU E 53 -16.82 3.84 -62.36
C LEU E 53 -16.91 5.10 -63.22
N LEU E 54 -18.09 5.41 -63.78
CA LEU E 54 -18.28 6.65 -64.50
C LEU E 54 -18.69 7.75 -63.53
N ASP E 55 -18.85 8.96 -64.05
CA ASP E 55 -19.22 10.13 -63.25
C ASP E 55 -18.16 10.43 -62.20
N LEU E 56 -16.95 9.90 -62.36
CA LEU E 56 -15.87 10.14 -61.42
C LEU E 56 -15.31 11.54 -61.61
N SER E 57 -14.98 12.18 -60.49
CA SER E 57 -14.40 13.51 -60.49
C SER E 57 -12.95 13.45 -60.03
N THR E 58 -12.20 14.50 -60.36
CA THR E 58 -10.76 14.52 -60.09
C THR E 58 -10.48 14.21 -58.63
N ILE E 59 -11.11 14.96 -57.72
CA ILE E 59 -10.90 14.74 -56.29
C ILE E 59 -11.28 13.33 -55.90
N GLU E 60 -12.34 12.79 -56.48
CA GLU E 60 -12.72 11.41 -56.16
C GLU E 60 -11.61 10.45 -56.53
N VAL E 61 -11.02 10.61 -57.71
CA VAL E 61 -9.93 9.73 -58.12
C VAL E 61 -8.75 9.89 -57.18
N TYR E 62 -8.42 11.13 -56.82
CA TYR E 62 -7.27 11.36 -55.95
C TYR E 62 -7.48 10.71 -54.59
N THR E 63 -8.68 10.87 -54.02
CA THR E 63 -8.97 10.28 -52.72
C THR E 63 -8.94 8.76 -52.79
N ILE E 64 -9.48 8.19 -53.86
CA ILE E 64 -9.45 6.74 -54.02
C ILE E 64 -8.02 6.24 -54.07
N ARG E 65 -7.17 6.92 -54.82
CA ARG E 65 -5.77 6.50 -54.92
C ARG E 65 -5.07 6.62 -53.57
N THR E 66 -5.34 7.71 -52.84
CA THR E 66 -4.75 7.84 -51.51
C THR E 66 -5.20 6.72 -50.59
N SER E 67 -6.49 6.38 -50.62
CA SER E 67 -7.00 5.31 -49.78
C SER E 67 -6.37 3.98 -50.15
N VAL E 68 -6.17 3.73 -51.44
CA VAL E 68 -5.49 2.50 -51.85
C VAL E 68 -4.06 2.48 -51.33
N LYS E 69 -3.36 3.61 -51.44
CA LYS E 69 -2.02 3.71 -50.90
C LYS E 69 -2.00 3.36 -49.42
N GLU E 70 -2.95 3.90 -48.66
CA GLU E 70 -3.00 3.64 -47.23
C GLU E 70 -3.34 2.17 -46.97
N ILE E 71 -4.22 1.59 -47.79
CA ILE E 71 -4.54 0.18 -47.66
C ILE E 71 -3.27 -0.65 -47.75
N LEU E 72 -2.47 -0.38 -48.79
CA LEU E 72 -1.22 -1.12 -48.96
C LEU E 72 -0.29 -0.90 -47.77
N ARG E 73 -0.17 0.35 -47.33
CA ARG E 73 0.74 0.65 -46.23
C ARG E 73 0.35 -0.13 -44.98
N LEU E 74 -0.93 -0.07 -44.60
CA LEU E 74 -1.37 -0.77 -43.39
C LEU E 74 -1.24 -2.28 -43.54
N ASP E 75 -1.59 -2.80 -44.72
CA ASP E 75 -1.47 -4.25 -44.92
C ASP E 75 -0.03 -4.70 -44.74
N LYS E 76 0.92 -3.97 -45.31
CA LYS E 76 2.32 -4.31 -45.09
C LYS E 76 2.70 -4.17 -43.63
N LEU E 77 2.27 -3.09 -42.99
CA LEU E 77 2.63 -2.85 -41.60
C LEU E 77 2.14 -3.96 -40.67
N ASN E 78 1.03 -4.61 -41.03
CA ASN E 78 0.52 -5.68 -40.19
C ASN E 78 1.54 -6.81 -40.06
N LYS E 79 2.16 -7.19 -41.18
CA LYS E 79 3.14 -8.27 -41.14
C LYS E 79 4.35 -7.88 -40.29
N GLU E 80 4.80 -6.64 -40.40
CA GLU E 80 5.88 -6.19 -39.52
C GLU E 80 5.48 -6.30 -38.06
N SER E 81 4.26 -5.87 -37.74
CA SER E 81 3.83 -5.84 -36.34
C SER E 81 3.63 -7.23 -35.76
N ILE E 82 3.25 -8.21 -36.57
CA ILE E 82 2.89 -9.51 -36.02
C ILE E 82 4.06 -10.12 -35.25
N GLU E 83 5.30 -9.87 -35.69
CA GLU E 83 6.44 -10.38 -34.95
C GLU E 83 6.46 -9.82 -33.53
N ASN E 84 6.11 -8.54 -33.38
CA ASN E 84 5.88 -7.99 -32.06
C ASN E 84 4.65 -8.65 -31.45
N ARG E 85 4.30 -8.24 -30.25
CA ARG E 85 3.34 -8.88 -29.36
C ARG E 85 3.98 -10.06 -28.65
N GLN E 86 5.22 -10.43 -28.98
CA GLN E 86 5.92 -11.46 -28.23
C GLN E 86 6.05 -11.10 -26.76
N VAL E 87 6.17 -9.81 -26.45
CA VAL E 87 6.56 -9.34 -25.14
C VAL E 87 5.66 -8.18 -24.73
N THR E 88 5.99 -7.60 -23.57
CA THR E 88 5.35 -6.41 -23.06
C THR E 88 6.36 -5.71 -22.17
N LYS E 89 6.44 -4.39 -22.28
CA LYS E 89 7.34 -3.55 -21.49
C LYS E 89 8.75 -4.15 -21.32
N VAL E 90 9.44 -4.26 -22.46
CA VAL E 90 10.75 -4.91 -22.48
C VAL E 90 11.64 -4.35 -21.39
N GLU E 91 11.84 -3.03 -21.39
CA GLU E 91 12.52 -2.35 -20.30
C GLU E 91 11.62 -1.33 -19.63
N ASP E 92 11.10 -0.38 -20.40
CA ASP E 92 10.04 0.50 -19.94
C ASP E 92 8.93 0.78 -20.95
N ILE E 93 8.96 0.11 -22.10
CA ILE E 93 8.03 0.38 -23.19
C ILE E 93 6.93 -0.66 -23.14
N THR E 94 5.79 -0.30 -22.57
CA THR E 94 4.66 -1.21 -22.52
C THR E 94 3.96 -1.21 -23.86
N MET E 95 3.71 -2.41 -24.39
CA MET E 95 3.21 -2.58 -25.75
C MET E 95 1.69 -2.55 -25.74
N ASN E 96 1.11 -1.73 -26.60
CA ASN E 96 -0.34 -1.72 -26.80
C ASN E 96 -0.77 -3.03 -27.45
N MET E 97 -1.38 -3.91 -26.66
CA MET E 97 -1.64 -5.27 -27.11
C MET E 97 -2.77 -5.35 -28.13
N ASN E 98 -3.61 -4.33 -28.24
CA ASN E 98 -4.65 -4.31 -29.26
C ASN E 98 -4.23 -3.58 -30.52
N TYR E 99 -2.94 -3.21 -30.64
CA TYR E 99 -2.47 -2.47 -31.80
C TYR E 99 -2.90 -3.13 -33.10
N ILE E 100 -2.73 -4.44 -33.21
CA ILE E 100 -3.17 -5.14 -34.41
C ILE E 100 -4.66 -4.93 -34.64
N GLY E 101 -5.44 -4.92 -33.54
CA GLY E 101 -6.84 -4.60 -33.68
C GLY E 101 -7.05 -3.22 -34.27
N ASP E 102 -6.24 -2.24 -33.84
CA ASP E 102 -6.33 -0.90 -34.40
C ASP E 102 -6.05 -0.91 -35.88
N ILE E 103 -5.03 -1.65 -36.31
CA ILE E 103 -4.69 -1.72 -37.73
C ILE E 103 -5.84 -2.32 -38.51
N LYS E 104 -6.41 -3.42 -38.01
CA LYS E 104 -7.53 -4.05 -38.68
C LYS E 104 -8.70 -3.07 -38.82
N ASP E 105 -9.01 -2.36 -37.72
CA ASP E 105 -10.14 -1.44 -37.76
C ASP E 105 -9.89 -0.30 -38.74
N GLU E 106 -8.66 0.22 -38.78
CA GLU E 106 -8.36 1.28 -39.72
C GLU E 106 -8.49 0.78 -41.17
N LEU E 107 -8.04 -0.44 -41.43
CA LEU E 107 -8.19 -1.00 -42.77
C LEU E 107 -9.67 -1.12 -43.14
N VAL E 108 -10.49 -1.59 -42.20
CA VAL E 108 -11.92 -1.68 -42.45
C VAL E 108 -12.50 -0.30 -42.72
N THR E 109 -12.06 0.70 -41.97
CA THR E 109 -12.53 2.06 -42.20
C THR E 109 -12.17 2.53 -43.60
N GLU E 110 -10.96 2.21 -44.06
CA GLU E 110 -10.54 2.62 -45.40
C GLU E 110 -11.39 1.96 -46.48
N VAL E 111 -11.64 0.66 -46.35
CA VAL E 111 -12.46 0.00 -47.37
C VAL E 111 -13.88 0.55 -47.35
N LYS E 112 -14.44 0.78 -46.16
CA LYS E 112 -15.74 1.43 -46.08
C LYS E 112 -15.70 2.81 -46.70
N LYS E 113 -14.58 3.52 -46.56
CA LYS E 113 -14.43 4.83 -47.18
C LYS E 113 -14.52 4.73 -48.68
N LEU E 114 -13.81 3.77 -49.28
CA LEU E 114 -13.94 3.53 -50.71
C LEU E 114 -15.39 3.29 -51.10
N ALA E 115 -16.06 2.39 -50.36
CA ALA E 115 -17.44 2.08 -50.68
C ALA E 115 -18.31 3.32 -50.66
N ARG E 116 -18.14 4.18 -49.64
CA ARG E 116 -18.90 5.41 -49.59
C ARG E 116 -18.54 6.34 -50.73
N ILE E 117 -17.28 6.34 -51.16
CA ILE E 117 -16.89 7.16 -52.31
C ILE E 117 -17.70 6.75 -53.53
N LEU E 118 -17.86 5.45 -53.73
CA LEU E 118 -18.65 4.97 -54.85
C LEU E 118 -20.11 4.70 -54.49
N LYS E 119 -20.49 4.91 -53.22
CA LYS E 119 -21.87 4.74 -52.78
C LYS E 119 -22.40 3.36 -53.19
N LEU E 120 -21.56 2.35 -53.05
CA LEU E 120 -21.89 0.99 -53.41
C LEU E 120 -22.11 0.14 -52.17
N PRO E 121 -22.84 -0.96 -52.30
CA PRO E 121 -23.07 -1.84 -51.13
C PRO E 121 -21.83 -2.67 -50.85
N VAL E 122 -21.10 -2.30 -49.80
CA VAL E 122 -19.89 -3.02 -49.41
C VAL E 122 -20.28 -4.45 -49.02
N LEU E 123 -19.71 -5.42 -49.70
CA LEU E 123 -19.98 -6.83 -49.47
C LEU E 123 -18.77 -7.59 -48.95
N ASP E 124 -18.99 -8.84 -48.54
CA ASP E 124 -17.89 -9.67 -48.09
C ASP E 124 -16.80 -9.69 -49.15
N ASN E 125 -15.61 -9.23 -48.78
CA ASN E 125 -14.32 -9.00 -49.39
C ASN E 125 -13.19 -9.59 -48.52
N LEU E 126 -11.95 -9.34 -48.93
CA LEU E 126 -10.81 -9.91 -48.22
C LEU E 126 -10.66 -9.31 -46.83
N TYR E 127 -10.96 -8.03 -46.65
CA TYR E 127 -10.71 -7.33 -45.40
C TYR E 127 -11.93 -7.30 -44.49
N VAL E 128 -13.03 -6.71 -44.96
CA VAL E 128 -14.18 -6.50 -44.09
C VAL E 128 -14.85 -7.84 -43.77
N SER E 129 -15.52 -7.87 -42.63
CA SER E 129 -16.24 -9.05 -42.17
C SER E 129 -17.63 -8.67 -41.71
N TYR E 130 -18.62 -9.43 -42.16
CA TYR E 130 -20.01 -9.36 -41.69
C TYR E 130 -20.70 -8.06 -42.07
N ASP E 131 -19.99 -7.09 -42.63
CA ASP E 131 -20.61 -5.86 -43.11
C ASP E 131 -20.98 -6.02 -44.58
N ASP E 132 -21.68 -7.10 -44.86
CA ASP E 132 -22.13 -7.44 -46.20
C ASP E 132 -23.53 -6.84 -46.36
N VAL E 133 -23.62 -5.76 -47.12
CA VAL E 133 -24.88 -5.05 -47.32
C VAL E 133 -25.38 -5.35 -48.72
N GLU E 134 -26.63 -5.81 -48.81
CA GLU E 134 -27.33 -5.99 -50.08
C GLU E 134 -26.76 -7.11 -50.93
N GLY E 135 -25.68 -7.75 -50.48
CA GLY E 135 -24.92 -8.89 -50.92
C GLY E 135 -24.52 -8.78 -52.38
N ARG E 136 -24.83 -9.82 -53.16
CA ARG E 136 -24.35 -9.91 -54.53
C ARG E 136 -24.91 -8.79 -55.39
N ILE E 137 -26.21 -8.81 -55.66
CA ILE E 137 -26.84 -7.82 -56.53
C ILE E 137 -27.80 -6.90 -55.78
N GLY E 138 -28.14 -7.23 -54.54
CA GLY E 138 -29.15 -6.50 -53.80
C GLY E 138 -30.06 -7.48 -53.08
N ALA E 139 -30.12 -7.37 -51.75
CA ALA E 139 -30.86 -8.33 -50.94
C ALA E 139 -30.52 -8.16 -49.46
N ASN E 140 -29.26 -8.46 -49.11
CA ASN E 140 -28.80 -8.38 -47.73
C ASN E 140 -29.20 -7.06 -47.06
N THR F 9 13.16 -27.73 -47.39
CA THR F 9 12.21 -26.69 -47.03
C THR F 9 10.89 -26.90 -47.74
N HIS F 10 9.89 -26.10 -47.39
CA HIS F 10 8.59 -26.22 -48.03
C HIS F 10 8.73 -25.95 -49.53
N PRO F 11 8.08 -26.74 -50.38
CA PRO F 11 8.22 -26.49 -51.83
C PRO F 11 7.90 -25.05 -52.20
N LEU F 12 6.75 -24.54 -51.76
CA LEU F 12 6.39 -23.17 -52.07
C LEU F 12 7.42 -22.18 -51.56
N GLU F 13 8.05 -22.46 -50.42
CA GLU F 13 9.07 -21.56 -49.89
C GLU F 13 10.14 -21.29 -50.94
N SER F 14 10.81 -22.35 -51.40
CA SER F 14 11.85 -22.16 -52.42
C SER F 14 11.27 -21.62 -53.71
N TYR F 15 10.11 -22.14 -54.13
CA TYR F 15 9.54 -21.71 -55.41
C TYR F 15 9.32 -20.21 -55.44
N TYR F 16 8.88 -19.64 -54.32
CA TYR F 16 8.74 -18.19 -54.22
C TYR F 16 10.06 -17.48 -53.99
N ASN F 17 10.98 -18.11 -53.26
CA ASN F 17 12.30 -17.51 -53.07
C ASN F 17 13.00 -17.30 -54.40
N GLN F 18 12.67 -18.11 -55.40
CA GLN F 18 13.17 -17.84 -56.75
C GLN F 18 12.82 -16.42 -57.18
N PHE F 19 11.63 -15.94 -56.81
CA PHE F 19 11.17 -14.60 -57.17
C PHE F 19 11.47 -13.69 -55.99
N LEU F 20 12.40 -12.75 -56.19
CA LEU F 20 12.80 -11.82 -55.14
C LEU F 20 12.00 -10.53 -55.20
N ASP F 21 11.88 -9.93 -56.37
CA ASP F 21 11.16 -8.67 -56.54
C ASP F 21 9.68 -8.99 -56.72
N GLY F 22 8.90 -8.80 -55.67
CA GLY F 22 7.50 -9.13 -55.77
C GLY F 22 7.31 -10.61 -56.00
N LEU F 23 6.12 -10.95 -56.51
CA LEU F 23 5.78 -12.32 -56.84
C LEU F 23 5.18 -12.38 -58.23
N PRO F 24 5.33 -13.49 -58.94
CA PRO F 24 4.74 -13.58 -60.27
C PRO F 24 3.22 -13.61 -60.19
N THR F 25 2.57 -13.15 -61.26
CA THR F 25 1.13 -12.99 -61.29
C THR F 25 0.51 -13.64 -62.53
N SER F 26 1.16 -14.66 -63.08
CA SER F 26 0.67 -15.27 -64.31
C SER F 26 -0.54 -16.15 -64.05
N GLU F 27 -0.33 -17.25 -63.33
CA GLU F 27 -1.39 -18.18 -62.98
C GLU F 27 -0.96 -18.94 -61.74
N LEU F 28 -1.91 -19.67 -61.17
CA LEU F 28 -1.60 -20.52 -60.02
C LEU F 28 -1.15 -21.88 -60.50
N GLU F 29 0.08 -22.26 -60.16
CA GLU F 29 0.63 -23.54 -60.55
C GLU F 29 -0.04 -24.65 -59.76
N GLU F 30 0.14 -25.88 -60.24
CA GLU F 30 -0.47 -27.02 -59.55
C GLU F 30 -0.04 -27.09 -58.09
N LEU F 31 1.17 -26.64 -57.76
CA LEU F 31 1.57 -26.61 -56.36
C LEU F 31 0.67 -25.70 -55.54
N GLU F 32 0.48 -24.46 -55.99
CA GLU F 32 -0.35 -23.53 -55.24
C GLU F 32 -1.81 -23.98 -55.26
N ILE F 33 -2.26 -24.56 -56.38
CA ILE F 33 -3.63 -25.07 -56.43
C ILE F 33 -3.83 -26.14 -55.38
N GLU F 34 -2.88 -27.08 -55.30
CA GLU F 34 -2.96 -28.13 -54.29
C GLU F 34 -2.90 -27.54 -52.89
N PHE F 35 -2.07 -26.53 -52.68
CA PHE F 35 -1.93 -25.94 -51.36
C PHE F 35 -3.22 -25.26 -50.93
N VAL F 36 -3.85 -24.50 -51.81
CA VAL F 36 -5.10 -23.85 -51.47
C VAL F 36 -6.19 -24.89 -51.23
N ALA F 37 -6.22 -25.94 -52.06
CA ALA F 37 -7.18 -27.02 -51.82
C ALA F 37 -7.00 -27.58 -50.42
N MET F 38 -5.76 -27.86 -50.03
CA MET F 38 -5.50 -28.42 -48.70
C MET F 38 -5.90 -27.45 -47.59
N CYS F 39 -5.51 -26.19 -47.71
CA CYS F 39 -5.73 -25.23 -46.63
C CYS F 39 -7.19 -24.78 -46.53
N ILE F 40 -7.98 -24.96 -47.59
CA ILE F 40 -9.41 -24.70 -47.53
C ILE F 40 -10.22 -25.97 -47.28
N GLY F 41 -9.60 -27.15 -47.39
CA GLY F 41 -10.29 -28.40 -47.26
C GLY F 41 -10.98 -28.87 -48.51
N PHE F 42 -10.98 -28.07 -49.57
CA PHE F 42 -11.58 -28.46 -50.83
C PHE F 42 -10.74 -29.54 -51.49
N PRO F 43 -11.27 -30.72 -51.78
CA PRO F 43 -10.58 -31.61 -52.73
C PRO F 43 -10.44 -30.90 -54.06
N ARG F 44 -9.20 -30.75 -54.52
CA ARG F 44 -8.94 -29.88 -55.67
C ARG F 44 -9.73 -30.31 -56.89
N SER F 45 -10.11 -31.58 -56.97
CA SER F 45 -10.93 -32.05 -58.08
C SER F 45 -12.36 -31.56 -58.00
N GLN F 46 -12.81 -31.06 -56.85
CA GLN F 46 -14.19 -30.63 -56.71
C GLN F 46 -14.54 -29.61 -57.77
N ASN F 47 -15.65 -29.87 -58.48
CA ASN F 47 -16.01 -29.02 -59.61
C ASN F 47 -16.12 -27.56 -59.19
N ASN F 48 -17.04 -27.25 -58.28
CA ASN F 48 -17.21 -25.88 -57.81
C ASN F 48 -15.86 -25.19 -57.58
N PHE F 49 -14.94 -25.88 -56.92
CA PHE F 49 -13.63 -25.29 -56.65
C PHE F 49 -12.89 -24.97 -57.93
N VAL F 50 -12.88 -25.91 -58.89
CA VAL F 50 -12.19 -25.68 -60.15
C VAL F 50 -12.81 -24.49 -60.87
N ASN F 51 -14.14 -24.44 -60.92
CA ASN F 51 -14.82 -23.33 -61.57
C ASN F 51 -14.44 -22.02 -60.93
N ALA F 52 -14.40 -21.97 -59.60
CA ALA F 52 -13.96 -20.76 -58.91
C ALA F 52 -12.53 -20.40 -59.28
N LEU F 53 -11.68 -21.42 -59.48
CA LEU F 53 -10.31 -21.17 -59.88
C LEU F 53 -10.21 -20.54 -61.27
N LEU F 54 -11.28 -20.55 -62.04
CA LEU F 54 -11.29 -19.96 -63.37
C LEU F 54 -11.61 -18.47 -63.28
N ASP F 55 -11.28 -17.75 -64.35
CA ASP F 55 -11.65 -16.34 -64.50
C ASP F 55 -10.99 -15.46 -63.45
N LEU F 56 -9.89 -15.93 -62.86
CA LEU F 56 -9.17 -15.12 -61.88
C LEU F 56 -8.46 -13.96 -62.57
N SER F 57 -8.22 -12.90 -61.80
CA SER F 57 -7.53 -11.72 -62.28
C SER F 57 -6.14 -11.64 -61.66
N THR F 58 -5.28 -10.82 -62.28
CA THR F 58 -3.88 -10.80 -61.90
C THR F 58 -3.71 -10.42 -60.43
N ILE F 59 -4.39 -9.35 -59.99
CA ILE F 59 -4.27 -8.94 -58.60
C ILE F 59 -4.82 -10.01 -57.67
N GLU F 60 -5.87 -10.71 -58.08
CA GLU F 60 -6.34 -11.83 -57.29
C GLU F 60 -5.23 -12.86 -57.11
N VAL F 61 -4.51 -13.18 -58.18
CA VAL F 61 -3.41 -14.12 -58.07
C VAL F 61 -2.34 -13.59 -57.12
N TYR F 62 -2.00 -12.31 -57.25
CA TYR F 62 -0.97 -11.72 -56.40
C TYR F 62 -1.35 -11.78 -54.94
N THR F 63 -2.60 -11.43 -54.62
CA THR F 63 -3.05 -11.46 -53.24
C THR F 63 -3.11 -12.89 -52.72
N ILE F 64 -3.52 -13.84 -53.57
CA ILE F 64 -3.52 -15.23 -53.15
C ILE F 64 -2.12 -15.67 -52.77
N ARG F 65 -1.14 -15.34 -53.60
CA ARG F 65 0.24 -15.74 -53.30
C ARG F 65 0.74 -15.05 -52.04
N THR F 66 0.40 -13.77 -51.87
CA THR F 66 0.77 -13.09 -50.64
C THR F 66 0.19 -13.81 -49.43
N SER F 67 -1.08 -14.19 -49.49
CA SER F 67 -1.72 -14.88 -48.39
C SER F 67 -1.06 -16.23 -48.13
N VAL F 68 -0.68 -16.94 -49.18
CA VAL F 68 0.00 -18.22 -49.01
C VAL F 68 1.33 -18.02 -48.29
N LYS F 69 2.08 -16.99 -48.69
CA LYS F 69 3.33 -16.70 -48.02
C LYS F 69 3.10 -16.36 -46.55
N GLU F 70 2.07 -15.59 -46.26
CA GLU F 70 1.72 -15.31 -44.88
C GLU F 70 1.42 -16.58 -44.12
N ILE F 71 0.65 -17.48 -44.73
CA ILE F 71 0.31 -18.73 -44.08
C ILE F 71 1.57 -19.48 -43.70
N LEU F 72 2.49 -19.63 -44.66
CA LEU F 72 3.71 -20.38 -44.37
C LEU F 72 4.53 -19.70 -43.27
N ARG F 73 4.69 -18.38 -43.35
CA ARG F 73 5.51 -17.68 -42.37
C ARG F 73 4.92 -17.80 -40.98
N LEU F 74 3.60 -17.60 -40.86
CA LEU F 74 2.94 -17.73 -39.56
C LEU F 74 3.03 -19.16 -39.05
N ASP F 75 2.90 -20.14 -39.93
CA ASP F 75 3.03 -21.53 -39.51
C ASP F 75 4.41 -21.77 -38.90
N LYS F 76 5.47 -21.34 -39.58
CA LYS F 76 6.81 -21.51 -39.03
C LYS F 76 6.96 -20.79 -37.70
N LEU F 77 6.49 -19.54 -37.63
CA LEU F 77 6.59 -18.77 -36.40
C LEU F 77 5.88 -19.50 -35.26
N ASN F 78 4.77 -20.18 -35.56
CA ASN F 78 4.08 -20.95 -34.54
C ASN F 78 4.97 -22.04 -33.97
N LYS F 79 5.70 -22.74 -34.85
CA LYS F 79 6.59 -23.80 -34.38
C LYS F 79 7.71 -23.22 -33.53
N GLU F 80 8.38 -22.18 -34.03
CA GLU F 80 9.58 -21.70 -33.36
C GLU F 80 9.30 -21.12 -31.97
N SER F 81 8.05 -20.78 -31.67
CA SER F 81 7.74 -20.05 -30.44
C SER F 81 7.49 -20.95 -29.23
N ILE F 82 7.14 -22.22 -29.45
CA ILE F 82 6.71 -23.05 -28.33
C ILE F 82 7.85 -23.24 -27.34
N GLU F 83 9.10 -23.15 -27.79
CA GLU F 83 10.21 -23.22 -26.86
C GLU F 83 10.11 -22.10 -25.82
N ASN F 84 9.44 -21.01 -26.17
CA ASN F 84 9.11 -19.97 -25.20
C ASN F 84 7.91 -20.47 -24.39
N ARG F 85 7.30 -19.58 -23.63
CA ARG F 85 6.19 -19.94 -22.75
C ARG F 85 6.69 -20.72 -21.55
N GLN F 86 8.00 -20.97 -21.49
CA GLN F 86 8.60 -21.54 -20.30
C GLN F 86 8.72 -20.52 -19.17
N VAL F 87 8.47 -19.25 -19.45
CA VAL F 87 8.84 -18.17 -18.55
C VAL F 87 7.92 -16.97 -18.78
N THR F 88 7.83 -16.12 -17.76
CA THR F 88 7.21 -14.81 -17.86
C THR F 88 8.18 -13.79 -17.29
N LYS F 89 8.28 -12.63 -17.95
CA LYS F 89 9.12 -11.52 -17.50
C LYS F 89 10.53 -11.95 -17.07
N VAL F 90 11.30 -12.37 -18.07
CA VAL F 90 12.62 -12.93 -17.80
C VAL F 90 13.45 -12.00 -16.94
N GLU F 91 13.74 -10.79 -17.43
CA GLU F 91 14.36 -9.75 -16.64
C GLU F 91 13.41 -8.58 -16.42
N ASP F 92 12.96 -7.96 -17.50
CA ASP F 92 11.81 -7.07 -17.50
C ASP F 92 10.84 -7.31 -18.64
N ILE F 93 11.20 -8.14 -19.62
CA ILE F 93 10.38 -8.43 -20.77
C ILE F 93 9.31 -9.42 -20.36
N THR F 94 8.11 -8.92 -20.07
CA THR F 94 6.97 -9.79 -19.80
C THR F 94 6.26 -10.09 -21.09
N MET F 95 6.17 -11.38 -21.42
CA MET F 95 5.70 -11.80 -22.73
C MET F 95 4.20 -12.04 -22.71
N ASN F 96 3.56 -11.68 -23.81
CA ASN F 96 2.13 -11.93 -24.00
C ASN F 96 1.91 -13.43 -24.06
N MET F 97 1.33 -13.99 -23.00
CA MET F 97 1.13 -15.43 -22.95
C MET F 97 0.18 -15.91 -24.05
N ASN F 98 -0.58 -15.01 -24.66
CA ASN F 98 -1.53 -15.36 -25.71
C ASN F 98 -0.93 -15.25 -27.11
N TYR F 99 0.38 -15.04 -27.21
CA TYR F 99 1.01 -14.92 -28.53
C TYR F 99 0.63 -16.09 -29.43
N ILE F 100 0.57 -17.30 -28.87
CA ILE F 100 0.14 -18.46 -29.65
C ILE F 100 -1.29 -18.26 -30.14
N GLY F 101 -2.17 -17.79 -29.25
CA GLY F 101 -3.54 -17.53 -29.67
C GLY F 101 -3.60 -16.51 -30.80
N ASP F 102 -2.78 -15.46 -30.69
CA ASP F 102 -2.74 -14.46 -31.75
C ASP F 102 -2.31 -15.08 -33.06
N ILE F 103 -1.29 -15.94 -33.04
CA ILE F 103 -0.81 -16.57 -34.25
C ILE F 103 -1.92 -17.44 -34.85
N LYS F 104 -2.59 -18.23 -34.02
CA LYS F 104 -3.67 -19.08 -34.53
C LYS F 104 -4.76 -18.24 -35.16
N ASP F 105 -5.17 -17.16 -34.50
CA ASP F 105 -6.23 -16.31 -35.04
C ASP F 105 -5.78 -15.65 -36.34
N GLU F 106 -4.52 -15.25 -36.42
CA GLU F 106 -4.03 -14.65 -37.66
C GLU F 106 -4.05 -15.66 -38.80
N LEU F 107 -3.64 -16.90 -38.54
CA LEU F 107 -3.71 -17.92 -39.58
C LEU F 107 -5.14 -18.15 -40.02
N VAL F 108 -6.07 -18.21 -39.07
CA VAL F 108 -7.47 -18.41 -39.42
C VAL F 108 -7.96 -17.23 -40.27
N THR F 109 -7.54 -16.02 -39.91
CA THR F 109 -7.93 -14.84 -40.69
C THR F 109 -7.40 -14.94 -42.11
N GLU F 110 -6.16 -15.39 -42.28
CA GLU F 110 -5.60 -15.52 -43.62
C GLU F 110 -6.35 -16.57 -44.42
N VAL F 111 -6.73 -17.68 -43.78
CA VAL F 111 -7.49 -18.70 -44.48
C VAL F 111 -8.85 -18.15 -44.91
N LYS F 112 -9.50 -17.39 -44.03
CA LYS F 112 -10.76 -16.77 -44.39
C LYS F 112 -10.57 -15.82 -45.57
N LYS F 113 -9.46 -15.08 -45.57
CA LYS F 113 -9.17 -14.17 -46.69
C LYS F 113 -9.03 -14.95 -47.98
N LEU F 114 -8.29 -16.07 -47.94
CA LEU F 114 -8.22 -16.96 -49.11
C LEU F 114 -9.61 -17.35 -49.57
N ALA F 115 -10.45 -17.80 -48.65
CA ALA F 115 -11.78 -18.26 -49.01
C ALA F 115 -12.59 -17.15 -49.67
N ARG F 116 -12.51 -15.94 -49.12
CA ARG F 116 -13.30 -14.84 -49.66
C ARG F 116 -12.75 -14.33 -50.99
N ILE F 117 -11.47 -14.57 -51.28
CA ILE F 117 -10.96 -14.18 -52.58
C ILE F 117 -11.66 -14.94 -53.69
N LEU F 118 -11.88 -16.24 -53.50
CA LEU F 118 -12.56 -17.05 -54.50
C LEU F 118 -14.08 -16.95 -54.43
N LYS F 119 -14.61 -16.17 -53.49
CA LYS F 119 -16.05 -16.05 -53.32
C LYS F 119 -16.68 -17.41 -52.97
N LEU F 120 -15.96 -18.20 -52.20
CA LEU F 120 -16.38 -19.54 -51.83
C LEU F 120 -16.45 -19.67 -50.33
N PRO F 121 -17.36 -20.49 -49.82
CA PRO F 121 -17.37 -20.78 -48.39
C PRO F 121 -16.13 -21.56 -47.99
N VAL F 122 -15.65 -21.31 -46.78
CA VAL F 122 -14.52 -22.04 -46.22
C VAL F 122 -15.10 -23.25 -45.49
N LEU F 123 -14.70 -24.44 -45.93
CA LEU F 123 -15.15 -25.68 -45.32
C LEU F 123 -14.16 -26.24 -44.30
N ASP F 124 -14.58 -27.29 -43.59
CA ASP F 124 -13.76 -27.81 -42.51
C ASP F 124 -12.41 -28.29 -43.04
N ASN F 125 -11.34 -27.58 -42.68
CA ASN F 125 -9.91 -27.60 -42.86
C ASN F 125 -9.12 -27.58 -41.56
N LEU F 126 -7.82 -27.83 -41.68
CA LEU F 126 -6.99 -28.03 -40.49
C LEU F 126 -6.89 -26.77 -39.63
N TYR F 127 -6.75 -25.61 -40.27
CA TYR F 127 -6.47 -24.39 -39.50
C TYR F 127 -7.69 -23.93 -38.72
N VAL F 128 -8.87 -24.01 -39.31
CA VAL F 128 -10.11 -23.57 -38.68
C VAL F 128 -10.93 -24.78 -38.27
N SER F 129 -11.63 -24.68 -37.15
CA SER F 129 -12.32 -25.83 -36.58
C SER F 129 -13.57 -25.39 -35.84
N TYR F 130 -14.70 -26.02 -36.19
CA TYR F 130 -15.95 -25.95 -35.42
C TYR F 130 -16.64 -24.60 -35.53
N ASP F 131 -16.02 -23.63 -36.18
CA ASP F 131 -16.65 -22.37 -36.57
C ASP F 131 -16.35 -22.19 -38.05
N ASP F 132 -17.20 -22.80 -38.88
CA ASP F 132 -16.85 -23.04 -40.27
C ASP F 132 -18.07 -22.80 -41.13
N VAL F 133 -17.83 -22.40 -42.37
CA VAL F 133 -18.89 -22.13 -43.32
C VAL F 133 -19.37 -23.45 -43.91
N GLU F 134 -20.49 -23.42 -44.62
CA GLU F 134 -21.12 -24.60 -45.19
C GLU F 134 -20.07 -25.59 -45.71
N GLY F 135 -20.18 -26.84 -45.24
CA GLY F 135 -19.27 -27.89 -45.63
C GLY F 135 -19.75 -28.64 -46.86
N ARG F 136 -18.90 -29.56 -47.32
CA ARG F 136 -19.14 -30.39 -48.52
C ARG F 136 -19.83 -29.55 -49.60
N ILE F 137 -21.05 -29.89 -50.02
CA ILE F 137 -21.95 -29.14 -50.90
C ILE F 137 -23.28 -29.04 -50.13
N GLY F 138 -23.61 -27.84 -49.68
CA GLY F 138 -24.83 -27.66 -48.93
C GLY F 138 -24.72 -26.45 -48.02
N ALA F 139 -25.43 -26.53 -46.89
CA ALA F 139 -25.40 -25.49 -45.87
C ALA F 139 -24.36 -25.82 -44.80
N ASN F 140 -24.43 -25.12 -43.68
CA ASN F 140 -23.50 -25.34 -42.57
C ASN F 140 -23.43 -26.82 -42.20
N THR G 9 16.92 -42.58 -32.42
CA THR G 9 16.08 -43.29 -31.47
C THR G 9 14.81 -43.79 -32.14
N HIS G 10 13.84 -42.91 -32.26
CA HIS G 10 12.62 -43.25 -32.97
C HIS G 10 12.94 -43.49 -34.44
N PRO G 11 12.46 -44.59 -35.03
CA PRO G 11 12.78 -44.83 -36.46
C PRO G 11 12.45 -43.63 -37.34
N LEU G 12 11.25 -43.08 -37.20
CA LEU G 12 10.88 -41.92 -38.00
C LEU G 12 11.81 -40.75 -37.75
N GLU G 13 12.31 -40.59 -36.52
CA GLU G 13 13.26 -39.52 -36.26
C GLU G 13 14.45 -39.61 -37.21
N SER G 14 15.08 -40.79 -37.28
CA SER G 14 16.22 -40.96 -38.17
C SER G 14 15.79 -40.80 -39.63
N TYR G 15 14.67 -41.42 -40.00
CA TYR G 15 14.22 -41.36 -41.39
C TYR G 15 14.10 -39.92 -41.85
N TYR G 16 13.57 -39.04 -40.99
CA TYR G 16 13.46 -37.64 -41.32
C TYR G 16 14.82 -36.93 -41.22
N ASN G 17 15.66 -37.34 -40.26
CA ASN G 17 17.00 -36.77 -40.19
C ASN G 17 17.74 -36.94 -41.50
N GLN G 18 17.46 -38.02 -42.23
CA GLN G 18 18.08 -38.20 -43.54
C GLN G 18 17.72 -37.04 -44.47
N PHE G 19 16.47 -36.60 -44.44
CA PHE G 19 16.00 -35.53 -45.33
C PHE G 19 16.17 -34.20 -44.62
N LEU G 20 17.40 -33.67 -44.67
CA LEU G 20 17.65 -32.35 -44.10
C LEU G 20 16.97 -31.26 -44.92
N ASP G 21 17.00 -31.37 -46.25
CA ASP G 21 16.39 -30.37 -47.12
C ASP G 21 14.88 -30.65 -47.24
N GLY G 22 14.16 -30.22 -46.22
CA GLY G 22 12.74 -30.50 -46.16
C GLY G 22 12.50 -31.99 -46.00
N LEU G 23 11.31 -32.43 -46.38
CA LEU G 23 10.94 -33.83 -46.30
C LEU G 23 10.37 -34.27 -47.63
N PRO G 24 10.46 -35.56 -47.95
CA PRO G 24 10.01 -36.03 -49.27
C PRO G 24 8.51 -35.93 -49.40
N THR G 25 8.06 -35.92 -50.66
CA THR G 25 6.66 -35.81 -50.99
C THR G 25 6.21 -36.98 -51.87
N SER G 26 6.84 -38.14 -51.70
CA SER G 26 6.51 -39.28 -52.55
C SER G 26 5.25 -39.99 -52.06
N GLU G 27 5.31 -40.56 -50.86
CA GLU G 27 4.14 -41.21 -50.27
C GLU G 27 4.52 -41.61 -48.85
N LEU G 28 3.55 -42.14 -48.11
CA LEU G 28 3.75 -42.45 -46.70
C LEU G 28 4.37 -43.82 -46.54
N GLU G 29 5.58 -43.87 -46.00
CA GLU G 29 6.23 -45.14 -45.74
C GLU G 29 5.43 -45.94 -44.71
N GLU G 30 5.64 -47.26 -44.72
CA GLU G 30 4.89 -48.14 -43.83
C GLU G 30 4.97 -47.67 -42.39
N LEU G 31 6.15 -47.20 -41.95
CA LEU G 31 6.26 -46.68 -40.60
C LEU G 31 5.40 -45.44 -40.42
N GLU G 32 5.37 -44.55 -41.43
CA GLU G 32 4.54 -43.36 -41.33
C GLU G 32 3.06 -43.72 -41.28
N ILE G 33 2.63 -44.67 -42.11
CA ILE G 33 1.25 -45.13 -42.05
C ILE G 33 0.94 -45.71 -40.69
N GLU G 34 1.87 -46.51 -40.17
CA GLU G 34 1.69 -47.13 -38.86
C GLU G 34 1.54 -46.07 -37.77
N PHE G 35 2.39 -45.05 -37.81
CA PHE G 35 2.33 -44.02 -36.77
C PHE G 35 1.06 -43.18 -36.89
N VAL G 36 0.61 -42.95 -38.12
CA VAL G 36 -0.67 -42.25 -38.31
C VAL G 36 -1.80 -43.06 -37.70
N ALA G 37 -1.85 -44.36 -38.01
CA ALA G 37 -2.87 -45.22 -37.43
C ALA G 37 -2.80 -45.16 -35.91
N MET G 38 -1.59 -45.17 -35.35
CA MET G 38 -1.43 -45.02 -33.91
C MET G 38 -2.02 -43.71 -33.43
N CYS G 39 -1.72 -42.61 -34.12
CA CYS G 39 -2.12 -41.28 -33.66
C CYS G 39 -3.62 -41.05 -33.76
N ILE G 40 -4.32 -41.78 -34.63
CA ILE G 40 -5.76 -41.62 -34.71
C ILE G 40 -6.46 -42.97 -34.56
N GLY G 41 -5.71 -43.99 -34.17
CA GLY G 41 -6.32 -45.26 -33.83
C GLY G 41 -7.11 -45.90 -34.96
N PHE G 42 -6.66 -45.73 -36.20
CA PHE G 42 -7.29 -46.38 -37.33
C PHE G 42 -6.40 -47.53 -37.78
N PRO G 43 -6.65 -48.76 -37.33
CA PRO G 43 -5.85 -49.88 -37.82
C PRO G 43 -5.74 -49.84 -39.34
N ARG G 44 -4.50 -49.86 -39.83
CA ARG G 44 -4.26 -49.66 -41.26
C ARG G 44 -5.01 -50.68 -42.10
N SER G 45 -5.49 -51.78 -41.49
CA SER G 45 -6.36 -52.70 -42.21
C SER G 45 -7.69 -52.06 -42.57
N GLN G 46 -8.24 -51.22 -41.69
CA GLN G 46 -9.56 -50.65 -41.92
C GLN G 46 -9.62 -49.98 -43.29
N ASN G 47 -10.54 -50.44 -44.13
CA ASN G 47 -10.65 -49.88 -45.47
C ASN G 47 -11.02 -48.40 -45.44
N ASN G 48 -11.93 -48.02 -44.55
CA ASN G 48 -12.30 -46.61 -44.43
C ASN G 48 -11.07 -45.75 -44.19
N PHE G 49 -10.01 -46.33 -43.65
CA PHE G 49 -8.74 -45.63 -43.50
C PHE G 49 -7.88 -45.75 -44.75
N VAL G 50 -7.75 -46.96 -45.30
CA VAL G 50 -6.85 -47.17 -46.42
C VAL G 50 -7.26 -46.32 -47.61
N ASN G 51 -8.55 -46.32 -47.95
CA ASN G 51 -9.02 -45.51 -49.06
C ASN G 51 -8.65 -44.04 -48.88
N ALA G 52 -8.58 -43.57 -47.64
CA ALA G 52 -8.16 -42.19 -47.40
C ALA G 52 -6.74 -41.95 -47.91
N LEU G 53 -5.84 -42.89 -47.64
CA LEU G 53 -4.49 -42.78 -48.18
C LEU G 53 -4.51 -42.62 -49.69
N LEU G 54 -5.40 -43.32 -50.38
CA LEU G 54 -5.49 -43.21 -51.82
C LEU G 54 -5.82 -41.79 -52.22
N ASP G 55 -5.30 -41.38 -53.38
CA ASP G 55 -5.53 -40.06 -53.95
C ASP G 55 -4.95 -38.93 -53.11
N LEU G 56 -4.16 -39.24 -52.10
CA LEU G 56 -3.60 -38.21 -51.24
C LEU G 56 -2.66 -37.32 -52.04
N SER G 57 -2.86 -36.01 -51.94
CA SER G 57 -2.11 -35.08 -52.76
C SER G 57 -0.70 -34.88 -52.19
N THR G 58 0.19 -34.39 -53.06
CA THR G 58 1.60 -34.23 -52.70
C THR G 58 1.76 -33.30 -51.50
N ILE G 59 1.29 -32.06 -51.63
CA ILE G 59 1.43 -31.11 -50.54
C ILE G 59 0.77 -31.65 -49.27
N GLU G 60 -0.29 -32.45 -49.42
CA GLU G 60 -0.87 -33.11 -48.26
C GLU G 60 0.12 -34.06 -47.62
N VAL G 61 0.88 -34.80 -48.43
CA VAL G 61 1.90 -35.67 -47.88
C VAL G 61 2.92 -34.85 -47.09
N TYR G 62 3.37 -33.74 -47.67
CA TYR G 62 4.37 -32.92 -47.00
C TYR G 62 3.84 -32.38 -45.67
N THR G 63 2.59 -31.89 -45.68
CA THR G 63 2.00 -31.38 -44.44
C THR G 63 1.85 -32.48 -43.40
N ILE G 64 1.45 -33.68 -43.83
CA ILE G 64 1.30 -34.78 -42.90
C ILE G 64 2.64 -35.11 -42.24
N ARG G 65 3.70 -35.17 -43.05
CA ARG G 65 5.01 -35.46 -42.47
C ARG G 65 5.46 -34.34 -41.54
N THR G 66 5.18 -33.09 -41.89
CA THR G 66 5.49 -31.98 -41.00
C THR G 66 4.78 -32.14 -39.67
N SER G 67 3.48 -32.48 -39.72
CA SER G 67 2.71 -32.67 -38.49
C SER G 67 3.27 -33.80 -37.66
N VAL G 68 3.69 -34.90 -38.31
CA VAL G 68 4.24 -36.03 -37.57
C VAL G 68 5.54 -35.63 -36.88
N LYS G 69 6.40 -34.92 -37.60
CA LYS G 69 7.65 -34.45 -37.01
C LYS G 69 7.36 -33.56 -35.80
N GLU G 70 6.39 -32.65 -35.94
CA GLU G 70 6.04 -31.78 -34.83
C GLU G 70 5.50 -32.59 -33.65
N ILE G 71 4.70 -33.61 -33.93
CA ILE G 71 4.18 -34.46 -32.87
C ILE G 71 5.33 -35.09 -32.09
N LEU G 72 6.30 -35.65 -32.82
CA LEU G 72 7.43 -36.27 -32.15
C LEU G 72 8.20 -35.27 -31.31
N ARG G 73 8.44 -34.08 -31.88
CA ARG G 73 9.17 -33.05 -31.13
C ARG G 73 8.44 -32.67 -29.86
N LEU G 74 7.12 -32.48 -29.96
CA LEU G 74 6.34 -32.10 -28.79
C LEU G 74 6.32 -33.20 -27.75
N ASP G 75 6.26 -34.45 -28.18
CA ASP G 75 6.29 -35.55 -27.22
C ASP G 75 7.61 -35.55 -26.45
N LYS G 76 8.72 -35.41 -27.18
CA LYS G 76 10.02 -35.36 -26.51
C LYS G 76 10.10 -34.18 -25.55
N LEU G 77 9.61 -33.02 -25.98
CA LEU G 77 9.65 -31.84 -25.13
C LEU G 77 8.81 -32.04 -23.87
N ASN G 78 7.64 -32.65 -24.03
CA ASN G 78 6.79 -32.96 -22.87
C ASN G 78 7.52 -33.86 -21.90
N LYS G 79 8.17 -34.92 -22.40
CA LYS G 79 8.93 -35.79 -21.51
C LYS G 79 10.01 -35.00 -20.78
N GLU G 80 10.72 -34.14 -21.49
CA GLU G 80 11.83 -33.41 -20.88
C GLU G 80 11.36 -32.42 -19.82
N SER G 81 10.24 -31.75 -20.06
CA SER G 81 9.83 -30.63 -19.24
C SER G 81 9.52 -31.01 -17.80
N ILE G 82 9.28 -32.28 -17.51
CA ILE G 82 8.80 -32.65 -16.18
C ILE G 82 9.84 -32.35 -15.12
N GLU G 83 11.13 -32.36 -15.48
CA GLU G 83 12.16 -32.02 -14.51
C GLU G 83 11.92 -30.61 -13.95
N ASN G 84 11.34 -29.73 -14.75
CA ASN G 84 10.92 -28.42 -14.27
C ASN G 84 9.62 -28.58 -13.51
N ARG G 85 8.95 -27.47 -13.22
CA ARG G 85 7.75 -27.42 -12.40
C ARG G 85 8.05 -27.65 -10.93
N GLN G 86 9.32 -27.82 -10.55
CA GLN G 86 9.67 -27.91 -9.15
C GLN G 86 9.38 -26.59 -8.44
N VAL G 87 9.66 -25.48 -9.10
CA VAL G 87 9.76 -24.18 -8.48
C VAL G 87 9.04 -23.14 -9.33
N THR G 88 9.13 -21.89 -8.90
CA THR G 88 8.61 -20.76 -9.65
C THR G 88 9.49 -19.55 -9.35
N LYS G 89 9.76 -18.76 -10.38
CA LYS G 89 10.59 -17.54 -10.28
C LYS G 89 11.84 -17.74 -9.42
N VAL G 90 12.73 -18.59 -9.95
CA VAL G 90 13.92 -18.97 -9.18
C VAL G 90 14.67 -17.72 -8.71
N GLU G 91 15.13 -16.89 -9.65
CA GLU G 91 15.74 -15.61 -9.30
C GLU G 91 14.83 -14.44 -9.66
N ASP G 92 14.49 -14.29 -10.94
CA ASP G 92 13.45 -13.38 -11.38
C ASP G 92 12.58 -13.90 -12.51
N ILE G 93 12.73 -15.16 -12.88
CA ILE G 93 12.10 -15.75 -14.05
C ILE G 93 10.97 -16.64 -13.57
N THR G 94 9.75 -16.14 -13.64
CA THR G 94 8.58 -16.95 -13.33
C THR G 94 8.20 -17.75 -14.56
N MET G 95 7.91 -19.03 -14.35
CA MET G 95 7.59 -19.95 -15.44
C MET G 95 6.10 -20.23 -15.46
N ASN G 96 5.56 -20.32 -16.67
CA ASN G 96 4.15 -20.66 -16.85
C ASN G 96 3.88 -22.05 -16.30
N MET G 97 3.11 -22.13 -15.21
CA MET G 97 2.78 -23.41 -14.62
C MET G 97 1.87 -24.24 -15.52
N ASN G 98 1.30 -23.64 -16.57
CA ASN G 98 0.43 -24.34 -17.50
C ASN G 98 1.16 -24.78 -18.77
N TYR G 99 2.48 -24.74 -18.75
CA TYR G 99 3.25 -25.10 -19.95
C TYR G 99 2.90 -26.50 -20.44
N ILE G 100 2.84 -27.47 -19.52
CA ILE G 100 2.52 -28.84 -19.90
C ILE G 100 1.15 -28.89 -20.57
N GLY G 101 0.17 -28.18 -20.00
CA GLY G 101 -1.13 -28.12 -20.64
C GLY G 101 -1.04 -27.56 -22.05
N ASP G 102 -0.19 -26.56 -22.24
CA ASP G 102 0.00 -26.01 -23.58
C ASP G 102 0.55 -27.07 -24.53
N ILE G 103 1.52 -27.87 -24.07
CA ILE G 103 2.07 -28.92 -24.91
C ILE G 103 0.97 -29.92 -25.28
N LYS G 104 0.16 -30.30 -24.30
CA LYS G 104 -0.92 -31.25 -24.59
C LYS G 104 -1.89 -30.68 -25.61
N ASP G 105 -2.23 -29.39 -25.46
CA ASP G 105 -3.14 -28.76 -26.40
C ASP G 105 -2.55 -28.76 -27.80
N GLU G 106 -1.26 -28.45 -27.92
CA GLU G 106 -0.62 -28.48 -29.23
C GLU G 106 -0.62 -29.89 -29.81
N LEU G 107 -0.38 -30.90 -28.99
CA LEU G 107 -0.41 -32.27 -29.48
C LEU G 107 -1.79 -32.63 -30.02
N VAL G 108 -2.85 -32.28 -29.29
CA VAL G 108 -4.19 -32.61 -29.76
C VAL G 108 -4.51 -31.84 -31.03
N THR G 109 -4.03 -30.59 -31.13
CA THR G 109 -4.23 -29.84 -32.35
C THR G 109 -3.53 -30.52 -33.53
N GLU G 110 -2.33 -31.04 -33.29
CA GLU G 110 -1.60 -31.72 -34.37
C GLU G 110 -2.33 -32.97 -34.83
N VAL G 111 -2.82 -33.78 -33.90
CA VAL G 111 -3.54 -34.99 -34.29
C VAL G 111 -4.83 -34.62 -35.01
N LYS G 112 -5.48 -33.55 -34.57
CA LYS G 112 -6.67 -33.07 -35.27
C LYS G 112 -6.32 -32.65 -36.70
N LYS G 113 -5.18 -31.98 -36.88
CA LYS G 113 -4.72 -31.66 -38.23
C LYS G 113 -4.52 -32.91 -39.06
N LEU G 114 -3.88 -33.92 -38.48
CA LEU G 114 -3.67 -35.18 -39.18
C LEU G 114 -4.99 -35.75 -39.67
N ALA G 115 -5.95 -35.90 -38.76
CA ALA G 115 -7.25 -36.45 -39.14
C ALA G 115 -7.93 -35.59 -40.18
N ARG G 116 -7.83 -34.26 -40.05
CA ARG G 116 -8.49 -33.37 -40.99
C ARG G 116 -7.94 -33.54 -42.40
N ILE G 117 -6.62 -33.66 -42.53
CA ILE G 117 -6.02 -33.80 -43.85
C ILE G 117 -6.61 -35.00 -44.58
N LEU G 118 -6.97 -36.06 -43.85
CA LEU G 118 -7.53 -37.26 -44.44
C LEU G 118 -9.05 -37.25 -44.46
N LYS G 119 -9.68 -36.17 -44.02
CA LYS G 119 -11.15 -36.08 -43.99
C LYS G 119 -11.76 -37.13 -43.06
N LEU G 120 -10.98 -37.61 -42.10
CA LEU G 120 -11.44 -38.67 -41.22
C LEU G 120 -11.67 -38.14 -39.82
N PRO G 121 -12.53 -38.79 -39.04
CA PRO G 121 -12.78 -38.34 -37.68
C PRO G 121 -11.81 -38.95 -36.68
N VAL G 122 -11.46 -38.16 -35.68
CA VAL G 122 -10.52 -38.56 -34.63
C VAL G 122 -11.27 -39.46 -33.65
N LEU G 123 -10.67 -40.61 -33.34
CA LEU G 123 -11.20 -41.53 -32.35
C LEU G 123 -10.33 -41.61 -31.10
N ASP G 124 -10.85 -42.26 -30.06
CA ASP G 124 -10.04 -42.46 -28.85
C ASP G 124 -8.75 -43.15 -29.23
N ASN G 125 -7.64 -42.41 -29.14
CA ASN G 125 -6.24 -42.58 -29.52
C ASN G 125 -5.30 -42.13 -28.41
N LEU G 126 -4.01 -42.13 -28.74
CA LEU G 126 -2.97 -41.92 -27.75
C LEU G 126 -3.12 -40.58 -27.03
N TYR G 127 -3.36 -39.51 -27.78
CA TYR G 127 -3.28 -38.17 -27.22
C TYR G 127 -4.65 -37.62 -26.85
N VAL G 128 -5.56 -37.51 -27.81
CA VAL G 128 -6.88 -36.97 -27.53
C VAL G 128 -7.64 -37.91 -26.61
N SER G 129 -8.25 -37.36 -25.57
CA SER G 129 -8.87 -38.16 -24.52
C SER G 129 -10.25 -37.59 -24.16
N TYR G 130 -11.27 -38.44 -24.30
CA TYR G 130 -12.63 -38.15 -23.84
C TYR G 130 -13.34 -37.12 -24.71
N ASP G 131 -12.63 -36.53 -25.67
CA ASP G 131 -13.24 -35.65 -26.66
C ASP G 131 -12.95 -36.26 -28.02
N ASP G 132 -13.77 -37.22 -28.41
CA ASP G 132 -13.55 -38.00 -29.62
C ASP G 132 -14.57 -37.59 -30.67
N VAL G 133 -14.23 -37.82 -31.93
CA VAL G 133 -15.10 -37.47 -33.05
C VAL G 133 -15.55 -38.75 -33.73
N GLU G 134 -16.85 -39.02 -33.68
CA GLU G 134 -17.50 -40.01 -34.53
C GLU G 134 -16.85 -41.39 -34.43
N GLY G 135 -16.49 -41.81 -33.22
CA GLY G 135 -16.10 -43.01 -32.52
C GLY G 135 -15.29 -43.95 -33.38
N ARG G 136 -15.54 -45.26 -33.26
CA ARG G 136 -14.87 -46.22 -34.12
C ARG G 136 -15.39 -46.13 -35.55
N ILE G 137 -16.71 -46.10 -35.70
CA ILE G 137 -17.36 -45.91 -37.00
C ILE G 137 -18.68 -45.20 -36.73
N GLY G 138 -18.95 -44.13 -37.47
CA GLY G 138 -20.11 -43.31 -37.20
C GLY G 138 -20.03 -42.62 -35.86
N ALA G 139 -21.00 -41.75 -35.61
CA ALA G 139 -20.99 -40.89 -34.43
C ALA G 139 -20.72 -41.69 -33.15
N ASN G 140 -19.60 -41.40 -32.51
CA ASN G 140 -19.22 -42.02 -31.24
C ASN G 140 -19.56 -43.51 -31.18
N THR H 9 17.93 -49.62 -11.07
CA THR H 9 18.28 -51.03 -11.07
C THR H 9 17.06 -51.91 -11.28
N HIS H 10 15.96 -51.30 -11.69
CA HIS H 10 14.76 -52.08 -11.99
C HIS H 10 15.05 -53.01 -13.16
N PRO H 11 14.58 -54.27 -13.11
CA PRO H 11 14.92 -55.21 -14.19
C PRO H 11 14.69 -54.64 -15.59
N LEU H 12 13.54 -53.99 -15.81
CA LEU H 12 13.29 -53.38 -17.11
C LEU H 12 14.24 -52.21 -17.36
N GLU H 13 14.58 -51.45 -16.32
CA GLU H 13 15.56 -50.38 -16.49
C GLU H 13 16.90 -50.95 -16.95
N SER H 14 17.36 -52.01 -16.29
CA SER H 14 18.61 -52.64 -16.70
C SER H 14 18.51 -53.16 -18.13
N TYR H 15 17.37 -53.78 -18.48
CA TYR H 15 17.20 -54.29 -19.83
C TYR H 15 17.28 -53.16 -20.86
N TYR H 16 16.68 -52.02 -20.55
CA TYR H 16 16.68 -50.91 -21.50
C TYR H 16 18.03 -50.24 -21.58
N ASN H 17 18.80 -50.26 -20.50
CA ASN H 17 20.09 -49.56 -20.49
C ASN H 17 21.02 -50.02 -21.60
N GLN H 18 20.74 -51.17 -22.22
CA GLN H 18 21.65 -51.70 -23.23
C GLN H 18 21.53 -50.93 -24.54
N PHE H 19 20.32 -50.45 -24.85
CA PHE H 19 20.04 -49.86 -26.15
C PHE H 19 20.19 -48.35 -26.04
N LEU H 20 21.17 -47.79 -26.75
CA LEU H 20 21.45 -46.36 -26.68
C LEU H 20 21.00 -45.63 -27.93
N ASP H 21 20.97 -46.31 -29.08
CA ASP H 21 20.50 -45.72 -30.33
C ASP H 21 19.00 -45.86 -30.50
N GLY H 22 18.27 -46.03 -29.40
CA GLY H 22 16.83 -46.23 -29.44
C GLY H 22 16.42 -47.44 -28.62
N LEU H 23 15.13 -47.78 -28.66
CA LEU H 23 14.62 -48.95 -27.96
C LEU H 23 14.18 -49.98 -28.99
N PRO H 24 14.58 -51.24 -28.87
CA PRO H 24 14.28 -52.20 -29.94
C PRO H 24 12.80 -52.39 -30.12
N THR H 25 12.41 -52.64 -31.38
CA THR H 25 11.02 -52.87 -31.75
C THR H 25 10.71 -54.34 -31.97
N SER H 26 11.58 -55.24 -31.51
CA SER H 26 11.43 -56.66 -31.81
C SER H 26 10.09 -57.19 -31.33
N GLU H 27 9.91 -57.26 -30.02
CA GLU H 27 8.64 -57.66 -29.43
C GLU H 27 8.69 -57.35 -27.94
N LEU H 28 7.68 -57.80 -27.21
CA LEU H 28 7.58 -57.57 -25.77
C LEU H 28 8.07 -58.81 -25.05
N GLU H 29 9.18 -58.67 -24.32
CA GLU H 29 9.68 -59.77 -23.52
C GLU H 29 8.70 -60.09 -22.39
N GLU H 30 8.78 -61.31 -21.88
CA GLU H 30 7.86 -61.72 -20.83
C GLU H 30 7.93 -60.77 -19.63
N LEU H 31 9.12 -60.23 -19.33
CA LEU H 31 9.23 -59.31 -18.20
C LEU H 31 8.44 -58.03 -18.46
N GLU H 32 8.60 -57.43 -19.62
CA GLU H 32 7.86 -56.20 -19.91
C GLU H 32 6.38 -56.48 -20.12
N ILE H 33 6.02 -57.63 -20.68
CA ILE H 33 4.61 -58.00 -20.75
C ILE H 33 4.03 -58.07 -19.35
N GLU H 34 4.75 -58.72 -18.43
CA GLU H 34 4.31 -58.81 -17.04
C GLU H 34 4.18 -57.43 -16.41
N PHE H 35 5.15 -56.56 -16.66
CA PHE H 35 5.10 -55.21 -16.08
C PHE H 35 3.88 -54.45 -16.60
N VAL H 36 3.61 -54.55 -17.90
CA VAL H 36 2.43 -53.90 -18.47
C VAL H 36 1.17 -54.46 -17.82
N ALA H 37 1.08 -55.79 -17.74
CA ALA H 37 -0.05 -56.43 -17.11
C ALA H 37 -0.30 -55.85 -15.72
N MET H 38 0.78 -55.74 -14.93
CA MET H 38 0.67 -55.15 -13.60
C MET H 38 0.20 -53.71 -13.68
N CYS H 39 0.74 -52.94 -14.63
CA CYS H 39 0.41 -51.53 -14.71
C CYS H 39 -1.05 -51.30 -15.04
N ILE H 40 -1.67 -52.18 -15.82
CA ILE H 40 -3.10 -52.08 -16.09
C ILE H 40 -3.87 -53.17 -15.34
N GLY H 41 -3.25 -53.79 -14.36
CA GLY H 41 -3.95 -54.71 -13.47
C GLY H 41 -4.55 -55.91 -14.16
N PHE H 42 -4.10 -56.21 -15.37
CA PHE H 42 -4.60 -57.36 -16.12
C PHE H 42 -3.73 -58.57 -15.82
N PRO H 43 -4.25 -59.62 -15.19
CA PRO H 43 -3.49 -60.87 -15.14
C PRO H 43 -3.12 -61.30 -16.54
N ARG H 44 -1.81 -61.48 -16.76
CA ARG H 44 -1.33 -61.70 -18.12
C ARG H 44 -1.98 -62.90 -18.79
N SER H 45 -2.46 -63.86 -18.01
CA SER H 45 -3.08 -65.06 -18.56
C SER H 45 -4.46 -64.79 -19.16
N GLN H 46 -5.06 -63.63 -18.85
CA GLN H 46 -6.39 -63.35 -19.37
C GLN H 46 -6.39 -63.38 -20.89
N ASN H 47 -7.39 -64.07 -21.46
CA ASN H 47 -7.41 -64.28 -22.89
C ASN H 47 -7.45 -62.97 -23.65
N ASN H 48 -8.32 -62.04 -23.24
CA ASN H 48 -8.40 -60.76 -23.94
C ASN H 48 -7.06 -60.04 -23.93
N PHE H 49 -6.36 -60.07 -22.80
CA PHE H 49 -5.07 -59.41 -22.70
C PHE H 49 -4.08 -59.97 -23.72
N VAL H 50 -3.94 -61.29 -23.76
CA VAL H 50 -2.97 -61.91 -24.67
C VAL H 50 -3.39 -61.67 -26.12
N ASN H 51 -4.70 -61.71 -26.40
CA ASN H 51 -5.16 -61.42 -27.75
C ASN H 51 -4.78 -60.00 -28.16
N ALA H 52 -4.95 -59.03 -27.25
CA ALA H 52 -4.50 -57.68 -27.52
C ALA H 52 -3.00 -57.64 -27.73
N LEU H 53 -2.25 -58.50 -27.03
CA LEU H 53 -0.81 -58.57 -27.22
C LEU H 53 -0.45 -58.98 -28.63
N LEU H 54 -1.40 -59.54 -29.40
CA LEU H 54 -1.16 -59.91 -30.78
C LEU H 54 -1.40 -58.73 -31.69
N ASP H 55 -0.99 -58.88 -32.95
CA ASP H 55 -1.22 -57.86 -33.97
C ASP H 55 -0.61 -56.52 -33.57
N LEU H 56 0.55 -56.57 -32.92
CA LEU H 56 1.23 -55.36 -32.47
C LEU H 56 2.14 -54.85 -33.58
N SER H 57 1.85 -53.64 -34.07
CA SER H 57 2.70 -52.99 -35.04
C SER H 57 3.97 -52.49 -34.36
N THR H 58 5.05 -52.41 -35.13
CA THR H 58 6.36 -52.12 -34.55
C THR H 58 6.34 -50.82 -33.75
N ILE H 59 5.82 -49.74 -34.34
CA ILE H 59 5.83 -48.47 -33.63
C ILE H 59 4.95 -48.51 -32.40
N GLU H 60 3.92 -49.36 -32.39
CA GLU H 60 3.15 -49.55 -31.16
C GLU H 60 4.05 -50.09 -30.05
N VAL H 61 4.89 -51.08 -30.39
CA VAL H 61 5.82 -51.61 -29.40
C VAL H 61 6.78 -50.53 -28.94
N TYR H 62 7.28 -49.72 -29.88
CA TYR H 62 8.22 -48.67 -29.52
C TYR H 62 7.58 -47.68 -28.55
N THR H 63 6.35 -47.25 -28.85
CA THR H 63 5.66 -46.30 -27.98
C THR H 63 5.40 -46.92 -26.61
N ILE H 64 5.02 -48.20 -26.58
CA ILE H 64 4.76 -48.86 -25.30
C ILE H 64 6.03 -48.88 -24.46
N ARG H 65 7.17 -49.21 -25.08
CA ARG H 65 8.42 -49.24 -24.34
C ARG H 65 8.80 -47.86 -23.84
N THR H 66 8.60 -46.84 -24.66
CA THR H 66 8.86 -45.47 -24.21
C THR H 66 8.00 -45.12 -23.00
N SER H 67 6.72 -45.47 -23.06
CA SER H 67 5.82 -45.17 -21.95
C SER H 67 6.25 -45.91 -20.69
N VAL H 68 6.69 -47.16 -20.82
CA VAL H 68 7.16 -47.89 -19.65
C VAL H 68 8.38 -47.21 -19.05
N LYS H 69 9.33 -46.82 -19.91
CA LYS H 69 10.50 -46.11 -19.42
C LYS H 69 10.10 -44.83 -18.69
N GLU H 70 9.12 -44.11 -19.23
CA GLU H 70 8.65 -42.90 -18.57
C GLU H 70 8.03 -43.22 -17.22
N ILE H 71 7.27 -44.31 -17.14
CA ILE H 71 6.68 -44.72 -15.86
C ILE H 71 7.79 -44.91 -14.82
N LEU H 72 8.83 -45.65 -15.20
CA LEU H 72 9.92 -45.87 -14.26
C LEU H 72 10.58 -44.57 -13.86
N ARG H 73 10.84 -43.69 -14.83
CA ARG H 73 11.49 -42.43 -14.52
C ARG H 73 10.66 -41.59 -13.56
N LEU H 74 9.34 -41.54 -13.79
CA LEU H 74 8.48 -40.75 -12.92
C LEU H 74 8.38 -41.35 -11.53
N ASP H 75 8.37 -42.69 -11.44
CA ASP H 75 8.36 -43.30 -10.12
C ASP H 75 9.61 -42.90 -9.33
N LYS H 76 10.78 -43.02 -9.95
CA LYS H 76 12.01 -42.65 -9.26
C LYS H 76 12.01 -41.16 -8.93
N LEU H 77 11.49 -40.33 -9.83
CA LEU H 77 11.44 -38.90 -9.57
C LEU H 77 10.55 -38.60 -8.37
N ASN H 78 9.42 -39.29 -8.24
CA ASN H 78 8.58 -39.12 -7.07
C ASN H 78 9.31 -39.53 -5.80
N LYS H 79 10.00 -40.68 -5.85
CA LYS H 79 10.78 -41.10 -4.69
C LYS H 79 11.74 -40.00 -4.27
N GLU H 80 12.43 -39.41 -5.23
CA GLU H 80 13.36 -38.33 -4.91
C GLU H 80 12.63 -37.12 -4.32
N SER H 81 11.57 -36.67 -5.00
CA SER H 81 10.97 -35.39 -4.68
C SER H 81 10.26 -35.41 -3.33
N ILE H 82 9.79 -36.58 -2.87
CA ILE H 82 9.02 -36.59 -1.63
C ILE H 82 9.80 -35.93 -0.50
N GLU H 83 11.12 -36.09 -0.49
CA GLU H 83 11.93 -35.44 0.55
C GLU H 83 11.77 -33.93 0.49
N ASN H 84 11.67 -33.37 -0.72
CA ASN H 84 11.35 -31.97 -0.86
C ASN H 84 9.91 -31.73 -0.41
N ARG H 85 9.46 -30.48 -0.51
CA ARG H 85 8.25 -29.98 0.12
C ARG H 85 8.47 -29.66 1.59
N GLN H 86 9.66 -29.93 2.13
CA GLN H 86 9.95 -29.51 3.50
C GLN H 86 9.80 -28.01 3.68
N VAL H 87 10.00 -27.25 2.61
CA VAL H 87 10.07 -25.80 2.67
C VAL H 87 9.29 -25.21 1.50
N THR H 88 9.33 -23.89 1.39
CA THR H 88 8.73 -23.15 0.30
C THR H 88 9.36 -21.77 0.23
N LYS H 89 9.90 -21.40 -0.92
CA LYS H 89 10.64 -20.15 -1.12
C LYS H 89 11.87 -20.04 -0.20
N VAL H 90 12.82 -20.94 -0.46
CA VAL H 90 14.02 -21.03 0.37
C VAL H 90 14.69 -19.67 0.48
N GLU H 91 15.15 -19.13 -0.65
CA GLU H 91 15.64 -17.76 -0.72
C GLU H 91 14.73 -16.92 -1.61
N ASP H 92 14.59 -17.32 -2.87
CA ASP H 92 13.58 -16.76 -3.76
C ASP H 92 12.91 -17.80 -4.65
N ILE H 93 13.21 -19.08 -4.43
CA ILE H 93 12.73 -20.17 -5.27
C ILE H 93 11.50 -20.75 -4.62
N THR H 94 10.33 -20.24 -4.98
CA THR H 94 9.09 -20.81 -4.50
C THR H 94 8.89 -22.18 -5.14
N MET H 95 8.24 -23.07 -4.40
CA MET H 95 8.08 -24.46 -4.80
C MET H 95 6.66 -24.71 -5.24
N ASN H 96 6.51 -25.42 -6.35
CA ASN H 96 5.19 -25.84 -6.83
C ASN H 96 4.68 -26.92 -5.87
N MET H 97 3.82 -26.52 -4.94
CA MET H 97 3.40 -27.42 -3.88
C MET H 97 2.57 -28.58 -4.39
N ASN H 98 2.08 -28.51 -5.63
CA ASN H 98 1.37 -29.62 -6.24
C ASN H 98 2.25 -30.39 -7.22
N TYR H 99 3.57 -30.20 -7.16
CA TYR H 99 4.48 -30.92 -8.04
C TYR H 99 4.25 -32.42 -7.96
N ILE H 100 4.14 -32.96 -6.75
CA ILE H 100 3.87 -34.39 -6.60
C ILE H 100 2.54 -34.74 -7.27
N GLY H 101 1.54 -33.88 -7.11
CA GLY H 101 0.28 -34.09 -7.81
C GLY H 101 0.48 -34.12 -9.31
N ASP H 102 1.34 -33.24 -9.82
CA ASP H 102 1.61 -33.22 -11.26
C ASP H 102 2.26 -34.53 -11.70
N ILE H 103 3.22 -35.03 -10.92
CA ILE H 103 3.88 -36.29 -11.27
C ILE H 103 2.86 -37.42 -11.29
N LYS H 104 2.00 -37.47 -10.28
CA LYS H 104 0.99 -38.52 -10.23
C LYS H 104 0.04 -38.43 -11.42
N ASP H 105 -0.37 -37.21 -11.78
CA ASP H 105 -1.27 -37.03 -12.91
C ASP H 105 -0.61 -37.48 -14.20
N GLU H 106 0.66 -37.13 -14.39
CA GLU H 106 1.37 -37.57 -15.59
C GLU H 106 1.49 -39.09 -15.61
N LEU H 107 1.74 -39.69 -14.45
CA LEU H 107 1.85 -41.15 -14.38
C LEU H 107 0.55 -41.81 -14.81
N VAL H 108 -0.57 -41.35 -14.26
CA VAL H 108 -1.85 -41.93 -14.66
C VAL H 108 -2.14 -41.64 -16.12
N THR H 109 -1.68 -40.49 -16.62
CA THR H 109 -1.82 -40.21 -18.05
C THR H 109 -1.10 -41.25 -18.88
N GLU H 110 0.12 -41.60 -18.49
CA GLU H 110 0.87 -42.62 -19.23
C GLU H 110 0.18 -43.98 -19.14
N VAL H 111 -0.38 -44.30 -17.97
CA VAL H 111 -1.07 -45.57 -17.81
C VAL H 111 -2.27 -45.64 -18.76
N LYS H 112 -3.07 -44.57 -18.78
CA LYS H 112 -4.19 -44.53 -19.71
C LYS H 112 -3.70 -44.55 -21.15
N LYS H 113 -2.53 -43.98 -21.41
CA LYS H 113 -1.96 -44.03 -22.75
C LYS H 113 -1.69 -45.48 -23.17
N LEU H 114 -1.08 -46.26 -22.29
CA LEU H 114 -0.88 -47.67 -22.57
C LEU H 114 -2.21 -48.37 -22.83
N ALA H 115 -3.18 -48.17 -21.93
CA ALA H 115 -4.48 -48.81 -22.09
C ALA H 115 -5.08 -48.46 -23.46
N ARG H 116 -4.95 -47.20 -23.87
CA ARG H 116 -5.48 -46.78 -25.16
C ARG H 116 -4.72 -47.45 -26.30
N ILE H 117 -3.40 -47.64 -26.15
CA ILE H 117 -2.64 -48.34 -27.16
C ILE H 117 -3.19 -49.75 -27.36
N LEU H 118 -3.50 -50.43 -26.26
CA LEU H 118 -4.03 -51.79 -26.36
C LEU H 118 -5.55 -51.82 -26.46
N LYS H 119 -6.19 -50.66 -26.58
CA LYS H 119 -7.65 -50.58 -26.72
C LYS H 119 -8.37 -51.31 -25.59
N LEU H 120 -7.69 -51.51 -24.47
CA LEU H 120 -8.27 -52.27 -23.38
C LEU H 120 -8.92 -51.33 -22.37
N PRO H 121 -9.87 -51.83 -21.57
CA PRO H 121 -10.48 -51.00 -20.53
C PRO H 121 -9.56 -50.91 -19.33
N VAL H 122 -8.96 -49.74 -19.12
CA VAL H 122 -8.07 -49.54 -17.99
C VAL H 122 -8.82 -49.90 -16.72
N LEU H 123 -8.24 -50.80 -15.93
CA LEU H 123 -8.86 -51.30 -14.71
C LEU H 123 -8.05 -50.97 -13.45
N ASP H 124 -8.59 -51.35 -12.30
CA ASP H 124 -7.91 -51.12 -11.03
C ASP H 124 -6.53 -51.77 -11.09
N ASN H 125 -5.49 -50.98 -10.81
CA ASN H 125 -4.05 -51.05 -10.72
C ASN H 125 -3.47 -50.14 -9.65
N LEU H 126 -2.15 -50.14 -9.53
CA LEU H 126 -1.49 -49.41 -8.46
C LEU H 126 -1.48 -47.90 -8.67
N TYR H 127 -1.56 -47.45 -9.93
CA TYR H 127 -1.45 -46.02 -10.21
C TYR H 127 -2.83 -45.35 -10.30
N VAL H 128 -3.66 -45.78 -11.25
CA VAL H 128 -4.95 -45.16 -11.44
C VAL H 128 -5.89 -45.55 -10.30
N SER H 129 -6.85 -44.68 -9.99
CA SER H 129 -7.78 -44.92 -8.90
C SER H 129 -9.14 -44.32 -9.23
N TYR H 130 -10.19 -45.11 -8.97
CA TYR H 130 -11.58 -44.68 -9.05
C TYR H 130 -12.08 -44.49 -10.49
N ASP H 131 -11.17 -44.54 -11.46
CA ASP H 131 -11.53 -44.46 -12.88
C ASP H 131 -10.87 -45.66 -13.55
N ASP H 132 -11.54 -46.80 -13.49
CA ASP H 132 -11.05 -48.07 -14.02
C ASP H 132 -12.22 -48.70 -14.77
N VAL H 133 -12.28 -48.46 -16.08
CA VAL H 133 -13.46 -48.81 -16.86
C VAL H 133 -13.60 -50.33 -16.93
N GLU H 134 -14.83 -50.81 -16.76
CA GLU H 134 -15.22 -52.19 -17.01
C GLU H 134 -14.64 -53.18 -16.03
N GLY H 135 -14.01 -52.71 -14.95
CA GLY H 135 -13.52 -53.63 -13.94
C GLY H 135 -12.66 -54.72 -14.53
N ARG H 136 -12.85 -55.95 -14.04
CA ARG H 136 -12.07 -57.07 -14.55
C ARG H 136 -12.41 -57.34 -16.01
N ILE H 137 -13.66 -57.69 -16.29
CA ILE H 137 -14.10 -57.95 -17.66
C ILE H 137 -15.61 -57.76 -17.75
N GLY H 138 -16.06 -56.93 -18.68
CA GLY H 138 -17.47 -56.81 -18.96
C GLY H 138 -18.17 -55.78 -18.10
N ALA H 139 -17.73 -55.65 -16.85
CA ALA H 139 -18.40 -54.74 -15.92
C ALA H 139 -17.39 -54.23 -14.91
N ASN H 140 -17.54 -52.96 -14.56
CA ASN H 140 -16.64 -52.31 -13.61
C ASN H 140 -17.28 -52.25 -12.22
N THR I 9 17.62 -50.06 13.86
CA THR I 9 17.52 -50.52 12.48
C THR I 9 16.40 -51.55 12.32
N HIS I 10 15.45 -51.23 11.45
CA HIS I 10 14.38 -52.17 11.18
C HIS I 10 14.94 -53.45 10.57
N PRO I 11 14.40 -54.63 10.91
CA PRO I 11 14.91 -55.85 10.28
C PRO I 11 14.94 -55.78 8.76
N LEU I 12 13.81 -55.43 8.15
CA LEU I 12 13.77 -55.29 6.70
C LEU I 12 14.80 -54.28 6.20
N GLU I 13 15.07 -53.23 6.99
CA GLU I 13 16.06 -52.24 6.56
C GLU I 13 17.40 -52.91 6.30
N SER I 14 17.91 -53.64 7.29
CA SER I 14 19.18 -54.33 7.09
C SER I 14 19.08 -55.38 6.00
N TYR I 15 18.00 -56.16 6.00
CA TYR I 15 17.87 -57.23 5.02
C TYR I 15 17.98 -56.68 3.60
N TYR I 16 17.32 -55.55 3.34
CA TYR I 16 17.40 -54.95 2.01
C TYR I 16 18.74 -54.26 1.79
N ASN I 17 19.32 -53.67 2.83
CA ASN I 17 20.65 -53.09 2.70
C ASN I 17 21.66 -54.14 2.25
N GLN I 18 21.39 -55.41 2.54
CA GLN I 18 22.26 -56.46 2.04
C GLN I 18 22.35 -56.44 0.52
N PHE I 19 21.26 -56.06 -0.16
CA PHE I 19 21.20 -56.05 -1.62
C PHE I 19 21.32 -54.61 -2.10
N LEU I 20 22.57 -54.16 -2.24
CA LEU I 20 22.80 -52.81 -2.77
C LEU I 20 22.35 -52.69 -4.22
N ASP I 21 22.67 -53.68 -5.06
CA ASP I 21 22.36 -53.64 -6.48
C ASP I 21 20.91 -54.10 -6.66
N GLY I 22 20.01 -53.12 -6.72
CA GLY I 22 18.61 -53.46 -6.85
C GLY I 22 18.14 -54.25 -5.64
N LEU I 23 17.05 -54.97 -5.84
CA LEU I 23 16.45 -55.80 -4.80
C LEU I 23 16.25 -57.20 -5.33
N PRO I 24 16.27 -58.21 -4.46
CA PRO I 24 16.04 -59.58 -4.93
C PRO I 24 14.59 -59.79 -5.31
N THR I 25 14.38 -60.74 -6.23
CA THR I 25 13.05 -60.98 -6.78
C THR I 25 12.58 -62.42 -6.65
N SER I 26 13.32 -63.28 -5.95
CA SER I 26 12.99 -64.70 -5.91
C SER I 26 11.61 -64.95 -5.33
N GLU I 27 11.43 -64.67 -4.04
CA GLU I 27 10.19 -64.95 -3.35
C GLU I 27 10.06 -64.05 -2.14
N LEU I 28 8.84 -63.96 -1.62
CA LEU I 28 8.61 -63.18 -0.41
C LEU I 28 9.02 -63.97 0.82
N GLU I 29 9.71 -63.30 1.72
CA GLU I 29 10.22 -63.91 2.93
C GLU I 29 9.16 -63.86 4.02
N GLU I 30 9.22 -64.84 4.93
CA GLU I 30 8.28 -64.85 6.04
C GLU I 30 8.29 -63.53 6.79
N LEU I 31 9.45 -62.87 6.87
CA LEU I 31 9.50 -61.54 7.48
C LEU I 31 8.73 -60.53 6.64
N GLU I 32 8.98 -60.51 5.33
CA GLU I 32 8.25 -59.60 4.45
C GLU I 32 6.77 -59.96 4.41
N ILE I 33 6.47 -61.26 4.42
CA ILE I 33 5.07 -61.69 4.44
C ILE I 33 4.38 -61.17 5.69
N GLU I 34 5.05 -61.29 6.84
CA GLU I 34 4.50 -60.78 8.09
C GLU I 34 4.32 -59.27 8.02
N PHE I 35 5.29 -58.57 7.44
CA PHE I 35 5.19 -57.12 7.37
C PHE I 35 4.01 -56.68 6.53
N VAL I 36 3.82 -57.30 5.37
CA VAL I 36 2.67 -56.96 4.53
C VAL I 36 1.37 -57.33 5.24
N ALA I 37 1.34 -58.49 5.88
CA ALA I 37 0.19 -58.87 6.69
C ALA I 37 -0.16 -57.77 7.67
N MET I 38 0.84 -57.26 8.39
CA MET I 38 0.60 -56.24 9.40
C MET I 38 0.12 -54.93 8.78
N CYS I 39 0.79 -54.47 7.72
CA CYS I 39 0.51 -53.14 7.19
C CYS I 39 -0.68 -53.11 6.24
N ILE I 40 -1.25 -54.26 5.90
CA ILE I 40 -2.57 -54.32 5.26
C ILE I 40 -3.64 -54.75 6.23
N GLY I 41 -3.28 -55.24 7.41
CA GLY I 41 -4.24 -55.65 8.41
C GLY I 41 -4.73 -57.07 8.28
N PHE I 42 -4.21 -57.84 7.33
CA PHE I 42 -4.56 -59.25 7.19
C PHE I 42 -3.71 -60.08 8.15
N PRO I 43 -4.29 -60.81 9.09
CA PRO I 43 -3.55 -61.92 9.70
C PRO I 43 -3.12 -62.90 8.62
N ARG I 44 -1.85 -63.27 8.64
CA ARG I 44 -1.28 -64.00 7.51
C ARG I 44 -1.89 -65.38 7.34
N SER I 45 -2.62 -65.89 8.33
CA SER I 45 -3.20 -67.22 8.25
C SER I 45 -4.42 -67.29 7.34
N GLN I 46 -4.94 -66.16 6.88
CA GLN I 46 -6.15 -66.18 6.08
C GLN I 46 -5.92 -66.89 4.75
N ASN I 47 -6.86 -67.75 4.37
CA ASN I 47 -6.71 -68.51 3.15
C ASN I 47 -6.61 -67.60 1.93
N ASN I 48 -7.45 -66.58 1.85
CA ASN I 48 -7.41 -65.67 0.71
C ASN I 48 -6.06 -64.99 0.60
N PHE I 49 -5.49 -64.57 1.74
CA PHE I 49 -4.18 -63.93 1.73
C PHE I 49 -3.13 -64.86 1.11
N VAL I 50 -3.04 -66.09 1.61
CA VAL I 50 -2.03 -67.01 1.08
C VAL I 50 -2.28 -67.28 -0.39
N ASN I 51 -3.55 -67.47 -0.77
CA ASN I 51 -3.87 -67.64 -2.18
C ASN I 51 -3.29 -66.50 -3.01
N ALA I 52 -3.52 -65.26 -2.57
CA ALA I 52 -2.90 -64.12 -3.23
C ALA I 52 -1.39 -64.25 -3.26
N LEU I 53 -0.80 -64.87 -2.23
CA LEU I 53 0.64 -65.06 -2.19
C LEU I 53 1.15 -66.01 -3.26
N LEU I 54 0.28 -66.78 -3.92
CA LEU I 54 0.69 -67.64 -5.02
C LEU I 54 0.39 -66.96 -6.35
N ASP I 55 1.10 -67.40 -7.38
CA ASP I 55 0.90 -66.98 -8.77
C ASP I 55 1.42 -65.57 -9.03
N LEU I 56 1.85 -64.84 -8.02
CA LEU I 56 2.39 -63.51 -8.21
C LEU I 56 3.68 -63.58 -9.02
N SER I 57 3.78 -62.73 -10.04
CA SER I 57 4.93 -62.76 -10.93
C SER I 57 6.10 -62.00 -10.31
N THR I 58 7.27 -62.17 -10.93
CA THR I 58 8.50 -61.63 -10.34
C THR I 58 8.45 -60.11 -10.23
N ILE I 59 8.03 -59.43 -11.30
CA ILE I 59 7.96 -57.96 -11.26
C ILE I 59 7.02 -57.51 -10.16
N GLU I 60 5.96 -58.27 -9.90
CA GLU I 60 5.08 -57.95 -8.78
C GLU I 60 5.84 -58.01 -7.46
N VAL I 61 6.69 -59.03 -7.30
CA VAL I 61 7.49 -59.13 -6.09
C VAL I 61 8.41 -57.92 -5.97
N TYR I 62 9.05 -57.53 -7.08
CA TYR I 62 9.95 -56.39 -7.04
C TYR I 62 9.20 -55.11 -6.66
N THR I 63 8.01 -54.92 -7.22
CA THR I 63 7.21 -53.74 -6.89
C THR I 63 6.83 -53.77 -5.42
N ILE I 64 6.45 -54.93 -4.90
CA ILE I 64 6.11 -55.04 -3.49
C ILE I 64 7.30 -54.64 -2.63
N ARG I 65 8.50 -55.11 -3.00
CA ARG I 65 9.67 -54.84 -2.19
C ARG I 65 10.04 -53.36 -2.22
N THR I 66 10.01 -52.74 -3.40
CA THR I 66 10.28 -51.30 -3.45
C THR I 66 9.22 -50.53 -2.69
N SER I 67 7.96 -50.97 -2.75
CA SER I 67 6.90 -50.29 -2.03
C SER I 67 7.11 -50.38 -0.52
N VAL I 68 7.50 -51.54 -0.01
CA VAL I 68 7.72 -51.66 1.43
C VAL I 68 8.96 -50.86 1.84
N LYS I 69 9.99 -50.83 0.99
CA LYS I 69 11.14 -49.98 1.28
C LYS I 69 10.71 -48.52 1.37
N GLU I 70 9.84 -48.10 0.45
CA GLU I 70 9.28 -46.75 0.51
C GLU I 70 8.50 -46.54 1.81
N ILE I 71 7.72 -47.53 2.21
CA ILE I 71 6.96 -47.43 3.46
C ILE I 71 7.90 -47.17 4.62
N LEU I 72 8.96 -47.97 4.72
CA LEU I 72 9.91 -47.79 5.82
C LEU I 72 10.56 -46.43 5.76
N ARG I 73 10.99 -45.99 4.57
CA ARG I 73 11.66 -44.71 4.46
C ARG I 73 10.74 -43.57 4.87
N LEU I 74 9.50 -43.58 4.39
CA LEU I 74 8.55 -42.53 4.74
C LEU I 74 8.22 -42.57 6.23
N ASP I 75 8.08 -43.76 6.80
CA ASP I 75 7.82 -43.86 8.23
C ASP I 75 8.95 -43.24 9.02
N LYS I 76 10.19 -43.55 8.66
CA LYS I 76 11.33 -42.93 9.34
C LYS I 76 11.31 -41.42 9.17
N LEU I 77 11.07 -40.95 7.95
CA LEU I 77 11.04 -39.51 7.71
C LEU I 77 9.96 -38.84 8.54
N ASN I 78 8.85 -39.54 8.82
CA ASN I 78 7.79 -38.96 9.61
C ASN I 78 8.25 -38.62 11.02
N LYS I 79 9.29 -39.29 11.51
CA LYS I 79 9.73 -39.06 12.88
C LYS I 79 10.62 -37.83 12.99
N GLU I 80 11.62 -37.72 12.11
CA GLU I 80 12.58 -36.63 12.23
C GLU I 80 11.94 -35.28 11.96
N SER I 81 10.91 -35.23 11.11
CA SER I 81 10.30 -33.96 10.77
C SER I 81 9.58 -33.32 11.94
N ILE I 82 8.96 -34.13 12.81
CA ILE I 82 8.10 -33.58 13.84
C ILE I 82 8.87 -32.63 14.74
N GLU I 83 10.19 -32.83 14.88
CA GLU I 83 11.00 -31.86 15.59
C GLU I 83 10.92 -30.49 14.93
N ASN I 84 10.68 -30.45 13.63
CA ASN I 84 10.35 -29.21 12.93
C ASN I 84 8.88 -28.90 13.23
N ARG I 85 8.33 -27.92 12.50
CA ARG I 85 7.00 -27.39 12.78
C ARG I 85 7.03 -26.53 14.04
N GLN I 86 8.18 -26.49 14.72
CA GLN I 86 8.37 -25.54 15.80
C GLN I 86 8.56 -24.13 15.29
N VAL I 87 8.69 -23.96 13.97
CA VAL I 87 9.05 -22.68 13.37
C VAL I 87 8.40 -22.58 12.00
N THR I 88 8.18 -21.35 11.56
CA THR I 88 7.76 -21.06 10.20
C THR I 88 8.63 -19.93 9.66
N LYS I 89 9.06 -20.07 8.41
CA LYS I 89 9.85 -19.06 7.72
C LYS I 89 10.98 -18.48 8.59
N VAL I 90 11.94 -19.37 8.89
CA VAL I 90 12.98 -19.04 9.86
C VAL I 90 13.59 -17.68 9.55
N GLU I 91 14.28 -17.57 8.42
CA GLU I 91 14.80 -16.30 7.92
C GLU I 91 14.24 -15.96 6.55
N ASP I 92 14.29 -16.91 5.62
CA ASP I 92 13.57 -16.84 4.36
C ASP I 92 12.88 -18.12 3.91
N ILE I 93 13.16 -19.25 4.57
CA ILE I 93 12.64 -20.55 4.14
C ILE I 93 11.30 -20.76 4.82
N THR I 94 10.22 -20.49 4.09
CA THR I 94 8.90 -20.82 4.58
C THR I 94 8.75 -22.33 4.64
N MET I 95 7.93 -22.79 5.58
CA MET I 95 7.75 -24.22 5.82
C MET I 95 6.37 -24.64 5.32
N ASN I 96 6.35 -25.71 4.53
CA ASN I 96 5.10 -26.29 4.08
C ASN I 96 4.48 -27.02 5.27
N MET I 97 3.59 -26.32 5.99
CA MET I 97 3.04 -26.88 7.21
C MET I 97 2.35 -28.22 6.98
N ASN I 98 1.88 -28.48 5.77
CA ASN I 98 1.20 -29.72 5.46
C ASN I 98 2.17 -30.85 5.10
N TYR I 99 3.46 -30.69 5.40
CA TYR I 99 4.42 -31.75 5.11
C TYR I 99 4.02 -33.05 5.78
N ILE I 100 3.60 -32.98 7.04
CA ILE I 100 3.14 -34.17 7.74
C ILE I 100 1.97 -34.80 6.99
N GLY I 101 0.98 -33.98 6.63
CA GLY I 101 -0.13 -34.51 5.86
C GLY I 101 0.32 -35.13 4.56
N ASP I 102 1.29 -34.50 3.90
CA ASP I 102 1.80 -35.03 2.64
C ASP I 102 2.37 -36.43 2.84
N ILE I 103 3.21 -36.61 3.86
CA ILE I 103 3.84 -37.91 4.06
C ILE I 103 2.80 -38.95 4.49
N LYS I 104 1.82 -38.55 5.31
CA LYS I 104 0.77 -39.48 5.68
C LYS I 104 0.01 -39.95 4.45
N ASP I 105 -0.32 -39.02 3.55
CA ASP I 105 -1.03 -39.40 2.33
C ASP I 105 -0.16 -40.28 1.46
N GLU I 106 1.15 -40.02 1.42
CA GLU I 106 2.06 -40.86 0.65
C GLU I 106 2.07 -42.28 1.18
N LEU I 107 2.11 -42.43 2.51
CA LEU I 107 2.04 -43.76 3.11
C LEU I 107 0.74 -44.45 2.74
N VAL I 108 -0.37 -43.71 2.80
CA VAL I 108 -1.65 -44.30 2.44
C VAL I 108 -1.64 -44.77 1.00
N THR I 109 -1.05 -43.97 0.10
CA THR I 109 -0.96 -44.35 -1.30
C THR I 109 -0.13 -45.62 -1.47
N GLU I 110 0.98 -45.73 -0.73
CA GLU I 110 1.80 -46.93 -0.83
C GLU I 110 1.04 -48.16 -0.35
N VAL I 111 0.30 -48.03 0.75
CA VAL I 111 -0.50 -49.15 1.24
C VAL I 111 -1.53 -49.54 0.20
N LYS I 112 -2.18 -48.55 -0.42
CA LYS I 112 -3.14 -48.85 -1.48
C LYS I 112 -2.45 -49.57 -2.64
N LYS I 113 -1.22 -49.16 -2.96
CA LYS I 113 -0.48 -49.84 -4.02
C LYS I 113 -0.25 -51.30 -3.67
N LEU I 114 0.13 -51.58 -2.42
CA LEU I 114 0.24 -52.97 -1.98
C LEU I 114 -1.07 -53.70 -2.19
N ALA I 115 -2.17 -53.11 -1.71
CA ALA I 115 -3.47 -53.76 -1.81
C ALA I 115 -3.80 -54.08 -3.26
N ARG I 116 -3.47 -53.17 -4.18
CA ARG I 116 -3.80 -53.40 -5.58
C ARG I 116 -2.87 -54.43 -6.21
N ILE I 117 -1.62 -54.48 -5.78
CA ILE I 117 -0.71 -55.51 -6.28
C ILE I 117 -1.24 -56.89 -5.89
N LEU I 118 -1.65 -57.05 -4.64
CA LEU I 118 -2.21 -58.33 -4.21
C LEU I 118 -3.59 -58.61 -4.77
N LYS I 119 -4.20 -57.64 -5.45
CA LYS I 119 -5.56 -57.78 -5.97
C LYS I 119 -6.58 -57.92 -4.85
N LEU I 120 -6.23 -57.55 -3.64
CA LEU I 120 -7.08 -57.73 -2.48
C LEU I 120 -7.64 -56.41 -1.99
N PRO I 121 -8.77 -56.42 -1.31
CA PRO I 121 -9.31 -55.18 -0.75
C PRO I 121 -8.51 -54.76 0.48
N VAL I 122 -8.25 -53.47 0.58
CA VAL I 122 -7.50 -52.93 1.71
C VAL I 122 -8.43 -52.81 2.90
N LEU I 123 -8.09 -53.50 3.99
CA LEU I 123 -8.87 -53.46 5.21
C LEU I 123 -8.27 -52.56 6.27
N ASP I 124 -8.96 -52.47 7.41
CA ASP I 124 -8.49 -51.63 8.51
C ASP I 124 -7.14 -52.11 9.02
N ASN I 125 -6.12 -51.26 8.90
CA ASN I 125 -4.72 -51.23 9.28
C ASN I 125 -4.33 -49.90 9.89
N LEU I 126 -3.13 -49.87 10.48
CA LEU I 126 -2.71 -48.71 11.27
C LEU I 126 -2.64 -47.45 10.42
N TYR I 127 -2.05 -47.54 9.22
CA TYR I 127 -1.79 -46.33 8.45
C TYR I 127 -3.07 -45.69 7.93
N VAL I 128 -3.94 -46.49 7.33
CA VAL I 128 -5.18 -45.99 6.74
C VAL I 128 -6.26 -46.00 7.81
N SER I 129 -7.24 -45.11 7.65
CA SER I 129 -8.30 -44.96 8.64
C SER I 129 -9.61 -44.62 7.94
N TYR I 130 -10.62 -45.46 8.18
CA TYR I 130 -12.00 -45.23 7.73
C TYR I 130 -12.16 -45.42 6.22
N ASP I 131 -11.05 -45.59 5.50
CA ASP I 131 -11.08 -45.84 4.06
C ASP I 131 -10.60 -47.27 3.86
N ASP I 132 -11.55 -48.21 3.97
CA ASP I 132 -11.23 -49.62 3.94
C ASP I 132 -12.33 -50.34 3.19
N VAL I 133 -12.03 -51.55 2.74
CA VAL I 133 -12.89 -52.30 1.83
C VAL I 133 -13.22 -53.65 2.45
N GLU I 134 -14.51 -53.96 2.51
CA GLU I 134 -15.01 -55.29 2.85
C GLU I 134 -14.49 -55.77 4.21
N GLY I 135 -14.26 -54.82 5.12
CA GLY I 135 -13.93 -55.14 6.50
C GLY I 135 -12.99 -56.32 6.62
N ARG I 136 -13.41 -57.35 7.34
CA ARG I 136 -12.60 -58.55 7.48
C ARG I 136 -12.57 -59.33 6.17
N ILE I 137 -13.71 -59.86 5.74
CA ILE I 137 -13.85 -60.52 4.45
C ILE I 137 -14.99 -59.86 3.70
N GLY I 138 -16.10 -59.64 4.39
CA GLY I 138 -17.29 -59.06 3.78
C GLY I 138 -17.76 -57.81 4.50
N ALA I 139 -17.87 -56.71 3.77
CA ALA I 139 -18.33 -55.45 4.34
C ALA I 139 -18.49 -54.43 3.22
N ASN I 140 -19.09 -53.29 3.56
CA ASN I 140 -19.31 -52.16 2.64
C ASN I 140 -19.32 -52.55 1.16
N THR J 9 13.81 -40.32 34.09
CA THR J 9 14.23 -41.53 33.41
C THR J 9 13.15 -42.60 33.50
N HIS J 10 12.35 -42.71 32.45
CA HIS J 10 11.30 -43.72 32.44
C HIS J 10 11.93 -45.11 32.45
N PRO J 11 11.34 -46.08 33.17
CA PRO J 11 11.95 -47.42 33.17
C PRO J 11 12.09 -48.02 31.78
N LEU J 12 10.97 -48.12 31.05
CA LEU J 12 11.03 -48.63 29.69
C LEU J 12 11.97 -47.82 28.82
N GLU J 13 12.15 -46.53 29.12
CA GLU J 13 13.10 -45.74 28.34
C GLU J 13 14.50 -46.34 28.44
N SER J 14 14.97 -46.62 29.66
CA SER J 14 16.26 -47.28 29.82
C SER J 14 16.25 -48.68 29.22
N TYR J 15 15.18 -49.43 29.47
CA TYR J 15 15.09 -50.78 28.93
C TYR J 15 15.31 -50.79 27.42
N TYR J 16 14.76 -49.79 26.74
CA TYR J 16 14.98 -49.65 25.30
C TYR J 16 16.37 -49.10 25.00
N ASN J 17 16.88 -48.19 25.84
CA ASN J 17 18.23 -47.68 25.65
C ASN J 17 19.23 -48.82 25.58
N GLN J 18 18.99 -49.90 26.33
CA GLN J 18 19.85 -51.07 26.22
C GLN J 18 19.83 -51.63 24.81
N PHE J 19 18.65 -51.69 24.19
CA PHE J 19 18.51 -52.19 22.83
C PHE J 19 18.82 -51.04 21.86
N LEU J 20 20.11 -50.87 21.59
CA LEU J 20 20.55 -49.76 20.74
C LEU J 20 20.27 -50.00 19.26
N ASP J 21 20.52 -51.20 18.78
CA ASP J 21 20.33 -51.54 17.37
C ASP J 21 18.94 -52.14 17.21
N GLY J 22 17.98 -51.30 16.82
CA GLY J 22 16.62 -51.78 16.70
C GLY J 22 16.04 -52.17 18.05
N LEU J 23 15.01 -52.99 18.00
CA LEU J 23 14.37 -53.46 19.23
C LEU J 23 14.00 -54.93 19.10
N PRO J 24 13.99 -55.68 20.19
CA PRO J 24 13.71 -57.12 20.10
C PRO J 24 12.27 -57.39 19.71
N THR J 25 12.04 -58.63 19.25
CA THR J 25 10.71 -59.10 18.88
C THR J 25 10.32 -60.33 19.68
N SER J 26 10.82 -60.45 20.91
CA SER J 26 10.62 -61.68 21.68
C SER J 26 9.21 -61.74 22.28
N GLU J 27 8.91 -60.82 23.19
CA GLU J 27 7.61 -60.76 23.84
C GLU J 27 7.39 -59.33 24.31
N LEU J 28 6.35 -59.14 25.11
CA LEU J 28 6.08 -57.87 25.76
C LEU J 28 6.37 -58.02 27.25
N GLU J 29 7.36 -57.29 27.74
CA GLU J 29 7.67 -57.33 29.16
C GLU J 29 6.50 -56.79 29.97
N GLU J 30 6.35 -57.32 31.18
CA GLU J 30 5.25 -56.89 32.04
C GLU J 30 5.15 -55.37 32.12
N LEU J 31 6.28 -54.68 32.11
CA LEU J 31 6.23 -53.22 32.03
C LEU J 31 5.63 -52.77 30.71
N GLU J 32 6.03 -53.40 29.60
CA GLU J 32 5.46 -53.03 28.30
C GLU J 32 3.96 -53.32 28.26
N ILE J 33 3.55 -54.47 28.79
CA ILE J 33 2.13 -54.80 28.82
C ILE J 33 1.38 -53.77 29.66
N GLU J 34 1.94 -53.42 30.82
CA GLU J 34 1.32 -52.44 31.70
C GLU J 34 1.18 -51.10 31.01
N PHE J 35 2.23 -50.67 30.29
CA PHE J 35 2.19 -49.39 29.61
C PHE J 35 1.15 -49.40 28.49
N VAL J 36 1.04 -50.53 27.77
CA VAL J 36 0.02 -50.64 26.75
C VAL J 36 -1.37 -50.51 27.37
N ALA J 37 -1.61 -51.28 28.43
CA ALA J 37 -2.90 -51.18 29.13
C ALA J 37 -3.18 -49.74 29.55
N MET J 38 -2.15 -49.05 30.05
CA MET J 38 -2.29 -47.65 30.40
C MET J 38 -2.72 -46.83 29.18
N CYS J 39 -2.05 -47.05 28.05
CA CYS J 39 -2.30 -46.24 26.87
C CYS J 39 -3.71 -46.45 26.33
N ILE J 40 -4.26 -47.66 26.44
CA ILE J 40 -5.60 -47.94 25.95
C ILE J 40 -6.56 -48.36 27.05
N GLY J 41 -6.15 -48.28 28.31
CA GLY J 41 -7.07 -48.51 29.41
C GLY J 41 -7.66 -49.89 29.48
N PHE J 42 -6.86 -50.92 29.15
CA PHE J 42 -7.33 -52.30 29.25
C PHE J 42 -6.65 -52.96 30.42
N PRO J 43 -7.31 -53.12 31.56
CA PRO J 43 -6.69 -53.88 32.65
C PRO J 43 -6.24 -55.25 32.18
N ARG J 44 -5.03 -55.63 32.60
CA ARG J 44 -4.39 -56.81 32.06
C ARG J 44 -5.21 -58.08 32.29
N SER J 45 -6.11 -58.07 33.26
CA SER J 45 -6.94 -59.25 33.54
C SER J 45 -7.89 -59.56 32.40
N GLN J 46 -8.34 -58.55 31.67
CA GLN J 46 -9.37 -58.76 30.66
C GLN J 46 -8.92 -59.80 29.64
N ASN J 47 -9.66 -60.91 29.58
CA ASN J 47 -9.35 -61.95 28.61
C ASN J 47 -9.33 -61.38 27.20
N ASN J 48 -10.29 -60.48 26.89
CA ASN J 48 -10.32 -59.86 25.58
C ASN J 48 -9.05 -59.12 25.27
N PHE J 49 -8.29 -58.73 26.30
CA PHE J 49 -7.01 -58.09 26.11
C PHE J 49 -5.88 -59.11 26.00
N VAL J 50 -5.79 -60.03 26.96
CA VAL J 50 -4.68 -60.97 26.99
C VAL J 50 -4.67 -61.82 25.72
N ASN J 51 -5.85 -62.27 25.27
CA ASN J 51 -5.91 -63.05 24.04
C ASN J 51 -5.25 -62.31 22.87
N ALA J 52 -5.32 -60.97 22.88
CA ALA J 52 -4.67 -60.20 21.83
C ALA J 52 -3.17 -60.45 21.82
N LEU J 53 -2.54 -60.50 23.00
CA LEU J 53 -1.13 -60.82 23.07
C LEU J 53 -0.85 -62.20 22.48
N LEU J 54 -1.72 -63.16 22.75
CA LEU J 54 -1.55 -64.48 22.17
C LEU J 54 -1.59 -64.39 20.65
N ASP J 55 -0.76 -65.19 19.99
CA ASP J 55 -0.69 -65.23 18.54
C ASP J 55 -0.21 -63.91 17.95
N LEU J 56 0.48 -63.09 18.73
CA LEU J 56 0.96 -61.80 18.25
C LEU J 56 2.30 -61.98 17.56
N SER J 57 2.34 -61.75 16.25
CA SER J 57 3.53 -62.02 15.46
C SER J 57 4.67 -61.10 15.86
N THR J 58 5.85 -61.38 15.30
CA THR J 58 7.08 -60.70 15.70
C THR J 58 7.13 -59.26 15.20
N ILE J 59 7.03 -59.06 13.88
CA ILE J 59 7.05 -57.71 13.33
C ILE J 59 6.01 -56.86 14.03
N GLU J 60 4.88 -57.46 14.39
CA GLU J 60 3.88 -56.73 15.18
C GLU J 60 4.48 -56.25 16.49
N VAL J 61 5.24 -57.12 17.16
CA VAL J 61 5.87 -56.72 18.42
C VAL J 61 6.84 -55.58 18.19
N TYR J 62 7.63 -55.66 17.12
CA TYR J 62 8.56 -54.58 16.81
C TYR J 62 7.83 -53.27 16.61
N THR J 63 6.70 -53.31 15.90
CA THR J 63 5.90 -52.11 15.70
C THR J 63 5.36 -51.58 17.01
N ILE J 64 4.88 -52.48 17.89
CA ILE J 64 4.39 -52.05 19.19
C ILE J 64 5.48 -51.29 19.93
N ARG J 65 6.68 -51.86 19.97
CA ARG J 65 7.76 -51.24 20.72
C ARG J 65 8.17 -49.90 20.10
N THR J 66 8.19 -49.83 18.77
CA THR J 66 8.47 -48.56 18.11
C THR J 66 7.44 -47.51 18.49
N SER J 67 6.16 -47.88 18.46
CA SER J 67 5.10 -46.93 18.80
C SER J 67 5.22 -46.49 20.25
N VAL J 68 5.58 -47.41 21.14
CA VAL J 68 5.70 -47.03 22.56
C VAL J 68 6.86 -46.07 22.76
N LYS J 69 7.99 -46.33 22.10
CA LYS J 69 9.10 -45.40 22.15
C LYS J 69 8.70 -44.04 21.65
N GLU J 70 7.97 -44.00 20.53
CA GLU J 70 7.50 -42.73 20.01
C GLU J 70 6.58 -42.03 20.99
N ILE J 71 5.68 -42.77 21.62
CA ILE J 71 4.79 -42.17 22.61
C ILE J 71 5.60 -41.51 23.71
N LEU J 72 6.59 -42.23 24.23
CA LEU J 72 7.41 -41.66 25.29
C LEU J 72 8.13 -40.40 24.82
N ARG J 73 8.73 -40.45 23.64
CA ARG J 73 9.48 -39.30 23.15
C ARG J 73 8.58 -38.09 22.97
N LEU J 74 7.44 -38.28 22.29
CA LEU J 74 6.52 -37.18 22.05
C LEU J 74 5.99 -36.63 23.37
N ASP J 75 5.66 -37.49 24.32
CA ASP J 75 5.16 -37.01 25.60
C ASP J 75 6.20 -36.15 26.29
N LYS J 76 7.46 -36.60 26.32
CA LYS J 76 8.50 -35.80 26.95
C LYS J 76 8.67 -34.46 26.23
N LEU J 77 8.65 -34.49 24.90
CA LEU J 77 8.77 -33.24 24.13
C LEU J 77 7.61 -32.30 24.45
N ASN J 78 6.43 -32.85 24.73
CA ASN J 78 5.29 -32.01 25.09
C ASN J 78 5.60 -31.16 26.32
N LYS J 79 6.06 -31.80 27.40
CA LYS J 79 6.42 -31.05 28.59
C LYS J 79 7.57 -30.09 28.31
N GLU J 80 8.53 -30.52 27.50
CA GLU J 80 9.68 -29.67 27.23
C GLU J 80 9.27 -28.38 26.54
N SER J 81 8.37 -28.47 25.56
CA SER J 81 8.10 -27.33 24.69
C SER J 81 7.23 -26.26 25.36
N ILE J 82 6.63 -26.56 26.51
CA ILE J 82 5.69 -25.61 27.10
C ILE J 82 6.39 -24.31 27.48
N GLU J 83 7.65 -24.40 27.94
CA GLU J 83 8.38 -23.19 28.29
C GLU J 83 8.56 -22.27 27.09
N ASN J 84 8.42 -22.79 25.87
CA ASN J 84 8.33 -21.96 24.68
C ASN J 84 6.90 -21.43 24.59
N ARG J 85 6.53 -20.85 23.44
CA ARG J 85 5.24 -20.23 23.23
C ARG J 85 5.12 -18.89 23.93
N GLN J 86 6.16 -18.45 24.64
CA GLN J 86 6.11 -17.13 25.26
C GLN J 86 5.94 -16.04 24.22
N VAL J 87 6.53 -16.23 23.04
CA VAL J 87 6.67 -15.18 22.04
C VAL J 87 6.26 -15.73 20.69
N THR J 88 6.25 -14.84 19.70
CA THR J 88 6.07 -15.19 18.30
C THR J 88 7.04 -14.36 17.48
N LYS J 89 7.71 -15.02 16.52
CA LYS J 89 8.70 -14.38 15.66
C LYS J 89 9.72 -13.53 16.44
N VAL J 90 10.52 -14.25 17.24
CA VAL J 90 11.48 -13.59 18.13
C VAL J 90 12.27 -12.52 17.36
N GLU J 91 12.98 -12.94 16.31
CA GLU J 91 13.65 -12.02 15.41
C GLU J 91 13.14 -12.16 13.99
N ASP J 92 13.26 -13.35 13.41
CA ASP J 92 12.61 -13.69 12.15
C ASP J 92 11.88 -15.02 12.13
N ILE J 93 11.80 -15.72 13.25
CA ILE J 93 11.31 -17.08 13.32
C ILE J 93 9.92 -17.03 13.94
N THR J 94 8.90 -17.08 13.10
CA THR J 94 7.55 -17.30 13.59
C THR J 94 7.35 -18.80 13.80
N MET J 95 6.70 -19.15 14.91
CA MET J 95 6.53 -20.53 15.30
C MET J 95 5.07 -20.92 15.24
N ASN J 96 4.83 -22.19 14.90
CA ASN J 96 3.48 -22.71 14.88
C ASN J 96 2.88 -22.65 16.28
N MET J 97 1.90 -21.77 16.49
CA MET J 97 1.24 -21.69 17.78
C MET J 97 0.45 -22.96 18.09
N ASN J 98 0.22 -23.81 17.09
CA ASN J 98 -0.49 -25.07 17.28
C ASN J 98 0.45 -26.25 17.55
N TYR J 99 1.77 -26.00 17.59
CA TYR J 99 2.74 -27.06 17.80
C TYR J 99 2.29 -28.06 18.85
N ILE J 100 1.83 -27.56 20.00
CA ILE J 100 1.30 -28.45 21.02
C ILE J 100 0.15 -29.26 20.46
N GLY J 101 -0.73 -28.64 19.70
CA GLY J 101 -1.80 -29.39 19.05
C GLY J 101 -1.24 -30.45 18.12
N ASP J 102 -0.16 -30.12 17.40
CA ASP J 102 0.45 -31.09 16.51
C ASP J 102 0.91 -32.33 17.27
N ILE J 103 1.59 -32.12 18.40
CA ILE J 103 2.10 -33.27 19.15
C ILE J 103 0.95 -34.03 19.80
N LYS J 104 -0.11 -33.34 20.23
CA LYS J 104 -1.28 -34.06 20.73
C LYS J 104 -1.86 -34.96 19.66
N ASP J 105 -1.99 -34.43 18.43
CA ASP J 105 -2.50 -35.23 17.34
C ASP J 105 -1.59 -36.42 17.07
N GLU J 106 -0.28 -36.20 17.12
CA GLU J 106 0.65 -37.31 16.92
C GLU J 106 0.47 -38.39 17.99
N LEU J 107 0.32 -37.97 19.25
CA LEU J 107 0.15 -38.95 20.32
C LEU J 107 -1.13 -39.76 20.14
N VAL J 108 -2.23 -39.08 19.81
CA VAL J 108 -3.48 -39.83 19.61
C VAL J 108 -3.34 -40.75 18.42
N THR J 109 -2.63 -40.33 17.37
CA THR J 109 -2.38 -41.21 16.24
C THR J 109 -1.62 -42.45 16.70
N GLU J 110 -0.60 -42.27 17.53
CA GLU J 110 0.19 -43.39 18.00
C GLU J 110 -0.65 -44.37 18.80
N VAL J 111 -1.47 -43.86 19.71
CA VAL J 111 -2.28 -44.77 20.53
C VAL J 111 -3.31 -45.50 19.66
N LYS J 112 -3.85 -44.80 18.65
CA LYS J 112 -4.75 -45.48 17.72
C LYS J 112 -4.04 -46.56 16.94
N LYS J 113 -2.80 -46.31 16.53
CA LYS J 113 -2.01 -47.35 15.86
C LYS J 113 -1.83 -48.55 16.78
N LEU J 114 -1.47 -48.29 18.04
CA LEU J 114 -1.38 -49.37 19.02
C LEU J 114 -2.66 -50.19 19.04
N ALA J 115 -3.78 -49.53 19.32
CA ALA J 115 -5.05 -50.25 19.43
C ALA J 115 -5.36 -51.03 18.16
N ARG J 116 -5.01 -50.48 17.00
CA ARG J 116 -5.32 -51.14 15.74
C ARG J 116 -4.43 -52.34 15.48
N ILE J 117 -3.19 -52.32 15.94
CA ILE J 117 -2.31 -53.46 15.74
C ILE J 117 -2.87 -54.69 16.43
N LEU J 118 -3.47 -54.50 17.60
CA LEU J 118 -4.08 -55.59 18.35
C LEU J 118 -5.52 -55.84 17.96
N LYS J 119 -6.03 -55.15 16.94
CA LYS J 119 -7.41 -55.31 16.49
C LYS J 119 -8.41 -54.96 17.58
N LEU J 120 -7.97 -54.22 18.60
CA LEU J 120 -8.82 -53.93 19.74
C LEU J 120 -9.37 -52.51 19.65
N PRO J 121 -10.52 -52.26 20.28
CA PRO J 121 -11.10 -50.92 20.27
C PRO J 121 -10.45 -50.01 21.30
N VAL J 122 -10.03 -48.85 20.83
CA VAL J 122 -9.40 -47.84 21.68
C VAL J 122 -10.49 -47.25 22.56
N LEU J 123 -10.38 -47.46 23.85
CA LEU J 123 -11.35 -46.93 24.81
C LEU J 123 -10.87 -45.67 25.51
N ASP J 124 -11.72 -45.10 26.36
CA ASP J 124 -11.33 -43.94 27.13
C ASP J 124 -10.06 -44.26 27.92
N ASN J 125 -8.98 -43.57 27.59
CA ASN J 125 -7.58 -43.49 27.99
C ASN J 125 -7.13 -42.09 28.34
N LEU J 126 -5.89 -42.01 28.86
CA LEU J 126 -5.36 -40.73 29.33
C LEU J 126 -5.11 -39.75 28.18
N TYR J 127 -4.94 -40.24 26.96
CA TYR J 127 -4.59 -39.36 25.85
C TYR J 127 -5.82 -38.96 25.04
N VAL J 128 -6.79 -39.86 24.92
CA VAL J 128 -8.02 -39.60 24.18
C VAL J 128 -9.19 -39.69 25.14
N SER J 129 -10.11 -38.73 25.04
CA SER J 129 -11.29 -38.70 25.90
C SER J 129 -12.51 -38.33 25.06
N TYR J 130 -13.52 -39.19 25.09
CA TYR J 130 -14.80 -38.97 24.42
C TYR J 130 -14.67 -39.12 22.90
N ASP J 131 -13.46 -39.36 22.41
CA ASP J 131 -13.23 -39.74 21.02
C ASP J 131 -12.53 -41.10 21.04
N ASP J 132 -13.34 -42.15 21.11
CA ASP J 132 -12.84 -43.51 21.27
C ASP J 132 -13.94 -44.45 20.81
N VAL J 133 -13.61 -45.74 20.74
CA VAL J 133 -14.52 -46.75 20.20
C VAL J 133 -14.80 -47.81 21.26
N GLU J 134 -16.08 -48.11 21.46
CA GLU J 134 -16.61 -49.28 22.14
C GLU J 134 -16.49 -49.23 23.66
N GLY J 135 -15.80 -48.24 24.24
CA GLY J 135 -15.79 -48.11 25.68
C GLY J 135 -15.39 -49.39 26.38
N ARG J 136 -16.17 -49.74 27.41
CA ARG J 136 -15.86 -50.92 28.23
C ARG J 136 -15.91 -52.20 27.38
N ILE J 137 -17.10 -52.54 26.87
CA ILE J 137 -17.29 -53.71 26.01
C ILE J 137 -18.04 -53.36 24.74
N GLY J 138 -19.12 -52.60 24.86
CA GLY J 138 -19.91 -52.18 23.73
C GLY J 138 -20.43 -50.77 23.88
N ALA J 139 -19.83 -50.02 24.81
CA ALA J 139 -20.33 -48.69 25.15
C ALA J 139 -20.49 -47.82 23.91
N ASN J 140 -19.48 -47.78 23.06
CA ASN J 140 -19.52 -46.96 21.85
C ASN J 140 -19.33 -47.82 20.60
N THR K 9 9.91 -24.12 47.69
CA THR K 9 10.20 -25.48 48.11
C THR K 9 8.92 -26.22 48.50
N HIS K 10 8.17 -26.63 47.48
CA HIS K 10 6.95 -27.38 47.73
C HIS K 10 7.31 -28.72 48.37
N PRO K 11 6.59 -29.18 49.39
CA PRO K 11 6.93 -30.46 50.01
C PRO K 11 7.07 -31.60 49.02
N LEU K 12 6.15 -31.70 48.05
CA LEU K 12 6.28 -32.74 47.04
C LEU K 12 7.51 -32.52 46.18
N GLU K 13 7.82 -31.26 45.85
CA GLU K 13 9.02 -30.96 45.09
C GLU K 13 10.27 -31.33 45.89
N SER K 14 10.29 -31.02 47.19
CA SER K 14 11.44 -31.36 48.01
C SER K 14 11.53 -32.86 48.23
N TYR K 15 10.42 -33.58 48.07
CA TYR K 15 10.47 -35.04 48.10
C TYR K 15 11.02 -35.60 46.80
N TYR K 16 10.61 -35.02 45.67
CA TYR K 16 10.98 -35.56 44.37
C TYR K 16 12.44 -35.27 44.02
N ASN K 17 12.91 -34.05 44.28
CA ASN K 17 14.24 -33.67 43.80
C ASN K 17 15.35 -34.59 44.27
N GLN K 18 15.10 -35.44 45.28
CA GLN K 18 16.12 -36.42 45.65
C GLN K 18 16.27 -37.48 44.58
N PHE K 19 15.16 -37.98 44.06
CA PHE K 19 15.17 -39.07 43.08
C PHE K 19 15.43 -38.46 41.71
N LEU K 20 16.68 -38.15 41.44
CA LEU K 20 17.05 -37.56 40.15
C LEU K 20 16.96 -38.57 39.03
N ASP K 21 17.42 -39.80 39.27
CA ASP K 21 17.37 -40.87 38.26
C ASP K 21 15.96 -41.46 38.27
N GLY K 22 15.10 -40.88 37.44
CA GLY K 22 13.73 -41.31 37.43
C GLY K 22 13.03 -40.88 38.72
N LEU K 23 11.89 -41.53 38.98
CA LEU K 23 11.16 -41.32 40.20
C LEU K 23 10.80 -42.66 40.81
N PRO K 24 10.64 -42.73 42.13
CA PRO K 24 10.37 -44.03 42.76
C PRO K 24 9.01 -44.56 42.32
N THR K 25 8.89 -45.89 42.31
CA THR K 25 7.67 -46.56 41.89
C THR K 25 7.08 -47.39 43.03
N SER K 26 7.30 -46.95 44.27
CA SER K 26 6.89 -47.75 45.42
C SER K 26 5.39 -47.63 45.66
N GLU K 27 4.94 -46.43 46.00
CA GLU K 27 3.53 -46.19 46.29
C GLU K 27 3.38 -44.70 46.56
N LEU K 28 2.12 -44.28 46.75
CA LEU K 28 1.81 -42.88 46.99
C LEU K 28 1.84 -42.61 48.48
N GLU K 29 2.69 -41.70 48.90
CA GLU K 29 2.75 -41.30 50.29
C GLU K 29 1.53 -40.46 50.65
N GLU K 30 1.27 -40.34 51.96
CA GLU K 30 0.15 -39.54 52.40
C GLU K 30 0.23 -38.12 51.85
N LEU K 31 1.43 -37.58 51.68
CA LEU K 31 1.57 -36.28 51.03
C LEU K 31 1.16 -36.35 49.57
N GLU K 32 1.67 -37.34 48.83
CA GLU K 32 1.30 -37.48 47.43
C GLU K 32 -0.18 -37.75 47.28
N ILE K 33 -0.73 -38.63 48.14
CA ILE K 33 -2.15 -38.93 48.08
C ILE K 33 -2.97 -37.68 48.37
N GLU K 34 -2.54 -36.91 49.37
CA GLU K 34 -3.24 -35.67 49.70
C GLU K 34 -3.22 -34.69 48.54
N PHE K 35 -2.06 -34.53 47.91
CA PHE K 35 -1.96 -33.63 46.77
C PHE K 35 -2.88 -34.08 45.63
N VAL K 36 -2.88 -35.36 45.31
CA VAL K 36 -3.76 -35.87 44.27
C VAL K 36 -5.21 -35.60 44.65
N ALA K 37 -5.59 -35.95 45.87
CA ALA K 37 -6.94 -35.71 46.33
C ALA K 37 -7.34 -34.25 46.11
N MET K 38 -6.44 -33.33 46.46
CA MET K 38 -6.74 -31.92 46.27
C MET K 38 -6.92 -31.59 44.79
N CYS K 39 -6.07 -32.17 43.93
CA CYS K 39 -6.11 -31.84 42.51
C CYS K 39 -7.36 -32.32 41.80
N ILE K 40 -8.03 -33.34 42.32
CA ILE K 40 -9.27 -33.81 41.72
C ILE K 40 -10.43 -33.57 42.68
N GLY K 41 -10.19 -32.76 43.71
CA GLY K 41 -11.26 -32.39 44.62
C GLY K 41 -11.88 -33.54 45.37
N PHE K 42 -11.16 -34.66 45.49
CA PHE K 42 -11.69 -35.81 46.20
C PHE K 42 -11.17 -35.81 47.63
N PRO K 43 -12.01 -35.61 48.64
CA PRO K 43 -11.56 -35.86 50.00
C PRO K 43 -11.06 -37.29 50.14
N ARG K 44 -9.92 -37.45 50.83
CA ARG K 44 -9.27 -38.75 50.93
C ARG K 44 -10.20 -39.81 51.49
N SER K 45 -10.99 -39.50 52.51
CA SER K 45 -11.77 -40.51 53.20
C SER K 45 -12.80 -41.18 52.31
N GLN K 46 -13.13 -40.56 51.17
CA GLN K 46 -14.14 -41.14 50.29
C GLN K 46 -13.79 -42.59 49.96
N ASN K 47 -14.75 -43.48 50.19
CA ASN K 47 -14.49 -44.91 50.02
C ASN K 47 -14.08 -45.23 48.59
N ASN K 48 -14.79 -44.66 47.60
CA ASN K 48 -14.44 -44.91 46.21
C ASN K 48 -13.01 -44.48 45.91
N PHE K 49 -12.60 -43.33 46.47
CA PHE K 49 -11.25 -42.84 46.24
C PHE K 49 -10.21 -43.84 46.72
N VAL K 50 -10.31 -44.27 47.97
CA VAL K 50 -9.35 -45.22 48.50
C VAL K 50 -9.40 -46.53 47.72
N ASN K 51 -10.61 -47.03 47.43
CA ASN K 51 -10.73 -48.24 46.63
C ASN K 51 -9.96 -48.11 45.32
N ALA K 52 -10.08 -46.96 44.65
CA ALA K 52 -9.28 -46.72 43.45
C ALA K 52 -7.80 -46.72 43.77
N LEU K 53 -7.42 -46.21 44.95
CA LEU K 53 -6.01 -46.21 45.32
C LEU K 53 -5.42 -47.61 45.36
N LEU K 54 -6.24 -48.64 45.56
CA LEU K 54 -5.78 -50.02 45.43
C LEU K 54 -5.73 -50.40 43.96
N ASP K 55 -5.24 -51.61 43.69
CA ASP K 55 -5.09 -52.12 42.33
C ASP K 55 -4.11 -51.28 41.50
N LEU K 56 -3.37 -50.39 42.15
CA LEU K 56 -2.44 -49.52 41.43
C LEU K 56 -1.25 -50.32 40.93
N SER K 57 -0.88 -50.10 39.68
CA SER K 57 0.26 -50.78 39.08
C SER K 57 1.48 -49.86 39.09
N THR K 58 2.62 -50.43 38.68
CA THR K 58 3.88 -49.69 38.76
C THR K 58 3.88 -48.48 37.85
N ILE K 59 3.71 -48.71 36.54
CA ILE K 59 3.76 -47.60 35.59
C ILE K 59 2.67 -46.60 35.88
N GLU K 60 1.52 -47.05 36.39
CA GLU K 60 0.48 -46.12 36.78
C GLU K 60 1.02 -45.12 37.81
N VAL K 61 1.66 -45.65 38.86
CA VAL K 61 2.21 -44.77 39.90
C VAL K 61 3.27 -43.85 39.32
N TYR K 62 4.13 -44.39 38.46
CA TYR K 62 5.20 -43.58 37.90
C TYR K 62 4.63 -42.41 37.09
N THR K 63 3.65 -42.69 36.24
CA THR K 63 3.04 -41.64 35.43
C THR K 63 2.30 -40.64 36.30
N ILE K 64 1.65 -41.12 37.36
CA ILE K 64 0.99 -40.20 38.29
C ILE K 64 1.99 -39.22 38.88
N ARG K 65 3.14 -39.73 39.32
CA ARG K 65 4.14 -38.87 39.91
C ARG K 65 4.70 -37.89 38.88
N THR K 66 4.91 -38.35 37.66
CA THR K 66 5.37 -37.45 36.60
C THR K 66 4.36 -36.33 36.37
N SER K 67 3.08 -36.68 36.30
CA SER K 67 2.04 -35.68 36.08
C SER K 67 1.99 -34.69 37.24
N VAL K 68 2.15 -35.18 38.47
CA VAL K 68 2.17 -34.28 39.62
C VAL K 68 3.34 -33.31 39.52
N LYS K 69 4.52 -33.81 39.15
CA LYS K 69 5.67 -32.94 38.99
C LYS K 69 5.39 -31.89 37.90
N GLU K 70 4.76 -32.30 36.82
CA GLU K 70 4.42 -31.35 35.77
C GLU K 70 3.43 -30.32 36.27
N ILE K 71 2.46 -30.74 37.08
CA ILE K 71 1.52 -29.80 37.68
C ILE K 71 2.28 -28.73 38.44
N LEU K 72 3.20 -29.15 39.29
CA LEU K 72 3.96 -28.18 40.07
C LEU K 72 4.76 -27.25 39.16
N ARG K 73 5.40 -27.82 38.13
CA ARG K 73 6.23 -27.00 37.25
C ARG K 73 5.39 -25.93 36.56
N LEU K 74 4.26 -26.33 35.98
CA LEU K 74 3.41 -25.37 35.29
C LEU K 74 2.84 -24.34 36.25
N ASP K 75 2.47 -24.77 37.47
CA ASP K 75 1.94 -23.82 38.44
C ASP K 75 2.97 -22.75 38.76
N LYS K 76 4.23 -23.15 38.96
CA LYS K 76 5.28 -22.17 39.20
C LYS K 76 5.49 -21.27 37.98
N LEU K 77 5.50 -21.88 36.79
CA LEU K 77 5.70 -21.10 35.57
C LEU K 77 4.63 -20.04 35.40
N ASN K 78 3.40 -20.32 35.85
CA ASN K 78 2.35 -19.33 35.74
C ASN K 78 2.70 -18.05 36.50
N LYS K 79 3.10 -18.19 37.77
CA LYS K 79 3.45 -17.02 38.56
C LYS K 79 4.72 -16.37 38.04
N GLU K 80 5.63 -17.16 37.46
CA GLU K 80 6.80 -16.57 36.82
C GLU K 80 6.40 -15.66 35.68
N SER K 81 5.50 -16.13 34.81
CA SER K 81 5.20 -15.41 33.58
C SER K 81 4.19 -14.29 33.76
N ILE K 82 3.38 -14.33 34.83
CA ILE K 82 2.34 -13.31 34.95
C ILE K 82 2.93 -11.91 34.93
N GLU K 83 4.18 -11.73 35.37
CA GLU K 83 4.81 -10.43 35.25
C GLU K 83 4.89 -9.98 33.80
N ASN K 84 5.13 -10.91 32.88
CA ASN K 84 5.01 -10.63 31.46
C ASN K 84 3.55 -10.36 31.15
N ARG K 85 3.24 -10.13 29.89
CA ARG K 85 2.00 -9.56 29.39
C ARG K 85 1.98 -8.05 29.60
N GLN K 86 2.97 -7.48 30.27
CA GLN K 86 3.05 -6.04 30.42
C GLN K 86 3.33 -5.33 29.10
N VAL K 87 3.85 -6.04 28.10
CA VAL K 87 4.29 -5.40 26.87
C VAL K 87 4.06 -6.36 25.71
N THR K 88 4.34 -5.86 24.50
CA THR K 88 4.26 -6.67 23.29
C THR K 88 5.40 -6.26 22.37
N LYS K 89 5.96 -7.25 21.66
CA LYS K 89 7.01 -7.02 20.67
C LYS K 89 8.14 -6.06 21.06
N VAL K 90 8.94 -6.45 22.05
CA VAL K 90 9.92 -5.56 22.66
C VAL K 90 10.79 -4.88 21.60
N GLU K 91 11.55 -5.67 20.84
CA GLU K 91 12.25 -5.18 19.66
C GLU K 91 11.73 -5.84 18.39
N ASP K 92 11.81 -7.17 18.35
CA ASP K 92 11.07 -7.99 17.40
C ASP K 92 10.28 -9.13 18.01
N ILE K 93 10.35 -9.29 19.34
CA ILE K 93 9.81 -10.44 20.02
C ILE K 93 8.35 -10.13 20.35
N THR K 94 7.43 -10.50 19.46
CA THR K 94 6.03 -10.43 19.80
C THR K 94 5.73 -11.45 20.90
N MET K 95 4.68 -11.17 21.67
CA MET K 95 4.36 -11.96 22.84
C MET K 95 3.08 -12.73 22.61
N ASN K 96 3.13 -14.04 22.85
CA ASN K 96 1.93 -14.86 22.78
C ASN K 96 0.96 -14.43 23.86
N MET K 97 -0.11 -13.74 23.47
CA MET K 97 -0.97 -13.11 24.46
C MET K 97 -1.85 -14.12 25.19
N ASN K 98 -2.19 -15.23 24.56
CA ASN K 98 -2.97 -16.28 25.22
C ASN K 98 -2.09 -17.30 25.92
N TYR K 99 -0.78 -17.08 25.96
CA TYR K 99 0.16 -18.00 26.58
C TYR K 99 -0.36 -18.51 27.92
N ILE K 100 -0.84 -17.60 28.76
CA ILE K 100 -1.43 -18.00 30.02
C ILE K 100 -2.58 -18.97 29.77
N GLY K 101 -3.37 -18.72 28.74
CA GLY K 101 -4.40 -19.67 28.36
C GLY K 101 -3.83 -21.04 28.05
N ASP K 102 -2.69 -21.08 27.37
CA ASP K 102 -2.05 -22.36 27.08
C ASP K 102 -1.63 -23.05 28.38
N ILE K 103 -1.09 -22.29 29.33
CA ILE K 103 -0.70 -22.86 30.61
C ILE K 103 -1.92 -23.48 31.30
N LYS K 104 -3.02 -22.73 31.34
CA LYS K 104 -4.22 -23.25 31.98
C LYS K 104 -4.70 -24.52 31.29
N ASP K 105 -4.69 -24.51 29.95
CA ASP K 105 -5.18 -25.67 29.22
C ASP K 105 -4.31 -26.89 29.49
N GLU K 106 -2.99 -26.74 29.49
CA GLU K 106 -2.12 -27.87 29.78
C GLU K 106 -2.31 -28.35 31.21
N LEU K 107 -2.52 -27.42 32.14
CA LEU K 107 -2.73 -27.82 33.53
C LEU K 107 -4.00 -28.67 33.67
N VAL K 108 -5.10 -28.20 33.09
CA VAL K 108 -6.34 -28.97 33.16
C VAL K 108 -6.17 -30.29 32.41
N THR K 109 -5.36 -30.31 31.35
CA THR K 109 -5.08 -31.56 30.67
C THR K 109 -4.41 -32.55 31.61
N GLU K 110 -3.44 -32.07 32.38
CA GLU K 110 -2.77 -32.95 33.35
C GLU K 110 -3.75 -33.44 34.40
N VAL K 111 -4.63 -32.57 34.89
CA VAL K 111 -5.60 -32.99 35.90
C VAL K 111 -6.50 -34.08 35.33
N LYS K 112 -7.00 -33.88 34.10
CA LYS K 112 -7.84 -34.89 33.49
C LYS K 112 -7.06 -36.18 33.27
N LYS K 113 -5.77 -36.05 32.94
CA LYS K 113 -4.94 -37.24 32.79
C LYS K 113 -4.90 -38.04 34.08
N LEU K 114 -4.68 -37.36 35.20
CA LEU K 114 -4.73 -38.04 36.50
C LEU K 114 -6.07 -38.72 36.70
N ALA K 115 -7.16 -37.98 36.46
CA ALA K 115 -8.49 -38.56 36.62
C ALA K 115 -8.64 -39.83 35.82
N ARG K 116 -8.18 -39.84 34.56
CA ARG K 116 -8.25 -41.04 33.75
C ARG K 116 -7.39 -42.16 34.33
N ILE K 117 -6.22 -41.81 34.88
CA ILE K 117 -5.39 -42.84 35.49
C ILE K 117 -6.15 -43.54 36.61
N LEU K 118 -6.83 -42.77 37.46
CA LEU K 118 -7.59 -43.35 38.56
C LEU K 118 -8.98 -43.81 38.14
N LYS K 119 -9.34 -43.66 36.87
CA LYS K 119 -10.64 -44.10 36.36
C LYS K 119 -11.79 -43.37 37.06
N LEU K 120 -11.49 -42.35 37.84
CA LEU K 120 -12.49 -41.69 38.66
C LEU K 120 -13.04 -40.47 37.95
N PRO K 121 -14.29 -40.09 38.22
CA PRO K 121 -14.83 -38.86 37.66
C PRO K 121 -14.03 -37.66 38.13
N VAL K 122 -13.78 -36.75 37.20
CA VAL K 122 -13.12 -35.48 37.52
C VAL K 122 -14.19 -34.51 37.98
N LEU K 123 -14.07 -34.05 39.22
CA LEU K 123 -15.04 -33.15 39.83
C LEU K 123 -14.45 -31.79 40.16
N ASP K 124 -15.35 -30.84 40.48
CA ASP K 124 -14.93 -29.49 40.83
C ASP K 124 -13.87 -29.54 41.91
N ASN K 125 -12.65 -29.10 41.60
CA ASN K 125 -11.34 -28.92 42.18
C ASN K 125 -10.82 -27.51 42.01
N LEU K 126 -9.56 -27.30 42.38
CA LEU K 126 -9.00 -25.95 42.42
C LEU K 126 -8.52 -25.47 41.05
N TYR K 127 -8.29 -26.37 40.11
CA TYR K 127 -7.73 -25.98 38.82
C TYR K 127 -8.81 -25.87 37.74
N VAL K 128 -9.53 -26.94 37.49
CA VAL K 128 -10.49 -27.00 36.40
C VAL K 128 -11.84 -26.46 36.88
N SER K 129 -12.63 -25.96 35.93
CA SER K 129 -13.95 -25.43 36.21
C SER K 129 -14.96 -25.97 35.20
N TYR K 130 -16.14 -26.30 35.70
CA TYR K 130 -17.29 -26.70 34.88
C TYR K 130 -17.12 -28.09 34.30
N ASP K 131 -15.95 -28.70 34.45
CA ASP K 131 -15.73 -30.10 34.09
C ASP K 131 -15.90 -30.91 35.35
N ASP K 132 -17.13 -30.92 35.86
CA ASP K 132 -17.48 -31.59 37.12
C ASP K 132 -18.53 -32.64 36.77
N VAL K 133 -18.07 -33.87 36.55
CA VAL K 133 -18.92 -34.95 36.06
C VAL K 133 -19.48 -35.71 37.26
N GLU K 134 -20.81 -35.81 37.32
CA GLU K 134 -21.50 -36.69 38.25
C GLU K 134 -21.02 -36.49 39.69
N GLY K 135 -20.89 -35.24 40.10
CA GLY K 135 -20.63 -34.46 41.31
C GLY K 135 -19.69 -35.20 42.23
N ARG K 136 -20.03 -35.28 43.52
CA ARG K 136 -19.26 -36.15 44.41
C ARG K 136 -19.49 -37.62 44.07
N ILE K 137 -20.75 -38.04 43.97
CA ILE K 137 -21.10 -39.37 43.52
C ILE K 137 -22.38 -39.27 42.68
N GLY K 138 -22.23 -39.29 41.36
CA GLY K 138 -23.40 -39.28 40.49
C GLY K 138 -24.07 -37.93 40.40
N ALA K 139 -23.87 -37.07 41.39
CA ALA K 139 -24.58 -35.80 41.46
C ALA K 139 -24.26 -34.95 40.24
N ASN K 140 -25.32 -34.36 39.67
CA ASN K 140 -25.20 -33.54 38.46
C ASN K 140 -24.24 -34.15 37.43
N THR L 9 3.81 -2.15 54.22
CA THR L 9 4.12 -3.56 54.42
C THR L 9 2.94 -4.28 55.07
N HIS L 10 2.32 -5.17 54.30
CA HIS L 10 1.20 -5.93 54.82
C HIS L 10 1.64 -6.80 55.99
N PRO L 11 0.78 -6.99 56.99
CA PRO L 11 1.17 -7.92 58.07
C PRO L 11 1.60 -9.28 57.57
N LEU L 12 0.77 -9.92 56.75
CA LEU L 12 1.13 -11.22 56.20
C LEU L 12 2.42 -11.15 55.40
N GLU L 13 2.69 -10.02 54.75
CA GLU L 13 3.92 -9.88 53.98
C GLU L 13 5.13 -10.16 54.85
N SER L 14 5.32 -9.35 55.90
CA SER L 14 6.44 -9.57 56.81
C SER L 14 6.36 -10.95 57.45
N TYR L 15 5.15 -11.34 57.87
CA TYR L 15 4.98 -12.62 58.53
C TYR L 15 5.61 -13.74 57.72
N TYR L 16 5.28 -13.81 56.43
CA TYR L 16 5.87 -14.82 55.56
C TYR L 16 7.33 -14.53 55.26
N ASN L 17 7.70 -13.26 55.11
CA ASN L 17 9.08 -12.94 54.76
C ASN L 17 10.06 -13.45 55.82
N GLN L 18 9.61 -13.53 57.08
CA GLN L 18 10.48 -14.15 58.08
C GLN L 18 10.75 -15.62 57.80
N PHE L 19 9.97 -16.26 56.93
CA PHE L 19 10.14 -17.66 56.57
C PHE L 19 10.51 -17.71 55.10
N LEU L 20 11.78 -18.00 54.81
CA LEU L 20 12.26 -18.03 53.44
C LEU L 20 12.28 -19.43 52.84
N ASP L 21 12.44 -20.46 53.65
CA ASP L 21 12.47 -21.84 53.17
C ASP L 21 11.03 -22.31 53.01
N GLY L 22 10.51 -22.19 51.80
CA GLY L 22 9.11 -22.49 51.59
C GLY L 22 8.25 -21.62 52.49
N LEU L 23 7.22 -22.23 53.07
CA LEU L 23 6.35 -21.55 54.02
C LEU L 23 5.99 -22.50 55.14
N PRO L 24 5.68 -21.99 56.33
CA PRO L 24 5.24 -22.88 57.40
C PRO L 24 3.90 -23.52 57.05
N THR L 25 3.69 -24.73 57.57
CA THR L 25 2.54 -25.53 57.18
C THR L 25 1.76 -26.07 58.37
N SER L 26 2.11 -25.69 59.60
CA SER L 26 1.46 -26.29 60.76
C SER L 26 -0.03 -25.98 60.79
N GLU L 27 -0.38 -24.70 60.97
CA GLU L 27 -1.76 -24.30 61.16
C GLU L 27 -1.98 -22.92 60.56
N LEU L 28 -3.24 -22.58 60.35
CA LEU L 28 -3.59 -21.24 59.90
C LEU L 28 -3.66 -20.31 61.09
N GLU L 29 -3.01 -19.17 60.98
CA GLU L 29 -2.98 -18.19 62.05
C GLU L 29 -4.27 -17.39 62.05
N GLU L 30 -4.67 -16.95 63.24
CA GLU L 30 -5.88 -16.14 63.34
C GLU L 30 -5.80 -14.94 62.41
N LEU L 31 -4.60 -14.40 62.19
CA LEU L 31 -4.42 -13.37 61.18
C LEU L 31 -4.68 -13.92 59.78
N GLU L 32 -4.09 -15.07 59.46
CA GLU L 32 -4.33 -15.68 58.15
C GLU L 32 -5.79 -16.07 57.99
N ILE L 33 -6.39 -16.61 59.06
CA ILE L 33 -7.80 -16.98 59.00
C ILE L 33 -8.65 -15.74 58.74
N GLU L 34 -8.33 -14.64 59.41
CA GLU L 34 -9.05 -13.39 59.20
C GLU L 34 -8.91 -12.91 57.77
N PHE L 35 -7.69 -13.00 57.22
CA PHE L 35 -7.48 -12.58 55.83
C PHE L 35 -8.29 -13.43 54.88
N VAL L 36 -8.31 -14.75 55.10
CA VAL L 36 -9.10 -15.64 54.25
C VAL L 36 -10.57 -15.25 54.33
N ALA L 37 -11.08 -15.06 55.54
CA ALA L 37 -12.47 -14.65 55.72
C ALA L 37 -12.75 -13.37 54.94
N MET L 38 -11.87 -12.39 55.06
CA MET L 38 -12.08 -11.11 54.40
C MET L 38 -12.10 -11.27 52.87
N CYS L 39 -11.13 -12.02 52.33
CA CYS L 39 -11.01 -12.12 50.88
C CYS L 39 -12.03 -13.05 50.26
N ILE L 40 -12.65 -13.93 51.05
CA ILE L 40 -13.77 -14.73 50.57
C ILE L 40 -15.11 -14.09 50.87
N GLY L 41 -15.19 -13.19 51.85
CA GLY L 41 -16.44 -12.60 52.25
C GLY L 41 -17.14 -13.30 53.39
N PHE L 42 -16.66 -14.47 53.80
CA PHE L 42 -17.23 -15.17 54.94
C PHE L 42 -16.91 -14.40 56.21
N PRO L 43 -17.91 -14.00 57.01
CA PRO L 43 -17.59 -13.50 58.35
C PRO L 43 -16.85 -14.55 59.15
N ARG L 44 -15.84 -14.10 59.91
CA ARG L 44 -14.97 -15.02 60.63
C ARG L 44 -15.75 -15.95 61.55
N SER L 45 -16.86 -15.50 62.11
CA SER L 45 -17.61 -16.27 63.09
C SER L 45 -18.59 -17.26 62.47
N GLN L 46 -18.78 -17.22 61.15
CA GLN L 46 -19.76 -18.11 60.53
C GLN L 46 -19.45 -19.56 60.87
N ASN L 47 -20.48 -20.29 61.32
CA ASN L 47 -20.25 -21.65 61.78
C ASN L 47 -19.74 -22.55 60.66
N ASN L 48 -20.35 -22.45 59.48
CA ASN L 48 -19.90 -23.26 58.36
C ASN L 48 -18.44 -22.96 58.02
N PHE L 49 -18.06 -21.68 58.08
CA PHE L 49 -16.68 -21.30 57.78
C PHE L 49 -15.71 -21.98 58.75
N VAL L 50 -15.99 -21.88 60.06
CA VAL L 50 -15.08 -22.48 61.04
C VAL L 50 -15.06 -23.99 60.87
N ASN L 51 -16.21 -24.60 60.59
CA ASN L 51 -16.24 -26.04 60.35
C ASN L 51 -15.34 -26.41 59.17
N ALA L 52 -15.43 -25.64 58.08
CA ALA L 52 -14.54 -25.87 56.95
C ALA L 52 -13.08 -25.70 57.34
N LEU L 53 -12.80 -24.78 58.26
CA LEU L 53 -11.44 -24.59 58.75
C LEU L 53 -10.89 -25.81 59.47
N LEU L 54 -11.75 -26.74 59.87
CA LEU L 54 -11.33 -27.93 60.58
C LEU L 54 -10.98 -29.05 59.60
N ASP L 55 -10.20 -30.01 60.09
CA ASP L 55 -9.92 -31.25 59.38
C ASP L 55 -9.07 -31.02 58.14
N LEU L 56 -8.36 -29.90 58.06
CA LEU L 56 -7.51 -29.61 56.92
C LEU L 56 -6.25 -30.46 56.96
N SER L 57 -5.64 -30.63 55.79
CA SER L 57 -4.40 -31.36 55.65
C SER L 57 -3.26 -30.38 55.34
N THR L 58 -2.03 -30.86 55.48
CA THR L 58 -0.87 -29.97 55.38
C THR L 58 -0.77 -29.32 54.00
N ILE L 59 -0.86 -30.11 52.94
CA ILE L 59 -0.73 -29.54 51.60
C ILE L 59 -1.84 -28.53 51.34
N GLU L 60 -3.02 -28.77 51.90
CA GLU L 60 -4.10 -27.80 51.76
C GLU L 60 -3.65 -26.44 52.28
N VAL L 61 -3.12 -26.38 53.50
CA VAL L 61 -2.73 -25.10 54.07
C VAL L 61 -1.55 -24.53 53.29
N TYR L 62 -0.65 -25.38 52.82
CA TYR L 62 0.47 -24.87 52.02
C TYR L 62 -0.03 -24.17 50.77
N THR L 63 -0.99 -24.78 50.07
CA THR L 63 -1.57 -24.15 48.90
C THR L 63 -2.32 -22.88 49.26
N ILE L 64 -3.01 -22.89 50.42
CA ILE L 64 -3.71 -21.68 50.85
C ILE L 64 -2.72 -20.54 51.01
N ARG L 65 -1.59 -20.80 51.66
CA ARG L 65 -0.61 -19.75 51.89
C ARG L 65 0.03 -19.30 50.59
N THR L 66 0.28 -20.24 49.67
CA THR L 66 0.77 -19.86 48.36
C THR L 66 -0.21 -18.91 47.67
N SER L 67 -1.50 -19.26 47.72
CA SER L 67 -2.51 -18.43 47.08
C SER L 67 -2.57 -17.06 47.74
N VAL L 68 -2.44 -17.00 49.06
CA VAL L 68 -2.48 -15.72 49.75
C VAL L 68 -1.29 -14.85 49.34
N LYS L 69 -0.11 -15.45 49.26
CA LYS L 69 1.07 -14.69 48.83
C LYS L 69 0.87 -14.17 47.41
N GLU L 70 0.35 -15.01 46.52
CA GLU L 70 0.08 -14.55 45.16
C GLU L 70 -0.94 -13.43 45.16
N ILE L 71 -1.97 -13.53 46.01
CA ILE L 71 -2.97 -12.47 46.10
C ILE L 71 -2.30 -11.16 46.44
N LEU L 72 -1.46 -11.17 47.48
CA LEU L 72 -0.80 -9.93 47.89
C LEU L 72 0.12 -9.40 46.80
N ARG L 73 0.89 -10.29 46.16
CA ARG L 73 1.82 -9.86 45.14
C ARG L 73 1.09 -9.21 43.98
N LEU L 74 0.04 -9.86 43.48
CA LEU L 74 -0.73 -9.29 42.37
C LEU L 74 -1.44 -8.02 42.79
N ASP L 75 -1.90 -7.94 44.04
CA ASP L 75 -2.52 -6.71 44.51
C ASP L 75 -1.55 -5.55 44.43
N LYS L 76 -0.32 -5.74 44.92
CA LYS L 76 0.68 -4.68 44.82
C LYS L 76 0.97 -4.35 43.36
N LEU L 77 1.13 -5.37 42.53
CA LEU L 77 1.40 -5.15 41.12
C LEU L 77 0.31 -4.32 40.48
N ASN L 78 -0.94 -4.52 40.90
CA ASN L 78 -2.05 -3.70 40.41
C ASN L 78 -1.84 -2.24 40.76
N LYS L 79 -1.44 -1.96 42.00
CA LYS L 79 -1.24 -0.57 42.40
C LYS L 79 -0.11 0.07 41.60
N GLU L 80 1.00 -0.64 41.44
CA GLU L 80 2.17 -0.03 40.84
C GLU L 80 1.99 0.30 39.36
N SER L 81 1.17 -0.47 38.64
CA SER L 81 1.10 -0.33 37.20
C SER L 81 0.29 0.88 36.74
N ILE L 82 -0.58 1.43 37.58
CA ILE L 82 -1.49 2.46 37.11
C ILE L 82 -0.74 3.68 36.60
N GLU L 83 0.44 3.94 37.17
CA GLU L 83 1.28 5.00 36.63
C GLU L 83 1.62 4.77 35.17
N ASN L 84 1.63 3.51 34.73
CA ASN L 84 1.71 3.18 33.32
C ASN L 84 0.32 3.38 32.70
N ARG L 85 0.15 2.93 31.47
CA ARG L 85 -1.08 3.14 30.71
C ARG L 85 -1.17 4.57 30.22
N GLN L 86 -0.22 5.42 30.63
CA GLN L 86 -0.19 6.78 30.11
C GLN L 86 0.04 6.81 28.61
N VAL L 87 0.79 5.84 28.07
CA VAL L 87 1.25 5.86 26.70
C VAL L 87 1.03 4.48 26.08
N THR L 88 1.52 4.33 24.86
CA THR L 88 1.49 3.05 24.15
C THR L 88 2.61 3.06 23.13
N LYS L 89 3.40 1.98 23.11
CA LYS L 89 4.54 1.82 22.20
C LYS L 89 5.50 3.02 22.22
N VAL L 90 6.21 3.13 23.35
CA VAL L 90 7.06 4.29 23.59
C VAL L 90 7.95 4.57 22.38
N GLU L 91 8.76 3.59 21.98
CA GLU L 91 9.49 3.67 20.71
C GLU L 91 9.23 2.46 19.83
N ASP L 92 9.36 1.25 20.38
CA ASP L 92 8.76 0.07 19.77
C ASP L 92 8.11 -0.91 20.72
N ILE L 93 8.30 -0.74 22.03
CA ILE L 93 7.69 -1.61 23.03
C ILE L 93 6.25 -1.17 23.20
N THR L 94 5.33 -1.92 22.61
CA THR L 94 3.90 -1.70 22.79
C THR L 94 3.40 -2.59 23.91
N MET L 95 2.56 -2.02 24.76
CA MET L 95 2.15 -2.69 25.99
C MET L 95 0.70 -3.12 25.87
N ASN L 96 0.44 -4.33 26.35
CA ASN L 96 -0.92 -4.85 26.41
C ASN L 96 -1.78 -3.97 27.28
N MET L 97 -2.73 -3.25 26.67
CA MET L 97 -3.54 -2.32 27.43
C MET L 97 -4.46 -3.02 28.42
N ASN L 98 -4.62 -4.34 28.31
CA ASN L 98 -5.49 -5.09 29.19
C ASN L 98 -4.75 -5.73 30.34
N TYR L 99 -3.50 -5.30 30.60
CA TYR L 99 -2.74 -5.83 31.73
C TYR L 99 -3.55 -5.74 33.02
N ILE L 100 -4.26 -4.64 33.20
CA ILE L 100 -5.10 -4.49 34.39
C ILE L 100 -6.17 -5.59 34.41
N GLY L 101 -6.83 -5.81 33.28
CA GLY L 101 -7.81 -6.87 33.22
C GLY L 101 -7.21 -8.22 33.50
N ASP L 102 -5.99 -8.47 32.99
CA ASP L 102 -5.32 -9.74 33.24
C ASP L 102 -5.10 -9.95 34.72
N ILE L 103 -4.57 -8.94 35.42
CA ILE L 103 -4.29 -9.11 36.83
C ILE L 103 -5.58 -9.24 37.63
N LYS L 104 -6.63 -8.50 37.25
CA LYS L 104 -7.92 -8.64 37.92
C LYS L 104 -8.44 -10.07 37.80
N ASP L 105 -8.38 -10.61 36.59
CA ASP L 105 -8.86 -11.97 36.39
C ASP L 105 -8.01 -12.98 37.15
N GLU L 106 -6.70 -12.73 37.22
CA GLU L 106 -5.84 -13.60 38.00
C GLU L 106 -6.22 -13.57 39.47
N LEU L 107 -6.51 -12.38 39.99
CA LEU L 107 -6.95 -12.29 41.38
C LEU L 107 -8.24 -13.06 41.58
N VAL L 108 -9.19 -12.93 40.66
CA VAL L 108 -10.45 -13.64 40.79
C VAL L 108 -10.20 -15.15 40.80
N THR L 109 -9.32 -15.61 39.91
CA THR L 109 -9.00 -17.03 39.88
C THR L 109 -8.40 -17.50 41.19
N GLU L 110 -7.53 -16.68 41.79
CA GLU L 110 -6.94 -17.05 43.07
C GLU L 110 -7.99 -17.14 44.16
N VAL L 111 -8.92 -16.20 44.19
CA VAL L 111 -9.99 -16.26 45.19
C VAL L 111 -10.84 -17.50 44.98
N LYS L 112 -11.18 -17.82 43.73
CA LYS L 112 -11.91 -19.05 43.47
C LYS L 112 -11.10 -20.27 43.91
N LYS L 113 -9.78 -20.21 43.74
CA LYS L 113 -8.93 -21.30 44.18
C LYS L 113 -9.04 -21.49 45.68
N LEU L 114 -8.99 -20.40 46.44
CA LEU L 114 -9.24 -20.47 47.87
C LEU L 114 -10.58 -21.13 48.16
N ALA L 115 -11.63 -20.62 47.51
CA ALA L 115 -12.98 -21.14 47.75
C ALA L 115 -13.03 -22.64 47.51
N ARG L 116 -12.34 -23.12 46.47
CA ARG L 116 -12.37 -24.53 46.16
C ARG L 116 -11.53 -25.36 47.14
N ILE L 117 -10.44 -24.81 47.64
CA ILE L 117 -9.70 -25.53 48.67
C ILE L 117 -10.57 -25.70 49.91
N LEU L 118 -11.26 -24.63 50.32
CA LEU L 118 -12.13 -24.75 51.49
C LEU L 118 -13.40 -25.54 51.21
N LYS L 119 -13.66 -25.91 49.95
CA LYS L 119 -14.85 -26.64 49.57
C LYS L 119 -16.12 -25.81 49.73
N LEU L 120 -15.97 -24.49 49.88
CA LEU L 120 -17.11 -23.63 50.12
C LEU L 120 -17.42 -22.77 48.91
N PRO L 121 -18.70 -22.50 48.64
CA PRO L 121 -19.03 -21.51 47.61
C PRO L 121 -18.51 -20.13 47.99
N VAL L 122 -18.09 -19.39 46.99
CA VAL L 122 -17.52 -18.05 47.21
C VAL L 122 -18.66 -17.04 47.25
N LEU L 123 -18.81 -16.37 48.40
CA LEU L 123 -19.77 -15.30 48.52
C LEU L 123 -19.26 -13.96 48.00
N ASP L 124 -20.15 -12.98 47.93
CA ASP L 124 -19.73 -11.64 47.52
C ASP L 124 -18.68 -11.12 48.50
N ASN L 125 -17.54 -10.69 47.96
CA ASN L 125 -16.28 -10.14 48.42
C ASN L 125 -15.81 -8.99 47.56
N LEU L 126 -14.74 -8.34 48.01
CA LEU L 126 -14.22 -7.17 47.30
C LEU L 126 -13.83 -7.52 45.87
N TYR L 127 -13.15 -8.65 45.67
CA TYR L 127 -12.58 -8.93 44.35
C TYR L 127 -13.62 -9.50 43.38
N VAL L 128 -14.39 -10.49 43.81
CA VAL L 128 -15.40 -11.05 42.92
C VAL L 128 -16.43 -9.99 42.59
N SER L 129 -17.18 -10.22 41.51
CA SER L 129 -18.14 -9.23 41.03
C SER L 129 -19.25 -9.95 40.26
N TYR L 130 -20.42 -10.10 40.90
CA TYR L 130 -21.63 -10.57 40.26
C TYR L 130 -21.59 -12.07 39.94
N ASP L 131 -20.42 -12.69 40.12
CA ASP L 131 -20.25 -14.13 39.89
C ASP L 131 -19.98 -14.76 41.24
N ASP L 132 -21.06 -15.08 41.95
CA ASP L 132 -20.96 -15.60 43.31
C ASP L 132 -21.92 -16.77 43.44
N VAL L 133 -21.59 -17.71 44.33
CA VAL L 133 -22.40 -18.91 44.51
C VAL L 133 -22.91 -18.96 45.95
N GLU L 134 -23.09 -17.80 46.57
CA GLU L 134 -23.58 -17.73 47.93
C GLU L 134 -24.37 -16.47 48.14
N GLY L 135 -25.23 -16.49 49.16
CA GLY L 135 -26.18 -15.69 49.89
C GLY L 135 -25.79 -15.58 51.35
N ARG L 136 -26.79 -15.60 52.24
CA ARG L 136 -26.50 -15.54 53.67
C ARG L 136 -25.84 -16.82 54.16
N ILE L 137 -26.55 -17.95 54.04
CA ILE L 137 -26.11 -19.22 54.59
C ILE L 137 -25.76 -20.23 53.49
N GLY L 138 -26.53 -20.22 52.40
CA GLY L 138 -26.26 -21.14 51.31
C GLY L 138 -27.16 -20.89 50.13
N ALA L 139 -26.90 -21.64 49.06
CA ALA L 139 -27.70 -21.63 47.83
C ALA L 139 -27.65 -20.30 47.11
N ASN L 140 -26.56 -19.56 47.24
CA ASN L 140 -26.39 -18.25 46.59
C ASN L 140 -27.66 -17.40 46.69
N THR M 9 -1.89 19.40 51.05
CA THR M 9 -1.64 18.18 51.82
C THR M 9 -2.88 17.73 52.56
N HIS M 10 -3.39 16.57 52.18
CA HIS M 10 -4.57 16.04 52.85
C HIS M 10 -4.21 15.67 54.29
N PRO M 11 -5.11 15.90 55.25
CA PRO M 11 -4.79 15.50 56.63
C PRO M 11 -4.49 14.02 56.76
N LEU M 12 -5.41 13.17 56.31
CA LEU M 12 -5.16 11.72 56.32
C LEU M 12 -3.86 11.39 55.60
N GLU M 13 -3.51 12.15 54.57
CA GLU M 13 -2.26 11.89 53.86
C GLU M 13 -1.07 11.99 54.82
N SER M 14 -1.01 13.09 55.60
CA SER M 14 0.06 13.22 56.58
C SER M 14 -0.03 12.13 57.64
N TYR M 15 -1.24 11.90 58.16
CA TYR M 15 -1.43 10.89 59.19
C TYR M 15 -0.87 9.55 58.76
N TYR M 16 -1.06 9.19 57.49
CA TYR M 16 -0.49 7.97 56.96
C TYR M 16 1.00 8.10 56.70
N ASN M 17 1.47 9.28 56.30
CA ASN M 17 2.90 9.50 56.14
C ASN M 17 3.63 9.18 57.43
N GLN M 18 2.98 9.41 58.57
CA GLN M 18 3.62 9.08 59.84
C GLN M 18 3.91 7.60 59.96
N PHE M 19 3.17 6.76 59.24
CA PHE M 19 3.31 5.30 59.34
C PHE M 19 4.20 4.81 58.20
N LEU M 20 5.48 4.60 58.52
CA LEU M 20 6.42 4.11 57.51
C LEU M 20 6.20 2.63 57.21
N ASP M 21 6.01 1.82 58.24
CA ASP M 21 5.79 0.39 58.09
C ASP M 21 4.30 0.13 58.03
N GLY M 22 3.79 -0.16 56.84
CA GLY M 22 2.37 -0.37 56.68
C GLY M 22 1.58 0.74 57.31
N LEU M 23 0.41 0.39 57.82
CA LEU M 23 -0.47 1.32 58.51
C LEU M 23 -1.03 0.64 59.73
N PRO M 24 -1.42 1.40 60.75
CA PRO M 24 -1.89 0.78 61.99
C PRO M 24 -3.16 -0.03 61.79
N THR M 25 -3.35 -1.03 62.64
CA THR M 25 -4.51 -1.90 62.58
C THR M 25 -5.50 -1.59 63.71
N SER M 26 -5.40 -0.40 64.27
CA SER M 26 -6.26 0.02 65.36
C SER M 26 -7.58 0.55 64.80
N GLU M 27 -8.53 0.82 65.69
CA GLU M 27 -9.80 1.38 65.28
C GLU M 27 -9.59 2.60 64.40
N LEU M 28 -10.57 2.86 63.54
CA LEU M 28 -10.45 3.97 62.60
C LEU M 28 -10.44 5.30 63.34
N GLU M 29 -9.56 6.20 62.90
CA GLU M 29 -9.54 7.56 63.41
C GLU M 29 -10.80 8.28 62.93
N GLU M 30 -11.47 8.98 63.86
CA GLU M 30 -12.75 9.62 63.55
C GLU M 30 -12.68 10.39 62.24
N LEU M 31 -11.52 10.96 61.92
CA LEU M 31 -11.33 11.57 60.61
C LEU M 31 -11.39 10.52 59.50
N GLU M 32 -10.79 9.35 59.73
CA GLU M 32 -10.91 8.27 58.75
C GLU M 32 -12.36 7.85 58.56
N ILE M 33 -13.11 7.74 59.66
CA ILE M 33 -14.51 7.39 59.57
C ILE M 33 -15.26 8.46 58.79
N GLU M 34 -14.94 9.73 59.06
CA GLU M 34 -15.55 10.82 58.32
C GLU M 34 -15.29 10.67 56.82
N PHE M 35 -14.05 10.38 56.45
CA PHE M 35 -13.71 10.30 55.03
C PHE M 35 -14.41 9.10 54.37
N VAL M 36 -14.43 7.95 55.03
CA VAL M 36 -15.05 6.79 54.40
C VAL M 36 -16.56 6.99 54.30
N ALA M 37 -17.17 7.60 55.31
CA ALA M 37 -18.59 7.93 55.20
C ALA M 37 -18.84 8.92 54.06
N MET M 38 -17.93 9.87 53.86
CA MET M 38 -18.01 10.74 52.70
C MET M 38 -17.96 9.93 51.41
N CYS M 39 -17.04 8.98 51.34
CA CYS M 39 -16.89 8.19 50.13
C CYS M 39 -18.13 7.37 49.83
N ILE M 40 -18.75 6.79 50.86
CA ILE M 40 -19.98 6.05 50.66
C ILE M 40 -21.18 6.98 50.64
N GLY M 41 -21.19 7.96 51.53
CA GLY M 41 -22.27 8.92 51.62
C GLY M 41 -23.13 8.81 52.85
N PHE M 42 -22.57 8.45 53.99
CA PHE M 42 -23.30 8.37 55.24
C PHE M 42 -22.89 9.53 56.15
N PRO M 43 -23.78 10.02 57.02
CA PRO M 43 -23.42 11.09 57.97
C PRO M 43 -22.77 10.55 59.25
N ARG M 44 -21.88 9.58 59.10
CA ARG M 44 -21.11 8.99 60.19
C ARG M 44 -21.99 8.27 61.21
N SER M 45 -23.29 8.23 61.00
CA SER M 45 -24.44 7.70 61.75
C SER M 45 -25.61 7.51 60.80
N GLN M 46 -25.99 6.25 60.59
CA GLN M 46 -27.25 5.92 59.93
C GLN M 46 -27.93 4.74 60.60
N ASN M 47 -27.56 4.42 61.83
CA ASN M 47 -27.96 3.18 62.51
C ASN M 47 -27.44 1.94 61.80
N ASN M 48 -26.65 2.11 60.74
CA ASN M 48 -26.08 1.01 59.99
C ASN M 48 -24.56 1.19 59.95
N PHE M 49 -24.14 2.45 59.79
CA PHE M 49 -22.72 2.76 59.77
C PHE M 49 -22.04 2.38 61.08
N VAL M 50 -22.61 2.82 62.21
CA VAL M 50 -21.99 2.53 63.50
C VAL M 50 -21.92 1.03 63.73
N ASN M 51 -23.02 0.33 63.47
CA ASN M 51 -23.01 -1.12 63.58
C ASN M 51 -22.04 -1.81 62.62
N ALA M 52 -21.78 -1.23 61.45
CA ALA M 52 -20.68 -1.71 60.63
C ALA M 52 -19.35 -1.51 61.35
N LEU M 53 -19.20 -0.39 62.05
CA LEU M 53 -18.05 -0.13 62.89
C LEU M 53 -18.14 -0.83 64.24
N LEU M 54 -19.30 -1.37 64.61
CA LEU M 54 -19.36 -2.24 65.77
C LEU M 54 -18.59 -3.53 65.54
N ASP M 55 -18.83 -4.17 64.40
CA ASP M 55 -18.13 -5.40 64.01
C ASP M 55 -16.82 -4.99 63.35
N LEU M 56 -15.71 -5.28 64.02
CA LEU M 56 -14.39 -4.93 63.54
C LEU M 56 -13.50 -6.17 63.52
N SER M 57 -12.50 -6.15 62.65
CA SER M 57 -11.48 -7.19 62.61
C SER M 57 -10.16 -6.56 62.19
N THR M 58 -9.05 -7.20 62.59
CA THR M 58 -7.75 -6.57 62.44
C THR M 58 -7.41 -6.35 60.98
N ILE M 59 -7.49 -7.40 60.15
CA ILE M 59 -7.13 -7.25 58.75
C ILE M 59 -8.12 -6.35 58.04
N GLU M 60 -9.39 -6.40 58.41
CA GLU M 60 -10.37 -5.46 57.89
C GLU M 60 -9.82 -4.04 57.88
N VAL M 61 -9.47 -3.52 59.06
CA VAL M 61 -9.05 -2.12 59.17
C VAL M 61 -7.85 -1.80 58.29
N TYR M 62 -6.86 -2.70 58.23
CA TYR M 62 -5.72 -2.46 57.37
C TYR M 62 -6.15 -2.34 55.91
N THR M 63 -7.06 -3.21 55.48
CA THR M 63 -7.60 -3.12 54.12
C THR M 63 -8.30 -1.79 53.90
N ILE M 64 -9.11 -1.35 54.87
CA ILE M 64 -9.79 -0.07 54.72
C ILE M 64 -8.77 1.03 54.52
N ARG M 65 -7.74 1.05 55.36
CA ARG M 65 -6.77 2.15 55.32
C ARG M 65 -5.98 2.14 54.02
N THR M 66 -5.56 0.96 53.55
CA THR M 66 -4.85 0.93 52.27
C THR M 66 -5.77 1.34 51.12
N SER M 67 -7.03 0.93 51.16
CA SER M 67 -7.96 1.31 50.10
C SER M 67 -8.17 2.82 50.06
N VAL M 68 -8.33 3.45 51.23
CA VAL M 68 -8.51 4.90 51.23
C VAL M 68 -7.22 5.61 50.83
N LYS M 69 -6.07 5.07 51.22
CA LYS M 69 -4.81 5.59 50.74
C LYS M 69 -4.77 5.59 49.22
N GLU M 70 -5.18 4.48 48.61
CA GLU M 70 -5.22 4.41 47.15
C GLU M 70 -6.25 5.39 46.60
N ILE M 71 -7.36 5.58 47.30
CA ILE M 71 -8.34 6.56 46.86
C ILE M 71 -7.68 7.93 46.71
N LEU M 72 -6.95 8.33 47.76
CA LEU M 72 -6.28 9.63 47.71
C LEU M 72 -5.24 9.67 46.60
N ARG M 73 -4.44 8.62 46.47
CA ARG M 73 -3.40 8.60 45.46
C ARG M 73 -4.00 8.74 44.07
N LEU M 74 -5.03 7.95 43.77
CA LEU M 74 -5.65 7.99 42.46
C LEU M 74 -6.31 9.34 42.20
N ASP M 75 -6.98 9.91 43.20
CA ASP M 75 -7.62 11.20 42.95
C ASP M 75 -6.61 12.28 42.65
N LYS M 76 -5.50 12.33 43.38
CA LYS M 76 -4.48 13.34 43.08
C LYS M 76 -3.84 13.08 41.72
N LEU M 77 -3.63 11.80 41.38
CA LEU M 77 -3.11 11.49 40.05
C LEU M 77 -4.05 11.99 38.96
N ASN M 78 -5.35 11.78 39.14
CA ASN M 78 -6.32 12.34 38.20
C ASN M 78 -6.21 13.85 38.13
N LYS M 79 -6.14 14.51 39.28
CA LYS M 79 -5.99 15.96 39.30
C LYS M 79 -4.79 16.40 38.48
N GLU M 80 -3.69 15.66 38.54
CA GLU M 80 -2.49 16.05 37.81
C GLU M 80 -2.59 15.74 36.33
N SER M 81 -3.25 14.65 35.96
CA SER M 81 -3.21 14.17 34.58
C SER M 81 -3.84 15.14 33.58
N ILE M 82 -4.79 15.96 34.00
CA ILE M 82 -5.58 16.73 33.03
C ILE M 82 -4.68 17.66 32.22
N GLU M 83 -3.55 18.09 32.78
CA GLU M 83 -2.63 18.93 32.00
C GLU M 83 -2.18 18.20 30.74
N ASN M 84 -1.99 16.89 30.82
CA ASN M 84 -1.77 16.07 29.66
C ASN M 84 -3.10 15.93 28.93
N ARG M 85 -3.14 15.09 27.89
CA ARG M 85 -4.28 14.93 27.01
C ARG M 85 -4.29 16.03 25.96
N GLN M 86 -3.34 16.96 25.98
CA GLN M 86 -3.22 17.93 24.90
C GLN M 86 -2.89 17.28 23.58
N VAL M 87 -2.06 16.22 23.58
CA VAL M 87 -1.46 15.69 22.37
C VAL M 87 -1.52 14.16 22.38
N THR M 88 -1.15 13.59 21.24
CA THR M 88 -0.96 12.16 21.10
C THR M 88 0.26 11.90 20.22
N LYS M 89 1.00 10.84 20.55
CA LYS M 89 2.19 10.41 19.82
C LYS M 89 3.15 11.56 19.51
N VAL M 90 3.71 12.12 20.58
CA VAL M 90 4.68 13.21 20.46
C VAL M 90 5.67 12.90 19.35
N GLU M 91 6.48 11.86 19.54
CA GLU M 91 7.30 11.31 18.47
C GLU M 91 6.89 9.88 18.14
N ASP M 92 6.83 9.01 19.14
CA ASP M 92 6.22 7.68 19.02
C ASP M 92 5.43 7.23 20.25
N ILE M 93 5.66 7.84 21.40
CA ILE M 93 4.87 7.58 22.60
C ILE M 93 3.46 8.08 22.34
N THR M 94 2.53 7.18 22.09
CA THR M 94 1.13 7.55 22.03
C THR M 94 0.63 7.77 23.46
N MET M 95 -0.60 8.24 23.59
CA MET M 95 -1.22 8.44 24.90
C MET M 95 -2.55 7.70 24.94
N ASN M 96 -2.79 7.02 26.04
CA ASN M 96 -4.07 6.34 26.23
C ASN M 96 -5.13 7.40 26.47
N MET M 97 -5.91 7.71 25.43
CA MET M 97 -6.98 8.68 25.58
C MET M 97 -7.99 8.24 26.63
N ASN M 98 -8.04 6.97 26.96
CA ASN M 98 -8.93 6.45 28.00
C ASN M 98 -8.28 6.44 29.38
N TYR M 99 -7.07 7.00 29.50
CA TYR M 99 -6.36 6.97 30.78
C TYR M 99 -7.22 7.52 31.91
N ILE M 100 -7.80 8.71 31.70
CA ILE M 100 -8.63 9.30 32.75
C ILE M 100 -9.83 8.42 33.04
N GLY M 101 -10.42 7.82 32.00
CA GLY M 101 -11.47 6.84 32.24
C GLY M 101 -10.97 5.68 33.08
N ASP M 102 -9.73 5.25 32.84
CA ASP M 102 -9.15 4.19 33.66
C ASP M 102 -9.08 4.62 35.12
N ILE M 103 -8.65 5.85 35.37
CA ILE M 103 -8.57 6.35 36.74
C ILE M 103 -9.94 6.37 37.38
N LYS M 104 -10.95 6.82 36.64
CA LYS M 104 -12.31 6.81 37.16
C LYS M 104 -12.73 5.39 37.53
N ASP M 105 -12.43 4.43 36.66
CA ASP M 105 -12.79 3.04 36.92
C ASP M 105 -12.11 2.54 38.19
N GLU M 106 -10.83 2.87 38.36
CA GLU M 106 -10.12 2.44 39.56
C GLU M 106 -10.73 3.06 40.80
N LEU M 107 -11.08 4.34 40.75
CA LEU M 107 -11.69 4.99 41.92
C LEU M 107 -13.01 4.34 42.28
N VAL M 108 -13.85 4.07 41.28
CA VAL M 108 -15.14 3.45 41.58
C VAL M 108 -14.94 2.04 42.13
N THR M 109 -13.96 1.30 41.59
CA THR M 109 -13.66 -0.02 42.14
C THR M 109 -13.22 0.09 43.59
N GLU M 110 -12.41 1.10 43.91
CA GLU M 110 -11.93 1.27 45.28
C GLU M 110 -13.09 1.55 46.24
N VAL M 111 -13.99 2.46 45.86
CA VAL M 111 -15.11 2.76 46.74
C VAL M 111 -16.04 1.55 46.86
N LYS M 112 -16.22 0.82 45.77
CA LYS M 112 -17.00 -0.41 45.82
C LYS M 112 -16.37 -1.40 46.79
N LYS M 113 -15.04 -1.49 46.77
CA LYS M 113 -14.32 -2.35 47.70
C LYS M 113 -14.54 -1.91 49.13
N LEU M 114 -14.47 -0.59 49.39
CA LEU M 114 -14.76 -0.08 50.73
C LEU M 114 -16.13 -0.56 51.20
N ALA M 115 -17.15 -0.34 50.36
CA ALA M 115 -18.49 -0.72 50.75
C ALA M 115 -18.59 -2.22 50.99
N ARG M 116 -18.00 -3.02 50.10
CA ARG M 116 -18.13 -4.46 50.20
C ARG M 116 -17.48 -5.00 51.46
N ILE M 117 -16.28 -4.50 51.79
CA ILE M 117 -15.66 -4.94 53.03
C ILE M 117 -16.48 -4.48 54.22
N LEU M 118 -17.05 -3.27 54.16
CA LEU M 118 -17.95 -2.85 55.22
C LEU M 118 -19.32 -3.51 55.13
N LYS M 119 -19.52 -4.42 54.18
CA LYS M 119 -20.75 -5.19 54.03
C LYS M 119 -21.94 -4.34 53.63
N LEU M 120 -21.76 -3.05 53.41
CA LEU M 120 -22.84 -2.12 53.14
C LEU M 120 -23.00 -1.85 51.66
N PRO M 121 -24.18 -1.39 51.24
CA PRO M 121 -24.36 -0.98 49.84
C PRO M 121 -23.88 0.45 49.60
N VAL M 122 -23.73 0.85 48.35
CA VAL M 122 -23.22 2.16 47.98
C VAL M 122 -24.40 3.02 47.54
N LEU M 123 -24.52 4.19 48.14
CA LEU M 123 -25.47 5.20 47.68
C LEU M 123 -24.80 6.26 46.80
N ASP M 124 -25.59 7.10 46.15
CA ASP M 124 -25.04 8.19 45.37
C ASP M 124 -24.11 9.02 46.25
N ASN M 125 -22.81 8.97 45.96
CA ASN M 125 -21.56 9.50 46.45
C ASN M 125 -20.87 10.37 45.41
N LEU M 126 -19.79 11.03 45.83
CA LEU M 126 -19.07 11.95 44.97
C LEU M 126 -18.42 11.23 43.78
N TYR M 127 -17.97 10.00 43.97
CA TYR M 127 -17.23 9.29 42.93
C TYR M 127 -18.14 8.43 42.06
N VAL M 128 -18.91 7.53 42.69
CA VAL M 128 -19.76 6.64 41.93
C VAL M 128 -20.81 7.45 41.18
N SER M 129 -21.24 6.95 40.03
CA SER M 129 -22.14 7.67 39.14
C SER M 129 -23.28 6.75 38.72
N TYR M 130 -24.42 6.88 39.40
CA TYR M 130 -25.65 6.18 39.04
C TYR M 130 -25.54 4.67 39.27
N ASP M 131 -24.37 4.19 39.64
CA ASP M 131 -24.17 2.76 39.92
C ASP M 131 -24.26 2.60 41.43
N ASP M 132 -25.47 2.43 41.94
CA ASP M 132 -25.72 2.42 43.37
C ASP M 132 -26.40 1.13 43.78
N VAL M 133 -26.18 0.74 45.02
CA VAL M 133 -26.86 -0.40 45.62
C VAL M 133 -27.74 0.05 46.79
N GLU M 134 -28.09 1.33 46.84
CA GLU M 134 -28.71 1.89 48.03
C GLU M 134 -29.42 3.18 47.68
N GLY M 135 -30.42 3.51 48.48
CA GLY M 135 -31.03 4.83 48.47
C GLY M 135 -31.55 5.15 49.86
N ARG M 136 -31.18 6.32 50.39
CA ARG M 136 -31.48 6.65 51.78
C ARG M 136 -31.03 5.49 52.65
N ILE M 137 -31.97 4.75 53.25
CA ILE M 137 -31.62 3.60 54.06
C ILE M 137 -31.72 2.30 53.26
N GLY M 138 -32.65 2.24 52.31
CA GLY M 138 -32.74 1.11 51.41
C GLY M 138 -33.57 1.44 50.18
N ALA M 139 -33.03 1.15 49.00
CA ALA M 139 -33.70 1.48 47.74
C ALA M 139 -33.58 0.41 46.67
N ASN M 140 -33.34 -0.85 47.04
CA ASN M 140 -33.18 -1.91 46.04
C ASN M 140 -34.41 -2.80 45.98
N THR N 9 -5.80 37.23 38.94
CA THR N 9 -5.84 37.02 40.38
C THR N 9 -7.27 36.94 40.89
N HIS N 10 -7.87 35.76 40.73
CA HIS N 10 -9.22 35.55 41.21
C HIS N 10 -9.24 35.68 42.73
N PRO N 11 -10.29 36.26 43.33
CA PRO N 11 -10.29 36.42 44.79
C PRO N 11 -10.03 35.13 45.55
N LEU N 12 -10.63 34.02 45.11
CA LEU N 12 -10.38 32.74 45.77
C LEU N 12 -8.93 32.29 45.58
N GLU N 13 -8.34 32.55 44.42
CA GLU N 13 -6.93 32.24 44.23
C GLU N 13 -6.07 33.04 45.20
N SER N 14 -6.32 34.35 45.28
CA SER N 14 -5.57 35.21 46.19
C SER N 14 -5.85 34.89 47.64
N TYR N 15 -6.94 34.17 47.92
CA TYR N 15 -7.22 33.76 49.29
C TYR N 15 -6.55 32.43 49.62
N TYR N 16 -6.55 31.50 48.66
CA TYR N 16 -5.97 30.18 48.89
C TYR N 16 -4.46 30.20 48.90
N ASN N 17 -3.82 30.98 48.02
CA ASN N 17 -2.36 30.95 47.96
C ASN N 17 -1.71 31.26 49.30
N GLN N 18 -2.45 31.83 50.25
CA GLN N 18 -1.88 32.07 51.57
C GLN N 18 -1.69 30.78 52.35
N PHE N 19 -2.44 29.74 52.02
CA PHE N 19 -2.29 28.44 52.65
C PHE N 19 -1.53 27.52 51.69
N LEU N 20 -0.44 26.94 52.17
CA LEU N 20 0.48 26.19 51.33
C LEU N 20 0.49 24.71 51.65
N ASP N 21 0.76 24.35 52.91
CA ASP N 21 0.81 22.94 53.32
C ASP N 21 -0.62 22.44 53.51
N GLY N 22 -1.36 22.44 52.41
CA GLY N 22 -2.77 22.08 52.42
C GLY N 22 -3.66 23.31 52.45
N LEU N 23 -4.94 23.06 52.79
CA LEU N 23 -5.94 24.11 52.85
C LEU N 23 -6.62 24.04 54.20
N PRO N 24 -7.10 25.15 54.73
CA PRO N 24 -7.74 25.12 56.05
C PRO N 24 -9.09 24.42 55.98
N THR N 25 -9.51 23.90 57.14
CA THR N 25 -10.77 23.21 57.28
C THR N 25 -11.66 23.91 58.30
N SER N 26 -11.45 25.21 58.52
CA SER N 26 -12.16 25.92 59.57
C SER N 26 -13.63 26.07 59.23
N GLU N 27 -13.94 26.82 58.18
CA GLU N 27 -15.32 27.11 57.80
C GLU N 27 -15.32 27.71 56.41
N LEU N 28 -16.51 28.15 55.97
CA LEU N 28 -16.68 28.78 54.66
C LEU N 28 -17.06 30.23 54.88
N GLU N 29 -16.18 31.14 54.48
CA GLU N 29 -16.51 32.55 54.48
C GLU N 29 -17.40 32.88 53.29
N GLU N 30 -18.13 33.99 53.39
CA GLU N 30 -19.15 34.33 52.40
C GLU N 30 -18.64 34.23 50.97
N LEU N 31 -17.35 34.43 50.75
CA LEU N 31 -16.79 34.28 49.40
C LEU N 31 -16.98 32.87 48.89
N GLU N 32 -16.58 31.87 49.68
CA GLU N 32 -16.68 30.49 49.24
C GLU N 32 -18.13 30.06 49.05
N ILE N 33 -19.02 30.47 49.96
CA ILE N 33 -20.42 30.13 49.79
C ILE N 33 -20.98 30.80 48.54
N GLU N 34 -20.57 32.03 48.26
CA GLU N 34 -21.02 32.72 47.06
C GLU N 34 -20.57 31.95 45.81
N PHE N 35 -19.30 31.54 45.80
CA PHE N 35 -18.79 30.80 44.64
C PHE N 35 -19.53 29.48 44.48
N VAL N 36 -19.75 28.75 45.57
CA VAL N 36 -20.47 27.50 45.50
C VAL N 36 -21.90 27.72 45.01
N ALA N 37 -22.56 28.77 45.52
CA ALA N 37 -23.89 29.12 45.04
C ALA N 37 -23.89 29.32 43.54
N MET N 38 -22.93 30.09 43.03
CA MET N 38 -22.88 30.34 41.60
C MET N 38 -22.67 29.04 40.83
N CYS N 39 -21.78 28.18 41.33
CA CYS N 39 -21.53 26.90 40.66
C CYS N 39 -22.70 25.94 40.78
N ILE N 40 -23.63 26.17 41.70
CA ILE N 40 -24.78 25.30 41.89
C ILE N 40 -26.03 25.99 41.37
N GLY N 41 -26.02 27.33 41.39
CA GLY N 41 -27.14 28.12 40.95
C GLY N 41 -28.05 28.59 42.07
N PHE N 42 -27.93 28.02 43.27
CA PHE N 42 -28.76 28.44 44.39
C PHE N 42 -28.29 29.80 44.87
N PRO N 43 -29.14 30.82 44.91
CA PRO N 43 -28.77 32.04 45.64
C PRO N 43 -28.48 31.70 47.09
N ARG N 44 -27.46 32.35 47.66
CA ARG N 44 -27.01 31.99 49.00
C ARG N 44 -28.12 32.12 50.03
N SER N 45 -29.14 32.93 49.75
CA SER N 45 -30.24 33.13 50.69
C SER N 45 -31.19 31.94 50.76
N GLN N 46 -31.18 31.06 49.77
CA GLN N 46 -32.10 29.94 49.77
C GLN N 46 -31.96 29.11 51.04
N ASN N 47 -33.09 28.84 51.70
CA ASN N 47 -33.05 28.09 52.94
C ASN N 47 -32.51 26.68 52.72
N ASN N 48 -32.96 26.03 51.65
CA ASN N 48 -32.48 24.68 51.35
C ASN N 48 -30.98 24.65 51.14
N PHE N 49 -30.37 25.79 50.83
CA PHE N 49 -28.92 25.87 50.65
C PHE N 49 -28.20 26.21 51.95
N VAL N 50 -28.70 27.20 52.69
CA VAL N 50 -28.04 27.59 53.94
C VAL N 50 -28.11 26.46 54.96
N ASN N 51 -29.26 25.80 55.08
CA ASN N 51 -29.36 24.69 56.01
C ASN N 51 -28.41 23.57 55.63
N ALA N 52 -28.26 23.30 54.32
CA ALA N 52 -27.26 22.34 53.88
C ALA N 52 -25.86 22.79 54.25
N LEU N 53 -25.61 24.10 54.24
CA LEU N 53 -24.31 24.61 54.67
C LEU N 53 -23.99 24.22 56.10
N LEU N 54 -25.00 23.87 56.90
CA LEU N 54 -24.79 23.43 58.26
C LEU N 54 -24.42 21.95 58.28
N ASP N 55 -23.98 21.48 59.45
CA ASP N 55 -23.65 20.08 59.68
C ASP N 55 -22.42 19.64 58.88
N LEU N 56 -21.73 20.55 58.23
CA LEU N 56 -20.55 20.20 57.45
C LEU N 56 -19.46 19.66 58.36
N SER N 57 -18.86 18.55 57.96
CA SER N 57 -17.74 17.97 58.67
C SER N 57 -16.42 18.45 58.05
N THR N 58 -15.37 18.43 58.85
CA THR N 58 -14.11 19.06 58.44
C THR N 58 -13.64 18.51 57.09
N ILE N 59 -13.61 17.18 56.95
CA ILE N 59 -13.16 16.60 55.69
C ILE N 59 -14.07 17.03 54.55
N GLU N 60 -15.37 17.19 54.81
CA GLU N 60 -16.26 17.68 53.77
C GLU N 60 -15.84 19.07 53.32
N VAL N 61 -15.51 19.95 54.27
CA VAL N 61 -15.06 21.29 53.91
C VAL N 61 -13.78 21.22 53.11
N TYR N 62 -12.86 20.36 53.51
CA TYR N 62 -11.61 20.20 52.78
C TYR N 62 -11.88 19.78 51.34
N THR N 63 -12.81 18.83 51.16
CA THR N 63 -13.14 18.37 49.82
C THR N 63 -13.77 19.49 49.01
N ILE N 64 -14.66 20.27 49.61
CA ILE N 64 -15.27 21.39 48.91
C ILE N 64 -14.19 22.35 48.42
N ARG N 65 -13.24 22.67 49.30
CA ARG N 65 -12.21 23.63 48.93
C ARG N 65 -11.31 23.08 47.83
N THR N 66 -10.96 21.80 47.90
CA THR N 66 -10.16 21.20 46.84
C THR N 66 -10.91 21.25 45.51
N SER N 67 -12.21 20.92 45.52
CA SER N 67 -12.99 20.96 44.29
C SER N 67 -13.06 22.38 43.74
N VAL N 68 -13.22 23.37 44.62
CA VAL N 68 -13.25 24.76 44.16
C VAL N 68 -11.94 25.15 43.51
N LYS N 69 -10.82 24.77 44.15
CA LYS N 69 -9.52 25.08 43.58
C LYS N 69 -9.36 24.43 42.21
N GLU N 70 -9.81 23.18 42.07
CA GLU N 70 -9.73 22.51 40.78
C GLU N 70 -10.61 23.19 39.75
N ILE N 71 -11.80 23.65 40.17
CA ILE N 71 -12.66 24.41 39.27
C ILE N 71 -11.91 25.61 38.73
N LEU N 72 -11.28 26.36 39.63
CA LEU N 72 -10.54 27.54 39.19
C LEU N 72 -9.42 27.16 38.23
N ARG N 73 -8.67 26.11 38.56
CA ARG N 73 -7.54 25.72 37.73
C ARG N 73 -8.00 25.34 36.32
N LEU N 74 -9.03 24.50 36.24
CA LEU N 74 -9.54 24.10 34.93
C LEU N 74 -10.12 25.28 34.17
N ASP N 75 -10.83 26.17 34.86
CA ASP N 75 -11.36 27.35 34.20
C ASP N 75 -10.26 28.18 33.58
N LYS N 76 -9.18 28.42 34.33
CA LYS N 76 -8.05 29.17 33.76
C LYS N 76 -7.42 28.42 32.60
N LEU N 77 -7.21 27.11 32.75
CA LEU N 77 -6.56 26.33 31.70
C LEU N 77 -7.37 26.37 30.41
N ASN N 78 -8.69 26.44 30.53
CA ASN N 78 -9.54 26.54 29.34
C ASN N 78 -9.16 27.77 28.51
N LYS N 79 -8.91 28.89 29.19
CA LYS N 79 -8.56 30.11 28.46
C LYS N 79 -7.25 29.95 27.71
N GLU N 80 -6.26 29.30 28.32
CA GLU N 80 -4.99 29.09 27.64
C GLU N 80 -5.17 28.18 26.43
N SER N 81 -5.91 27.08 26.61
CA SER N 81 -5.97 26.06 25.58
C SER N 81 -6.52 26.58 24.25
N ILE N 82 -7.48 27.51 24.28
CA ILE N 82 -8.13 27.90 23.02
C ILE N 82 -7.12 28.52 22.06
N GLU N 83 -6.05 29.13 22.57
CA GLU N 83 -5.01 29.61 21.66
C GLU N 83 -4.34 28.47 20.91
N ASN N 84 -4.45 27.25 21.40
CA ASN N 84 -4.13 26.07 20.62
C ASN N 84 -5.37 25.72 19.80
N ARG N 85 -5.32 24.59 19.11
CA ARG N 85 -6.35 24.14 18.17
C ARG N 85 -6.23 24.85 16.83
N GLN N 86 -5.29 25.77 16.65
CA GLN N 86 -5.05 26.32 15.32
C GLN N 86 -4.36 25.32 14.42
N VAL N 87 -3.83 24.23 14.96
CA VAL N 87 -2.93 23.33 14.26
C VAL N 87 -3.25 21.89 14.64
N THR N 88 -2.47 20.97 14.08
CA THR N 88 -2.57 19.55 14.35
C THR N 88 -1.30 18.89 13.82
N LYS N 89 -0.62 18.14 14.68
CA LYS N 89 0.66 17.50 14.36
C LYS N 89 1.67 18.47 13.74
N VAL N 90 2.09 19.43 14.57
CA VAL N 90 2.95 20.52 14.09
C VAL N 90 4.18 19.95 13.38
N GLU N 91 5.02 19.23 14.12
CA GLU N 91 6.16 18.52 13.54
C GLU N 91 6.03 17.02 13.72
N ASP N 92 5.79 16.58 14.95
CA ASP N 92 5.36 15.22 15.21
C ASP N 92 4.30 15.07 16.30
N ILE N 93 3.83 16.16 16.88
CA ILE N 93 2.96 16.14 18.04
C ILE N 93 1.53 16.30 17.57
N THR N 94 0.77 15.20 17.56
CA THR N 94 -0.64 15.28 17.28
C THR N 94 -1.34 16.00 18.42
N MET N 95 -2.46 16.64 18.11
CA MET N 95 -3.22 17.40 19.08
C MET N 95 -4.55 16.72 19.35
N ASN N 96 -4.85 16.52 20.63
CA ASN N 96 -6.14 15.94 21.02
C ASN N 96 -7.23 16.97 20.77
N MET N 97 -7.94 16.82 19.65
CA MET N 97 -8.89 17.84 19.23
C MET N 97 -10.09 17.96 20.16
N ASN N 98 -10.30 16.99 21.04
CA ASN N 98 -11.38 17.06 22.01
C ASN N 98 -10.90 17.44 23.41
N TYR N 99 -9.66 17.92 23.52
CA TYR N 99 -9.13 18.35 24.82
C TYR N 99 -10.09 19.32 25.51
N ILE N 100 -10.62 20.28 24.76
CA ILE N 100 -11.60 21.20 25.34
C ILE N 100 -12.78 20.43 25.89
N GLY N 101 -13.25 19.42 25.16
CA GLY N 101 -14.30 18.56 25.68
C GLY N 101 -13.91 17.91 26.99
N ASP N 102 -12.65 17.48 27.10
CA ASP N 102 -12.18 16.89 28.34
C ASP N 102 -12.25 17.88 29.48
N ILE N 103 -11.84 19.12 29.23
CA ILE N 103 -11.87 20.15 30.27
C ILE N 103 -13.31 20.40 30.71
N LYS N 104 -14.22 20.51 29.74
CA LYS N 104 -15.63 20.71 30.09
C LYS N 104 -16.16 19.56 30.93
N ASP N 105 -15.82 18.33 30.54
CA ASP N 105 -16.29 17.16 31.28
C ASP N 105 -15.75 17.17 32.70
N GLU N 106 -14.48 17.51 32.87
CA GLU N 106 -13.92 17.59 34.22
C GLU N 106 -14.61 18.67 35.05
N LEU N 107 -14.90 19.82 34.44
CA LEU N 107 -15.58 20.88 35.18
C LEU N 107 -16.95 20.41 35.64
N VAL N 108 -17.72 19.79 34.75
CA VAL N 108 -19.05 19.33 35.16
C VAL N 108 -18.92 18.23 36.21
N THR N 109 -17.89 17.39 36.10
CA THR N 109 -17.67 16.38 37.12
C THR N 109 -17.44 17.01 38.48
N GLU N 110 -16.62 18.06 38.54
CA GLU N 110 -16.36 18.73 39.81
C GLU N 110 -17.63 19.39 40.35
N VAL N 111 -18.42 19.99 39.48
CA VAL N 111 -19.66 20.62 39.92
C VAL N 111 -20.59 19.57 40.52
N LYS N 112 -20.73 18.43 39.83
CA LYS N 112 -21.54 17.35 40.37
C LYS N 112 -20.98 16.83 41.68
N LYS N 113 -19.65 16.81 41.82
CA LYS N 113 -19.04 16.39 43.07
C LYS N 113 -19.45 17.32 44.20
N LEU N 114 -19.38 18.64 43.96
CA LEU N 114 -19.86 19.59 44.95
C LEU N 114 -21.31 19.31 45.31
N ALA N 115 -22.16 19.14 44.30
CA ALA N 115 -23.58 18.88 44.56
C ALA N 115 -23.75 17.66 45.45
N ARG N 116 -23.02 16.57 45.16
CA ARG N 116 -23.14 15.37 45.98
C ARG N 116 -22.69 15.64 47.40
N ILE N 117 -21.59 16.39 47.58
CA ILE N 117 -21.13 16.68 48.94
C ILE N 117 -22.20 17.43 49.71
N LEU N 118 -22.84 18.40 49.08
CA LEU N 118 -23.92 19.13 49.73
C LEU N 118 -25.26 18.40 49.67
N LYS N 119 -25.30 17.24 49.03
CA LYS N 119 -26.51 16.42 48.91
C LYS N 119 -27.60 17.09 48.10
N LEU N 120 -27.33 18.27 47.55
CA LEU N 120 -28.37 19.03 46.87
C LEU N 120 -28.40 18.68 45.39
N PRO N 121 -29.53 18.92 44.73
CA PRO N 121 -29.63 18.58 43.30
C PRO N 121 -28.93 19.62 42.43
N VAL N 122 -27.95 19.15 41.67
CA VAL N 122 -27.24 20.00 40.71
C VAL N 122 -28.24 20.48 39.68
N LEU N 123 -28.14 21.76 39.32
CA LEU N 123 -29.11 22.36 38.40
C LEU N 123 -28.48 23.51 37.62
N ASP N 124 -29.33 24.35 37.01
CA ASP N 124 -28.84 25.50 36.27
C ASP N 124 -27.81 26.26 37.09
N ASN N 125 -26.67 26.55 36.47
CA ASN N 125 -25.43 27.23 36.80
C ASN N 125 -24.62 27.55 35.55
N LEU N 126 -23.49 28.22 35.75
CA LEU N 126 -22.68 28.68 34.63
C LEU N 126 -22.12 27.52 33.81
N TYR N 127 -21.72 26.43 34.47
CA TYR N 127 -20.94 25.39 33.80
C TYR N 127 -21.82 24.29 33.21
N VAL N 128 -22.60 23.61 34.05
CA VAL N 128 -23.33 22.44 33.60
C VAL N 128 -24.50 22.85 32.72
N SER N 129 -24.90 21.96 31.81
CA SER N 129 -26.00 22.21 30.89
C SER N 129 -26.88 20.97 30.78
N TYR N 130 -28.19 21.17 30.96
CA TYR N 130 -29.22 20.16 30.72
C TYR N 130 -29.22 19.06 31.78
N ASP N 131 -28.22 19.05 32.66
CA ASP N 131 -28.22 18.13 33.80
C ASP N 131 -28.82 18.88 34.98
N ASP N 132 -29.99 19.45 34.74
CA ASP N 132 -30.69 20.27 35.73
C ASP N 132 -31.56 19.34 36.57
N VAL N 133 -31.19 19.19 37.82
CA VAL N 133 -31.96 18.39 38.77
C VAL N 133 -32.70 19.33 39.71
N GLU N 134 -34.03 19.23 39.70
CA GLU N 134 -35.15 19.80 40.44
C GLU N 134 -35.40 21.26 40.09
N GLY N 135 -34.67 21.83 39.14
CA GLY N 135 -34.97 23.19 38.74
C GLY N 135 -34.94 24.12 39.94
N ARG N 136 -36.12 24.51 40.42
CA ARG N 136 -36.25 25.23 41.68
C ARG N 136 -36.99 24.44 42.75
N ILE N 137 -36.26 24.01 43.78
CA ILE N 137 -36.83 23.37 44.97
C ILE N 137 -37.97 22.43 44.61
N GLY N 138 -37.67 21.42 43.80
CA GLY N 138 -38.67 20.43 43.42
C GLY N 138 -38.49 19.95 42.00
N ALA N 139 -38.63 18.64 41.79
CA ALA N 139 -38.31 18.03 40.50
C ALA N 139 -38.83 18.88 39.34
N ASN N 140 -37.91 19.30 38.48
CA ASN N 140 -38.25 20.13 37.34
C ASN N 140 -39.06 19.36 36.30
N THR O 9 -9.22 49.52 19.69
CA THR O 9 -9.24 49.35 21.14
C THR O 9 -10.64 49.55 21.69
N HIS O 10 -11.26 48.46 22.12
CA HIS O 10 -12.60 48.52 22.67
C HIS O 10 -12.59 49.39 23.93
N PRO O 11 -13.63 50.21 24.15
CA PRO O 11 -13.66 50.98 25.40
C PRO O 11 -13.50 50.12 26.63
N LEU O 12 -14.18 48.98 26.67
CA LEU O 12 -13.98 48.04 27.77
C LEU O 12 -12.55 47.54 27.79
N GLU O 13 -11.97 47.30 26.62
CA GLU O 13 -10.59 46.84 26.57
C GLU O 13 -9.67 47.81 27.29
N SER O 14 -9.77 49.10 26.95
CA SER O 14 -8.94 50.10 27.62
C SER O 14 -9.27 50.18 29.10
N TYR O 15 -10.56 50.21 29.45
CA TYR O 15 -10.95 50.36 30.84
C TYR O 15 -10.41 49.23 31.70
N TYR O 16 -10.33 48.02 31.14
CA TYR O 16 -9.81 46.88 31.90
C TYR O 16 -8.29 46.88 31.90
N ASN O 17 -7.68 47.02 30.71
CA ASN O 17 -6.23 46.99 30.64
C ASN O 17 -5.61 48.03 31.56
N GLN O 18 -6.29 49.16 31.75
CA GLN O 18 -5.85 50.10 32.79
C GLN O 18 -5.83 49.41 34.15
N PHE O 19 -6.69 48.43 34.38
CA PHE O 19 -6.65 47.57 35.56
C PHE O 19 -5.74 46.39 35.25
N LEU O 20 -4.75 46.17 36.11
CA LEU O 20 -3.78 45.09 35.92
C LEU O 20 -3.91 44.00 36.98
N ASP O 21 -3.98 44.37 38.24
CA ASP O 21 -4.07 43.40 39.33
C ASP O 21 -5.51 42.91 39.43
N GLY O 22 -5.76 41.71 38.90
CA GLY O 22 -7.10 41.17 38.93
C GLY O 22 -8.05 42.07 38.14
N LEU O 23 -9.32 42.06 38.57
CA LEU O 23 -10.35 42.89 37.97
C LEU O 23 -11.14 43.56 39.08
N PRO O 24 -11.68 44.75 38.83
CA PRO O 24 -12.47 45.42 39.86
C PRO O 24 -13.81 44.72 40.07
N THR O 25 -14.34 44.85 41.28
CA THR O 25 -15.51 44.08 41.68
C THR O 25 -16.62 44.94 42.28
N SER O 26 -16.50 46.26 42.25
CA SER O 26 -17.47 47.11 42.93
C SER O 26 -18.87 46.97 42.34
N GLU O 27 -19.05 47.41 41.10
CA GLU O 27 -20.35 47.38 40.43
C GLU O 27 -20.12 47.51 38.94
N LEU O 28 -21.16 47.25 38.16
CA LEU O 28 -21.07 47.40 36.72
C LEU O 28 -21.32 48.85 36.33
N GLU O 29 -20.50 49.34 35.41
CA GLU O 29 -20.60 50.71 34.92
C GLU O 29 -21.49 50.76 33.69
N GLU O 30 -21.81 51.98 33.25
CA GLU O 30 -22.68 52.13 32.09
C GLU O 30 -22.13 51.36 30.89
N LEU O 31 -20.82 51.41 30.67
CA LEU O 31 -20.23 50.66 29.56
C LEU O 31 -20.46 49.17 29.75
N GLU O 32 -20.15 48.63 30.93
CA GLU O 32 -20.33 47.20 31.16
C GLU O 32 -21.79 46.81 31.09
N ILE O 33 -22.66 47.62 31.69
CA ILE O 33 -24.09 47.31 31.67
C ILE O 33 -24.60 47.28 30.25
N GLU O 34 -24.22 48.27 29.45
CA GLU O 34 -24.63 48.34 28.05
C GLU O 34 -24.08 47.17 27.25
N PHE O 35 -22.83 46.76 27.51
CA PHE O 35 -22.26 45.62 26.81
C PHE O 35 -23.05 44.35 27.14
N VAL O 36 -23.38 44.15 28.41
CA VAL O 36 -24.19 43.00 28.79
C VAL O 36 -25.53 43.06 28.07
N ALA O 37 -26.17 44.23 28.09
CA ALA O 37 -27.44 44.38 27.39
C ALA O 37 -27.32 43.95 25.94
N MET O 38 -26.31 44.46 25.25
CA MET O 38 -26.14 44.18 23.83
C MET O 38 -25.88 42.70 23.58
N CYS O 39 -24.97 42.09 24.35
CA CYS O 39 -24.56 40.72 24.06
C CYS O 39 -25.56 39.70 24.55
N ILE O 40 -26.53 40.07 25.38
CA ILE O 40 -27.68 39.22 25.65
C ILE O 40 -28.92 39.66 24.88
N GLY O 41 -28.96 40.91 24.40
CA GLY O 41 -30.07 41.39 23.62
C GLY O 41 -31.15 42.10 24.40
N PHE O 42 -31.13 42.03 25.72
CA PHE O 42 -32.08 42.79 26.51
C PHE O 42 -31.82 44.28 26.30
N PRO O 43 -32.82 45.07 25.94
CA PRO O 43 -32.64 46.53 26.00
C PRO O 43 -32.39 46.95 27.44
N ARG O 44 -31.28 47.67 27.66
CA ARG O 44 -30.84 47.90 29.03
C ARG O 44 -31.90 48.60 29.87
N SER O 45 -32.81 49.34 29.24
CA SER O 45 -33.92 49.95 29.94
C SER O 45 -34.97 48.94 30.38
N GLN O 46 -34.90 47.70 29.88
CA GLN O 46 -35.91 46.71 30.21
C GLN O 46 -35.99 46.52 31.72
N ASN O 47 -37.22 46.52 32.24
CA ASN O 47 -37.42 46.53 33.69
C ASN O 47 -36.88 45.24 34.32
N ASN O 48 -37.14 44.10 33.69
CA ASN O 48 -36.65 42.84 34.24
C ASN O 48 -35.13 42.80 34.26
N PHE O 49 -34.51 43.31 33.20
CA PHE O 49 -33.05 43.33 33.16
C PHE O 49 -32.48 44.16 34.31
N VAL O 50 -32.96 45.40 34.46
CA VAL O 50 -32.44 46.25 35.52
C VAL O 50 -32.71 45.61 36.88
N ASN O 51 -33.88 44.99 37.04
CA ASN O 51 -34.19 44.29 38.28
C ASN O 51 -33.17 43.19 38.55
N ALA O 52 -32.85 42.39 37.53
CA ALA O 52 -31.88 41.33 37.70
C ALA O 52 -30.51 41.88 38.04
N LEU O 53 -30.12 42.99 37.43
CA LEU O 53 -28.84 43.62 37.72
C LEU O 53 -28.70 44.00 39.19
N LEU O 54 -29.80 44.12 39.91
CA LEU O 54 -29.77 44.43 41.33
C LEU O 54 -29.37 43.20 42.13
N ASP O 55 -28.86 43.44 43.34
CA ASP O 55 -28.64 42.40 44.33
C ASP O 55 -27.48 41.47 43.98
N LEU O 56 -26.74 41.76 42.92
CA LEU O 56 -25.65 40.88 42.53
C LEU O 56 -24.56 40.86 43.60
N SER O 57 -24.00 39.68 43.82
CA SER O 57 -22.89 39.52 44.74
C SER O 57 -21.57 39.77 44.03
N THR O 58 -20.53 40.05 44.81
CA THR O 58 -19.28 40.52 44.24
C THR O 58 -18.68 39.52 43.25
N ILE O 59 -18.61 38.25 43.64
CA ILE O 59 -17.98 37.27 42.75
C ILE O 59 -18.79 37.10 41.48
N GLU O 60 -20.11 37.32 41.54
CA GLU O 60 -20.89 37.34 40.31
C GLU O 60 -20.37 38.43 39.38
N VAL O 61 -20.09 39.61 39.93
CA VAL O 61 -19.54 40.69 39.13
C VAL O 61 -18.20 40.29 38.55
N TYR O 62 -17.35 39.67 39.37
CA TYR O 62 -16.02 39.29 38.90
C TYR O 62 -16.11 38.29 37.76
N THR O 63 -16.97 37.28 37.90
CA THR O 63 -17.14 36.29 36.85
C THR O 63 -17.70 36.93 35.59
N ILE O 64 -18.65 37.85 35.74
CA ILE O 64 -19.21 38.52 34.58
C ILE O 64 -18.13 39.29 33.84
N ARG O 65 -17.27 39.99 34.57
CA ARG O 65 -16.21 40.75 33.93
C ARG O 65 -15.20 39.83 33.26
N THR O 66 -14.88 38.71 33.90
CA THR O 66 -14.01 37.73 33.27
C THR O 66 -14.61 37.25 31.96
N SER O 67 -15.90 36.94 31.98
CA SER O 67 -16.56 36.48 30.77
C SER O 67 -16.57 37.55 29.70
N VAL O 68 -16.74 38.82 30.08
CA VAL O 68 -16.72 39.90 29.11
C VAL O 68 -15.34 40.01 28.47
N LYS O 69 -14.29 39.92 29.29
CA LYS O 69 -12.93 39.96 28.75
C LYS O 69 -12.71 38.82 27.77
N GLU O 70 -13.19 37.63 28.12
CA GLU O 70 -13.08 36.49 27.21
C GLU O 70 -13.84 36.75 25.92
N ILE O 71 -15.03 37.32 26.02
CA ILE O 71 -15.80 37.65 24.84
C ILE O 71 -14.98 38.54 23.91
N LEU O 72 -14.37 39.58 24.48
CA LEU O 72 -13.57 40.49 23.65
C LEU O 72 -12.40 39.76 23.03
N ARG O 73 -11.68 38.96 23.81
CA ARG O 73 -10.50 38.28 23.31
C ARG O 73 -10.86 37.31 22.18
N LEU O 74 -11.90 36.52 22.38
CA LEU O 74 -12.34 35.58 21.35
C LEU O 74 -12.83 36.31 20.11
N ASP O 75 -13.52 37.45 20.29
CA ASP O 75 -13.93 38.23 19.14
C ASP O 75 -12.71 38.67 18.34
N LYS O 76 -11.67 39.16 19.02
CA LYS O 76 -10.46 39.56 18.32
C LYS O 76 -9.84 38.39 17.58
N LEU O 77 -9.75 37.22 18.24
CA LEU O 77 -9.21 36.05 17.57
C LEU O 77 -10.01 35.71 16.32
N ASN O 78 -11.33 35.88 16.38
CA ASN O 78 -12.16 35.58 15.23
C ASN O 78 -11.76 36.42 14.03
N LYS O 79 -11.41 37.69 14.25
CA LYS O 79 -10.97 38.53 13.16
C LYS O 79 -9.57 38.17 12.70
N GLU O 80 -8.66 37.90 13.64
CA GLU O 80 -7.28 37.61 13.27
C GLU O 80 -7.16 36.34 12.44
N SER O 81 -7.92 35.29 12.80
CA SER O 81 -7.71 33.98 12.20
C SER O 81 -8.07 33.93 10.72
N ILE O 82 -8.97 34.80 10.26
CA ILE O 82 -9.51 34.63 8.91
C ILE O 82 -8.41 34.75 7.86
N GLU O 83 -7.36 35.52 8.14
CA GLU O 83 -6.25 35.57 7.21
C GLU O 83 -5.64 34.18 7.01
N ASN O 84 -5.75 33.33 8.03
CA ASN O 84 -5.42 31.92 7.87
C ASN O 84 -6.59 31.25 7.16
N ARG O 85 -6.57 29.92 7.10
CA ARG O 85 -7.49 29.09 6.35
C ARG O 85 -7.17 29.11 4.85
N GLN O 86 -6.22 29.95 4.41
CA GLN O 86 -5.79 29.91 3.02
C GLN O 86 -5.20 28.57 2.64
N VAL O 87 -4.61 27.86 3.59
CA VAL O 87 -3.83 26.66 3.28
C VAL O 87 -4.14 25.55 4.27
N THR O 88 -3.37 24.47 4.21
CA THR O 88 -3.46 23.38 5.17
C THR O 88 -2.14 22.63 5.16
N LYS O 89 -1.65 22.29 6.36
CA LYS O 89 -0.40 21.53 6.53
C LYS O 89 0.74 22.06 5.66
N VAL O 90 1.18 23.27 6.01
CA VAL O 90 2.14 24.00 5.19
C VAL O 90 3.34 23.10 4.86
N GLU O 91 4.04 22.63 5.90
CA GLU O 91 4.99 21.53 5.75
C GLU O 91 4.56 20.31 6.56
N ASP O 92 4.38 20.48 7.88
CA ASP O 92 3.74 19.50 8.72
C ASP O 92 2.62 20.02 9.60
N ILE O 93 2.41 21.33 9.64
CA ILE O 93 1.45 21.94 10.56
C ILE O 93 0.08 21.88 9.92
N THR O 94 -0.65 20.80 10.17
CA THR O 94 -2.06 20.76 9.82
C THR O 94 -2.84 21.66 10.77
N MET O 95 -3.88 22.30 10.25
CA MET O 95 -4.68 23.23 11.02
C MET O 95 -6.11 22.73 11.15
N ASN O 96 -6.65 22.79 12.36
CA ASN O 96 -8.04 22.46 12.58
C ASN O 96 -8.92 23.42 11.80
N MET O 97 -9.58 22.91 10.76
CA MET O 97 -10.40 23.78 9.93
C MET O 97 -11.62 24.29 10.69
N ASN O 98 -12.09 23.53 11.67
CA ASN O 98 -13.24 23.92 12.47
C ASN O 98 -12.89 24.95 13.53
N TYR O 99 -11.61 25.29 13.67
CA TYR O 99 -11.15 26.28 14.63
C TYR O 99 -12.10 27.46 14.71
N ILE O 100 -12.55 27.96 13.55
CA ILE O 100 -13.55 29.01 13.54
C ILE O 100 -14.80 28.56 14.28
N GLY O 101 -15.27 27.35 13.98
CA GLY O 101 -16.41 26.82 14.70
C GLY O 101 -16.13 26.71 16.20
N ASP O 102 -14.89 26.35 16.54
CA ASP O 102 -14.54 26.27 17.96
C ASP O 102 -14.71 27.61 18.65
N ILE O 103 -14.19 28.68 18.03
CA ILE O 103 -14.29 29.99 18.68
C ILE O 103 -15.74 30.46 18.70
N LYS O 104 -16.52 30.17 17.66
CA LYS O 104 -17.93 30.50 17.69
C LYS O 104 -18.62 29.82 18.88
N ASP O 105 -18.33 28.53 19.08
CA ASP O 105 -18.94 27.80 20.19
C ASP O 105 -18.48 28.39 21.52
N GLU O 106 -17.21 28.77 21.62
CA GLU O 106 -16.75 29.41 22.86
C GLU O 106 -17.52 30.69 23.12
N LEU O 107 -17.71 31.51 22.08
CA LEU O 107 -18.44 32.76 22.26
C LEU O 107 -19.86 32.51 22.73
N VAL O 108 -20.57 31.57 22.09
CA VAL O 108 -21.94 31.32 22.50
C VAL O 108 -21.99 30.75 23.91
N THR O 109 -21.01 29.91 24.27
CA THR O 109 -20.95 29.40 25.63
C THR O 109 -20.78 30.53 26.64
N GLU O 110 -19.91 31.48 26.35
CA GLU O 110 -19.72 32.61 27.27
C GLU O 110 -20.98 33.46 27.36
N VAL O 111 -21.66 33.67 26.23
CA VAL O 111 -22.89 34.46 26.25
C VAL O 111 -23.94 33.80 27.13
N LYS O 112 -24.15 32.50 26.93
CA LYS O 112 -25.13 31.81 27.76
C LYS O 112 -24.66 31.71 29.21
N LYS O 113 -23.34 31.72 29.44
CA LYS O 113 -22.83 31.82 30.80
C LYS O 113 -23.25 33.13 31.44
N LEU O 114 -23.10 34.23 30.71
CA LEU O 114 -23.63 35.51 31.18
C LEU O 114 -25.11 35.39 31.50
N ALA O 115 -25.87 34.78 30.59
CA ALA O 115 -27.31 34.66 30.80
C ALA O 115 -27.62 33.91 32.07
N ARG O 116 -26.92 32.80 32.32
CA ARG O 116 -27.19 31.98 33.48
C ARG O 116 -26.73 32.67 34.76
N ILE O 117 -25.69 33.51 34.68
CA ILE O 117 -25.25 34.25 35.85
C ILE O 117 -26.37 35.15 36.36
N LEU O 118 -27.02 35.87 35.44
CA LEU O 118 -28.12 36.74 35.81
C LEU O 118 -29.41 35.99 36.11
N LYS O 119 -29.41 34.66 35.96
CA LYS O 119 -30.60 33.85 36.16
C LYS O 119 -31.68 34.22 35.16
N LEU O 120 -31.27 34.68 33.98
CA LEU O 120 -32.21 35.14 32.97
C LEU O 120 -32.12 34.28 31.71
N PRO O 121 -33.21 34.13 30.97
CA PRO O 121 -33.12 33.47 29.67
C PRO O 121 -32.31 34.30 28.69
N VAL O 122 -31.62 33.62 27.79
CA VAL O 122 -30.81 34.27 26.77
C VAL O 122 -31.69 34.48 25.55
N LEU O 123 -32.09 35.73 25.33
CA LEU O 123 -32.89 36.07 24.16
C LEU O 123 -32.06 36.25 22.89
N ASP O 124 -32.73 36.53 21.78
CA ASP O 124 -32.04 36.67 20.50
C ASP O 124 -31.15 37.90 20.54
N ASN O 125 -29.83 37.68 20.41
CA ASN O 125 -28.61 38.45 20.33
C ASN O 125 -27.80 38.13 19.08
N LEU O 126 -26.75 38.93 18.86
CA LEU O 126 -25.94 38.76 17.66
C LEU O 126 -25.16 37.45 17.68
N TYR O 127 -24.47 37.15 18.77
CA TYR O 127 -23.67 35.93 18.82
C TYR O 127 -24.55 34.69 18.81
N VAL O 128 -25.62 34.70 19.61
CA VAL O 128 -26.50 33.53 19.67
C VAL O 128 -27.28 33.41 18.37
N SER O 129 -27.87 32.24 18.16
CA SER O 129 -28.62 31.98 16.94
C SER O 129 -29.58 30.83 17.16
N TYR O 130 -30.88 31.09 16.92
CA TYR O 130 -31.91 30.07 16.77
C TYR O 130 -32.03 29.14 17.97
N ASP O 131 -31.34 29.45 19.07
CA ASP O 131 -31.37 28.64 20.29
C ASP O 131 -31.57 29.60 21.46
N ASP O 132 -32.51 30.52 21.29
CA ASP O 132 -32.78 31.54 22.29
C ASP O 132 -34.00 31.12 23.09
N VAL O 133 -34.11 31.64 24.30
CA VAL O 133 -35.13 31.20 25.24
C VAL O 133 -36.19 32.29 25.38
N GLU O 134 -37.40 31.99 24.92
CA GLU O 134 -38.59 32.76 25.24
C GLU O 134 -38.48 34.22 24.81
N GLY O 135 -38.35 34.41 23.50
CA GLY O 135 -38.62 35.70 22.86
C GLY O 135 -38.19 36.93 23.63
N ARG O 136 -39.13 37.88 23.76
CA ARG O 136 -38.84 39.18 24.36
C ARG O 136 -39.10 39.20 25.86
N ILE O 137 -40.35 38.95 26.26
CA ILE O 137 -40.70 39.05 27.68
C ILE O 137 -40.62 37.69 28.35
N GLY O 138 -41.14 36.66 27.70
CA GLY O 138 -41.12 35.32 28.26
C GLY O 138 -42.07 34.42 27.52
N ALA O 139 -41.99 33.14 27.86
CA ALA O 139 -42.81 32.09 27.25
C ALA O 139 -42.92 32.27 25.74
N ASN O 140 -41.76 32.46 25.12
CA ASN O 140 -41.69 32.66 23.67
C ASN O 140 -42.57 33.83 23.23
N MET P 1 0.64 12.39 84.09
CA MET P 1 0.31 12.96 82.79
C MET P 1 0.17 14.48 82.90
N ARG P 2 0.01 15.14 81.77
CA ARG P 2 -0.11 16.60 81.72
C ARG P 2 -1.31 17.00 80.88
N ARG P 3 -1.93 18.10 81.27
CA ARG P 3 -3.06 18.67 80.54
C ARG P 3 -2.63 19.92 79.79
N LEU P 4 -3.53 20.41 78.95
CA LEU P 4 -3.27 21.65 78.20
C LEU P 4 -4.62 22.25 77.81
N LYS P 5 -5.06 23.27 78.56
CA LYS P 5 -6.29 23.98 78.24
C LYS P 5 -5.96 25.15 77.31
N GLY P 6 -5.25 24.83 76.24
CA GLY P 6 -4.92 25.84 75.25
C GLY P 6 -6.17 26.41 74.61
N THR P 7 -6.11 27.70 74.29
CA THR P 7 -7.25 28.41 73.74
C THR P 7 -6.91 28.94 72.36
N ILE P 8 -7.91 28.98 71.49
CA ILE P 8 -7.78 29.43 70.12
C ILE P 8 -8.85 30.46 69.85
N ARG P 9 -8.50 31.51 69.12
CA ARG P 9 -9.36 32.67 68.97
C ARG P 9 -9.44 33.09 67.51
N HIS P 10 -10.63 33.51 67.09
CA HIS P 10 -10.77 34.05 65.75
C HIS P 10 -10.06 35.40 65.66
N LEU P 11 -9.73 35.80 64.43
CA LEU P 11 -8.96 37.02 64.20
C LEU P 11 -9.61 38.25 64.81
N ASP P 12 -10.93 38.33 64.80
CA ASP P 12 -11.65 39.47 65.34
C ASP P 12 -11.85 39.37 66.85
N ASP P 13 -11.03 38.56 67.53
CA ASP P 13 -11.06 38.32 68.97
C ASP P 13 -12.21 37.43 69.39
N GLN P 14 -13.06 37.00 68.48
CA GLN P 14 -14.06 36.01 68.83
C GLN P 14 -13.43 34.63 68.88
N PRO P 15 -14.00 33.72 69.66
CA PRO P 15 -13.40 32.37 69.74
C PRO P 15 -13.94 31.43 68.67
N TRP P 16 -13.07 30.58 68.14
CA TRP P 16 -13.52 29.53 67.24
C TRP P 16 -14.42 28.57 68.00
N ILE P 17 -15.39 27.99 67.29
CA ILE P 17 -16.35 27.07 67.89
C ILE P 17 -16.49 25.86 66.99
N ASN P 18 -16.33 24.68 67.57
CA ASN P 18 -16.48 23.41 66.86
C ASN P 18 -15.54 23.35 65.65
N VAL P 19 -14.30 23.80 65.86
CA VAL P 19 -13.25 23.63 64.88
C VAL P 19 -12.29 22.57 65.40
N SER P 20 -11.87 21.69 64.51
CA SER P 20 -11.13 20.49 64.90
C SER P 20 -9.64 20.81 64.98
N LEU P 21 -9.04 20.48 66.12
CA LEU P 21 -7.60 20.51 66.33
C LEU P 21 -7.11 19.07 66.41
N PHE P 22 -5.90 18.82 65.93
CA PHE P 22 -5.36 17.47 65.92
C PHE P 22 -4.00 17.44 66.59
N LEU P 23 -3.69 16.32 67.26
CA LEU P 23 -2.37 16.07 67.80
C LEU P 23 -1.93 14.68 67.39
N THR P 24 -0.65 14.54 67.11
CA THR P 24 -0.09 13.26 66.69
C THR P 24 1.23 13.04 67.40
N LEU P 25 1.42 11.83 67.92
CA LEU P 25 2.67 11.42 68.54
C LEU P 25 3.52 10.73 67.48
N ILE P 26 4.66 11.32 67.15
CA ILE P 26 5.46 10.84 66.02
C ILE P 26 6.40 9.69 66.39
N ASN P 27 6.49 9.33 67.67
CA ASN P 27 7.41 8.30 68.11
C ASN P 27 6.70 7.34 69.06
N GLY P 28 6.86 6.05 68.81
CA GLY P 28 6.40 5.07 69.76
C GLY P 28 7.13 5.23 71.08
N THR P 29 6.43 5.69 72.09
CA THR P 29 7.02 6.03 73.37
C THR P 29 6.55 5.04 74.44
N PHE P 30 7.36 4.88 75.47
CA PHE P 30 7.08 3.89 76.49
C PHE P 30 7.79 4.26 77.78
N ASN P 31 7.05 4.23 78.88
CA ASN P 31 7.61 4.42 80.22
C ASN P 31 7.88 3.06 80.84
N SER P 32 8.22 3.06 82.14
CA SER P 32 8.45 1.81 82.84
C SER P 32 7.20 0.93 82.85
N ALA P 33 6.04 1.53 83.06
CA ALA P 33 4.80 0.78 83.28
C ALA P 33 3.83 0.85 82.13
N ASN P 34 4.17 1.52 81.02
CA ASN P 34 3.21 1.69 79.94
C ASN P 34 3.94 1.85 78.61
N GLN P 35 3.21 1.57 77.53
CA GLN P 35 3.66 1.79 76.17
C GLN P 35 2.72 2.79 75.51
N TYR P 36 3.29 3.71 74.72
CA TYR P 36 2.53 4.75 74.04
C TYR P 36 2.84 4.68 72.55
N PRO P 37 2.11 3.89 71.78
CA PRO P 37 2.39 3.78 70.35
C PRO P 37 2.01 5.06 69.61
N ILE P 38 2.57 5.19 68.41
CA ILE P 38 2.27 6.36 67.58
C ILE P 38 0.78 6.44 67.37
N ASP P 39 0.15 7.46 67.95
CA ASP P 39 -1.30 7.60 67.92
C ASP P 39 -1.63 9.07 67.73
N THR P 40 -2.82 9.33 67.20
CA THR P 40 -3.28 10.67 66.92
C THR P 40 -4.70 10.85 67.46
N LYS P 41 -4.93 11.99 68.10
CA LYS P 41 -6.22 12.31 68.67
C LYS P 41 -6.69 13.66 68.15
N HIS P 42 -7.99 13.89 68.24
CA HIS P 42 -8.62 15.09 67.75
C HIS P 42 -9.54 15.67 68.81
N ALA P 43 -9.68 16.99 68.81
CA ALA P 43 -10.55 17.68 69.75
C ALA P 43 -11.28 18.80 69.02
N LYS P 44 -12.33 19.30 69.65
CA LYS P 44 -13.12 20.41 69.13
C LYS P 44 -13.13 21.56 70.11
N THR P 45 -12.99 22.77 69.60
CA THR P 45 -13.02 23.95 70.44
C THR P 45 -14.40 24.10 71.07
N ASP P 46 -14.42 24.44 72.35
CA ASP P 46 -15.68 24.73 73.02
C ASP P 46 -16.29 26.01 72.44
N GLN P 47 -17.49 26.34 72.92
CA GLN P 47 -18.14 27.58 72.49
C GLN P 47 -17.28 28.80 72.79
N ASN P 48 -16.42 28.73 73.80
CA ASN P 48 -15.58 29.86 74.21
C ASN P 48 -14.20 29.84 73.56
N GLY P 49 -13.89 28.84 72.74
CA GLY P 49 -12.63 28.78 72.03
C GLY P 49 -11.51 28.07 72.75
N GLU P 50 -11.78 27.43 73.87
CA GLU P 50 -10.77 26.66 74.58
C GLU P 50 -10.71 25.24 74.02
N PHE P 51 -9.55 24.62 74.16
CA PHE P 51 -9.37 23.21 73.83
C PHE P 51 -8.49 22.57 74.88
N VAL P 52 -8.88 21.38 75.32
CA VAL P 52 -8.17 20.64 76.36
C VAL P 52 -7.55 19.41 75.73
N PHE P 53 -6.47 18.94 76.35
CA PHE P 53 -5.77 17.75 75.90
C PHE P 53 -5.13 17.06 77.09
N ASN P 54 -4.82 15.78 76.90
CA ASN P 54 -4.16 14.96 77.91
C ASN P 54 -3.00 14.25 77.24
N VAL P 55 -1.78 14.70 77.53
CA VAL P 55 -0.58 14.21 76.84
C VAL P 55 0.45 13.79 77.87
N VAL P 56 1.38 12.96 77.43
CA VAL P 56 2.42 12.41 78.32
C VAL P 56 3.77 12.99 77.91
N PRO P 57 4.71 13.12 78.85
CA PRO P 57 6.02 13.69 78.51
C PRO P 57 7.00 12.67 77.95
N ASN P 58 8.24 13.09 77.73
CA ASN P 58 9.30 12.19 77.32
C ASN P 58 9.57 11.19 78.43
N VAL P 59 9.16 9.94 78.21
CA VAL P 59 9.39 8.85 79.16
C VAL P 59 10.22 7.73 78.56
N GLY P 60 10.64 7.85 77.30
CA GLY P 60 11.49 6.88 76.66
C GLY P 60 12.73 7.52 76.07
N ILE P 61 13.61 6.66 75.55
CA ILE P 61 14.83 7.16 74.93
C ILE P 61 14.48 8.09 73.77
N ASP P 62 13.57 7.66 72.92
CA ASP P 62 13.12 8.50 71.82
C ASP P 62 12.24 9.63 72.37
N GLN P 63 12.02 10.63 71.52
CA GLN P 63 11.32 11.84 71.94
C GLN P 63 9.82 11.61 72.00
N SER P 64 9.20 12.06 73.08
CA SER P 64 7.74 12.22 73.13
C SER P 64 7.37 13.43 72.28
N TYR P 65 7.62 13.28 70.99
CA TYR P 65 7.64 14.40 70.05
C TYR P 65 6.28 14.48 69.38
N TYR P 66 5.40 15.30 69.95
CA TYR P 66 4.10 15.53 69.36
C TYR P 66 4.19 16.61 68.29
N ILE P 67 3.22 16.61 67.39
CA ILE P 67 2.97 17.75 66.52
C ILE P 67 1.47 17.99 66.50
N LEU P 68 1.10 19.26 66.58
CA LEU P 68 -0.29 19.69 66.57
C LEU P 68 -0.62 20.35 65.24
N THR P 69 -1.78 20.01 64.70
CA THR P 69 -2.29 20.60 63.48
C THR P 69 -3.49 21.46 63.82
N THR P 70 -3.42 22.74 63.42
CA THR P 70 -4.43 23.75 63.65
C THR P 70 -5.43 23.74 62.50
N PRO P 71 -6.62 24.31 62.71
CA PRO P 71 -7.57 24.39 61.58
C PRO P 71 -7.03 25.23 60.44
N ASP P 72 -6.09 26.13 60.72
CA ASP P 72 -5.50 26.97 59.68
C ASP P 72 -4.27 26.29 59.08
N ASN P 73 -4.43 25.02 58.74
CA ASN P 73 -3.51 24.34 57.83
C ASN P 73 -2.09 24.18 58.36
N LYS P 74 -1.80 24.66 59.56
CA LYS P 74 -0.43 24.66 60.08
C LYS P 74 -0.10 23.35 60.79
N LYS P 75 1.19 23.07 60.91
CA LYS P 75 1.71 22.04 61.79
C LYS P 75 2.72 22.68 62.73
N HIS P 76 2.81 22.17 63.96
CA HIS P 76 3.74 22.70 64.94
C HIS P 76 4.26 21.58 65.81
N SER P 77 5.58 21.43 65.87
CA SER P 77 6.22 20.36 66.61
C SER P 77 6.57 20.82 68.03
N PHE P 78 6.63 19.86 68.95
CA PHE P 78 7.03 20.15 70.31
C PHE P 78 7.10 18.84 71.09
N THR P 79 7.69 18.92 72.28
CA THR P 79 7.66 17.84 73.24
C THR P 79 7.22 18.41 74.58
N VAL P 80 6.21 17.79 75.19
CA VAL P 80 5.69 18.27 76.46
C VAL P 80 6.64 17.84 77.56
N PRO P 81 7.23 18.77 78.33
CA PRO P 81 8.07 18.35 79.45
C PRO P 81 7.28 17.61 80.51
N ASP P 82 7.98 17.09 81.52
CA ASP P 82 7.36 16.27 82.54
C ASP P 82 6.69 17.13 83.61
N GLY P 83 6.08 16.44 84.57
CA GLY P 83 5.35 17.06 85.65
C GLY P 83 3.88 16.72 85.54
N THR P 84 3.12 17.14 86.54
CA THR P 84 1.68 16.93 86.57
C THR P 84 1.02 18.29 86.80
N SER P 85 0.78 18.99 85.70
CA SER P 85 0.13 20.30 85.76
C SER P 85 -0.21 20.72 84.34
N ASP P 86 -1.32 21.43 84.21
CA ASP P 86 -1.76 21.91 82.92
C ASP P 86 -0.74 22.89 82.36
N ILE P 87 -0.58 22.87 81.04
CA ILE P 87 0.34 23.76 80.35
C ILE P 87 -0.46 24.63 79.39
N GLU P 88 0.10 25.79 79.08
CA GLU P 88 -0.45 26.69 78.08
C GLU P 88 0.22 26.38 76.74
N PHE P 89 -0.60 26.27 75.69
CA PHE P 89 -0.06 25.90 74.39
C PHE P 89 0.92 26.94 73.87
N SER P 90 0.73 28.21 74.24
CA SER P 90 1.59 29.27 73.73
C SER P 90 3.06 28.99 74.05
N VAL P 91 3.35 28.72 75.32
CA VAL P 91 4.76 28.55 75.72
C VAL P 91 5.37 27.34 75.02
N VAL P 92 4.64 26.22 74.96
CA VAL P 92 5.19 25.02 74.36
C VAL P 92 5.45 25.25 72.87
N ARG P 93 4.52 25.89 72.17
CA ARG P 93 4.75 26.18 70.75
C ARG P 93 5.92 27.13 70.58
N GLU P 94 6.06 28.13 71.46
CA GLU P 94 7.22 28.99 71.42
C GLU P 94 8.50 28.16 71.43
N ALA P 95 8.55 27.16 72.29
CA ALA P 95 9.62 26.17 72.28
C ALA P 95 9.27 25.10 71.25
N GLY P 96 10.06 24.03 71.22
CA GLY P 96 9.80 22.95 70.29
C GLY P 96 10.96 21.97 70.25
N ILE P 97 10.65 20.68 70.17
CA ILE P 97 11.64 19.61 70.25
C ILE P 97 12.78 19.92 71.20
N ILE P 98 12.44 20.10 72.48
CA ILE P 98 13.37 20.71 73.43
C ILE P 98 14.69 19.94 73.47
N ALA P 99 14.64 18.66 73.87
CA ALA P 99 15.85 17.86 74.02
C ALA P 99 15.43 16.46 74.43
N THR P 100 16.42 15.57 74.49
CA THR P 100 16.19 14.21 74.97
C THR P 100 17.50 13.65 75.47
N ASP P 101 17.43 12.85 76.53
CA ASP P 101 18.59 12.22 77.13
C ASP P 101 18.30 10.75 77.35
N PRO P 102 19.31 9.89 77.22
CA PRO P 102 19.10 8.47 77.53
C PRO P 102 18.60 8.25 78.95
N GLU P 103 17.37 7.77 79.09
CA GLU P 103 16.80 7.40 80.38
C GLU P 103 16.65 5.88 80.39
N TYR P 104 17.50 5.22 81.16
CA TYR P 104 17.54 3.76 81.22
C TYR P 104 16.92 3.24 82.51
N THR P 105 16.15 4.07 83.22
CA THR P 105 15.59 3.68 84.50
C THR P 105 14.87 2.35 84.41
N ASN P 106 14.11 2.14 83.34
CA ASN P 106 13.47 0.85 83.15
C ASN P 106 14.50 -0.26 83.15
N VAL P 107 15.63 -0.03 82.48
CA VAL P 107 16.77 -0.93 82.57
C VAL P 107 17.40 -0.84 83.95
N LEU P 108 17.63 0.38 84.44
CA LEU P 108 18.35 0.55 85.69
C LEU P 108 17.55 -0.02 86.86
N ASN P 109 16.24 0.23 86.89
CA ASN P 109 15.44 -0.28 87.99
C ASN P 109 15.40 -1.80 88.00
N TYR P 110 15.26 -2.42 86.82
CA TYR P 110 15.31 -3.87 86.75
C TYR P 110 16.68 -4.38 87.20
N LEU P 111 17.74 -3.69 86.79
CA LEU P 111 19.08 -4.08 87.21
C LEU P 111 19.22 -4.01 88.72
N GLU P 112 18.70 -2.95 89.32
CA GLU P 112 18.76 -2.82 90.77
C GLU P 112 17.99 -3.94 91.45
N ASP P 113 16.80 -4.25 90.93
CA ASP P 113 16.02 -5.33 91.52
C ASP P 113 16.76 -6.66 91.43
N TYR P 114 17.32 -6.95 90.26
CA TYR P 114 18.05 -8.20 90.09
C TYR P 114 19.29 -8.26 90.96
N ILE P 115 20.02 -7.15 91.06
CA ILE P 115 21.21 -7.10 91.90
C ILE P 115 20.84 -7.28 93.36
N ASP P 116 19.76 -6.65 93.82
CA ASP P 116 19.33 -6.81 95.20
C ASP P 116 18.92 -8.25 95.48
N ASP P 117 18.25 -8.88 94.51
CA ASP P 117 17.91 -10.30 94.66
C ASP P 117 19.18 -11.14 94.77
N ALA P 118 20.19 -10.83 93.95
CA ALA P 118 21.45 -11.56 94.01
C ALA P 118 22.13 -11.37 95.36
N ILE P 119 22.12 -10.14 95.88
CA ILE P 119 22.75 -9.88 97.17
C ILE P 119 22.00 -10.62 98.28
N ALA P 120 20.68 -10.65 98.21
CA ALA P 120 19.92 -11.40 99.19
C ALA P 120 20.23 -12.90 99.10
N ASN P 121 20.41 -13.41 97.88
CA ASN P 121 20.82 -14.80 97.71
C ASN P 121 22.19 -15.04 98.33
N ILE P 122 23.11 -14.11 98.14
CA ILE P 122 24.44 -14.23 98.75
C ILE P 122 24.32 -14.27 100.27
N GLN P 123 23.48 -13.38 100.82
CA GLN P 123 23.26 -13.38 102.27
C GLN P 123 22.69 -14.71 102.74
N ALA P 124 21.73 -15.26 102.01
CA ALA P 124 21.11 -16.53 102.38
C ALA P 124 21.99 -17.73 102.05
N SER P 125 23.08 -17.53 101.33
CA SER P 125 23.98 -18.62 100.96
C SER P 125 25.06 -18.81 102.03
N MET Q 1 19.60 -50.89 64.29
CA MET Q 1 18.33 -50.36 64.76
C MET Q 1 18.51 -49.50 66.01
N ARG Q 2 17.95 -48.30 65.96
CA ARG Q 2 17.93 -47.39 67.10
C ARG Q 2 16.60 -46.66 67.10
N ARG Q 3 16.26 -46.07 68.24
CA ARG Q 3 15.05 -45.29 68.39
C ARG Q 3 15.41 -43.81 68.56
N LEU Q 4 14.99 -43.00 67.60
CA LEU Q 4 15.20 -41.55 67.64
C LEU Q 4 14.04 -40.92 68.39
N LYS Q 5 14.33 -40.37 69.57
CA LYS Q 5 13.35 -39.68 70.39
C LYS Q 5 13.47 -38.18 70.16
N GLY Q 6 12.31 -37.52 70.02
CA GLY Q 6 12.34 -36.08 69.86
C GLY Q 6 11.11 -35.39 70.42
N THR Q 7 11.31 -34.45 71.32
CA THR Q 7 10.23 -33.72 71.96
C THR Q 7 10.11 -32.34 71.32
N ILE Q 8 8.90 -32.02 70.84
CA ILE Q 8 8.63 -30.76 70.16
C ILE Q 8 7.59 -30.01 70.97
N ARG Q 9 7.85 -28.73 71.26
CA ARG Q 9 6.96 -27.92 72.08
C ARG Q 9 6.81 -26.54 71.46
N HIS Q 10 5.63 -25.95 71.62
CA HIS Q 10 5.42 -24.57 71.22
C HIS Q 10 6.40 -23.67 71.97
N LEU Q 11 6.35 -22.37 71.67
CA LEU Q 11 7.24 -21.42 72.34
C LEU Q 11 6.87 -21.20 73.80
N ASP Q 12 5.73 -21.72 74.24
CA ASP Q 12 5.33 -21.68 75.65
C ASP Q 12 5.34 -23.06 76.28
N ASP Q 13 6.31 -23.91 75.89
CA ASP Q 13 6.47 -25.26 76.42
C ASP Q 13 5.21 -26.10 76.20
N GLN Q 14 4.33 -25.66 75.32
CA GLN Q 14 3.11 -26.40 75.03
C GLN Q 14 3.40 -27.39 73.92
N PRO Q 15 3.11 -28.67 74.10
CA PRO Q 15 3.43 -29.63 73.04
C PRO Q 15 2.73 -29.29 71.74
N TRP Q 16 3.44 -29.50 70.62
CA TRP Q 16 2.84 -29.35 69.29
C TRP Q 16 2.00 -30.58 69.01
N ILE Q 17 0.90 -30.74 69.73
CA ILE Q 17 0.12 -31.96 69.65
C ILE Q 17 -0.45 -32.08 68.24
N ASN Q 18 -0.26 -33.25 67.64
CA ASN Q 18 -0.82 -33.56 66.32
C ASN Q 18 -0.32 -32.59 65.25
N VAL Q 19 0.98 -32.62 65.02
CA VAL Q 19 1.60 -31.94 63.89
C VAL Q 19 2.54 -32.94 63.21
N SER Q 20 2.85 -32.66 61.96
CA SER Q 20 3.54 -33.62 61.10
C SER Q 20 5.02 -33.26 60.93
N LEU Q 21 5.83 -34.30 60.74
CA LEU Q 21 7.24 -34.14 60.43
C LEU Q 21 7.69 -35.35 59.64
N PHE Q 22 8.86 -35.23 58.99
CA PHE Q 22 9.30 -36.25 58.05
C PHE Q 22 10.78 -36.56 58.27
N LEU Q 23 11.15 -37.80 57.90
CA LEU Q 23 12.55 -38.22 57.88
C LEU Q 23 12.80 -38.94 56.58
N THR Q 24 14.05 -38.88 56.09
CA THR Q 24 14.43 -39.54 54.86
C THR Q 24 15.90 -39.97 54.94
N LEU Q 25 16.22 -41.04 54.23
CA LEU Q 25 17.60 -41.44 53.99
C LEU Q 25 17.95 -41.00 52.57
N ILE Q 26 18.68 -39.89 52.46
CA ILE Q 26 18.84 -39.25 51.16
C ILE Q 26 19.54 -40.19 50.18
N ASN Q 27 20.58 -40.89 50.64
CA ASN Q 27 21.33 -41.81 49.80
C ASN Q 27 21.09 -43.22 50.30
N GLY Q 28 20.46 -44.05 49.46
CA GLY Q 28 20.16 -45.41 49.83
C GLY Q 28 21.42 -46.20 50.13
N THR Q 29 21.40 -46.99 51.19
CA THR Q 29 22.57 -47.75 51.60
C THR Q 29 22.18 -49.19 51.89
N PHE Q 30 23.13 -49.94 52.43
CA PHE Q 30 22.92 -51.35 52.72
C PHE Q 30 23.98 -51.81 53.70
N ASN Q 31 23.75 -53.00 54.26
CA ASN Q 31 24.73 -53.68 55.08
C ASN Q 31 24.98 -55.05 54.48
N SER Q 32 25.85 -55.83 55.11
CA SER Q 32 26.18 -57.15 54.60
C SER Q 32 24.95 -58.06 54.56
N ALA Q 33 23.90 -57.74 55.31
CA ALA Q 33 22.75 -58.62 55.45
C ALA Q 33 21.43 -58.00 55.00
N ASN Q 34 21.41 -56.73 54.62
CA ASN Q 34 20.16 -56.09 54.26
C ASN Q 34 20.42 -54.96 53.27
N GLN Q 35 19.36 -54.60 52.55
CA GLN Q 35 19.39 -53.52 51.58
C GLN Q 35 18.46 -52.42 52.05
N TYR Q 36 18.95 -51.17 52.03
CA TYR Q 36 18.22 -50.03 52.57
C TYR Q 36 18.17 -48.93 51.52
N PRO Q 37 17.24 -49.03 50.57
CA PRO Q 37 17.11 -47.99 49.55
C PRO Q 37 16.53 -46.71 50.13
N ILE Q 38 16.47 -45.68 49.27
CA ILE Q 38 15.91 -44.41 49.69
C ILE Q 38 14.44 -44.59 50.01
N ASP Q 39 14.03 -44.11 51.18
CA ASP Q 39 12.64 -44.13 51.59
C ASP Q 39 12.40 -42.93 52.49
N THR Q 40 11.15 -42.50 52.54
CA THR Q 40 10.75 -41.39 53.39
C THR Q 40 9.65 -41.85 54.33
N LYS Q 41 9.81 -41.53 55.61
CA LYS Q 41 8.83 -41.87 56.62
C LYS Q 41 8.23 -40.59 57.18
N HIS Q 42 6.95 -40.65 57.52
CA HIS Q 42 6.23 -39.52 58.09
C HIS Q 42 5.78 -39.88 59.50
N ALA Q 43 5.62 -38.85 60.34
CA ALA Q 43 5.14 -39.08 61.69
C ALA Q 43 4.39 -37.86 62.19
N LYS Q 44 3.62 -38.09 63.25
CA LYS Q 44 2.82 -37.05 63.90
C LYS Q 44 3.32 -36.86 65.33
N THR Q 45 2.79 -35.83 65.98
CA THR Q 45 3.16 -35.57 67.36
C THR Q 45 2.13 -36.15 68.32
N ASP Q 46 2.63 -36.75 69.39
CA ASP Q 46 1.77 -37.26 70.45
C ASP Q 46 1.21 -36.10 71.27
N GLN Q 47 0.41 -36.43 72.28
CA GLN Q 47 -0.12 -35.39 73.16
C GLN Q 47 1.00 -34.66 73.90
N ASN Q 48 2.16 -35.28 74.05
CA ASN Q 48 3.31 -34.64 74.66
C ASN Q 48 4.22 -33.97 73.64
N GLY Q 49 3.92 -34.09 72.36
CA GLY Q 49 4.79 -33.57 71.32
C GLY Q 49 5.98 -34.45 71.02
N GLU Q 50 6.09 -35.61 71.68
CA GLU Q 50 7.20 -36.51 71.46
C GLU Q 50 6.93 -37.39 70.24
N PHE Q 51 7.99 -37.73 69.53
CA PHE Q 51 7.92 -38.64 68.38
C PHE Q 51 9.12 -39.57 68.43
N VAL Q 52 8.86 -40.85 68.17
CA VAL Q 52 9.87 -41.89 68.20
C VAL Q 52 9.96 -42.52 66.82
N PHE Q 53 11.17 -42.61 66.27
CA PHE Q 53 11.41 -43.20 64.97
C PHE Q 53 12.26 -44.46 65.13
N ASN Q 54 11.96 -45.47 64.32
CA ASN Q 54 12.80 -46.66 64.25
C ASN Q 54 13.74 -46.46 63.06
N VAL Q 55 15.03 -46.32 63.34
CA VAL Q 55 15.99 -45.86 62.35
C VAL Q 55 17.16 -46.83 62.29
N VAL Q 56 17.89 -46.77 61.18
CA VAL Q 56 19.06 -47.61 60.97
C VAL Q 56 20.31 -46.75 61.13
N PRO Q 57 21.32 -47.19 61.88
CA PRO Q 57 22.55 -46.41 61.97
C PRO Q 57 23.18 -46.22 60.60
N ASN Q 58 23.83 -45.07 60.42
CA ASN Q 58 24.45 -44.73 59.15
C ASN Q 58 25.83 -45.36 59.04
N VAL Q 59 25.91 -46.68 59.24
CA VAL Q 59 27.15 -47.42 59.08
C VAL Q 59 27.24 -48.02 57.67
N GLY Q 60 26.40 -47.56 56.75
CA GLY Q 60 26.35 -48.11 55.42
C GLY Q 60 27.71 -48.20 54.76
N ILE Q 61 27.88 -49.18 53.87
CA ILE Q 61 29.17 -49.41 53.25
C ILE Q 61 29.54 -48.24 52.34
N ASP Q 62 28.61 -47.83 51.48
CA ASP Q 62 28.91 -46.76 50.52
C ASP Q 62 28.74 -45.40 51.17
N GLN Q 63 27.50 -45.05 51.53
CA GLN Q 63 27.19 -43.81 52.22
C GLN Q 63 25.84 -43.98 52.89
N SER Q 64 25.56 -43.10 53.85
CA SER Q 64 24.28 -43.13 54.55
C SER Q 64 24.10 -41.81 55.27
N TYR Q 65 23.06 -41.06 54.92
CA TYR Q 65 22.84 -39.74 55.49
C TYR Q 65 21.35 -39.51 55.65
N TYR Q 66 20.90 -39.26 56.87
CA TYR Q 66 19.51 -38.95 57.11
C TYR Q 66 19.28 -37.45 57.04
N ILE Q 67 18.03 -37.07 56.80
CA ILE Q 67 17.60 -35.69 56.80
C ILE Q 67 16.17 -35.63 57.32
N LEU Q 68 15.93 -34.75 58.27
CA LEU Q 68 14.63 -34.60 58.91
C LEU Q 68 14.06 -33.22 58.61
N THR Q 69 12.78 -33.18 58.26
CA THR Q 69 12.08 -31.95 57.94
C THR Q 69 11.02 -31.70 58.99
N THR Q 70 11.06 -30.53 59.60
CA THR Q 70 10.17 -30.17 60.70
C THR Q 70 9.00 -29.35 60.18
N PRO Q 71 8.02 -29.07 61.04
CA PRO Q 71 6.96 -28.13 60.65
C PRO Q 71 7.50 -26.76 60.29
N ASP Q 72 8.58 -26.32 60.93
CA ASP Q 72 9.22 -25.07 60.58
C ASP Q 72 9.75 -25.06 59.16
N ASN Q 73 9.92 -26.23 58.55
CA ASN Q 73 10.46 -26.42 57.20
C ASN Q 73 11.97 -26.36 57.18
N LYS Q 74 12.62 -26.07 58.31
CA LYS Q 74 14.07 -26.20 58.40
C LYS Q 74 14.44 -27.66 58.22
N LYS Q 75 15.54 -27.92 57.52
CA LYS Q 75 16.01 -29.27 57.26
C LYS Q 75 17.22 -29.53 58.16
N HIS Q 76 17.14 -30.55 59.00
CA HIS Q 76 18.23 -30.98 59.85
C HIS Q 76 18.79 -32.27 59.27
N SER Q 77 19.95 -32.18 58.63
CA SER Q 77 20.60 -33.34 58.03
C SER Q 77 21.62 -33.88 59.03
N PHE Q 78 21.56 -35.18 59.29
CA PHE Q 78 22.35 -35.78 60.35
C PHE Q 78 22.61 -37.25 60.03
N THR Q 79 23.54 -37.83 60.79
CA THR Q 79 23.89 -39.24 60.67
C THR Q 79 23.74 -39.91 62.03
N VAL Q 80 23.06 -41.05 62.05
CA VAL Q 80 22.89 -41.83 63.27
C VAL Q 80 24.14 -42.67 63.47
N PRO Q 81 24.82 -42.57 64.62
CA PRO Q 81 25.99 -43.41 64.86
C PRO Q 81 25.60 -44.86 65.11
N ASP Q 82 26.58 -45.74 64.94
CA ASP Q 82 26.36 -47.16 65.17
C ASP Q 82 25.85 -47.40 66.58
N GLY Q 83 25.29 -48.59 66.79
CA GLY Q 83 24.79 -48.99 68.08
C GLY Q 83 23.32 -49.33 68.05
N THR Q 84 22.83 -49.99 69.10
CA THR Q 84 21.42 -50.34 69.21
C THR Q 84 20.68 -49.54 70.26
N SER Q 85 21.38 -48.88 71.18
CA SER Q 85 20.73 -48.11 72.22
C SER Q 85 19.96 -46.95 71.62
N ASP Q 86 18.79 -46.67 72.20
CA ASP Q 86 17.98 -45.55 71.76
C ASP Q 86 18.73 -44.24 72.01
N ILE Q 87 18.58 -43.29 71.10
CA ILE Q 87 19.32 -42.04 71.16
C ILE Q 87 18.35 -40.87 71.01
N GLU Q 88 18.55 -39.85 71.84
CA GLU Q 88 17.74 -38.64 71.74
C GLU Q 88 18.09 -37.88 70.47
N PHE Q 89 17.05 -37.31 69.83
CA PHE Q 89 17.26 -36.57 68.59
C PHE Q 89 18.16 -35.36 68.82
N SER Q 90 17.94 -34.62 69.91
CA SER Q 90 18.75 -33.43 70.16
C SER Q 90 20.23 -33.75 70.08
N VAL Q 91 20.63 -34.95 70.48
CA VAL Q 91 22.05 -35.33 70.43
C VAL Q 91 22.55 -35.31 68.99
N VAL Q 92 21.82 -35.97 68.09
CA VAL Q 92 22.28 -36.06 66.71
C VAL Q 92 22.04 -34.76 65.95
N ARG Q 93 20.99 -34.02 66.32
CA ARG Q 93 20.80 -32.68 65.78
C ARG Q 93 21.87 -31.72 66.26
N GLU Q 94 22.66 -32.12 67.27
CA GLU Q 94 23.71 -31.26 67.81
C GLU Q 94 24.53 -30.61 66.69
N ALA Q 95 24.59 -31.23 65.52
CA ALA Q 95 25.25 -30.61 64.38
C ALA Q 95 24.36 -29.48 63.86
N GLY Q 96 24.37 -28.35 64.56
CA GLY Q 96 23.63 -27.18 64.14
C GLY Q 96 24.59 -26.11 63.67
N ILE Q 97 24.08 -24.94 63.31
CA ILE Q 97 24.91 -23.87 62.78
C ILE Q 97 24.59 -22.58 63.53
N ILE Q 98 25.51 -21.63 63.43
CA ILE Q 98 25.38 -20.33 64.08
C ILE Q 98 25.66 -19.19 63.12
N ALA Q 99 24.87 -18.12 63.22
CA ALA Q 99 25.03 -16.93 62.41
C ALA Q 99 25.09 -15.72 63.35
N THR Q 100 25.67 -14.63 62.84
CA THR Q 100 25.90 -13.44 63.63
C THR Q 100 24.85 -12.34 63.49
N ASP Q 101 24.31 -11.90 64.61
CA ASP Q 101 23.38 -10.78 64.65
C ASP Q 101 23.36 -10.21 66.07
N PRO Q 102 23.15 -8.90 66.22
CA PRO Q 102 23.13 -8.33 67.58
C PRO Q 102 22.05 -8.93 68.47
N GLU Q 103 20.97 -9.44 67.88
CA GLU Q 103 19.84 -9.91 68.66
C GLU Q 103 20.13 -11.12 69.54
N TYR Q 104 21.19 -11.86 69.24
CA TYR Q 104 21.63 -12.96 70.09
C TYR Q 104 22.23 -12.49 71.40
N THR Q 105 22.47 -11.19 71.55
CA THR Q 105 23.33 -10.67 72.61
C THR Q 105 22.61 -10.39 73.93
N ASN Q 106 21.31 -10.14 73.91
CA ASN Q 106 20.65 -9.66 75.13
C ASN Q 106 20.71 -10.70 76.24
N VAL Q 107 20.83 -11.98 75.90
CA VAL Q 107 20.95 -12.99 76.95
C VAL Q 107 22.18 -12.73 77.79
N LEU Q 108 23.27 -12.28 77.17
CA LEU Q 108 24.45 -11.87 77.94
C LEU Q 108 24.10 -10.76 78.91
N ASN Q 109 23.25 -9.84 78.50
CA ASN Q 109 22.82 -8.75 79.38
C ASN Q 109 22.23 -9.28 80.67
N TYR Q 110 21.96 -10.57 80.75
CA TYR Q 110 21.71 -11.26 82.01
C TYR Q 110 22.91 -12.13 82.40
N LEU Q 111 23.35 -12.99 81.49
CA LEU Q 111 24.38 -13.96 81.82
C LEU Q 111 25.66 -13.28 82.28
N GLU Q 112 26.16 -12.31 81.49
CA GLU Q 112 27.31 -11.53 81.93
C GLU Q 112 27.08 -10.99 83.34
N ASP Q 113 25.90 -10.42 83.57
CA ASP Q 113 25.55 -9.96 84.91
C ASP Q 113 25.66 -11.10 85.91
N TYR Q 114 25.03 -12.23 85.59
CA TYR Q 114 25.20 -13.43 86.41
C TYR Q 114 26.67 -13.79 86.53
N ILE Q 115 27.41 -13.73 85.42
CA ILE Q 115 28.85 -13.94 85.49
C ILE Q 115 29.49 -12.91 86.40
N ASP Q 116 29.08 -11.64 86.24
CA ASP Q 116 29.51 -10.62 87.18
C ASP Q 116 29.07 -10.97 88.60
N ASP Q 117 27.87 -11.52 88.74
CA ASP Q 117 27.42 -11.97 90.04
C ASP Q 117 28.33 -13.07 90.57
N ALA Q 118 28.84 -13.93 89.69
CA ALA Q 118 29.80 -14.94 90.12
C ALA Q 118 31.03 -14.29 90.74
N ILE Q 119 31.42 -13.12 90.22
CA ILE Q 119 32.57 -12.41 90.77
C ILE Q 119 32.32 -12.08 92.24
N ALA Q 120 31.06 -11.90 92.62
CA ALA Q 120 30.73 -11.63 94.01
C ALA Q 120 31.26 -12.75 94.91
N ASN Q 121 31.14 -14.00 94.46
CA ASN Q 121 31.61 -15.11 95.28
C ASN Q 121 33.07 -14.92 95.67
N ILE Q 122 33.85 -14.22 94.84
CA ILE Q 122 35.25 -14.01 95.13
C ILE Q 122 35.42 -13.33 96.48
N GLN Q 123 34.64 -12.29 96.76
CA GLN Q 123 34.79 -11.58 98.03
C GLN Q 123 34.25 -12.38 99.21
N ALA Q 124 33.58 -13.51 98.97
CA ALA Q 124 33.05 -14.29 100.08
C ALA Q 124 34.14 -14.68 101.06
N SER Q 125 35.36 -14.88 100.59
CA SER Q 125 36.49 -15.23 101.46
C SER Q 125 36.18 -16.49 102.27
N MET R 1 8.00 -20.21 80.30
CA MET R 1 8.06 -20.08 81.75
C MET R 1 7.69 -18.67 82.20
N ARG R 2 8.58 -17.72 81.93
CA ARG R 2 8.40 -16.37 82.43
C ARG R 2 7.08 -15.78 81.92
N ARG R 3 6.28 -15.26 82.84
CA ARG R 3 5.02 -14.62 82.51
C ARG R 3 5.33 -13.16 82.21
N LEU R 4 5.74 -12.90 80.98
CA LEU R 4 6.01 -11.54 80.53
C LEU R 4 4.72 -10.72 80.59
N LYS R 5 4.71 -9.71 81.44
CA LYS R 5 3.54 -8.87 81.64
C LYS R 5 3.71 -7.55 80.91
N GLY R 6 2.59 -6.96 80.50
CA GLY R 6 2.63 -5.66 79.86
C GLY R 6 1.33 -4.90 79.98
N THR R 7 1.41 -3.59 80.13
CA THR R 7 0.24 -2.74 80.31
C THR R 7 0.21 -1.69 79.20
N ILE R 8 -0.94 -1.58 78.54
CA ILE R 8 -1.10 -0.67 77.40
C ILE R 8 -2.34 0.19 77.65
N ARG R 9 -2.21 1.47 77.35
CA ARG R 9 -3.32 2.41 77.53
C ARG R 9 -3.16 3.56 76.54
N HIS R 10 -4.30 4.13 76.14
CA HIS R 10 -4.29 5.21 75.17
C HIS R 10 -3.66 6.46 75.77
N LEU R 11 -3.60 7.53 74.96
CA LEU R 11 -3.04 8.79 75.45
C LEU R 11 -3.82 9.31 76.65
N ASP R 12 -5.09 8.96 76.74
CA ASP R 12 -5.92 9.25 77.91
C ASP R 12 -5.57 8.34 79.09
N ASP R 13 -4.59 7.45 78.92
CA ASP R 13 -4.20 6.51 79.98
C ASP R 13 -5.36 5.57 80.33
N GLN R 14 -6.32 5.45 79.43
CA GLN R 14 -7.35 4.45 79.55
C GLN R 14 -6.85 3.16 78.94
N PRO R 15 -6.87 2.03 79.65
CA PRO R 15 -6.39 0.79 79.05
C PRO R 15 -7.20 0.40 77.83
N TRP R 16 -6.51 -0.19 76.86
CA TRP R 16 -7.17 -0.81 75.72
C TRP R 16 -7.80 -2.12 76.20
N ILE R 17 -9.08 -2.31 75.92
CA ILE R 17 -9.78 -3.51 76.38
C ILE R 17 -9.76 -4.55 75.26
N ASN R 18 -9.50 -5.80 75.63
CA ASN R 18 -9.52 -6.96 74.74
C ASN R 18 -9.10 -6.62 73.32
N VAL R 19 -7.94 -6.00 73.18
CA VAL R 19 -7.37 -5.67 71.87
C VAL R 19 -6.31 -6.70 71.53
N SER R 20 -6.19 -6.99 70.24
CA SER R 20 -5.29 -8.04 69.79
C SER R 20 -3.83 -7.61 69.88
N LEU R 21 -2.99 -8.52 70.34
CA LEU R 21 -1.57 -8.29 70.48
C LEU R 21 -0.85 -9.57 70.10
N PHE R 22 0.21 -9.49 69.29
CA PHE R 22 0.83 -10.69 68.75
C PHE R 22 2.27 -10.82 69.21
N LEU R 23 2.73 -12.07 69.29
CA LEU R 23 4.10 -12.36 69.69
C LEU R 23 4.59 -13.53 68.85
N THR R 24 5.84 -13.46 68.40
CA THR R 24 6.38 -14.50 67.52
C THR R 24 7.86 -14.75 67.80
N LEU R 25 8.21 -16.03 67.95
CA LEU R 25 9.60 -16.45 67.88
C LEU R 25 10.09 -16.37 66.44
N ILE R 26 11.40 -16.27 66.28
CA ILE R 26 12.00 -16.07 64.97
C ILE R 26 12.83 -17.26 64.50
N ASN R 27 13.31 -18.10 65.41
CA ASN R 27 14.10 -19.26 65.02
C ASN R 27 13.89 -20.38 66.02
N GLY R 28 13.83 -21.61 65.52
CA GLY R 28 13.71 -22.76 66.38
C GLY R 28 14.88 -22.87 67.33
N THR R 29 14.59 -23.07 68.61
CA THR R 29 15.60 -23.22 69.64
C THR R 29 15.31 -24.47 70.46
N PHE R 30 16.37 -25.08 70.97
CA PHE R 30 16.25 -26.31 71.73
C PHE R 30 17.29 -26.33 72.84
N ASN R 31 16.83 -26.71 74.03
CA ASN R 31 17.71 -26.98 75.15
C ASN R 31 18.12 -28.45 75.09
N SER R 32 18.94 -28.86 76.07
CA SER R 32 19.44 -30.23 76.09
C SER R 32 18.31 -31.25 76.11
N ALA R 33 17.16 -30.90 76.70
CA ALA R 33 16.07 -31.84 76.90
C ALA R 33 14.81 -31.49 76.13
N ASN R 34 14.76 -30.37 75.42
CA ASN R 34 13.53 -29.98 74.75
C ASN R 34 13.86 -29.15 73.51
N GLN R 35 12.89 -29.10 72.61
CA GLN R 35 13.03 -28.37 71.35
C GLN R 35 11.86 -27.42 71.17
N TYR R 36 12.16 -26.19 70.74
CA TYR R 36 11.19 -25.10 70.67
C TYR R 36 11.23 -24.46 69.29
N PRO R 37 10.54 -25.03 68.33
CA PRO R 37 10.49 -24.42 66.99
C PRO R 37 9.68 -23.13 66.95
N ILE R 38 9.54 -22.55 65.75
CA ILE R 38 8.84 -21.28 65.63
C ILE R 38 7.35 -21.45 65.95
N ASP R 39 6.79 -20.44 66.60
CA ASP R 39 5.36 -20.38 66.86
C ASP R 39 5.00 -18.92 67.05
N THR R 40 3.71 -18.61 66.91
CA THR R 40 3.20 -17.28 67.18
C THR R 40 1.98 -17.40 68.08
N LYS R 41 1.96 -16.61 69.14
CA LYS R 41 0.84 -16.57 70.07
C LYS R 41 0.18 -15.19 70.01
N HIS R 42 -1.03 -15.13 70.56
CA HIS R 42 -1.83 -13.93 70.58
C HIS R 42 -2.41 -13.71 71.97
N ALA R 43 -2.62 -12.46 72.34
CA ALA R 43 -3.22 -12.08 73.61
C ALA R 43 -4.21 -10.96 73.40
N LYS R 44 -5.16 -10.84 74.33
CA LYS R 44 -6.11 -9.74 74.36
C LYS R 44 -6.01 -9.02 75.69
N THR R 45 -6.03 -7.69 75.64
CA THR R 45 -5.92 -6.90 76.85
C THR R 45 -7.15 -7.11 77.74
N ASP R 46 -6.94 -7.06 79.03
CA ASP R 46 -8.02 -7.20 80.00
C ASP R 46 -8.71 -5.85 80.15
N GLN R 47 -9.62 -5.76 81.14
CA GLN R 47 -10.25 -4.48 81.44
C GLN R 47 -9.22 -3.43 81.85
N ASN R 48 -8.13 -3.86 82.48
CA ASN R 48 -7.07 -2.96 82.90
C ASN R 48 -5.99 -2.78 81.84
N GLY R 49 -6.17 -3.36 80.66
CA GLY R 49 -5.18 -3.22 79.60
C GLY R 49 -4.00 -4.15 79.72
N GLU R 50 -3.99 -5.04 80.70
CA GLU R 50 -2.86 -5.92 80.96
C GLU R 50 -2.85 -7.09 79.98
N PHE R 51 -1.68 -7.68 79.80
CA PHE R 51 -1.54 -8.89 79.00
C PHE R 51 -0.33 -9.66 79.46
N VAL R 52 -0.45 -10.99 79.45
CA VAL R 52 0.58 -11.89 79.96
C VAL R 52 0.90 -12.91 78.89
N PHE R 53 2.19 -13.12 78.65
CA PHE R 53 2.69 -14.14 77.74
C PHE R 53 3.56 -15.12 78.51
N ASN R 54 3.18 -16.39 78.52
CA ASN R 54 4.01 -17.42 79.17
C ASN R 54 5.15 -17.75 78.21
N VAL R 55 6.07 -16.80 78.08
CA VAL R 55 7.19 -16.92 77.16
C VAL R 55 8.28 -17.75 77.83
N VAL R 56 9.16 -18.30 77.00
CA VAL R 56 10.27 -19.14 77.47
C VAL R 56 11.48 -18.26 77.76
N PRO R 57 12.22 -18.49 78.86
CA PRO R 57 13.52 -17.83 78.98
C PRO R 57 14.44 -18.39 77.89
N ASN R 58 14.66 -17.59 76.87
CA ASN R 58 15.12 -18.09 75.57
C ASN R 58 16.65 -17.97 75.46
N VAL R 59 17.34 -18.65 76.37
CA VAL R 59 18.78 -18.80 76.33
C VAL R 59 19.08 -20.24 75.91
N GLY R 60 19.20 -20.46 74.61
CA GLY R 60 19.32 -21.79 74.08
C GLY R 60 20.45 -21.90 73.09
N ILE R 61 20.56 -23.10 72.51
CA ILE R 61 21.68 -23.41 71.63
C ILE R 61 21.69 -22.48 70.42
N ASP R 62 20.54 -22.32 69.78
CA ASP R 62 20.45 -21.54 68.56
C ASP R 62 20.08 -20.10 68.88
N GLN R 63 19.86 -19.31 67.83
CA GLN R 63 19.59 -17.88 67.97
C GLN R 63 18.16 -17.69 68.45
N SER R 64 17.98 -17.60 69.76
CA SER R 64 16.67 -17.30 70.33
C SER R 64 16.34 -15.83 70.08
N TYR R 65 15.05 -15.54 69.96
CA TYR R 65 14.62 -14.24 69.49
C TYR R 65 13.11 -14.10 69.60
N TYR R 66 12.61 -12.91 69.87
CA TYR R 66 11.17 -12.64 69.90
C TYR R 66 10.86 -11.30 69.27
N ILE R 67 9.69 -11.22 68.64
CA ILE R 67 9.13 -9.98 68.12
C ILE R 67 7.74 -9.81 68.70
N LEU R 68 7.44 -8.61 69.17
CA LEU R 68 6.11 -8.26 69.65
C LEU R 68 5.46 -7.31 68.65
N THR R 69 4.26 -7.68 68.22
CA THR R 69 3.45 -6.88 67.30
C THR R 69 2.37 -6.17 68.09
N THR R 70 2.47 -4.85 68.12
CA THR R 70 1.57 -3.98 68.86
C THR R 70 0.30 -3.72 68.07
N PRO R 71 -0.73 -3.17 68.71
CA PRO R 71 -1.98 -2.88 67.97
C PRO R 71 -1.77 -1.97 66.78
N ASP R 72 -0.73 -1.13 66.81
CA ASP R 72 -0.37 -0.31 65.67
C ASP R 72 0.57 -1.04 64.71
N ASN R 73 0.63 -2.37 64.81
CA ASN R 73 1.47 -3.22 63.97
C ASN R 73 2.95 -2.81 64.01
N LYS R 74 3.35 -2.00 64.99
CA LYS R 74 4.77 -1.75 65.18
C LYS R 74 5.42 -2.99 65.78
N LYS R 75 6.65 -3.25 65.35
CA LYS R 75 7.35 -4.47 65.76
C LYS R 75 8.49 -4.10 66.71
N HIS R 76 8.44 -4.64 67.91
CA HIS R 76 9.53 -4.50 68.87
C HIS R 76 10.32 -5.80 68.91
N SER R 77 11.64 -5.69 68.79
CA SER R 77 12.52 -6.85 68.77
C SER R 77 13.20 -7.00 70.13
N PHE R 78 13.20 -8.22 70.65
CA PHE R 78 13.78 -8.49 71.96
C PHE R 78 13.83 -9.99 72.16
N THR R 79 14.84 -10.45 72.89
CA THR R 79 14.98 -11.86 73.26
C THR R 79 15.01 -11.96 74.78
N VAL R 80 14.16 -12.82 75.34
CA VAL R 80 13.98 -12.86 76.79
C VAL R 80 15.31 -13.23 77.45
N PRO R 81 15.78 -12.48 78.44
CA PRO R 81 16.88 -12.97 79.27
C PRO R 81 16.41 -14.08 80.19
N ASP R 82 17.34 -14.94 80.56
CA ASP R 82 16.99 -16.11 81.37
C ASP R 82 16.37 -15.67 82.70
N GLY R 83 15.73 -16.62 83.36
CA GLY R 83 15.08 -16.38 84.64
C GLY R 83 13.74 -17.10 84.72
N THR R 84 13.26 -17.20 85.96
CA THR R 84 12.00 -17.88 86.26
C THR R 84 11.17 -16.94 87.15
N SER R 85 10.49 -15.99 86.52
CA SER R 85 9.59 -15.09 87.21
C SER R 85 8.97 -14.17 86.16
N ASP R 86 7.85 -13.56 86.50
CA ASP R 86 7.22 -12.60 85.62
C ASP R 86 8.15 -11.41 85.42
N ILE R 87 8.17 -10.88 84.20
CA ILE R 87 9.02 -9.76 83.85
C ILE R 87 8.18 -8.72 83.12
N GLU R 88 8.36 -7.46 83.50
CA GLU R 88 7.64 -6.36 82.89
C GLU R 88 8.22 -6.07 81.51
N PHE R 89 7.36 -6.08 80.50
CA PHE R 89 7.83 -5.98 79.13
C PHE R 89 8.60 -4.69 78.85
N SER R 90 8.40 -3.65 79.65
CA SER R 90 9.11 -2.39 79.41
C SER R 90 10.61 -2.60 79.49
N VAL R 91 11.06 -3.48 80.38
CA VAL R 91 12.50 -3.66 80.59
C VAL R 91 13.15 -4.20 79.32
N VAL R 92 12.56 -5.23 78.71
CA VAL R 92 13.12 -5.77 77.47
C VAL R 92 12.88 -4.80 76.33
N ARG R 93 11.73 -4.13 76.33
CA ARG R 93 11.43 -3.16 75.28
C ARG R 93 12.45 -2.04 75.23
N GLU R 94 13.05 -1.71 76.37
CA GLU R 94 14.14 -0.74 76.40
C GLU R 94 15.51 -1.38 76.24
N ALA R 95 15.69 -2.62 76.70
CA ALA R 95 16.96 -3.33 76.59
C ALA R 95 17.09 -4.03 75.25
N GLY R 96 16.07 -4.79 74.85
CA GLY R 96 16.04 -5.32 73.50
C GLY R 96 16.15 -4.22 72.45
N ILE R 97 15.57 -3.05 72.73
CA ILE R 97 15.72 -1.91 71.84
C ILE R 97 17.14 -1.36 71.83
N ILE R 98 18.02 -1.85 72.71
CA ILE R 98 19.45 -1.56 72.56
C ILE R 98 19.99 -2.12 71.26
N ALA R 99 19.34 -3.14 70.70
CA ALA R 99 19.66 -3.55 69.34
C ALA R 99 19.50 -2.37 68.38
N THR R 100 18.42 -1.61 68.55
CA THR R 100 18.33 -0.31 67.91
C THR R 100 19.39 0.61 68.52
N ASP R 101 19.85 1.58 67.71
CA ASP R 101 20.98 2.42 68.08
C ASP R 101 22.01 1.60 68.83
N PRO R 102 22.47 0.48 68.25
CA PRO R 102 23.29 -0.49 69.00
C PRO R 102 24.67 0.05 69.33
N GLU R 103 24.72 0.91 70.33
CA GLU R 103 26.01 1.38 70.84
C GLU R 103 26.92 0.27 71.33
N TYR R 104 28.03 0.08 70.60
CA TYR R 104 28.92 -1.04 70.88
C TYR R 104 29.68 -0.84 72.18
N THR R 105 29.33 -1.64 73.18
CA THR R 105 29.97 -1.61 74.50
C THR R 105 30.15 -0.17 75.00
N ASN R 106 29.21 0.69 74.65
CA ASN R 106 29.11 2.01 75.27
C ASN R 106 27.95 2.10 76.24
N VAL R 107 26.73 1.81 75.80
CA VAL R 107 25.62 1.64 76.73
C VAL R 107 25.86 0.42 77.61
N LEU R 108 26.36 -0.67 77.03
CA LEU R 108 26.70 -1.83 77.83
C LEU R 108 27.78 -1.50 78.84
N ASN R 109 28.79 -0.73 78.43
CA ASN R 109 29.80 -0.29 79.39
C ASN R 109 29.23 0.73 80.36
N TYR R 110 28.29 1.57 79.93
CA TYR R 110 27.60 2.46 80.85
C TYR R 110 26.98 1.65 81.99
N LEU R 111 26.23 0.61 81.63
CA LEU R 111 25.62 -0.26 82.64
C LEU R 111 26.65 -1.01 83.46
N GLU R 112 27.74 -1.46 82.83
CA GLU R 112 28.78 -2.18 83.58
C GLU R 112 29.39 -1.29 84.65
N ASP R 113 29.73 -0.05 84.28
CA ASP R 113 30.30 0.87 85.27
C ASP R 113 29.27 1.27 86.31
N TYR R 114 27.99 1.37 85.93
CA TYR R 114 26.97 1.62 86.94
C TYR R 114 26.91 0.47 87.94
N ILE R 115 27.00 -0.77 87.45
CA ILE R 115 27.03 -1.93 88.33
C ILE R 115 28.26 -1.87 89.23
N ASP R 116 29.39 -1.48 88.66
CA ASP R 116 30.62 -1.36 89.45
C ASP R 116 30.45 -0.34 90.56
N ASP R 117 29.82 0.80 90.25
CA ASP R 117 29.59 1.83 91.26
C ASP R 117 28.63 1.33 92.35
N ALA R 118 27.59 0.59 91.96
CA ALA R 118 26.69 0.01 92.94
C ALA R 118 27.45 -0.95 93.86
N ILE R 119 28.31 -1.78 93.27
CA ILE R 119 29.12 -2.70 94.06
C ILE R 119 30.01 -1.92 95.03
N ALA R 120 30.63 -0.84 94.53
CA ALA R 120 31.49 -0.03 95.38
C ALA R 120 30.71 0.55 96.55
N ASN R 121 29.52 1.06 96.29
CA ASN R 121 28.67 1.53 97.40
C ASN R 121 28.38 0.40 98.37
N ILE R 122 28.15 -0.81 97.85
CA ILE R 122 27.87 -1.96 98.70
C ILE R 122 29.10 -2.36 99.50
N GLN R 123 30.29 -1.96 99.06
CA GLN R 123 31.52 -2.37 99.74
C GLN R 123 31.56 -1.93 101.18
N ALA R 124 30.81 -0.89 101.56
CA ALA R 124 30.87 -0.38 102.92
C ALA R 124 30.59 -1.48 103.94
N SER R 125 29.77 -2.45 103.58
CA SER R 125 29.49 -3.57 104.48
C SER R 125 30.77 -4.32 104.84
N MET S 1 21.96 -54.74 -60.72
CA MET S 1 21.01 -55.25 -59.74
C MET S 1 21.50 -56.56 -59.16
N ARG S 2 21.51 -56.67 -57.84
CA ARG S 2 21.89 -57.90 -57.16
C ARG S 2 20.86 -58.23 -56.09
N ARG S 3 20.47 -59.49 -56.05
CA ARG S 3 19.63 -60.02 -54.98
C ARG S 3 20.51 -60.24 -53.76
N LEU S 4 19.87 -60.23 -52.59
CA LEU S 4 20.58 -60.35 -51.31
C LEU S 4 19.86 -61.39 -50.46
N LYS S 5 20.26 -62.65 -50.60
CA LYS S 5 19.67 -63.74 -49.81
C LYS S 5 20.33 -63.75 -48.44
N GLY S 6 19.96 -62.78 -47.62
CA GLY S 6 20.53 -62.61 -46.30
C GLY S 6 19.63 -63.25 -45.25
N THR S 7 20.24 -64.04 -44.38
CA THR S 7 19.50 -64.80 -43.38
C THR S 7 19.82 -64.27 -41.98
N ILE S 8 18.79 -64.17 -41.14
CA ILE S 8 18.93 -63.78 -39.75
C ILE S 8 18.23 -64.83 -38.90
N ARG S 9 18.89 -65.27 -37.83
CA ARG S 9 18.40 -66.36 -37.00
C ARG S 9 18.35 -65.92 -35.54
N HIS S 10 17.27 -66.32 -34.86
CA HIS S 10 17.10 -65.99 -33.46
C HIS S 10 18.17 -66.70 -32.62
N LEU S 11 18.49 -66.11 -31.47
CA LEU S 11 19.58 -66.61 -30.64
C LEU S 11 19.46 -68.10 -30.36
N ASP S 12 18.25 -68.61 -30.14
CA ASP S 12 18.03 -70.02 -29.86
C ASP S 12 18.28 -70.90 -31.08
N ASP S 13 18.73 -70.33 -32.19
CA ASP S 13 18.90 -70.94 -33.50
C ASP S 13 17.56 -71.08 -34.21
N GLN S 14 16.45 -70.74 -33.59
CA GLN S 14 15.24 -70.54 -34.36
C GLN S 14 15.38 -69.27 -35.19
N PRO S 15 14.63 -69.15 -36.27
CA PRO S 15 14.71 -67.93 -37.08
C PRO S 15 13.83 -66.81 -36.51
N TRP S 16 14.39 -65.61 -36.51
CA TRP S 16 13.58 -64.42 -36.33
C TRP S 16 12.52 -64.41 -37.41
N ILE S 17 11.24 -64.57 -37.04
CA ILE S 17 10.16 -64.74 -38.00
C ILE S 17 9.27 -63.51 -37.92
N ASN S 18 8.98 -62.92 -39.09
CA ASN S 18 8.05 -61.82 -39.26
C ASN S 18 8.59 -60.50 -38.76
N VAL S 19 9.78 -60.47 -38.15
CA VAL S 19 10.36 -59.23 -37.67
C VAL S 19 10.70 -58.35 -38.85
N SER S 20 10.97 -57.08 -38.61
CA SER S 20 11.19 -56.11 -39.67
C SER S 20 12.65 -55.69 -39.71
N LEU S 21 13.23 -55.71 -40.90
CA LEU S 21 14.55 -55.17 -41.18
C LEU S 21 14.37 -54.00 -42.14
N PHE S 22 15.29 -53.03 -42.08
CA PHE S 22 15.18 -51.85 -42.93
C PHE S 22 16.47 -51.66 -43.71
N LEU S 23 16.32 -51.20 -44.95
CA LEU S 23 17.46 -50.86 -45.79
C LEU S 23 17.24 -49.43 -46.27
N THR S 24 18.32 -48.67 -46.40
CA THR S 24 18.23 -47.26 -46.75
C THR S 24 19.41 -46.86 -47.63
N LEU S 25 19.14 -46.05 -48.64
CA LEU S 25 20.19 -45.48 -49.46
C LEU S 25 20.46 -44.04 -49.04
N ILE S 26 21.71 -43.63 -49.21
CA ILE S 26 22.13 -42.27 -48.87
C ILE S 26 22.75 -41.54 -50.04
N ASN S 27 23.18 -42.25 -51.09
CA ASN S 27 23.77 -41.62 -52.26
C ASN S 27 22.82 -41.84 -53.44
N GLY S 28 22.33 -40.76 -54.03
CA GLY S 28 21.52 -40.89 -55.23
C GLY S 28 22.39 -41.38 -56.36
N THR S 29 22.21 -42.65 -56.74
CA THR S 29 23.06 -43.29 -57.72
C THR S 29 22.48 -43.09 -59.12
N PHE S 30 23.35 -43.28 -60.12
CA PHE S 30 22.96 -43.14 -61.51
C PHE S 30 23.93 -43.91 -62.38
N ASN S 31 23.43 -44.43 -63.49
CA ASN S 31 24.25 -45.08 -64.50
C ASN S 31 24.03 -44.35 -65.82
N SER S 32 24.63 -44.89 -66.89
CA SER S 32 24.53 -44.25 -68.20
C SER S 32 23.09 -44.09 -68.63
N ALA S 33 22.20 -44.97 -68.18
CA ALA S 33 20.83 -45.01 -68.67
C ALA S 33 19.76 -44.90 -67.59
N ASN S 34 20.14 -44.81 -66.31
CA ASN S 34 19.15 -44.80 -65.25
C ASN S 34 19.62 -43.93 -64.10
N GLN S 35 18.64 -43.37 -63.39
CA GLN S 35 18.89 -42.55 -62.21
C GLN S 35 18.22 -43.19 -61.01
N TYR S 36 18.97 -43.39 -59.94
CA TYR S 36 18.48 -44.04 -58.74
C TYR S 36 18.44 -43.04 -57.60
N PRO S 37 17.28 -42.54 -57.20
CA PRO S 37 17.22 -41.54 -56.14
C PRO S 37 17.46 -42.16 -54.77
N ILE S 38 17.45 -41.29 -53.75
CA ILE S 38 17.70 -41.74 -52.39
C ILE S 38 16.37 -42.10 -51.72
N ASP S 39 16.27 -43.35 -51.28
CA ASP S 39 15.03 -43.88 -50.71
C ASP S 39 15.39 -45.01 -49.76
N THR S 40 14.45 -45.38 -48.91
CA THR S 40 14.62 -46.52 -48.00
C THR S 40 13.37 -47.39 -48.05
N LYS S 41 13.56 -48.68 -47.80
CA LYS S 41 12.47 -49.63 -47.81
C LYS S 41 12.72 -50.66 -46.72
N HIS S 42 11.84 -51.67 -46.67
CA HIS S 42 11.77 -52.59 -45.55
C HIS S 42 11.52 -54.01 -46.03
N ALA S 43 11.86 -54.97 -45.18
CA ALA S 43 11.57 -56.38 -45.42
C ALA S 43 11.17 -57.07 -44.13
N LYS S 44 10.48 -58.20 -44.27
CA LYS S 44 10.07 -59.02 -43.14
C LYS S 44 10.73 -60.38 -43.24
N THR S 45 11.18 -60.90 -42.10
CA THR S 45 11.80 -62.22 -42.09
C THR S 45 10.74 -63.30 -42.30
N ASP S 46 11.06 -64.25 -43.17
CA ASP S 46 10.16 -65.37 -43.43
C ASP S 46 10.10 -66.28 -42.20
N GLN S 47 9.26 -67.31 -42.31
CA GLN S 47 9.20 -68.33 -41.26
C GLN S 47 10.55 -68.99 -41.04
N ASN S 48 11.43 -68.97 -42.04
CA ASN S 48 12.76 -69.57 -41.92
C ASN S 48 13.83 -68.56 -41.54
N GLY S 49 13.47 -67.29 -41.37
CA GLY S 49 14.44 -66.26 -41.04
C GLY S 49 15.18 -65.68 -42.22
N GLU S 50 15.04 -66.28 -43.39
CA GLU S 50 15.67 -65.75 -44.59
C GLU S 50 14.96 -64.48 -45.03
N PHE S 51 15.66 -63.64 -45.79
CA PHE S 51 15.08 -62.46 -46.40
C PHE S 51 15.87 -62.11 -47.65
N VAL S 52 15.24 -61.39 -48.56
CA VAL S 52 15.83 -61.02 -49.83
C VAL S 52 15.74 -59.50 -49.98
N PHE S 53 16.74 -58.92 -50.61
CA PHE S 53 16.76 -57.50 -50.94
C PHE S 53 17.26 -57.33 -52.36
N ASN S 54 16.65 -56.41 -53.09
CA ASN S 54 17.09 -56.07 -54.44
C ASN S 54 17.78 -54.71 -54.36
N VAL S 55 19.07 -54.68 -54.68
CA VAL S 55 19.88 -53.48 -54.50
C VAL S 55 20.61 -53.17 -55.80
N VAL S 56 21.03 -51.92 -55.92
CA VAL S 56 21.77 -51.44 -57.09
C VAL S 56 23.21 -51.22 -56.67
N PRO S 57 24.19 -51.87 -57.30
CA PRO S 57 25.58 -51.67 -56.90
C PRO S 57 26.09 -50.28 -57.25
N ASN S 58 27.36 -50.01 -56.95
CA ASN S 58 27.93 -48.69 -57.21
C ASN S 58 28.14 -48.52 -58.71
N VAL S 59 27.13 -47.96 -59.38
CA VAL S 59 27.23 -47.62 -60.79
C VAL S 59 27.33 -46.13 -61.03
N GLY S 60 27.24 -45.32 -59.98
CA GLY S 60 27.44 -43.89 -60.08
C GLY S 60 28.75 -43.51 -59.41
N ILE S 61 29.19 -42.27 -59.67
CA ILE S 61 30.45 -41.81 -59.12
C ILE S 61 30.41 -41.89 -57.60
N ASP S 62 29.32 -41.45 -57.00
CA ASP S 62 29.15 -41.61 -55.57
C ASP S 62 28.99 -43.08 -55.22
N GLN S 63 29.38 -43.45 -54.01
CA GLN S 63 29.31 -44.83 -53.58
C GLN S 63 27.86 -45.28 -53.46
N SER S 64 27.59 -46.53 -53.81
CA SER S 64 26.28 -47.13 -53.57
C SER S 64 26.17 -47.43 -52.08
N TYR S 65 25.94 -46.36 -51.32
CA TYR S 65 26.07 -46.39 -49.86
C TYR S 65 24.75 -46.82 -49.23
N TYR S 66 24.60 -48.12 -49.01
CA TYR S 66 23.41 -48.63 -48.34
C TYR S 66 23.68 -48.82 -46.85
N ILE S 67 22.61 -48.78 -46.06
CA ILE S 67 22.66 -48.97 -44.62
C ILE S 67 21.50 -49.85 -44.20
N LEU S 68 21.80 -50.89 -43.44
CA LEU S 68 20.80 -51.82 -42.95
C LEU S 68 20.60 -51.59 -41.46
N THR S 69 19.34 -51.45 -41.05
CA THR S 69 18.95 -51.31 -39.66
C THR S 69 18.26 -52.59 -39.21
N THR S 70 18.75 -53.17 -38.13
CA THR S 70 18.24 -54.41 -37.58
C THR S 70 17.18 -54.11 -36.52
N PRO S 71 16.54 -55.14 -35.97
CA PRO S 71 15.52 -54.90 -34.94
C PRO S 71 16.05 -54.18 -33.73
N ASP S 72 17.35 -54.21 -33.50
CA ASP S 72 17.95 -53.55 -32.34
C ASP S 72 18.79 -52.35 -32.74
N ASN S 73 18.66 -51.87 -33.97
CA ASN S 73 19.21 -50.60 -34.44
C ASN S 73 20.70 -50.66 -34.77
N LYS S 74 21.30 -51.85 -34.81
CA LYS S 74 22.64 -51.96 -35.37
C LYS S 74 22.63 -51.46 -36.80
N LYS S 75 23.63 -50.64 -37.14
CA LYS S 75 23.77 -50.12 -38.50
C LYS S 75 24.86 -50.91 -39.22
N HIS S 76 24.46 -51.70 -40.21
CA HIS S 76 25.41 -52.29 -41.14
C HIS S 76 25.51 -51.36 -42.35
N SER S 77 26.60 -50.61 -42.42
CA SER S 77 26.81 -49.65 -43.49
C SER S 77 27.78 -50.26 -44.50
N PHE S 78 27.43 -50.18 -45.78
CA PHE S 78 28.19 -50.92 -46.78
C PHE S 78 27.88 -50.36 -48.16
N THR S 79 28.51 -50.95 -49.17
CA THR S 79 28.22 -50.66 -50.57
C THR S 79 28.42 -51.94 -51.37
N VAL S 80 27.33 -52.50 -51.85
CA VAL S 80 27.34 -53.82 -52.50
C VAL S 80 28.20 -53.75 -53.75
N PRO S 81 29.05 -54.75 -54.02
CA PRO S 81 29.77 -54.77 -55.30
C PRO S 81 28.83 -55.04 -56.46
N ASP S 82 29.36 -54.99 -57.68
CA ASP S 82 28.55 -55.13 -58.88
C ASP S 82 28.42 -56.58 -59.29
N GLY S 83 27.67 -56.80 -60.36
CA GLY S 83 27.44 -58.13 -60.86
C GLY S 83 25.96 -58.44 -60.83
N THR S 84 25.64 -59.70 -61.11
CA THR S 84 24.25 -60.18 -61.08
C THR S 84 24.28 -61.60 -60.52
N SER S 85 24.10 -61.71 -59.21
CA SER S 85 24.10 -63.01 -58.55
C SER S 85 23.51 -62.84 -57.15
N ASP S 86 22.86 -63.91 -56.68
CA ASP S 86 22.31 -63.94 -55.35
C ASP S 86 23.44 -63.78 -54.34
N ILE S 87 23.47 -62.65 -53.65
CA ILE S 87 24.53 -62.34 -52.71
C ILE S 87 24.06 -62.66 -51.30
N GLU S 88 25.00 -63.08 -50.46
CA GLU S 88 24.75 -63.35 -49.06
C GLU S 88 25.15 -62.14 -48.23
N PHE S 89 24.29 -61.79 -47.28
CA PHE S 89 24.49 -60.56 -46.52
C PHE S 89 25.80 -60.58 -45.73
N SER S 90 26.11 -61.71 -45.09
CA SER S 90 27.32 -61.76 -44.27
C SER S 90 28.58 -61.52 -45.09
N VAL S 91 28.59 -61.94 -46.36
CA VAL S 91 29.77 -61.77 -47.19
C VAL S 91 30.08 -60.29 -47.37
N VAL S 92 29.09 -59.50 -47.76
CA VAL S 92 29.29 -58.06 -47.88
C VAL S 92 29.47 -57.41 -46.52
N ARG S 93 28.88 -57.97 -45.47
CA ARG S 93 29.10 -57.45 -44.13
C ARG S 93 30.57 -57.52 -43.75
N GLU S 94 31.22 -58.64 -44.04
CA GLU S 94 32.64 -58.76 -43.76
C GLU S 94 33.39 -57.52 -44.21
N ALA S 95 33.11 -57.05 -45.42
CA ALA S 95 33.65 -55.78 -45.88
C ALA S 95 32.80 -54.62 -45.36
N GLY S 96 33.38 -53.42 -45.44
CA GLY S 96 33.13 -52.02 -45.18
C GLY S 96 32.67 -51.29 -46.43
N ILE S 97 33.52 -50.41 -46.97
CA ILE S 97 33.25 -49.69 -48.21
C ILE S 97 34.32 -49.93 -49.26
N ILE S 98 33.92 -50.44 -50.41
CA ILE S 98 34.82 -50.58 -51.55
C ILE S 98 35.01 -49.21 -52.19
N ALA S 99 36.22 -48.94 -52.66
CA ALA S 99 36.53 -47.64 -53.24
C ALA S 99 35.86 -47.50 -54.60
N THR S 100 35.53 -46.25 -54.97
CA THR S 100 34.93 -45.94 -56.24
C THR S 100 35.92 -45.18 -57.13
N ASP S 101 35.63 -45.19 -58.44
CA ASP S 101 36.40 -44.46 -59.42
C ASP S 101 35.51 -43.45 -60.13
N PRO S 102 36.08 -42.42 -60.75
CA PRO S 102 35.24 -41.42 -61.43
C PRO S 102 34.73 -41.93 -62.77
N GLU S 103 34.05 -43.07 -62.75
CA GLU S 103 33.59 -43.70 -63.98
C GLU S 103 32.72 -42.75 -64.79
N TYR S 104 33.23 -42.34 -65.95
CA TYR S 104 32.48 -41.50 -66.87
C TYR S 104 32.18 -42.22 -68.19
N THR S 105 32.18 -43.56 -68.18
CA THR S 105 31.88 -44.32 -69.39
C THR S 105 30.63 -43.80 -70.09
N ASN S 106 29.68 -43.25 -69.33
CA ASN S 106 28.58 -42.53 -69.96
C ASN S 106 29.10 -41.38 -70.81
N VAL S 107 29.90 -40.50 -70.22
CA VAL S 107 30.45 -39.37 -70.96
C VAL S 107 31.46 -39.85 -71.99
N LEU S 108 32.25 -40.86 -71.66
CA LEU S 108 33.24 -41.35 -72.61
C LEU S 108 32.58 -41.89 -73.87
N ASN S 109 31.54 -42.70 -73.72
CA ASN S 109 30.86 -43.24 -74.89
C ASN S 109 30.04 -42.17 -75.61
N TYR S 110 29.49 -41.21 -74.87
CA TYR S 110 28.81 -40.10 -75.52
C TYR S 110 29.78 -39.29 -76.38
N LEU S 111 30.98 -39.03 -75.85
CA LEU S 111 32.00 -38.35 -76.63
C LEU S 111 32.44 -39.20 -77.81
N GLU S 112 32.51 -40.52 -77.63
CA GLU S 112 32.82 -41.40 -78.75
C GLU S 112 31.76 -41.31 -79.84
N ASP S 113 30.49 -41.23 -79.45
CA ASP S 113 29.43 -41.00 -80.43
C ASP S 113 29.62 -39.66 -81.14
N TYR S 114 30.01 -38.64 -80.38
CA TYR S 114 30.29 -37.33 -80.98
C TYR S 114 31.40 -37.43 -82.02
N ILE S 115 32.47 -38.16 -81.68
CA ILE S 115 33.59 -38.31 -82.61
C ILE S 115 33.16 -39.16 -83.81
N ASP S 116 32.26 -40.12 -83.59
CA ASP S 116 31.72 -40.87 -84.73
C ASP S 116 30.95 -39.94 -85.67
N ASP S 117 30.17 -39.02 -85.10
CA ASP S 117 29.52 -38.01 -85.92
C ASP S 117 30.55 -37.19 -86.70
N ALA S 118 31.62 -36.79 -86.02
CA ALA S 118 32.67 -36.01 -86.69
C ALA S 118 33.31 -36.79 -87.82
N ILE S 119 33.63 -38.06 -87.60
CA ILE S 119 34.32 -38.85 -88.61
C ILE S 119 33.40 -39.14 -89.79
N ALA S 120 32.11 -39.36 -89.51
CA ALA S 120 31.15 -39.50 -90.61
C ALA S 120 31.05 -38.20 -91.40
N ASN S 121 31.07 -37.06 -90.72
CA ASN S 121 31.11 -35.77 -91.41
C ASN S 121 32.33 -35.67 -92.31
N ILE S 122 33.49 -36.08 -91.81
CA ILE S 122 34.72 -36.01 -92.60
C ILE S 122 34.61 -36.92 -93.82
N GLN S 123 34.11 -38.14 -93.61
CA GLN S 123 34.00 -39.08 -94.73
C GLN S 123 33.05 -38.56 -95.79
N ALA S 124 31.85 -38.14 -95.41
CA ALA S 124 30.86 -37.63 -96.35
C ALA S 124 31.02 -36.14 -96.63
N SER S 125 31.99 -35.48 -95.99
CA SER S 125 32.21 -34.06 -96.20
C SER S 125 30.96 -33.25 -95.85
N MET T 1 8.10 8.81 -84.36
CA MET T 1 7.32 7.92 -83.52
C MET T 1 7.33 6.50 -84.08
N ARG T 2 7.86 5.56 -83.30
CA ARG T 2 8.10 4.22 -83.78
C ARG T 2 7.14 3.23 -83.12
N ARG T 3 7.18 1.99 -83.60
CA ARG T 3 6.32 0.92 -83.12
C ARG T 3 7.19 -0.20 -82.58
N LEU T 4 6.86 -0.66 -81.38
CA LEU T 4 7.62 -1.70 -80.70
C LEU T 4 6.87 -3.02 -80.78
N LYS T 5 7.56 -4.05 -81.25
CA LYS T 5 7.03 -5.41 -81.29
C LYS T 5 7.87 -6.31 -80.39
N GLY T 6 7.20 -7.21 -79.67
CA GLY T 6 7.92 -8.12 -78.79
C GLY T 6 7.22 -9.44 -78.58
N THR T 7 7.94 -10.54 -78.78
CA THR T 7 7.39 -11.88 -78.66
C THR T 7 7.85 -12.52 -77.36
N ILE T 8 6.95 -13.25 -76.70
CA ILE T 8 7.22 -13.86 -75.41
C ILE T 8 6.63 -15.26 -75.39
N ARG T 9 7.30 -16.19 -74.72
CA ARG T 9 6.94 -17.59 -74.81
C ARG T 9 7.27 -18.29 -73.49
N HIS T 10 6.61 -19.43 -73.26
CA HIS T 10 6.91 -20.26 -72.11
C HIS T 10 8.34 -20.81 -72.21
N LEU T 11 8.78 -21.44 -71.12
CA LEU T 11 10.07 -22.11 -71.12
C LEU T 11 10.05 -23.36 -71.99
N ASP T 12 8.94 -24.09 -71.99
CA ASP T 12 8.81 -25.29 -72.81
C ASP T 12 8.69 -24.98 -74.29
N ASP T 13 8.86 -23.71 -74.69
CA ASP T 13 8.80 -23.22 -76.06
C ASP T 13 7.36 -22.96 -76.47
N GLN T 14 6.37 -23.13 -75.59
CA GLN T 14 5.01 -22.75 -75.90
C GLN T 14 4.84 -21.23 -75.78
N PRO T 15 3.88 -20.65 -76.51
CA PRO T 15 3.61 -19.23 -76.34
C PRO T 15 3.10 -18.94 -74.93
N TRP T 16 3.47 -17.77 -74.42
CA TRP T 16 2.99 -17.31 -73.12
C TRP T 16 1.66 -16.62 -73.33
N ILE T 17 0.58 -17.38 -73.29
CA ILE T 17 -0.73 -16.92 -73.73
C ILE T 17 -1.44 -16.24 -72.57
N ASN T 18 -2.01 -15.07 -72.85
CA ASN T 18 -2.92 -14.39 -71.93
C ASN T 18 -2.23 -14.08 -70.59
N VAL T 19 -1.21 -13.24 -70.67
CA VAL T 19 -0.59 -12.62 -69.51
C VAL T 19 -0.55 -11.11 -69.75
N SER T 20 0.04 -10.39 -68.81
CA SER T 20 -0.01 -8.94 -68.81
C SER T 20 1.38 -8.34 -68.83
N LEU T 21 1.52 -7.24 -69.58
CA LEU T 21 2.74 -6.45 -69.67
C LEU T 21 2.38 -4.99 -69.49
N PHE T 22 3.35 -4.18 -69.05
CA PHE T 22 3.08 -2.76 -68.91
C PHE T 22 4.31 -1.94 -69.27
N LEU T 23 4.07 -0.71 -69.72
CA LEU T 23 5.12 0.25 -70.02
C LEU T 23 4.75 1.58 -69.38
N THR T 24 5.77 2.36 -69.03
CA THR T 24 5.58 3.66 -68.39
C THR T 24 6.66 4.62 -68.86
N LEU T 25 6.24 5.83 -69.25
CA LEU T 25 7.18 6.90 -69.56
C LEU T 25 7.44 7.68 -68.27
N ILE T 26 8.66 7.57 -67.74
CA ILE T 26 8.96 8.19 -66.45
C ILE T 26 8.97 9.70 -66.57
N ASN T 27 9.58 10.23 -67.62
CA ASN T 27 9.69 11.66 -67.82
C ASN T 27 8.87 12.07 -69.04
N GLY T 28 8.00 13.06 -68.84
CA GLY T 28 7.26 13.60 -69.96
C GLY T 28 8.19 14.20 -71.00
N THR T 29 7.59 14.63 -72.12
CA THR T 29 8.36 15.22 -73.19
C THR T 29 7.56 16.34 -73.83
N PHE T 30 8.27 17.25 -74.47
CA PHE T 30 7.67 18.39 -75.14
C PHE T 30 8.42 18.62 -76.44
N ASN T 31 7.69 18.64 -77.55
CA ASN T 31 8.27 18.74 -78.87
C ASN T 31 7.53 19.81 -79.67
N SER T 32 8.26 20.41 -80.61
CA SER T 32 7.62 21.32 -81.56
C SER T 32 6.42 20.66 -82.21
N ALA T 33 6.41 19.33 -82.30
CA ALA T 33 5.26 18.63 -82.85
C ALA T 33 4.17 18.44 -81.80
N ASN T 34 4.53 17.93 -80.63
CA ASN T 34 3.54 17.58 -79.62
C ASN T 34 4.21 17.51 -78.26
N GLN T 35 3.39 17.52 -77.22
CA GLN T 35 3.85 17.36 -75.85
C GLN T 35 3.40 16.00 -75.32
N TYR T 36 4.37 15.20 -74.86
CA TYR T 36 4.14 13.82 -74.43
C TYR T 36 4.35 13.71 -72.94
N PRO T 37 3.34 13.98 -72.13
CA PRO T 37 3.45 13.82 -70.68
C PRO T 37 3.44 12.34 -70.30
N ILE T 38 3.43 12.08 -68.99
CA ILE T 38 3.56 10.72 -68.50
C ILE T 38 2.34 9.91 -68.92
N ASP T 39 2.54 8.61 -69.07
CA ASP T 39 1.46 7.66 -69.34
C ASP T 39 1.89 6.30 -68.84
N THR T 40 0.92 5.49 -68.44
CA THR T 40 1.17 4.11 -68.02
C THR T 40 0.24 3.21 -68.83
N LYS T 41 0.80 2.55 -69.83
CA LYS T 41 0.00 1.75 -70.74
C LYS T 41 0.17 0.26 -70.43
N HIS T 42 -0.87 -0.50 -70.74
CA HIS T 42 -0.94 -1.92 -70.43
C HIS T 42 -1.16 -2.72 -71.71
N ALA T 43 -0.90 -4.01 -71.64
CA ALA T 43 -1.11 -4.88 -72.79
C ALA T 43 -1.21 -6.32 -72.32
N LYS T 44 -1.73 -7.18 -73.20
CA LYS T 44 -1.94 -8.58 -72.91
C LYS T 44 -1.40 -9.41 -74.07
N THR T 45 -1.15 -10.70 -73.80
CA THR T 45 -0.52 -11.56 -74.77
C THR T 45 -1.55 -12.27 -75.64
N ASP T 46 -1.23 -12.39 -76.92
CA ASP T 46 -2.04 -13.15 -77.87
C ASP T 46 -1.78 -14.64 -77.68
N GLN T 47 -2.36 -15.45 -78.57
CA GLN T 47 -2.14 -16.89 -78.51
C GLN T 47 -0.67 -17.24 -78.77
N ASN T 48 0.08 -16.35 -79.41
CA ASN T 48 1.49 -16.55 -79.66
C ASN T 48 2.38 -15.87 -78.63
N GLY T 49 1.85 -14.90 -77.89
CA GLY T 49 2.64 -14.14 -76.95
C GLY T 49 3.22 -12.85 -77.48
N GLU T 50 2.90 -12.46 -78.71
CA GLU T 50 3.38 -11.21 -79.26
C GLU T 50 2.58 -10.04 -78.69
N PHE T 51 3.24 -8.89 -78.60
CA PHE T 51 2.61 -7.66 -78.17
C PHE T 51 3.26 -6.48 -78.88
N VAL T 52 2.43 -5.58 -79.40
CA VAL T 52 2.89 -4.47 -80.22
C VAL T 52 2.28 -3.18 -79.71
N PHE T 53 3.13 -2.19 -79.46
CA PHE T 53 2.71 -0.86 -79.04
C PHE T 53 3.26 0.19 -80.01
N ASN T 54 2.80 1.41 -79.85
CA ASN T 54 3.35 2.56 -80.55
C ASN T 54 3.86 3.56 -79.51
N VAL T 55 5.14 3.92 -79.61
CA VAL T 55 5.76 4.82 -78.65
C VAL T 55 6.61 5.84 -79.40
N VAL T 56 7.07 6.84 -78.67
CA VAL T 56 7.90 7.89 -79.26
C VAL T 56 9.36 7.64 -78.88
N PRO T 57 10.29 7.81 -79.81
CA PRO T 57 11.71 7.79 -79.43
C PRO T 57 12.01 8.80 -78.33
N ASN T 58 13.21 8.67 -77.78
CA ASN T 58 13.68 9.58 -76.73
C ASN T 58 14.30 10.80 -77.41
N VAL T 59 13.45 11.67 -77.93
CA VAL T 59 13.90 12.88 -78.61
C VAL T 59 13.55 14.15 -77.86
N GLY T 60 12.60 14.14 -76.93
CA GLY T 60 12.27 15.34 -76.20
C GLY T 60 13.48 15.93 -75.49
N ILE T 61 13.57 17.26 -75.54
CA ILE T 61 14.70 17.94 -74.91
C ILE T 61 14.84 17.49 -73.46
N ASP T 62 13.72 17.12 -72.84
CA ASP T 62 13.75 16.29 -71.64
C ASP T 62 13.64 14.83 -72.08
N GLN T 63 14.56 14.00 -71.60
CA GLN T 63 14.68 12.65 -72.11
C GLN T 63 13.39 11.87 -71.90
N SER T 64 12.91 11.23 -72.96
CA SER T 64 11.74 10.35 -72.90
C SER T 64 12.23 8.97 -72.47
N TYR T 65 12.08 8.67 -71.19
CA TYR T 65 12.66 7.48 -70.57
C TYR T 65 11.57 6.44 -70.34
N TYR T 66 11.72 5.27 -70.96
CA TYR T 66 10.72 4.21 -70.86
C TYR T 66 11.16 3.14 -69.86
N ILE T 67 10.18 2.57 -69.17
CA ILE T 67 10.39 1.42 -68.29
C ILE T 67 9.29 0.41 -68.56
N LEU T 68 9.70 -0.85 -68.77
CA LEU T 68 8.78 -1.93 -69.08
C LEU T 68 8.80 -2.94 -67.94
N THR T 69 7.63 -3.45 -67.58
CA THR T 69 7.48 -4.46 -66.54
C THR T 69 6.75 -5.67 -67.09
N THR T 70 7.22 -6.85 -66.72
CA THR T 70 6.87 -8.13 -67.29
C THR T 70 6.20 -9.03 -66.27
N PRO T 71 5.76 -10.22 -66.68
CA PRO T 71 5.16 -11.14 -65.69
C PRO T 71 6.10 -11.49 -64.56
N ASP T 72 7.40 -11.60 -64.84
CA ASP T 72 8.42 -11.74 -63.80
C ASP T 72 8.83 -10.39 -63.24
N ASN T 73 8.14 -9.32 -63.64
CA ASN T 73 8.37 -7.96 -63.14
C ASN T 73 9.85 -7.59 -63.17
N LYS T 74 10.50 -7.78 -64.32
CA LYS T 74 11.78 -7.15 -64.55
C LYS T 74 11.58 -5.74 -65.10
N LYS T 75 12.37 -4.81 -64.60
CA LYS T 75 12.22 -3.39 -64.95
C LYS T 75 13.19 -3.09 -66.10
N HIS T 76 12.75 -3.40 -67.31
CA HIS T 76 13.54 -3.11 -68.50
C HIS T 76 13.52 -1.60 -68.73
N SER T 77 14.58 -0.93 -68.31
CA SER T 77 14.74 0.50 -68.54
C SER T 77 15.38 0.70 -69.91
N PHE T 78 14.82 1.59 -70.71
CA PHE T 78 15.37 1.81 -72.05
C PHE T 78 14.84 3.12 -72.62
N THR T 79 15.49 3.54 -73.71
CA THR T 79 15.12 4.75 -74.45
C THR T 79 14.96 4.33 -75.91
N VAL T 80 13.73 4.34 -76.40
CA VAL T 80 13.51 3.96 -77.79
C VAL T 80 14.30 4.90 -78.69
N PRO T 81 15.12 4.41 -79.61
CA PRO T 81 15.91 5.29 -80.46
C PRO T 81 15.05 5.93 -81.55
N ASP T 82 15.60 6.99 -82.14
CA ASP T 82 14.90 7.75 -83.16
C ASP T 82 14.60 6.86 -84.38
N GLY T 83 13.77 7.39 -85.26
CA GLY T 83 13.34 6.66 -86.43
C GLY T 83 11.83 6.55 -86.51
N THR T 84 11.34 5.78 -87.47
CA THR T 84 9.90 5.58 -87.64
C THR T 84 9.49 4.13 -87.85
N SER T 85 10.37 3.29 -88.40
CA SER T 85 10.00 1.92 -88.70
C SER T 85 9.75 1.13 -87.41
N ASP T 86 8.89 0.13 -87.52
CA ASP T 86 8.62 -0.74 -86.39
C ASP T 86 9.91 -1.43 -85.94
N ILE T 87 10.10 -1.49 -84.63
CA ILE T 87 11.35 -1.97 -84.05
C ILE T 87 11.03 -3.07 -83.06
N GLU T 88 11.75 -4.18 -83.16
CA GLU T 88 11.50 -5.32 -82.29
C GLU T 88 11.89 -5.00 -80.85
N PHE T 89 11.26 -5.70 -79.92
CA PHE T 89 11.69 -5.64 -78.53
C PHE T 89 13.12 -6.11 -78.38
N SER T 90 13.59 -6.96 -79.29
CA SER T 90 14.97 -7.44 -79.22
C SER T 90 15.97 -6.29 -79.26
N VAL T 91 15.74 -5.30 -80.13
CA VAL T 91 16.69 -4.20 -80.27
C VAL T 91 16.94 -3.54 -78.92
N VAL T 92 15.91 -2.91 -78.36
CA VAL T 92 16.10 -2.15 -77.13
C VAL T 92 16.35 -3.07 -75.93
N ARG T 93 15.87 -4.31 -76.00
CA ARG T 93 16.20 -5.30 -74.98
C ARG T 93 17.70 -5.54 -74.94
N GLU T 94 18.33 -5.62 -76.10
CA GLU T 94 19.79 -5.67 -76.16
C GLU T 94 20.39 -4.37 -75.66
N ALA T 95 19.82 -3.23 -76.08
CA ALA T 95 20.30 -1.95 -75.58
C ALA T 95 20.13 -1.85 -74.07
N GLY T 96 18.97 -2.24 -73.56
CA GLY T 96 18.77 -2.34 -72.12
C GLY T 96 18.90 -3.78 -71.67
N ILE T 97 20.07 -4.13 -71.16
CA ILE T 97 20.40 -5.51 -70.82
C ILE T 97 20.70 -5.57 -69.34
N ILE T 98 20.51 -6.75 -68.77
CA ILE T 98 20.63 -6.96 -67.33
C ILE T 98 22.05 -7.40 -67.02
N ALA T 99 22.44 -7.25 -65.76
CA ALA T 99 23.81 -7.48 -65.34
C ALA T 99 24.17 -8.97 -65.22
N THR T 100 25.42 -9.24 -64.87
CA THR T 100 25.93 -10.60 -64.75
C THR T 100 25.76 -11.11 -63.32
N ASP T 101 26.37 -12.26 -63.05
CA ASP T 101 26.32 -12.88 -61.72
C ASP T 101 27.61 -13.64 -61.52
N PRO T 102 28.11 -13.78 -60.28
CA PRO T 102 29.39 -14.49 -60.09
C PRO T 102 29.42 -15.86 -60.72
N GLU T 103 28.33 -16.63 -60.65
CA GLU T 103 28.24 -17.92 -61.33
C GLU T 103 27.30 -17.94 -62.53
N TYR T 104 27.22 -16.81 -63.23
CA TYR T 104 26.30 -16.60 -64.34
C TYR T 104 26.38 -17.73 -65.36
N THR T 105 27.56 -17.91 -65.97
CA THR T 105 27.75 -18.88 -67.03
C THR T 105 28.69 -20.02 -66.66
N ASN T 106 29.24 -20.03 -65.44
CA ASN T 106 30.12 -21.13 -65.05
C ASN T 106 29.45 -22.48 -65.29
N VAL T 107 28.18 -22.60 -64.91
CA VAL T 107 27.42 -23.82 -65.14
C VAL T 107 26.81 -23.68 -66.53
N LEU T 108 27.60 -24.02 -67.54
CA LEU T 108 27.53 -24.09 -69.00
C LEU T 108 27.79 -25.51 -69.49
N ASN T 109 27.76 -26.50 -68.60
CA ASN T 109 28.02 -27.87 -69.00
C ASN T 109 29.35 -27.96 -69.74
N TYR T 110 29.31 -28.09 -71.06
CA TYR T 110 30.49 -28.31 -71.87
C TYR T 110 30.68 -27.24 -72.93
N LEU T 111 29.89 -26.16 -72.90
CA LEU T 111 29.96 -25.17 -73.97
C LEU T 111 31.39 -24.70 -74.18
N GLU T 112 32.15 -24.52 -73.11
CA GLU T 112 33.59 -24.32 -73.28
C GLU T 112 34.21 -25.56 -73.94
N ASP T 113 33.80 -26.75 -73.51
CA ASP T 113 34.27 -27.95 -74.18
C ASP T 113 33.71 -28.03 -75.60
N TYR T 114 32.53 -27.44 -75.84
CA TYR T 114 32.01 -27.35 -77.20
C TYR T 114 32.96 -26.53 -78.07
N ILE T 115 33.44 -25.39 -77.54
CA ILE T 115 34.41 -24.59 -78.27
C ILE T 115 35.67 -25.40 -78.51
N ASP T 116 36.11 -26.14 -77.48
CA ASP T 116 37.29 -26.99 -77.63
C ASP T 116 37.09 -27.98 -78.78
N ASP T 117 35.93 -28.64 -78.82
CA ASP T 117 35.65 -29.59 -79.88
C ASP T 117 35.64 -28.91 -81.24
N ALA T 118 35.03 -27.73 -81.32
CA ALA T 118 34.97 -27.03 -82.59
C ALA T 118 36.36 -26.68 -83.09
N ILE T 119 37.22 -26.17 -82.21
CA ILE T 119 38.57 -25.82 -82.64
C ILE T 119 39.36 -27.08 -83.00
N ALA T 120 39.15 -28.19 -82.29
CA ALA T 120 39.81 -29.43 -82.65
C ALA T 120 39.39 -29.88 -84.05
N ASN T 121 38.09 -29.83 -84.34
CA ASN T 121 37.61 -30.22 -85.65
C ASN T 121 38.17 -29.32 -86.74
N ILE T 122 38.21 -28.01 -86.47
CA ILE T 122 38.85 -27.10 -87.42
C ILE T 122 40.30 -27.49 -87.63
N GLN T 123 40.98 -27.90 -86.56
CA GLN T 123 42.37 -28.33 -86.65
C GLN T 123 42.53 -29.67 -87.35
N ALA T 124 41.44 -30.36 -87.67
CA ALA T 124 41.49 -31.65 -88.33
C ALA T 124 42.50 -31.65 -89.48
N SER T 125 42.47 -30.61 -90.31
CA SER T 125 43.40 -30.49 -91.42
C SER T 125 44.08 -29.12 -91.41
N MET U 1 13.38 -27.28 -76.88
CA MET U 1 13.58 -28.03 -78.10
C MET U 1 13.98 -29.46 -77.80
N ARG U 2 15.05 -29.62 -77.02
CA ARG U 2 15.62 -30.92 -76.72
C ARG U 2 14.63 -31.73 -75.90
N ARG U 3 14.43 -32.99 -76.30
CA ARG U 3 13.59 -33.93 -75.56
C ARG U 3 14.44 -34.52 -74.44
N LEU U 4 14.50 -33.82 -73.32
CA LEU U 4 15.20 -34.30 -72.14
C LEU U 4 14.43 -35.47 -71.56
N LYS U 5 15.01 -36.67 -71.65
CA LYS U 5 14.39 -37.89 -71.17
C LYS U 5 15.03 -38.30 -69.85
N GLY U 6 14.24 -38.95 -69.00
CA GLY U 6 14.75 -39.45 -67.75
C GLY U 6 13.96 -40.63 -67.27
N THR U 7 14.68 -41.66 -66.80
CA THR U 7 14.07 -42.89 -66.30
C THR U 7 14.34 -43.00 -64.81
N ILE U 8 13.28 -43.10 -64.03
CA ILE U 8 13.38 -43.20 -62.58
C ILE U 8 12.65 -44.47 -62.15
N ARG U 9 13.30 -45.26 -61.30
CA ARG U 9 12.70 -46.46 -60.73
C ARG U 9 13.08 -46.56 -59.27
N HIS U 10 12.28 -47.30 -58.52
CA HIS U 10 12.48 -47.42 -57.08
C HIS U 10 13.80 -48.10 -56.76
N LEU U 11 14.10 -48.21 -55.47
CA LEU U 11 15.32 -48.90 -55.05
C LEU U 11 15.38 -50.31 -55.62
N ASP U 12 14.23 -50.94 -55.84
CA ASP U 12 14.15 -52.28 -56.40
C ASP U 12 13.91 -52.26 -57.90
N ASP U 13 14.23 -51.15 -58.56
CA ASP U 13 14.07 -50.98 -60.01
C ASP U 13 12.61 -50.98 -60.43
N GLN U 14 11.68 -51.01 -59.48
CA GLN U 14 10.28 -50.88 -59.83
C GLN U 14 10.03 -49.44 -60.27
N PRO U 15 9.58 -49.20 -61.51
CA PRO U 15 9.40 -47.82 -61.94
C PRO U 15 8.37 -47.09 -61.08
N TRP U 16 8.69 -45.84 -60.75
CA TRP U 16 7.73 -44.95 -60.12
C TRP U 16 6.63 -44.65 -61.12
N ILE U 17 5.38 -44.74 -60.69
CA ILE U 17 4.24 -44.51 -61.57
C ILE U 17 3.60 -43.17 -61.21
N ASN U 18 3.42 -42.33 -62.23
CA ASN U 18 2.76 -41.03 -62.10
C ASN U 18 3.14 -40.34 -60.79
N VAL U 19 4.44 -40.17 -60.60
CA VAL U 19 4.97 -39.43 -59.47
C VAL U 19 5.45 -38.08 -59.98
N SER U 20 5.36 -37.07 -59.11
CA SER U 20 5.51 -35.69 -59.51
C SER U 20 6.98 -35.29 -59.61
N LEU U 21 7.34 -34.70 -60.75
CA LEU U 21 8.65 -34.12 -60.97
C LEU U 21 8.45 -32.67 -61.37
N PHE U 22 9.31 -31.78 -60.88
CA PHE U 22 9.21 -30.37 -61.25
C PHE U 22 10.50 -29.87 -61.85
N LEU U 23 10.38 -29.01 -62.86
CA LEU U 23 11.54 -28.37 -63.47
C LEU U 23 11.27 -26.88 -63.53
N THR U 24 12.31 -26.08 -63.32
CA THR U 24 12.16 -24.64 -63.33
C THR U 24 13.42 -23.97 -63.85
N LEU U 25 13.21 -22.95 -64.67
CA LEU U 25 14.27 -22.02 -65.04
C LEU U 25 14.47 -21.03 -63.90
N ILE U 26 15.60 -20.32 -63.94
CA ILE U 26 15.99 -19.39 -62.89
C ILE U 26 16.03 -17.95 -63.39
N ASN U 27 16.51 -17.75 -64.61
CA ASN U 27 16.56 -16.43 -65.22
C ASN U 27 15.91 -16.49 -66.60
N GLY U 28 15.25 -15.39 -66.99
CA GLY U 28 14.57 -15.35 -68.26
C GLY U 28 15.54 -15.15 -69.41
N THR U 29 15.76 -16.21 -70.18
CA THR U 29 16.70 -16.16 -71.29
C THR U 29 15.99 -15.70 -72.55
N PHE U 30 16.75 -15.05 -73.44
CA PHE U 30 16.25 -14.68 -74.75
C PHE U 30 17.37 -14.78 -75.77
N ASN U 31 16.99 -15.07 -77.00
CA ASN U 31 17.89 -15.07 -78.15
C ASN U 31 17.43 -13.98 -79.09
N SER U 32 18.27 -13.69 -80.09
CA SER U 32 17.89 -12.69 -81.10
C SER U 32 16.53 -13.03 -81.70
N ALA U 33 16.22 -14.33 -81.80
CA ALA U 33 14.95 -14.74 -82.40
C ALA U 33 13.77 -14.33 -81.52
N ASN U 34 13.82 -14.61 -80.23
CA ASN U 34 12.68 -14.43 -79.34
C ASN U 34 13.17 -14.50 -77.90
N GLN U 35 12.24 -14.55 -76.96
CA GLN U 35 12.54 -14.51 -75.54
C GLN U 35 11.87 -15.68 -74.81
N TYR U 36 12.53 -16.13 -73.74
CA TYR U 36 12.08 -17.25 -72.91
C TYR U 36 12.17 -16.85 -71.44
N PRO U 37 11.18 -16.17 -70.90
CA PRO U 37 11.21 -15.76 -69.49
C PRO U 37 11.04 -16.96 -68.55
N ILE U 38 10.91 -16.64 -67.26
CA ILE U 38 10.82 -17.68 -66.24
C ILE U 38 9.50 -18.42 -66.36
N ASP U 39 9.55 -19.73 -66.11
CA ASP U 39 8.35 -20.54 -65.96
C ASP U 39 8.76 -21.81 -65.25
N THR U 40 7.77 -22.51 -64.70
CA THR U 40 7.98 -23.81 -64.07
C THR U 40 7.04 -24.82 -64.70
N LYS U 41 7.57 -25.99 -65.04
CA LYS U 41 6.77 -27.07 -65.61
C LYS U 41 6.80 -28.27 -64.66
N HIS U 42 5.79 -29.12 -64.82
CA HIS U 42 5.65 -30.34 -64.03
C HIS U 42 5.41 -31.52 -64.95
N ALA U 43 5.77 -32.71 -64.46
CA ALA U 43 5.46 -33.93 -65.18
C ALA U 43 5.24 -35.07 -64.20
N LYS U 44 4.74 -36.18 -64.74
CA LYS U 44 4.48 -37.38 -63.97
C LYS U 44 5.10 -38.58 -64.66
N THR U 45 5.49 -39.56 -63.87
CA THR U 45 6.12 -40.75 -64.42
C THR U 45 5.09 -41.65 -65.08
N ASP U 46 5.49 -42.27 -66.18
CA ASP U 46 4.67 -43.27 -66.84
C ASP U 46 4.78 -44.59 -66.07
N GLN U 47 4.22 -45.66 -66.63
CA GLN U 47 4.36 -46.97 -66.01
C GLN U 47 5.81 -47.41 -65.96
N ASN U 48 6.57 -47.18 -67.03
CA ASN U 48 7.99 -47.47 -67.05
C ASN U 48 8.81 -46.49 -66.22
N GLY U 49 8.20 -45.42 -65.72
CA GLY U 49 8.90 -44.43 -64.94
C GLY U 49 9.54 -43.32 -65.74
N GLU U 50 9.33 -43.28 -67.05
CA GLU U 50 9.97 -42.30 -67.90
C GLU U 50 9.31 -40.94 -67.74
N PHE U 51 10.05 -39.89 -68.13
CA PHE U 51 9.52 -38.54 -68.18
C PHE U 51 10.33 -37.73 -69.17
N VAL U 52 9.64 -36.94 -69.99
CA VAL U 52 10.24 -36.21 -71.09
C VAL U 52 9.83 -34.75 -71.03
N PHE U 53 10.81 -33.86 -71.21
CA PHE U 53 10.57 -32.42 -71.26
C PHE U 53 11.04 -31.89 -72.61
N ASN U 54 10.30 -30.90 -73.13
CA ASN U 54 10.77 -30.14 -74.30
C ASN U 54 11.47 -28.90 -73.78
N VAL U 55 12.75 -29.06 -73.46
CA VAL U 55 13.51 -28.01 -72.80
C VAL U 55 14.27 -27.21 -73.85
N VAL U 56 14.64 -25.99 -73.48
CA VAL U 56 15.37 -25.09 -74.35
C VAL U 56 16.85 -25.45 -74.38
N PRO U 57 17.49 -25.51 -75.54
CA PRO U 57 18.96 -25.59 -75.55
C PRO U 57 19.54 -24.34 -74.90
N ASN U 58 20.16 -24.52 -73.74
CA ASN U 58 20.46 -23.40 -72.86
C ASN U 58 21.71 -22.69 -73.36
N VAL U 59 21.57 -22.02 -74.50
CA VAL U 59 22.57 -21.11 -75.02
C VAL U 59 21.92 -19.74 -75.13
N GLY U 60 22.76 -18.71 -75.26
CA GLY U 60 22.27 -17.36 -75.34
C GLY U 60 22.96 -16.44 -74.36
N ILE U 61 23.09 -15.17 -74.73
CA ILE U 61 23.78 -14.20 -73.88
C ILE U 61 23.21 -14.05 -72.47
N ASP U 62 22.01 -14.58 -72.22
CA ASP U 62 21.41 -14.50 -70.89
C ASP U 62 21.79 -15.72 -70.06
N GLN U 63 21.50 -15.62 -68.76
CA GLN U 63 21.77 -16.73 -67.86
C GLN U 63 20.75 -17.83 -68.04
N SER U 64 21.24 -19.06 -68.11
CA SER U 64 20.41 -20.26 -68.12
C SER U 64 20.68 -21.05 -66.86
N TYR U 65 19.62 -21.63 -66.29
CA TYR U 65 19.79 -22.47 -65.10
C TYR U 65 18.53 -23.30 -64.94
N TYR U 66 18.66 -24.62 -65.08
CA TYR U 66 17.55 -25.54 -64.88
C TYR U 66 17.70 -26.22 -63.53
N ILE U 67 16.63 -26.22 -62.74
CA ILE U 67 16.59 -26.91 -61.46
C ILE U 67 15.48 -27.94 -61.52
N LEU U 68 15.83 -29.19 -61.21
CA LEU U 68 14.89 -30.30 -61.23
C LEU U 68 14.71 -30.81 -59.81
N THR U 69 13.46 -30.86 -59.36
CA THR U 69 13.11 -31.39 -58.06
C THR U 69 12.41 -32.72 -58.24
N THR U 70 12.90 -33.73 -57.52
CA THR U 70 12.49 -35.13 -57.61
C THR U 70 11.51 -35.48 -56.49
N PRO U 71 10.93 -36.68 -56.49
CA PRO U 71 10.08 -37.08 -55.35
C PRO U 71 10.82 -37.04 -54.02
N ASP U 72 12.15 -37.06 -54.04
CA ASP U 72 12.96 -36.90 -52.85
C ASP U 72 12.99 -35.45 -52.38
N ASN U 73 12.31 -34.55 -53.10
CA ASN U 73 12.33 -33.12 -52.79
C ASN U 73 13.77 -32.60 -52.85
N LYS U 74 14.64 -33.35 -53.51
CA LYS U 74 16.02 -32.95 -53.72
C LYS U 74 16.11 -32.23 -55.06
N LYS U 75 16.77 -31.07 -55.06
CA LYS U 75 16.85 -30.23 -56.26
C LYS U 75 18.26 -30.34 -56.84
N HIS U 76 18.33 -30.70 -58.11
CA HIS U 76 19.60 -30.77 -58.84
C HIS U 76 19.64 -29.67 -59.88
N SER U 77 20.79 -29.00 -59.97
CA SER U 77 20.98 -27.89 -60.90
C SER U 77 21.77 -28.38 -62.10
N PHE U 78 21.45 -27.83 -63.28
CA PHE U 78 22.17 -28.20 -64.48
C PHE U 78 21.84 -27.21 -65.58
N THR U 79 22.71 -27.19 -66.59
CA THR U 79 22.52 -26.39 -67.80
C THR U 79 22.42 -27.34 -68.99
N VAL U 80 21.42 -27.11 -69.84
CA VAL U 80 21.26 -27.93 -71.04
C VAL U 80 22.31 -27.50 -72.06
N PRO U 81 23.23 -28.38 -72.46
CA PRO U 81 24.12 -28.03 -73.57
C PRO U 81 23.31 -27.83 -74.85
N ASP U 82 23.80 -26.91 -75.68
CA ASP U 82 23.09 -26.56 -76.89
C ASP U 82 22.98 -27.80 -77.80
N GLY U 83 22.14 -27.68 -78.81
CA GLY U 83 21.86 -28.78 -79.72
C GLY U 83 20.37 -29.04 -79.83
N THR U 84 20.03 -29.86 -80.83
CA THR U 84 18.66 -30.18 -81.16
C THR U 84 18.54 -31.70 -81.21
N SER U 85 18.32 -32.31 -80.05
CA SER U 85 18.16 -33.76 -79.98
C SER U 85 17.84 -34.11 -78.53
N ASP U 86 17.16 -35.24 -78.36
CA ASP U 86 16.91 -35.75 -77.02
C ASP U 86 18.22 -36.05 -76.32
N ILE U 87 18.30 -35.71 -75.04
CA ILE U 87 19.47 -35.96 -74.23
C ILE U 87 19.05 -36.76 -73.02
N GLU U 88 19.74 -37.88 -72.79
CA GLU U 88 19.49 -38.65 -71.57
C GLU U 88 19.74 -37.77 -70.36
N PHE U 89 18.79 -37.79 -69.43
CA PHE U 89 18.88 -36.89 -68.28
C PHE U 89 20.13 -37.16 -67.47
N SER U 90 20.49 -38.42 -67.26
CA SER U 90 21.63 -38.74 -66.41
C SER U 90 22.89 -38.00 -66.82
N VAL U 91 23.07 -37.76 -68.13
CA VAL U 91 24.27 -37.07 -68.59
C VAL U 91 24.33 -35.67 -68.00
N VAL U 92 23.25 -34.89 -68.17
CA VAL U 92 23.23 -33.54 -67.62
C VAL U 92 23.21 -33.58 -66.11
N ARG U 93 22.59 -34.60 -65.52
CA ARG U 93 22.54 -34.71 -64.07
C ARG U 93 23.93 -34.87 -63.47
N GLU U 94 24.76 -35.72 -64.09
CA GLU U 94 26.12 -35.87 -63.61
C GLU U 94 26.99 -34.68 -63.99
N ALA U 95 26.74 -34.07 -65.15
CA ALA U 95 27.44 -32.84 -65.48
C ALA U 95 27.14 -31.75 -64.46
N GLY U 96 25.94 -31.77 -63.88
CA GLY U 96 25.63 -30.91 -62.76
C GLY U 96 26.48 -31.15 -61.55
N ILE U 97 27.13 -32.32 -61.46
CA ILE U 97 28.15 -32.50 -60.43
C ILE U 97 29.33 -31.57 -60.65
N ILE U 98 29.49 -31.03 -61.85
CA ILE U 98 30.47 -29.99 -62.10
C ILE U 98 29.84 -28.66 -61.68
N ALA U 99 28.65 -28.73 -61.09
CA ALA U 99 28.16 -27.65 -60.24
C ALA U 99 28.62 -27.86 -58.80
N THR U 100 28.71 -29.12 -58.38
CA THR U 100 29.30 -29.45 -57.08
C THR U 100 30.82 -29.31 -57.16
N ASP U 101 31.40 -28.56 -56.21
CA ASP U 101 32.78 -28.14 -56.34
C ASP U 101 32.95 -27.68 -57.77
N PRO U 102 32.15 -26.71 -58.23
CA PRO U 102 31.98 -26.53 -59.68
C PRO U 102 33.26 -26.26 -60.43
N GLU U 103 34.18 -25.49 -59.85
CA GLU U 103 35.36 -25.05 -60.59
C GLU U 103 36.60 -25.93 -60.45
N TYR U 104 36.49 -27.12 -59.86
CA TYR U 104 37.62 -28.02 -59.90
C TYR U 104 38.05 -28.20 -61.35
N THR U 105 39.22 -27.66 -61.69
CA THR U 105 39.68 -27.69 -63.07
C THR U 105 40.32 -29.02 -63.43
N ASN U 106 40.71 -29.82 -62.43
CA ASN U 106 41.34 -31.10 -62.73
C ASN U 106 40.41 -32.01 -63.50
N VAL U 107 39.12 -32.02 -63.16
CA VAL U 107 38.19 -32.91 -63.83
C VAL U 107 38.05 -32.53 -65.30
N LEU U 108 37.88 -31.24 -65.59
CA LEU U 108 37.74 -30.83 -66.98
C LEU U 108 39.04 -31.01 -67.74
N ASN U 109 40.19 -30.83 -67.08
CA ASN U 109 41.47 -31.15 -67.70
C ASN U 109 41.58 -32.62 -68.03
N TYR U 110 41.13 -33.50 -67.13
CA TYR U 110 41.16 -34.92 -67.38
C TYR U 110 40.27 -35.28 -68.58
N LEU U 111 39.08 -34.68 -68.64
CA LEU U 111 38.22 -34.89 -69.80
C LEU U 111 38.91 -34.42 -71.07
N GLU U 112 39.54 -33.25 -71.02
CA GLU U 112 40.24 -32.72 -72.18
C GLU U 112 41.36 -33.67 -72.63
N ASP U 113 42.14 -34.17 -71.68
CA ASP U 113 43.24 -35.08 -72.03
C ASP U 113 42.73 -36.40 -72.59
N TYR U 114 41.65 -36.95 -72.03
CA TYR U 114 41.06 -38.15 -72.60
C TYR U 114 40.62 -37.89 -74.03
N ILE U 115 39.99 -36.75 -74.28
CA ILE U 115 39.55 -36.41 -75.62
C ILE U 115 40.75 -36.32 -76.56
N ASP U 116 41.83 -35.67 -76.11
CA ASP U 116 43.01 -35.52 -76.94
C ASP U 116 43.63 -36.88 -77.27
N ASP U 117 43.72 -37.77 -76.27
CA ASP U 117 44.29 -39.09 -76.51
C ASP U 117 43.42 -39.90 -77.48
N ALA U 118 42.10 -39.82 -77.32
CA ALA U 118 41.21 -40.49 -78.26
C ALA U 118 41.38 -39.94 -79.67
N ILE U 119 41.51 -38.61 -79.78
CA ILE U 119 41.72 -37.99 -81.09
C ILE U 119 43.02 -38.48 -81.71
N ALA U 120 44.08 -38.57 -80.91
CA ALA U 120 45.36 -39.05 -81.42
C ALA U 120 45.24 -40.49 -81.90
N ASN U 121 44.60 -41.35 -81.11
CA ASN U 121 44.42 -42.73 -81.52
C ASN U 121 43.61 -42.82 -82.82
N ILE U 122 42.56 -42.01 -82.95
CA ILE U 122 41.76 -42.01 -84.16
C ILE U 122 42.58 -41.53 -85.35
N GLN U 123 43.40 -40.49 -85.14
CA GLN U 123 44.27 -40.00 -86.20
C GLN U 123 45.26 -41.08 -86.63
N ALA U 124 45.74 -41.90 -85.70
CA ALA U 124 46.66 -42.97 -86.07
C ALA U 124 46.11 -43.79 -87.22
N SER U 125 44.81 -44.05 -87.20
CA SER U 125 44.13 -44.70 -88.32
C SER U 125 44.76 -46.04 -88.64
N MET V 1 22.81 -71.14 37.38
CA MET V 1 21.54 -70.70 37.92
C MET V 1 21.63 -70.47 39.42
N ARG V 2 22.55 -69.60 39.82
CA ARG V 2 22.72 -69.27 41.23
C ARG V 2 21.53 -68.47 41.71
N ARG V 3 20.98 -68.87 42.85
CA ARG V 3 19.90 -68.12 43.46
C ARG V 3 20.43 -66.79 43.97
N LEU V 4 19.53 -65.94 44.45
CA LEU V 4 19.94 -64.67 45.04
C LEU V 4 18.92 -64.32 46.13
N LYS V 5 19.21 -64.73 47.36
CA LYS V 5 18.31 -64.47 48.49
C LYS V 5 18.56 -63.06 49.02
N GLY V 6 18.20 -62.08 48.19
CA GLY V 6 18.25 -60.69 48.60
C GLY V 6 16.94 -60.28 49.27
N THR V 7 17.05 -59.41 50.27
CA THR V 7 15.89 -58.94 51.01
C THR V 7 15.98 -57.42 51.15
N ILE V 8 14.84 -56.75 50.92
CA ILE V 8 14.74 -55.31 51.07
C ILE V 8 13.96 -55.01 52.34
N ARG V 9 14.10 -53.79 52.84
CA ARG V 9 13.48 -53.42 54.09
C ARG V 9 13.29 -51.91 54.15
N HIS V 10 12.09 -51.50 54.58
CA HIS V 10 11.78 -50.08 54.73
C HIS V 10 12.73 -49.42 55.72
N LEU V 11 12.67 -48.09 55.77
CA LEU V 11 13.41 -47.35 56.79
C LEU V 11 12.91 -47.72 58.18
N ASP V 12 11.59 -47.86 58.34
CA ASP V 12 11.03 -48.29 59.61
C ASP V 12 11.47 -49.69 60.01
N ASP V 13 12.21 -50.38 59.14
CA ASP V 13 12.72 -51.74 59.31
C ASP V 13 11.66 -52.79 59.00
N GLN V 14 10.46 -52.39 58.57
CA GLN V 14 9.51 -53.35 58.03
C GLN V 14 9.90 -53.69 56.60
N PRO V 15 9.47 -54.83 56.10
CA PRO V 15 9.79 -55.20 54.72
C PRO V 15 8.84 -54.57 53.71
N TRP V 16 9.28 -54.57 52.46
CA TRP V 16 8.43 -54.17 51.35
C TRP V 16 7.74 -55.42 50.82
N ILE V 17 6.53 -55.25 50.29
CA ILE V 17 5.76 -56.36 49.74
C ILE V 17 5.27 -55.98 48.36
N ASN V 18 5.20 -56.97 47.47
CA ASN V 18 4.75 -56.77 46.09
C ASN V 18 5.29 -55.47 45.51
N VAL V 19 6.59 -55.27 45.60
CA VAL V 19 7.26 -54.12 44.99
C VAL V 19 8.26 -54.66 43.99
N SER V 20 8.35 -54.00 42.83
CA SER V 20 9.06 -54.55 41.70
C SER V 20 10.55 -54.24 41.79
N LEU V 21 11.36 -55.30 41.71
CA LEU V 21 12.81 -55.20 41.53
C LEU V 21 13.12 -55.71 40.14
N PHE V 22 13.97 -55.01 39.41
CA PHE V 22 14.28 -55.36 38.03
C PHE V 22 15.74 -55.78 37.90
N LEU V 23 15.98 -56.87 37.17
CA LEU V 23 17.32 -57.38 36.92
C LEU V 23 17.53 -57.43 35.42
N THR V 24 18.65 -56.87 34.97
CA THR V 24 18.91 -56.69 33.55
C THR V 24 20.31 -57.15 33.20
N LEU V 25 20.40 -57.95 32.14
CA LEU V 25 21.68 -58.33 31.55
C LEU V 25 22.07 -57.33 30.47
N ILE V 26 23.37 -57.05 30.38
CA ILE V 26 23.88 -56.04 29.46
C ILE V 26 24.49 -56.66 28.22
N ASN V 27 25.35 -57.67 28.38
CA ASN V 27 26.02 -58.31 27.26
C ASN V 27 25.39 -59.66 27.00
N GLY V 28 25.06 -59.91 25.74
CA GLY V 28 24.59 -61.24 25.38
C GLY V 28 25.66 -62.24 25.71
N THR V 29 25.44 -63.03 26.76
CA THR V 29 26.45 -63.94 27.27
C THR V 29 26.15 -65.36 26.78
N PHE V 30 27.19 -66.17 26.71
CA PHE V 30 27.05 -67.53 26.21
C PHE V 30 28.21 -68.36 26.70
N ASN V 31 28.00 -69.67 26.71
CA ASN V 31 29.03 -70.64 27.04
C ASN V 31 28.96 -71.76 26.00
N SER V 32 29.93 -72.67 26.07
CA SER V 32 29.91 -73.81 25.16
C SER V 32 28.58 -74.55 25.25
N ALA V 33 27.97 -74.57 26.44
CA ALA V 33 26.70 -75.25 26.62
C ALA V 33 25.58 -74.52 25.89
N ASN V 34 25.32 -73.27 26.27
CA ASN V 34 24.15 -72.53 25.79
C ASN V 34 24.53 -71.09 25.52
N GLN V 35 23.54 -70.32 25.08
CA GLN V 35 23.68 -68.90 24.82
C GLN V 35 22.62 -68.13 25.59
N TYR V 36 22.99 -66.95 26.08
CA TYR V 36 22.14 -66.16 26.95
C TYR V 36 22.01 -64.73 26.42
N PRO V 37 21.09 -64.47 25.51
CA PRO V 37 20.99 -63.13 24.94
C PRO V 37 20.50 -62.12 25.96
N ILE V 38 20.63 -60.85 25.59
CA ILE V 38 20.31 -59.76 26.50
C ILE V 38 18.82 -59.79 26.82
N ASP V 39 18.50 -60.03 28.08
CA ASP V 39 17.12 -60.10 28.53
C ASP V 39 17.06 -59.53 29.94
N THR V 40 15.85 -59.11 30.34
CA THR V 40 15.62 -58.56 31.67
C THR V 40 14.37 -59.19 32.25
N LYS V 41 14.34 -59.28 33.57
CA LYS V 41 13.18 -59.86 34.25
C LYS V 41 13.02 -59.18 35.60
N HIS V 42 11.79 -59.18 36.10
CA HIS V 42 11.46 -58.52 37.35
C HIS V 42 11.00 -59.54 38.39
N ALA V 43 10.83 -59.05 39.61
CA ALA V 43 10.35 -59.87 40.70
C ALA V 43 9.62 -58.99 41.71
N LYS V 44 8.74 -59.61 42.48
CA LYS V 44 7.97 -58.93 43.51
C LYS V 44 8.41 -59.42 44.88
N THR V 45 8.66 -58.50 45.80
CA THR V 45 9.04 -58.88 47.14
C THR V 45 7.91 -59.65 47.81
N ASP V 46 8.28 -60.67 48.58
CA ASP V 46 7.31 -61.48 49.29
C ASP V 46 6.68 -60.64 50.41
N GLN V 47 5.77 -61.25 51.17
CA GLN V 47 5.17 -60.55 52.30
C GLN V 47 6.21 -60.14 53.33
N ASN V 48 7.37 -60.78 53.35
CA ASN V 48 8.42 -60.53 54.32
C ASN V 48 9.60 -59.75 53.76
N GLY V 49 9.52 -59.31 52.50
CA GLY V 49 10.55 -58.48 51.91
C GLY V 49 11.69 -59.21 51.24
N GLU V 50 11.60 -60.54 51.14
CA GLU V 50 12.62 -61.31 50.42
C GLU V 50 12.33 -61.29 48.93
N PHE V 51 13.38 -61.49 48.14
CA PHE V 51 13.25 -61.67 46.70
C PHE V 51 14.38 -62.57 46.21
N VAL V 52 14.08 -63.37 45.20
CA VAL V 52 15.00 -64.37 44.70
C VAL V 52 15.14 -64.21 43.19
N PHE V 53 16.35 -64.36 42.69
CA PHE V 53 16.64 -64.35 41.26
C PHE V 53 17.49 -65.55 40.91
N ASN V 54 17.17 -66.20 39.79
CA ASN V 54 17.99 -67.28 39.26
C ASN V 54 18.79 -66.70 38.09
N VAL V 55 20.11 -66.67 38.25
CA VAL V 55 20.97 -65.93 37.34
C VAL V 55 22.11 -66.83 36.90
N VAL V 56 22.75 -66.42 35.80
CA VAL V 56 23.86 -67.17 35.21
C VAL V 56 25.14 -66.42 35.50
N PRO V 57 26.26 -67.12 35.75
CA PRO V 57 27.53 -66.41 35.96
C PRO V 57 28.06 -65.77 34.68
N ASN V 58 29.25 -65.18 34.77
CA ASN V 58 29.84 -64.43 33.68
C ASN V 58 30.96 -65.23 33.04
N VAL V 59 30.74 -65.70 31.82
CA VAL V 59 31.74 -66.48 31.10
C VAL V 59 31.89 -65.97 29.68
N GLY V 60 31.11 -64.95 29.32
CA GLY V 60 31.10 -64.44 27.96
C GLY V 60 32.32 -63.59 27.65
N ILE V 61 32.34 -63.07 26.43
CA ILE V 61 33.42 -62.21 25.98
C ILE V 61 33.50 -61.02 26.92
N ASP V 62 32.42 -60.24 26.98
CA ASP V 62 32.26 -59.23 28.01
C ASP V 62 31.52 -59.84 29.19
N GLN V 63 31.85 -59.37 30.39
CA GLN V 63 31.21 -59.90 31.58
C GLN V 63 29.69 -59.80 31.44
N SER V 64 28.99 -60.82 31.94
CA SER V 64 27.54 -60.81 31.88
C SER V 64 27.05 -59.79 32.90
N TYR V 65 27.31 -58.52 32.60
CA TYR V 65 27.12 -57.41 33.54
C TYR V 65 25.66 -57.30 33.91
N TYR V 66 25.35 -57.52 35.19
CA TYR V 66 23.99 -57.40 35.67
C TYR V 66 23.76 -56.04 36.33
N ILE V 67 22.55 -55.51 36.17
CA ILE V 67 22.12 -54.31 36.87
C ILE V 67 20.82 -54.63 37.59
N LEU V 68 20.74 -54.21 38.85
CA LEU V 68 19.52 -54.31 39.64
C LEU V 68 18.95 -52.90 39.83
N THR V 69 17.70 -52.71 39.43
CA THR V 69 16.98 -51.47 39.64
C THR V 69 15.99 -51.69 40.77
N THR V 70 16.10 -50.87 41.81
CA THR V 70 15.29 -50.96 43.01
C THR V 70 14.10 -50.02 42.92
N PRO V 71 13.17 -50.10 43.87
CA PRO V 71 11.98 -49.23 43.80
C PRO V 71 12.31 -47.76 43.81
N ASP V 72 13.43 -47.36 44.41
CA ASP V 72 13.89 -45.98 44.36
C ASP V 72 14.47 -45.62 43.00
N ASN V 73 14.64 -46.61 42.13
CA ASN V 73 15.14 -46.46 40.76
C ASN V 73 16.66 -46.31 40.70
N LYS V 74 17.37 -46.54 41.80
CA LYS V 74 18.81 -46.57 41.75
C LYS V 74 19.27 -47.80 40.99
N LYS V 75 20.33 -47.66 40.19
CA LYS V 75 20.91 -48.77 39.45
C LYS V 75 22.14 -49.27 40.20
N HIS V 76 22.11 -50.52 40.62
CA HIS V 76 23.25 -51.17 41.25
C HIS V 76 23.90 -52.09 40.22
N SER V 77 25.16 -51.84 39.92
CA SER V 77 25.91 -52.67 39.00
C SER V 77 26.52 -53.85 39.74
N PHE V 78 26.66 -54.97 39.06
CA PHE V 78 27.35 -56.10 39.68
C PHE V 78 27.59 -57.19 38.64
N THR V 79 28.31 -58.21 39.06
CA THR V 79 28.79 -59.28 38.20
C THR V 79 28.74 -60.58 38.98
N VAL V 80 27.82 -61.46 38.60
CA VAL V 80 27.64 -62.73 39.32
C VAL V 80 28.90 -63.56 39.21
N PRO V 81 29.52 -63.96 40.34
CA PRO V 81 30.62 -64.92 40.24
C PRO V 81 30.13 -66.30 39.85
N ASP V 82 31.03 -67.24 39.69
CA ASP V 82 30.65 -68.60 39.35
C ASP V 82 30.44 -69.42 40.62
N GLY V 83 29.72 -70.52 40.47
CA GLY V 83 29.41 -71.42 41.57
C GLY V 83 27.97 -71.81 41.52
N THR V 84 27.54 -72.55 42.55
CA THR V 84 26.16 -73.02 42.67
C THR V 84 25.78 -72.94 44.15
N SER V 85 25.20 -71.82 44.54
CA SER V 85 24.78 -71.62 45.91
C SER V 85 23.97 -70.34 45.98
N ASP V 86 22.98 -70.34 46.86
CA ASP V 86 22.15 -69.16 47.06
C ASP V 86 23.01 -68.02 47.57
N ILE V 87 22.85 -66.85 46.95
CA ILE V 87 23.71 -65.71 47.23
C ILE V 87 22.88 -64.59 47.85
N GLU V 88 23.48 -63.92 48.83
CA GLU V 88 22.91 -62.73 49.42
C GLU V 88 23.27 -61.54 48.54
N PHE V 89 22.34 -60.62 48.37
CA PHE V 89 22.57 -59.54 47.42
C PHE V 89 23.77 -58.69 47.82
N SER V 90 23.80 -58.23 49.07
CA SER V 90 24.76 -57.19 49.46
C SER V 90 26.19 -57.58 49.11
N VAL V 91 26.53 -58.87 49.26
CA VAL V 91 27.92 -59.29 49.07
C VAL V 91 28.38 -58.99 47.65
N VAL V 92 27.53 -59.27 46.67
CA VAL V 92 27.85 -58.94 45.28
C VAL V 92 27.56 -57.47 44.98
N ARG V 93 26.64 -56.85 45.72
CA ARG V 93 26.37 -55.42 45.55
C ARG V 93 27.62 -54.59 45.78
N GLU V 94 28.27 -54.79 46.93
CA GLU V 94 29.51 -54.08 47.21
C GLU V 94 30.61 -54.41 46.21
N ALA V 95 30.58 -55.61 45.64
CA ALA V 95 31.58 -56.03 44.66
C ALA V 95 31.10 -55.65 43.27
N GLY V 96 31.82 -54.73 42.64
CA GLY V 96 31.48 -54.27 41.31
C GLY V 96 31.91 -55.26 40.24
N ILE V 97 32.42 -54.72 39.13
CA ILE V 97 32.89 -55.57 38.05
C ILE V 97 34.28 -56.10 38.39
N ILE V 98 34.48 -57.40 38.18
CA ILE V 98 35.72 -58.07 38.50
C ILE V 98 36.13 -58.91 37.30
N ALA V 99 37.32 -59.51 37.40
CA ALA V 99 37.79 -60.49 36.42
C ALA V 99 37.05 -61.80 36.68
N THR V 100 36.29 -62.25 35.68
CA THR V 100 35.33 -63.33 35.85
C THR V 100 35.91 -64.63 35.30
N ASP V 101 36.24 -65.55 36.20
CA ASP V 101 36.55 -66.93 35.87
C ASP V 101 37.86 -67.03 35.07
N PRO V 102 38.49 -68.20 35.03
CA PRO V 102 39.70 -68.36 34.22
C PRO V 102 39.59 -68.05 32.74
N GLU V 103 40.72 -67.70 32.14
CA GLU V 103 40.74 -67.37 30.71
C GLU V 103 40.45 -68.63 29.89
N TYR V 104 40.34 -68.47 28.57
CA TYR V 104 39.92 -69.56 27.69
C TYR V 104 40.81 -70.77 27.88
N THR V 105 40.21 -71.89 28.30
CA THR V 105 40.84 -73.20 28.19
C THR V 105 39.90 -74.23 27.58
N ASN V 106 38.59 -74.04 27.73
CA ASN V 106 37.62 -75.07 27.40
C ASN V 106 37.47 -75.26 25.89
N VAL V 107 37.32 -74.18 25.13
CA VAL V 107 37.11 -74.34 23.69
C VAL V 107 38.37 -74.86 23.01
N LEU V 108 39.53 -74.28 23.33
CA LEU V 108 40.77 -74.79 22.75
C LEU V 108 41.05 -76.21 23.22
N ASN V 109 40.63 -76.57 24.43
CA ASN V 109 40.79 -77.95 24.87
C ASN V 109 39.86 -78.89 24.11
N TYR V 110 38.68 -78.41 23.72
CA TYR V 110 37.83 -79.20 22.83
C TYR V 110 38.50 -79.38 21.47
N LEU V 111 39.10 -78.32 20.94
CA LEU V 111 39.87 -78.45 19.71
C LEU V 111 40.99 -79.47 19.88
N GLU V 112 41.65 -79.45 21.05
CA GLU V 112 42.74 -80.39 21.29
C GLU V 112 42.23 -81.81 21.46
N ASP V 113 41.01 -81.98 21.98
CA ASP V 113 40.39 -83.30 22.00
C ASP V 113 40.12 -83.78 20.58
N TYR V 114 39.70 -82.88 19.69
CA TYR V 114 39.59 -83.24 18.29
C TYR V 114 40.95 -83.61 17.70
N ILE V 115 42.00 -82.90 18.11
CA ILE V 115 43.35 -83.28 17.71
C ILE V 115 43.69 -84.67 18.21
N ASP V 116 43.26 -85.01 19.43
CA ASP V 116 43.47 -86.36 19.95
C ASP V 116 42.71 -87.38 19.12
N ASP V 117 41.51 -87.03 18.67
CA ASP V 117 40.80 -87.88 17.73
C ASP V 117 41.65 -88.13 16.48
N ALA V 118 42.22 -87.08 15.92
CA ALA V 118 43.11 -87.24 14.78
C ALA V 118 44.29 -88.14 15.13
N ILE V 119 44.86 -87.94 16.32
CA ILE V 119 45.98 -88.76 16.76
C ILE V 119 45.60 -90.24 16.75
N ALA V 120 44.44 -90.56 17.33
CA ALA V 120 43.94 -91.92 17.28
C ALA V 120 43.75 -92.37 15.84
N ASN V 121 43.41 -91.44 14.95
CA ASN V 121 43.27 -91.74 13.53
C ASN V 121 44.61 -91.94 12.84
N ILE V 122 45.73 -91.61 13.49
CA ILE V 122 47.03 -91.79 12.86
C ILE V 122 47.20 -93.25 12.41
N GLN V 123 47.17 -94.18 13.37
CA GLN V 123 47.38 -95.59 13.08
C GLN V 123 46.15 -96.45 13.36
N ALA V 124 45.65 -96.44 14.59
CA ALA V 124 44.58 -97.34 14.99
C ALA V 124 43.23 -96.75 14.59
N SER V 125 42.15 -97.45 14.93
CA SER V 125 40.80 -97.01 14.61
C SER V 125 40.16 -96.30 15.80
N MET W 1 27.13 -74.12 -31.36
CA MET W 1 26.51 -73.67 -30.12
C MET W 1 26.93 -74.54 -28.96
N ARG W 2 26.63 -74.09 -27.74
CA ARG W 2 26.93 -74.85 -26.54
C ARG W 2 25.77 -74.78 -25.58
N ARG W 3 25.66 -75.79 -24.74
CA ARG W 3 24.60 -75.89 -23.74
C ARG W 3 25.20 -75.48 -22.39
N LEU W 4 25.16 -74.18 -22.11
CA LEU W 4 25.60 -73.68 -20.82
C LEU W 4 24.76 -74.33 -19.72
N LYS W 5 25.42 -75.12 -18.89
CA LYS W 5 24.80 -75.84 -17.79
C LYS W 5 25.00 -75.07 -16.49
N GLY W 6 23.97 -75.07 -15.65
CA GLY W 6 24.08 -74.42 -14.36
C GLY W 6 23.16 -75.07 -13.35
N THR W 7 23.54 -74.98 -12.08
CA THR W 7 22.77 -75.55 -10.98
C THR W 7 22.75 -74.54 -9.84
N ILE W 8 21.57 -74.28 -9.31
CA ILE W 8 21.38 -73.33 -8.21
C ILE W 8 20.75 -74.09 -7.05
N ARG W 9 21.28 -73.90 -5.85
CA ARG W 9 20.78 -74.58 -4.66
C ARG W 9 20.66 -73.59 -3.52
N HIS W 10 19.68 -73.82 -2.65
CA HIS W 10 19.47 -72.96 -1.49
C HIS W 10 20.63 -73.08 -0.51
N LEU W 11 20.55 -72.33 0.58
CA LEU W 11 21.59 -72.34 1.60
C LEU W 11 21.70 -73.67 2.32
N ASP W 12 20.73 -74.56 2.16
CA ASP W 12 20.63 -75.75 3.01
C ASP W 12 20.32 -76.98 2.17
N ASP W 13 20.95 -77.09 1.00
CA ASP W 13 20.86 -78.22 0.09
C ASP W 13 19.55 -78.27 -0.69
N GLN W 14 18.59 -77.38 -0.41
CA GLN W 14 17.36 -77.37 -1.18
C GLN W 14 17.62 -76.73 -2.53
N PRO W 15 17.31 -77.39 -3.65
CA PRO W 15 17.50 -76.75 -4.94
C PRO W 15 16.70 -75.45 -5.03
N TRP W 16 17.28 -74.45 -5.68
CA TRP W 16 16.58 -73.19 -5.87
C TRP W 16 15.48 -73.41 -6.90
N ILE W 17 14.39 -74.00 -6.46
CA ILE W 17 13.34 -74.46 -7.36
C ILE W 17 12.46 -73.29 -7.74
N ASN W 18 12.14 -73.19 -9.04
CA ASN W 18 11.14 -72.25 -9.53
C ASN W 18 11.53 -70.81 -9.22
N VAL W 19 12.68 -70.41 -9.76
CA VAL W 19 13.13 -69.03 -9.73
C VAL W 19 13.64 -68.68 -11.12
N SER W 20 13.72 -67.39 -11.39
CA SER W 20 13.98 -66.88 -12.73
C SER W 20 15.44 -66.49 -12.93
N LEU W 21 15.90 -66.60 -14.17
CA LEU W 21 17.24 -66.18 -14.55
C LEU W 21 17.20 -65.59 -15.95
N PHE W 22 18.18 -64.76 -16.26
CA PHE W 22 18.24 -64.07 -17.54
C PHE W 22 19.68 -64.01 -18.04
N LEU W 23 19.84 -64.15 -19.36
CA LEU W 23 21.14 -64.01 -20.00
C LEU W 23 20.98 -63.19 -21.27
N THR W 24 21.92 -62.28 -21.51
CA THR W 24 21.86 -61.42 -22.69
C THR W 24 23.22 -61.33 -23.34
N LEU W 25 23.23 -61.44 -24.67
CA LEU W 25 24.42 -61.11 -25.45
C LEU W 25 24.49 -59.59 -25.51
N ILE W 26 25.11 -59.01 -24.48
CA ILE W 26 25.03 -57.57 -24.27
C ILE W 26 25.51 -56.82 -25.50
N ASN W 27 26.58 -57.28 -26.13
CA ASN W 27 27.10 -56.69 -27.34
C ASN W 27 26.62 -57.51 -28.53
N GLY W 28 25.72 -56.94 -29.32
CA GLY W 28 25.21 -57.63 -30.50
C GLY W 28 26.33 -58.01 -31.44
N THR W 29 26.29 -59.25 -31.95
CA THR W 29 27.39 -59.75 -32.76
C THR W 29 26.88 -60.46 -34.00
N PHE W 30 27.79 -61.06 -34.76
CA PHE W 30 27.43 -61.82 -35.96
C PHE W 30 28.59 -62.74 -36.28
N ASN W 31 28.33 -63.72 -37.14
CA ASN W 31 29.35 -64.58 -37.69
C ASN W 31 29.10 -64.72 -39.19
N SER W 32 30.05 -65.31 -39.89
CA SER W 32 29.93 -65.41 -41.35
C SER W 32 28.64 -66.10 -41.74
N ALA W 33 28.33 -67.23 -41.11
CA ALA W 33 27.13 -67.98 -41.48
C ALA W 33 25.86 -67.26 -41.05
N ASN W 34 25.86 -66.67 -39.85
CA ASN W 34 24.64 -66.11 -39.27
C ASN W 34 24.97 -64.85 -38.48
N GLN W 35 23.92 -64.07 -38.22
CA GLN W 35 24.02 -62.83 -37.47
C GLN W 35 23.24 -62.98 -36.17
N TYR W 36 23.84 -62.56 -35.07
CA TYR W 36 23.29 -62.75 -33.73
C TYR W 36 23.19 -61.38 -33.06
N PRO W 37 22.09 -60.67 -33.30
CA PRO W 37 21.94 -59.34 -32.71
C PRO W 37 21.61 -59.42 -31.23
N ILE W 38 21.78 -58.27 -30.55
CA ILE W 38 21.55 -58.21 -29.12
C ILE W 38 20.15 -58.69 -28.79
N ASP W 39 20.06 -59.52 -27.74
CA ASP W 39 18.79 -60.08 -27.31
C ASP W 39 18.97 -60.60 -25.90
N THR W 40 17.86 -60.81 -25.22
CA THR W 40 17.84 -61.36 -23.87
C THR W 40 16.95 -62.59 -23.85
N LYS W 41 17.36 -63.60 -23.07
CA LYS W 41 16.60 -64.82 -22.91
C LYS W 41 16.37 -65.05 -21.43
N HIS W 42 15.16 -65.51 -21.11
CA HIS W 42 14.76 -65.80 -19.74
C HIS W 42 14.56 -67.30 -19.57
N ALA W 43 14.73 -67.76 -18.33
CA ALA W 43 14.48 -69.16 -18.03
C ALA W 43 14.11 -69.30 -16.56
N LYS W 44 13.65 -70.50 -16.20
CA LYS W 44 13.20 -70.82 -14.87
C LYS W 44 13.98 -72.02 -14.34
N THR W 45 14.02 -72.15 -13.01
CA THR W 45 14.71 -73.27 -12.42
C THR W 45 13.79 -74.49 -12.33
N ASP W 46 14.39 -75.67 -12.41
CA ASP W 46 13.69 -76.93 -12.30
C ASP W 46 13.61 -77.33 -10.83
N GLN W 47 13.01 -78.50 -10.58
CA GLN W 47 12.92 -78.99 -9.21
C GLN W 47 14.29 -79.20 -8.58
N ASN W 48 15.32 -79.39 -9.40
CA ASN W 48 16.70 -79.53 -8.92
C ASN W 48 17.50 -78.25 -9.02
N GLY W 49 16.89 -77.16 -9.51
CA GLY W 49 17.62 -75.93 -9.71
C GLY W 49 18.50 -75.91 -10.93
N GLU W 50 18.43 -76.94 -11.77
CA GLU W 50 19.21 -76.98 -12.99
C GLU W 50 18.65 -76.00 -14.01
N PHE W 51 19.51 -75.58 -14.94
CA PHE W 51 19.07 -74.72 -16.03
C PHE W 51 20.12 -74.76 -17.13
N VAL W 52 19.64 -74.89 -18.37
CA VAL W 52 20.48 -75.06 -19.54
C VAL W 52 20.13 -73.99 -20.56
N PHE W 53 21.15 -73.37 -21.14
CA PHE W 53 20.98 -72.35 -22.17
C PHE W 53 21.69 -72.75 -23.45
N ASN W 54 20.97 -72.73 -24.56
CA ASN W 54 21.60 -72.91 -25.87
C ASN W 54 22.15 -71.55 -26.30
N VAL W 55 23.48 -71.40 -26.23
CA VAL W 55 24.11 -70.11 -26.43
C VAL W 55 25.20 -70.24 -27.48
N VAL W 56 25.44 -69.13 -28.17
CA VAL W 56 26.46 -69.06 -29.22
C VAL W 56 27.79 -68.70 -28.57
N PRO W 57 28.85 -69.49 -28.80
CA PRO W 57 30.15 -69.13 -28.22
C PRO W 57 30.65 -67.80 -28.78
N ASN W 58 31.44 -67.11 -27.97
CA ASN W 58 31.99 -65.82 -28.39
C ASN W 58 33.09 -66.02 -29.42
N VAL W 59 32.71 -66.09 -30.70
CA VAL W 59 33.68 -66.09 -31.79
C VAL W 59 33.28 -64.99 -32.76
N GLY W 60 32.53 -64.01 -32.27
CA GLY W 60 32.08 -62.93 -33.13
C GLY W 60 33.26 -62.17 -33.72
N ILE W 61 33.04 -61.59 -34.90
CA ILE W 61 34.12 -60.90 -35.59
C ILE W 61 34.60 -59.72 -34.76
N ASP W 62 33.67 -58.94 -34.19
CA ASP W 62 34.05 -57.80 -33.37
C ASP W 62 34.04 -58.15 -31.88
N GLN W 63 32.91 -58.65 -31.38
CA GLN W 63 32.79 -58.97 -29.96
C GLN W 63 31.48 -59.69 -29.73
N SER W 64 31.50 -60.63 -28.77
CA SER W 64 30.31 -61.38 -28.36
C SER W 64 30.36 -61.52 -26.83
N TYR W 65 29.69 -60.60 -26.15
CA TYR W 65 29.78 -60.45 -24.69
C TYR W 65 28.47 -60.90 -24.07
N TYR W 66 28.55 -61.87 -23.15
CA TYR W 66 27.39 -62.38 -22.44
C TYR W 66 27.36 -61.83 -21.01
N ILE W 67 26.15 -61.55 -20.52
CA ILE W 67 25.94 -61.13 -19.15
C ILE W 67 24.74 -61.89 -18.60
N LEU W 68 24.91 -62.50 -17.43
CA LEU W 68 23.88 -63.29 -16.78
C LEU W 68 23.49 -62.62 -15.48
N THR W 69 22.21 -62.60 -15.18
CA THR W 69 21.70 -61.98 -13.97
C THR W 69 21.15 -63.05 -13.03
N THR W 70 21.59 -63.03 -11.80
CA THR W 70 21.18 -63.96 -10.77
C THR W 70 19.92 -63.47 -10.08
N PRO W 71 19.31 -64.29 -9.22
CA PRO W 71 18.14 -63.81 -8.48
C PRO W 71 18.43 -62.62 -7.59
N ASP W 72 19.68 -62.48 -7.15
CA ASP W 72 20.10 -61.36 -6.32
C ASP W 72 20.69 -60.22 -7.12
N ASN W 73 20.67 -60.32 -8.45
CA ASN W 73 21.18 -59.28 -9.34
C ASN W 73 22.70 -59.24 -9.35
N LYS W 74 23.35 -60.32 -8.90
CA LYS W 74 24.79 -60.40 -8.96
C LYS W 74 25.21 -60.64 -10.41
N LYS W 75 25.01 -59.63 -11.26
CA LYS W 75 25.27 -59.77 -12.69
C LYS W 75 26.70 -60.23 -12.93
N HIS W 76 26.86 -61.41 -13.53
CA HIS W 76 28.16 -61.96 -13.86
C HIS W 76 28.37 -61.87 -15.36
N SER W 77 29.47 -61.24 -15.75
CA SER W 77 29.87 -61.16 -17.14
C SER W 77 30.64 -62.41 -17.52
N PHE W 78 30.62 -62.75 -18.81
CA PHE W 78 31.45 -63.84 -19.31
C PHE W 78 31.34 -63.87 -20.83
N THR W 79 32.08 -64.80 -21.42
CA THR W 79 32.13 -64.96 -22.88
C THR W 79 32.37 -66.44 -23.14
N VAL W 80 31.36 -67.12 -23.67
CA VAL W 80 31.47 -68.56 -23.90
C VAL W 80 32.55 -68.82 -24.95
N PRO W 81 33.55 -69.64 -24.65
CA PRO W 81 34.57 -69.96 -25.66
C PRO W 81 34.00 -70.88 -26.73
N ASP W 82 34.71 -70.92 -27.86
CA ASP W 82 34.31 -71.75 -28.98
C ASP W 82 34.18 -73.21 -28.54
N GLY W 83 33.45 -73.98 -29.33
CA GLY W 83 33.22 -75.38 -29.06
C GLY W 83 31.75 -75.73 -29.21
N THR W 84 31.49 -77.03 -29.20
CA THR W 84 30.14 -77.56 -29.35
C THR W 84 29.64 -78.28 -28.11
N SER W 85 30.52 -78.90 -27.34
CA SER W 85 30.11 -79.61 -26.15
C SER W 85 29.56 -78.64 -25.11
N ASP W 86 28.76 -79.18 -24.20
CA ASP W 86 28.20 -78.40 -23.11
C ASP W 86 29.30 -77.95 -22.18
N ILE W 87 28.93 -77.14 -21.20
CA ILE W 87 29.90 -76.66 -20.21
C ILE W 87 29.12 -76.08 -19.03
N GLU W 88 29.67 -76.27 -17.84
CA GLU W 88 29.01 -75.82 -16.62
C GLU W 88 29.22 -74.33 -16.41
N PHE W 89 28.22 -73.68 -15.81
CA PHE W 89 28.28 -72.25 -15.59
C PHE W 89 29.47 -71.86 -14.72
N SER W 90 29.78 -72.66 -13.71
CA SER W 90 30.93 -72.35 -12.87
C SER W 90 32.20 -72.19 -13.69
N VAL W 91 32.31 -72.88 -14.83
CA VAL W 91 33.49 -72.84 -15.67
C VAL W 91 33.40 -71.73 -16.72
N VAL W 92 32.24 -71.57 -17.36
CA VAL W 92 32.13 -70.59 -18.44
C VAL W 92 32.48 -69.20 -17.92
N ARG W 93 31.99 -68.86 -16.74
CA ARG W 93 32.28 -67.56 -16.14
C ARG W 93 33.54 -67.62 -15.27
N GLU W 94 33.57 -68.51 -14.30
CA GLU W 94 34.64 -68.47 -13.30
C GLU W 94 34.73 -67.04 -12.81
N ALA W 95 35.88 -66.40 -13.00
CA ALA W 95 36.02 -64.96 -12.79
C ALA W 95 35.54 -64.58 -11.39
N GLY W 96 36.14 -65.21 -10.39
CA GLY W 96 35.82 -64.88 -9.02
C GLY W 96 36.29 -63.49 -8.66
N ILE W 97 35.66 -62.95 -7.62
CA ILE W 97 35.98 -61.61 -7.15
C ILE W 97 36.96 -61.72 -5.99
N ILE W 98 37.60 -60.61 -5.65
CA ILE W 98 38.67 -60.66 -4.65
C ILE W 98 38.21 -61.17 -3.30
N ALA W 99 36.93 -60.99 -2.96
CA ALA W 99 36.39 -61.43 -1.68
C ALA W 99 37.27 -60.94 -0.54
N THR W 100 37.48 -59.63 -0.51
CA THR W 100 38.41 -59.00 0.42
C THR W 100 37.62 -58.44 1.60
N ASP W 101 37.91 -58.96 2.78
CA ASP W 101 37.27 -58.51 4.01
C ASP W 101 37.94 -59.24 5.17
N PRO W 102 37.85 -58.70 6.39
CA PRO W 102 38.35 -59.46 7.55
C PRO W 102 37.67 -60.81 7.69
N GLU W 103 36.38 -60.89 7.40
CA GLU W 103 35.64 -62.15 7.47
C GLU W 103 35.43 -62.83 6.11
N TYR W 104 36.53 -63.31 5.54
CA TYR W 104 36.48 -64.20 4.39
C TYR W 104 37.23 -65.50 4.60
N THR W 105 38.41 -65.47 5.21
CA THR W 105 39.40 -66.44 5.63
C THR W 105 39.50 -66.56 7.15
N ASN W 106 38.75 -65.74 7.89
CA ASN W 106 38.76 -65.82 9.35
C ASN W 106 38.73 -67.26 9.83
N VAL W 107 37.95 -68.11 9.18
CA VAL W 107 37.88 -69.52 9.56
C VAL W 107 38.76 -70.35 8.64
N LEU W 108 39.02 -69.85 7.43
CA LEU W 108 40.00 -70.52 6.59
C LEU W 108 41.35 -70.64 7.28
N ASN W 109 41.66 -69.75 8.23
CA ASN W 109 42.83 -69.96 9.07
C ASN W 109 42.66 -71.19 9.94
N TYR W 110 41.42 -71.48 10.38
CA TYR W 110 41.19 -72.69 11.15
C TYR W 110 41.40 -73.94 10.31
N LEU W 111 40.96 -73.90 9.05
CA LEU W 111 41.26 -75.00 8.13
C LEU W 111 42.74 -75.07 7.82
N GLU W 112 43.42 -73.92 7.80
CA GLU W 112 44.87 -73.92 7.67
C GLU W 112 45.52 -74.63 8.84
N ASP W 113 45.00 -74.40 10.05
CA ASP W 113 45.47 -75.12 11.22
C ASP W 113 45.20 -76.62 11.07
N TYR W 114 44.04 -76.98 10.54
CA TYR W 114 43.72 -78.39 10.33
C TYR W 114 44.70 -79.04 9.36
N ILE W 115 45.03 -78.36 8.26
CA ILE W 115 45.98 -78.95 7.31
C ILE W 115 47.38 -78.98 7.91
N ASP W 116 47.71 -78.00 8.77
CA ASP W 116 48.95 -78.08 9.53
C ASP W 116 48.97 -79.35 10.38
N ASP W 117 47.85 -79.66 11.03
CA ASP W 117 47.74 -80.89 11.79
C ASP W 117 47.91 -82.11 10.89
N ALA W 118 47.32 -82.07 9.70
CA ALA W 118 47.43 -83.18 8.77
C ALA W 118 48.89 -83.42 8.35
N ILE W 119 49.61 -82.35 8.01
CA ILE W 119 51.01 -82.50 7.63
C ILE W 119 51.83 -82.97 8.82
N ALA W 120 51.50 -82.49 10.03
CA ALA W 120 52.18 -82.98 11.21
C ALA W 120 51.97 -84.48 11.39
N ASN W 121 50.74 -84.95 11.17
CA ASN W 121 50.46 -86.38 11.25
C ASN W 121 51.24 -87.15 10.21
N ILE W 122 51.28 -86.64 8.98
CA ILE W 122 51.99 -87.34 7.90
C ILE W 122 53.47 -87.44 8.23
N GLN W 123 54.08 -86.34 8.66
CA GLN W 123 55.50 -86.34 9.00
C GLN W 123 55.79 -87.04 10.31
N ALA W 124 54.77 -87.35 11.11
CA ALA W 124 55.01 -88.07 12.36
C ALA W 124 55.72 -89.39 12.12
N SER W 125 55.40 -90.06 11.01
CA SER W 125 56.05 -91.32 10.68
C SER W 125 57.49 -91.09 10.22
N MET X 1 26.25 -80.98 4.12
CA MET X 1 26.18 -79.67 4.75
C MET X 1 26.11 -79.81 6.26
N ARG X 2 26.95 -79.06 6.96
CA ARG X 2 27.04 -79.15 8.41
C ARG X 2 25.70 -78.78 9.04
N ARG X 3 25.55 -79.04 10.33
CA ARG X 3 24.36 -78.68 11.07
C ARG X 3 24.75 -77.77 12.22
N LEU X 4 24.32 -76.52 12.17
CA LEU X 4 24.56 -75.56 13.23
C LEU X 4 23.49 -75.74 14.29
N LYS X 5 23.90 -76.17 15.49
CA LYS X 5 23.02 -76.35 16.62
C LYS X 5 23.15 -75.18 17.58
N GLY X 6 22.06 -74.86 18.26
CA GLY X 6 22.09 -73.77 19.22
C GLY X 6 21.04 -73.90 20.30
N THR X 7 21.45 -73.74 21.55
CA THR X 7 20.55 -73.80 22.71
C THR X 7 20.38 -72.39 23.26
N ILE X 8 19.16 -71.88 23.20
CA ILE X 8 18.83 -70.54 23.67
C ILE X 8 17.83 -70.67 24.80
N ARG X 9 18.14 -70.02 25.92
CA ARG X 9 17.29 -70.09 27.10
C ARG X 9 17.27 -68.75 27.79
N HIS X 10 16.14 -68.45 28.45
CA HIS X 10 15.92 -67.13 29.03
C HIS X 10 16.91 -66.86 30.15
N LEU X 11 16.83 -65.67 30.75
CA LEU X 11 17.71 -65.33 31.84
C LEU X 11 17.62 -66.35 32.98
N ASP X 12 16.46 -66.96 33.15
CA ASP X 12 16.25 -67.98 34.18
C ASP X 12 16.77 -69.35 33.75
N ASP X 13 17.39 -69.46 32.57
CA ASP X 13 17.88 -70.70 31.99
C ASP X 13 16.74 -71.56 31.45
N GLN X 14 15.50 -71.13 31.56
CA GLN X 14 14.45 -71.86 30.86
C GLN X 14 14.58 -71.62 29.36
N PRO X 15 14.24 -72.61 28.53
CA PRO X 15 14.35 -72.42 27.09
C PRO X 15 13.31 -71.45 26.55
N TRP X 16 13.65 -70.83 25.42
CA TRP X 16 12.69 -70.07 24.63
C TRP X 16 11.97 -71.05 23.72
N ILE X 17 10.66 -71.19 23.92
CA ILE X 17 9.89 -72.15 23.14
C ILE X 17 9.32 -71.45 21.91
N ASN X 18 9.47 -72.10 20.75
CA ASN X 18 8.93 -71.62 19.47
C ASN X 18 9.04 -70.10 19.34
N VAL X 19 10.24 -69.59 19.58
CA VAL X 19 10.51 -68.16 19.36
C VAL X 19 11.30 -68.02 18.07
N SER X 20 11.26 -66.84 17.49
CA SER X 20 11.77 -66.62 16.15
C SER X 20 13.29 -66.44 16.14
N LEU X 21 13.90 -66.93 15.06
CA LEU X 21 15.33 -66.74 14.80
C LEU X 21 15.49 -66.62 13.30
N PHE X 22 16.41 -65.77 12.85
CA PHE X 22 16.64 -65.65 11.41
C PHE X 22 18.12 -65.79 11.12
N LEU X 23 18.41 -66.26 9.92
CA LEU X 23 19.79 -66.39 9.46
C LEU X 23 19.85 -66.06 7.98
N THR X 24 20.97 -65.52 7.54
CA THR X 24 21.11 -65.19 6.13
C THR X 24 22.58 -65.18 5.74
N LEU X 25 22.87 -65.79 4.61
CA LEU X 25 24.15 -65.65 3.92
C LEU X 25 24.19 -64.28 3.28
N ILE X 26 25.29 -63.55 3.48
CA ILE X 26 25.37 -62.16 3.03
C ILE X 26 25.67 -62.07 1.55
N ASN X 27 26.59 -62.89 1.04
CA ASN X 27 27.03 -62.81 -0.35
C ASN X 27 26.89 -64.17 -1.01
N GLY X 28 26.29 -64.17 -2.20
CA GLY X 28 26.17 -65.42 -2.93
C GLY X 28 27.53 -66.04 -3.21
N THR X 29 27.62 -67.34 -2.99
CA THR X 29 28.85 -68.09 -3.18
C THR X 29 28.57 -69.28 -4.09
N PHE X 30 29.60 -69.69 -4.82
CA PHE X 30 29.50 -70.84 -5.70
C PHE X 30 30.70 -71.73 -5.50
N ASN X 31 30.45 -73.03 -5.38
CA ASN X 31 31.50 -74.03 -5.37
C ASN X 31 31.79 -74.43 -6.81
N SER X 32 32.80 -75.28 -6.99
CA SER X 32 33.17 -75.69 -8.33
C SER X 32 32.03 -76.37 -9.07
N ALA X 33 31.06 -76.93 -8.34
CA ALA X 33 29.98 -77.69 -8.96
C ALA X 33 28.59 -77.14 -8.65
N ASN X 34 28.47 -75.95 -8.08
CA ASN X 34 27.15 -75.41 -7.77
C ASN X 34 27.27 -73.94 -7.37
N GLN X 35 26.18 -73.21 -7.55
CA GLN X 35 26.11 -71.78 -7.27
C GLN X 35 25.04 -71.51 -6.22
N TYR X 36 25.44 -70.81 -5.16
CA TYR X 36 24.55 -70.52 -4.03
C TYR X 36 24.35 -69.02 -3.91
N PRO X 37 23.22 -68.48 -4.35
CA PRO X 37 22.95 -67.05 -4.18
C PRO X 37 22.55 -66.75 -2.73
N ILE X 38 22.25 -65.47 -2.48
CA ILE X 38 21.83 -65.07 -1.14
C ILE X 38 20.48 -65.69 -0.83
N ASP X 39 20.31 -66.14 0.40
CA ASP X 39 19.03 -66.66 0.86
C ASP X 39 18.95 -66.44 2.36
N THR X 40 17.72 -66.41 2.86
CA THR X 40 17.44 -66.23 4.27
C THR X 40 16.52 -67.34 4.75
N LYS X 41 16.77 -67.82 5.96
CA LYS X 41 15.98 -68.89 6.55
C LYS X 41 15.55 -68.51 7.95
N HIS X 42 14.27 -68.76 8.25
CA HIS X 42 13.71 -68.56 9.58
C HIS X 42 13.62 -69.89 10.31
N ALA X 43 13.65 -69.83 11.63
CA ALA X 43 13.51 -71.02 12.44
C ALA X 43 12.90 -70.65 13.78
N LYS X 44 12.42 -71.67 14.49
CA LYS X 44 11.86 -71.50 15.81
C LYS X 44 12.49 -72.49 16.77
N THR X 45 12.47 -72.14 18.05
CA THR X 45 13.08 -72.98 19.06
C THR X 45 12.09 -74.02 19.55
N ASP X 46 12.61 -75.22 19.84
CA ASP X 46 11.80 -76.32 20.32
C ASP X 46 11.44 -76.09 21.78
N GLN X 47 10.82 -77.09 22.41
CA GLN X 47 10.50 -76.97 23.83
C GLN X 47 11.75 -76.77 24.66
N ASN X 48 12.81 -77.49 24.35
CA ASN X 48 14.10 -77.35 25.02
C ASN X 48 14.85 -76.11 24.55
N GLY X 49 14.24 -75.29 23.68
CA GLY X 49 14.88 -74.09 23.19
C GLY X 49 15.89 -74.30 22.09
N GLU X 50 16.10 -75.55 21.67
CA GLU X 50 17.13 -75.84 20.68
C GLU X 50 16.69 -75.42 19.29
N PHE X 51 17.66 -75.20 18.41
CA PHE X 51 17.41 -74.95 17.01
C PHE X 51 18.58 -75.44 16.18
N VAL X 52 18.28 -76.09 15.07
CA VAL X 52 19.30 -76.69 14.20
C VAL X 52 19.05 -76.21 12.77
N PHE X 53 20.10 -75.70 12.13
CA PHE X 53 20.07 -75.32 10.73
C PHE X 53 20.98 -76.23 9.93
N ASN X 54 20.51 -76.71 8.79
CA ASN X 54 21.43 -77.31 7.83
C ASN X 54 22.08 -76.15 7.09
N VAL X 55 23.40 -76.07 7.15
CA VAL X 55 24.13 -74.94 6.57
C VAL X 55 25.31 -75.45 5.76
N VAL X 56 25.65 -74.67 4.74
CA VAL X 56 26.76 -75.01 3.85
C VAL X 56 28.07 -74.91 4.61
N PRO X 57 29.03 -75.80 4.37
CA PRO X 57 30.41 -75.46 4.73
C PRO X 57 30.87 -74.36 3.79
N ASN X 58 30.94 -73.16 4.31
CA ASN X 58 30.82 -71.95 3.50
C ASN X 58 32.05 -71.64 2.68
N VAL X 59 33.19 -72.28 2.95
CA VAL X 59 34.40 -71.97 2.19
C VAL X 59 34.11 -72.13 0.71
N GLY X 60 34.38 -71.08 -0.05
CA GLY X 60 34.04 -71.08 -1.47
C GLY X 60 34.82 -70.03 -2.21
N ILE X 61 34.54 -69.93 -3.51
CA ILE X 61 35.28 -69.01 -4.36
C ILE X 61 35.05 -67.57 -3.91
N ASP X 62 33.80 -67.21 -3.67
CA ASP X 62 33.45 -65.84 -3.31
C ASP X 62 33.38 -65.69 -1.79
N GLN X 63 33.19 -64.44 -1.35
CA GLN X 63 33.05 -64.17 0.06
C GLN X 63 31.85 -64.92 0.62
N SER X 64 32.12 -65.88 1.49
CA SER X 64 31.08 -66.65 2.17
C SER X 64 31.02 -66.18 3.62
N TYR X 65 29.82 -65.86 4.08
CA TYR X 65 29.68 -65.19 5.38
C TYR X 65 28.21 -65.19 5.79
N TYR X 66 27.93 -65.62 7.02
CA TYR X 66 26.57 -65.70 7.54
C TYR X 66 26.37 -64.67 8.65
N ILE X 67 25.14 -64.17 8.75
CA ILE X 67 24.72 -63.35 9.87
C ILE X 67 23.45 -63.97 10.45
N LEU X 68 23.44 -64.17 11.76
CA LEU X 68 22.29 -64.73 12.46
C LEU X 68 21.71 -63.66 13.37
N THR X 69 20.42 -63.40 13.21
CA THR X 69 19.72 -62.43 14.04
C THR X 69 18.89 -63.18 15.08
N THR X 70 19.10 -62.81 16.34
CA THR X 70 18.49 -63.44 17.50
C THR X 70 17.28 -62.64 17.95
N PRO X 71 16.45 -63.19 18.83
CA PRO X 71 15.26 -62.47 19.28
C PRO X 71 15.59 -61.14 19.93
N ASP X 72 16.83 -60.95 20.38
CA ASP X 72 17.26 -59.71 21.00
C ASP X 72 17.72 -58.67 19.97
N ASN X 73 17.24 -58.78 18.73
CA ASN X 73 17.58 -57.88 17.63
C ASN X 73 19.07 -57.83 17.34
N LYS X 74 19.85 -58.71 17.96
CA LYS X 74 21.30 -58.68 17.81
C LYS X 74 21.68 -59.58 16.64
N LYS X 75 22.57 -59.07 15.78
CA LYS X 75 23.04 -59.82 14.61
C LYS X 75 24.48 -60.22 14.86
N HIS X 76 24.72 -61.53 14.91
CA HIS X 76 26.06 -62.07 15.07
C HIS X 76 26.61 -62.51 13.73
N SER X 77 27.84 -62.12 13.45
CA SER X 77 28.51 -62.41 12.19
C SER X 77 29.42 -63.62 12.39
N PHE X 78 29.43 -64.52 11.41
CA PHE X 78 30.26 -65.71 11.51
C PHE X 78 30.27 -66.41 10.18
N THR X 79 31.38 -67.08 9.88
CA THR X 79 31.52 -67.87 8.68
C THR X 79 31.70 -69.33 9.07
N VAL X 80 30.99 -70.21 8.36
CA VAL X 80 30.93 -71.62 8.78
C VAL X 80 32.25 -72.30 8.44
N PRO X 81 32.89 -73.00 9.38
CA PRO X 81 34.04 -73.83 9.00
C PRO X 81 33.62 -74.95 8.05
N ASP X 82 34.54 -75.32 7.17
CA ASP X 82 34.29 -76.41 6.23
C ASP X 82 34.14 -77.72 6.99
N GLY X 83 33.79 -78.78 6.29
CA GLY X 83 33.58 -80.08 6.90
C GLY X 83 32.13 -80.53 6.77
N THR X 84 31.91 -81.78 7.18
CA THR X 84 30.59 -82.41 7.16
C THR X 84 30.36 -82.99 8.55
N SER X 85 29.87 -82.16 9.46
CA SER X 85 29.62 -82.59 10.82
C SER X 85 28.92 -81.46 11.56
N ASP X 86 28.09 -81.85 12.52
CA ASP X 86 27.33 -80.88 13.30
C ASP X 86 28.26 -80.08 14.20
N ILE X 87 28.00 -78.78 14.28
CA ILE X 87 28.80 -77.85 15.08
C ILE X 87 27.86 -77.06 15.97
N GLU X 88 28.28 -76.83 17.21
CA GLU X 88 27.51 -76.02 18.14
C GLU X 88 27.68 -74.55 17.80
N PHE X 89 26.56 -73.83 17.78
CA PHE X 89 26.57 -72.44 17.34
C PHE X 89 27.49 -71.56 18.19
N SER X 90 27.72 -71.92 19.45
CA SER X 90 28.58 -71.11 20.30
C SER X 90 29.98 -71.01 19.72
N VAL X 91 30.48 -72.11 19.14
CA VAL X 91 31.85 -72.13 18.64
C VAL X 91 32.03 -71.06 17.56
N VAL X 92 31.14 -71.04 16.57
CA VAL X 92 31.26 -70.02 15.53
C VAL X 92 30.92 -68.64 16.09
N ARG X 93 29.92 -68.56 16.96
CA ARG X 93 29.49 -67.28 17.52
C ARG X 93 30.61 -66.61 18.30
N GLU X 94 31.56 -67.38 18.83
CA GLU X 94 32.74 -66.79 19.45
C GLU X 94 33.91 -66.64 18.48
N ALA X 95 34.23 -67.67 17.71
CA ALA X 95 35.29 -67.58 16.72
C ALA X 95 34.96 -66.58 15.62
N GLY X 96 33.74 -66.60 15.11
CA GLY X 96 33.33 -65.58 14.16
C GLY X 96 33.20 -64.21 14.75
N ILE X 97 33.05 -64.11 16.07
CA ILE X 97 32.95 -62.84 16.76
C ILE X 97 34.31 -62.29 17.18
N ILE X 98 35.41 -62.93 16.78
CA ILE X 98 36.74 -62.37 16.98
C ILE X 98 37.05 -61.49 15.78
N ALA X 99 36.18 -61.52 14.77
CA ALA X 99 36.21 -60.47 13.75
C ALA X 99 36.03 -59.11 14.40
N THR X 100 35.29 -59.06 15.52
CA THR X 100 35.27 -57.90 16.39
C THR X 100 36.69 -57.63 16.87
N ASP X 101 36.89 -56.53 17.59
CA ASP X 101 38.24 -56.05 17.84
C ASP X 101 38.86 -55.73 16.49
N PRO X 102 38.37 -54.69 15.82
CA PRO X 102 38.85 -54.39 14.45
C PRO X 102 40.37 -54.37 14.41
N GLU X 103 40.89 -54.79 13.25
CA GLU X 103 42.32 -55.08 13.08
C GLU X 103 42.94 -55.76 14.30
N TYR X 104 42.38 -56.93 14.61
CA TYR X 104 42.71 -57.64 15.84
C TYR X 104 44.13 -58.17 15.79
N THR X 105 45.12 -57.26 15.72
CA THR X 105 46.51 -57.67 15.79
C THR X 105 46.84 -58.26 17.15
N ASN X 106 46.24 -57.74 18.22
CA ASN X 106 46.40 -58.35 19.53
C ASN X 106 45.83 -59.76 19.55
N VAL X 107 44.61 -59.93 19.06
CA VAL X 107 44.05 -61.28 19.02
C VAL X 107 44.69 -62.11 17.92
N LEU X 108 45.28 -61.49 16.89
CA LEU X 108 46.08 -62.25 15.95
C LEU X 108 47.32 -62.81 16.63
N ASN X 109 47.97 -62.00 17.46
CA ASN X 109 49.06 -62.51 18.29
C ASN X 109 48.58 -63.63 19.18
N TYR X 110 47.37 -63.51 19.71
CA TYR X 110 46.81 -64.61 20.51
C TYR X 110 46.56 -65.83 19.65
N LEU X 111 46.19 -65.64 18.38
CA LEU X 111 46.05 -66.79 17.47
C LEU X 111 47.37 -67.49 17.30
N GLU X 112 48.45 -66.71 17.12
CA GLU X 112 49.78 -67.32 17.00
C GLU X 112 50.16 -68.02 18.30
N ASP X 113 49.83 -67.41 19.44
CA ASP X 113 50.10 -68.06 20.72
C ASP X 113 49.29 -69.34 20.86
N TYR X 114 48.10 -69.39 20.27
CA TYR X 114 47.32 -70.62 20.28
C TYR X 114 47.94 -71.67 19.36
N ILE X 115 48.50 -71.25 18.24
CA ILE X 115 49.28 -72.18 17.42
C ILE X 115 50.43 -72.73 18.23
N ASP X 116 51.08 -71.87 19.01
CA ASP X 116 52.16 -72.33 19.90
C ASP X 116 51.61 -73.29 20.96
N ASP X 117 50.42 -73.02 21.47
CA ASP X 117 49.81 -73.92 22.44
C ASP X 117 49.56 -75.29 21.83
N ALA X 118 49.04 -75.33 20.60
CA ALA X 118 48.88 -76.59 19.90
C ALA X 118 50.22 -77.27 19.64
N ILE X 119 51.25 -76.48 19.33
CA ILE X 119 52.58 -77.03 19.11
C ILE X 119 53.08 -77.72 20.38
N ALA X 120 52.92 -77.04 21.52
CA ALA X 120 53.35 -77.61 22.80
C ALA X 120 52.53 -78.84 23.14
N ASN X 121 51.22 -78.81 22.86
CA ASN X 121 50.38 -79.98 23.09
C ASN X 121 50.85 -81.16 22.26
N ILE X 122 51.17 -80.92 20.99
CA ILE X 122 51.67 -81.99 20.12
C ILE X 122 53.00 -82.51 20.66
N GLN X 123 53.89 -81.59 21.06
CA GLN X 123 55.17 -82.00 21.65
C GLN X 123 54.94 -82.91 22.85
N ALA X 124 53.98 -82.55 23.71
CA ALA X 124 53.60 -83.44 24.80
C ALA X 124 52.88 -84.67 24.27
N SER X 125 52.16 -84.54 23.16
CA SER X 125 51.46 -85.67 22.56
C SER X 125 52.45 -86.68 21.99
N MET Y 1 -17.39 81.74 14.43
CA MET Y 1 -17.02 80.79 13.39
C MET Y 1 -16.89 81.48 12.04
N ARG Y 2 -16.43 80.73 11.04
CA ARG Y 2 -16.30 81.23 9.69
C ARG Y 2 -17.06 80.32 8.73
N ARG Y 3 -17.91 80.91 7.91
CA ARG Y 3 -18.58 80.16 6.86
C ARG Y 3 -17.61 79.97 5.70
N LEU Y 4 -18.01 79.21 4.69
CA LEU Y 4 -17.15 78.98 3.54
C LEU Y 4 -18.05 78.76 2.32
N LYS Y 5 -18.28 79.83 1.56
CA LYS Y 5 -19.16 79.75 0.39
C LYS Y 5 -18.35 79.32 -0.83
N GLY Y 6 -17.73 78.15 -0.71
CA GLY Y 6 -17.09 77.54 -1.84
C GLY Y 6 -18.12 77.04 -2.85
N THR Y 7 -17.72 77.02 -4.12
CA THR Y 7 -18.62 76.60 -5.19
C THR Y 7 -17.87 75.75 -6.20
N ILE Y 8 -18.59 74.84 -6.84
CA ILE Y 8 -18.02 73.90 -7.80
C ILE Y 8 -18.89 73.92 -9.05
N ARG Y 9 -18.29 73.58 -10.19
CA ARG Y 9 -18.99 73.64 -11.45
C ARG Y 9 -18.43 72.62 -12.42
N HIS Y 10 -19.26 72.22 -13.37
CA HIS Y 10 -18.82 71.33 -14.43
C HIS Y 10 -17.96 72.10 -15.44
N LEU Y 11 -17.51 71.39 -16.47
CA LEU Y 11 -16.83 72.00 -17.59
C LEU Y 11 -17.77 72.74 -18.53
N ASP Y 12 -19.06 72.42 -18.50
CA ASP Y 12 -20.07 73.10 -19.28
C ASP Y 12 -20.76 74.22 -18.50
N ASP Y 13 -20.08 74.75 -17.48
CA ASP Y 13 -20.62 75.84 -16.66
C ASP Y 13 -21.86 75.41 -15.89
N GLN Y 14 -22.23 74.14 -15.99
CA GLN Y 14 -23.35 73.70 -15.18
C GLN Y 14 -22.87 73.39 -13.76
N PRO Y 15 -23.67 73.67 -12.75
CA PRO Y 15 -23.22 73.46 -11.38
C PRO Y 15 -23.37 72.03 -10.92
N TRP Y 16 -22.34 71.57 -10.21
CA TRP Y 16 -22.47 70.31 -9.48
C TRP Y 16 -23.56 70.47 -8.43
N ILE Y 17 -24.64 69.71 -8.57
CA ILE Y 17 -25.85 69.91 -7.78
C ILE Y 17 -26.04 68.71 -6.86
N ASN Y 18 -26.35 69.01 -5.59
CA ASN Y 18 -26.68 67.99 -4.59
C ASN Y 18 -25.66 66.85 -4.57
N VAL Y 19 -24.43 67.15 -4.97
CA VAL Y 19 -23.34 66.18 -4.88
C VAL Y 19 -22.69 66.35 -3.51
N SER Y 20 -22.13 65.27 -2.99
CA SER Y 20 -21.65 65.26 -1.62
C SER Y 20 -20.23 65.80 -1.54
N LEU Y 21 -20.02 66.72 -0.60
CA LEU Y 21 -18.69 67.18 -0.21
C LEU Y 21 -18.49 66.80 1.25
N PHE Y 22 -17.28 66.38 1.61
CA PHE Y 22 -17.02 65.94 2.97
C PHE Y 22 -15.92 66.80 3.60
N LEU Y 23 -16.12 67.19 4.85
CA LEU Y 23 -15.16 68.00 5.58
C LEU Y 23 -14.83 67.28 6.87
N THR Y 24 -13.55 67.27 7.23
CA THR Y 24 -13.09 66.49 8.37
C THR Y 24 -11.99 67.24 9.11
N LEU Y 25 -11.93 67.03 10.42
CA LEU Y 25 -10.88 67.59 11.25
C LEU Y 25 -9.87 66.52 11.62
N ILE Y 26 -8.60 66.78 11.32
CA ILE Y 26 -7.55 65.78 11.48
C ILE Y 26 -7.06 65.75 12.92
N ASN Y 27 -7.17 66.87 13.62
CA ASN Y 27 -6.69 66.98 15.00
C ASN Y 27 -7.79 67.55 15.87
N GLY Y 28 -8.20 66.79 16.88
CA GLY Y 28 -9.16 67.31 17.84
C GLY Y 28 -8.54 68.46 18.61
N THR Y 29 -9.14 69.64 18.52
CA THR Y 29 -8.55 70.85 19.07
C THR Y 29 -9.49 71.46 20.10
N PHE Y 30 -9.09 72.62 20.62
CA PHE Y 30 -9.86 73.30 21.64
C PHE Y 30 -9.44 74.77 21.65
N ASN Y 31 -10.28 75.59 22.26
CA ASN Y 31 -10.01 77.00 22.47
C ASN Y 31 -9.99 77.26 23.97
N SER Y 32 -9.88 78.54 24.34
CA SER Y 32 -9.80 78.91 25.75
C SER Y 32 -11.01 78.44 26.54
N ALA Y 33 -12.16 78.25 25.88
CA ALA Y 33 -13.38 77.88 26.60
C ALA Y 33 -14.21 76.82 25.88
N ASN Y 34 -13.63 76.05 24.97
CA ASN Y 34 -14.38 75.00 24.30
C ASN Y 34 -13.42 73.93 23.78
N GLN Y 35 -13.93 72.71 23.69
CA GLN Y 35 -13.20 71.58 23.16
C GLN Y 35 -13.84 71.13 21.84
N TYR Y 36 -13.00 70.86 20.85
CA TYR Y 36 -13.46 70.53 19.50
C TYR Y 36 -12.85 69.19 19.10
N PRO Y 37 -13.52 68.08 19.39
CA PRO Y 37 -12.98 66.77 19.03
C PRO Y 37 -13.00 66.55 17.53
N ILE Y 38 -12.30 65.50 17.10
CA ILE Y 38 -12.28 65.15 15.69
C ILE Y 38 -13.69 64.76 15.25
N ASP Y 39 -14.16 65.39 14.19
CA ASP Y 39 -15.51 65.17 13.70
C ASP Y 39 -15.53 65.45 12.21
N THR Y 40 -16.53 64.90 11.53
CA THR Y 40 -16.68 65.09 10.10
C THR Y 40 -18.13 65.45 9.78
N LYS Y 41 -18.28 66.32 8.78
CA LYS Y 41 -19.59 66.77 8.34
C LYS Y 41 -19.67 66.61 6.83
N HIS Y 42 -20.91 66.51 6.34
CA HIS Y 42 -21.17 66.32 4.93
C HIS Y 42 -22.14 67.38 4.45
N ALA Y 43 -21.89 67.90 3.25
CA ALA Y 43 -22.73 68.93 2.66
C ALA Y 43 -23.08 68.52 1.23
N LYS Y 44 -24.13 69.15 0.70
CA LYS Y 44 -24.56 68.92 -0.68
C LYS Y 44 -24.67 70.26 -1.39
N THR Y 45 -24.09 70.35 -2.57
CA THR Y 45 -24.21 71.57 -3.36
C THR Y 45 -25.67 71.80 -3.71
N ASP Y 46 -26.09 73.05 -3.64
CA ASP Y 46 -27.45 73.41 -4.00
C ASP Y 46 -27.62 73.27 -5.51
N GLN Y 47 -28.84 73.51 -6.01
CA GLN Y 47 -29.06 73.54 -7.44
C GLN Y 47 -28.17 74.56 -8.13
N ASN Y 48 -27.73 75.58 -7.42
CA ASN Y 48 -26.88 76.63 -7.98
C ASN Y 48 -25.41 76.24 -8.06
N GLY Y 49 -24.95 75.31 -7.21
CA GLY Y 49 -23.60 74.80 -7.28
C GLY Y 49 -22.66 75.27 -6.20
N GLU Y 50 -23.14 75.94 -5.16
CA GLU Y 50 -22.29 76.36 -4.06
C GLU Y 50 -22.60 75.53 -2.81
N PHE Y 51 -21.82 75.78 -1.76
CA PHE Y 51 -21.98 75.08 -0.50
C PHE Y 51 -21.49 75.98 0.62
N VAL Y 52 -21.66 75.51 1.86
CA VAL Y 52 -21.28 76.29 3.03
C VAL Y 52 -20.67 75.34 4.06
N PHE Y 53 -19.88 75.91 4.96
CA PHE Y 53 -19.29 75.13 6.05
C PHE Y 53 -19.00 76.09 7.20
N ASN Y 54 -19.77 75.97 8.28
CA ASN Y 54 -19.51 76.73 9.50
C ASN Y 54 -18.44 76.00 10.30
N VAL Y 55 -17.23 76.53 10.29
CA VAL Y 55 -16.06 75.84 10.85
C VAL Y 55 -15.39 76.74 11.86
N VAL Y 56 -14.91 76.14 12.95
CA VAL Y 56 -14.11 76.86 13.93
C VAL Y 56 -12.76 77.22 13.32
N PRO Y 57 -12.19 78.36 13.63
CA PRO Y 57 -10.83 78.67 13.16
C PRO Y 57 -9.80 77.79 13.84
N ASN Y 58 -8.69 77.58 13.15
CA ASN Y 58 -7.57 76.83 13.71
C ASN Y 58 -6.87 77.70 14.74
N VAL Y 59 -7.26 77.55 16.01
CA VAL Y 59 -6.72 78.39 17.07
C VAL Y 59 -6.00 77.61 18.15
N GLY Y 60 -6.29 76.33 18.34
CA GLY Y 60 -5.62 75.56 19.36
C GLY Y 60 -4.13 75.44 19.10
N ILE Y 61 -3.41 75.05 20.15
CA ILE Y 61 -1.96 74.91 20.04
C ILE Y 61 -1.60 73.94 18.94
N ASP Y 62 -2.28 72.80 18.89
CA ASP Y 62 -2.10 71.85 17.80
C ASP Y 62 -2.71 72.40 16.53
N GLN Y 63 -2.31 71.82 15.40
CA GLN Y 63 -2.83 72.23 14.10
C GLN Y 63 -4.09 71.43 13.80
N SER Y 64 -5.24 72.09 13.81
CA SER Y 64 -6.53 71.47 13.57
C SER Y 64 -6.74 71.34 12.05
N TYR Y 65 -5.82 70.63 11.43
CA TYR Y 65 -5.71 70.63 9.97
C TYR Y 65 -6.98 70.07 9.36
N TYR Y 66 -7.79 70.94 8.77
CA TYR Y 66 -8.99 70.49 8.08
C TYR Y 66 -8.63 69.78 6.79
N ILE Y 67 -9.50 68.89 6.36
CA ILE Y 67 -9.36 68.20 5.09
C ILE Y 67 -10.73 68.14 4.41
N LEU Y 68 -10.75 68.45 3.12
CA LEU Y 68 -11.95 68.40 2.31
C LEU Y 68 -11.80 67.31 1.27
N THR Y 69 -12.76 66.39 1.24
CA THR Y 69 -12.87 65.41 0.18
C THR Y 69 -13.95 65.87 -0.79
N THR Y 70 -13.52 66.16 -2.02
CA THR Y 70 -14.43 66.49 -3.10
C THR Y 70 -15.05 65.22 -3.66
N PRO Y 71 -16.13 65.35 -4.44
CA PRO Y 71 -16.72 64.15 -5.04
C PRO Y 71 -15.71 63.36 -5.85
N ASP Y 72 -14.73 64.05 -6.43
CA ASP Y 72 -13.76 63.42 -7.31
C ASP Y 72 -12.48 63.02 -6.58
N ASN Y 73 -12.62 62.39 -5.42
CA ASN Y 73 -11.50 61.67 -4.82
C ASN Y 73 -10.34 62.57 -4.39
N LYS Y 74 -10.45 63.88 -4.54
CA LYS Y 74 -9.33 64.75 -4.20
C LYS Y 74 -9.32 64.99 -2.70
N LYS Y 75 -8.12 65.13 -2.15
CA LYS Y 75 -7.91 65.49 -0.75
C LYS Y 75 -7.29 66.88 -0.70
N HIS Y 76 -8.04 67.85 -0.18
CA HIS Y 76 -7.54 69.21 0.00
C HIS Y 76 -7.31 69.45 1.48
N SER Y 77 -6.05 69.51 1.90
CA SER Y 77 -5.70 69.73 3.29
C SER Y 77 -5.43 71.22 3.48
N PHE Y 78 -6.18 71.85 4.38
CA PHE Y 78 -6.13 73.29 4.55
C PHE Y 78 -6.29 73.64 6.02
N THR Y 79 -5.88 74.86 6.36
CA THR Y 79 -5.93 75.38 7.72
C THR Y 79 -6.59 76.76 7.66
N VAL Y 80 -7.89 76.81 7.96
CA VAL Y 80 -8.60 78.08 7.90
C VAL Y 80 -7.99 79.05 8.90
N PRO Y 81 -7.78 80.32 8.55
CA PRO Y 81 -7.26 81.28 9.53
C PRO Y 81 -8.32 81.66 10.55
N ASP Y 82 -7.99 82.63 11.39
CA ASP Y 82 -8.90 83.11 12.41
C ASP Y 82 -9.69 84.31 11.91
N GLY Y 83 -10.69 84.69 12.67
CA GLY Y 83 -11.56 85.80 12.36
C GLY Y 83 -12.98 85.32 12.24
N THR Y 84 -13.90 86.27 12.05
CA THR Y 84 -15.32 85.97 11.89
C THR Y 84 -15.80 86.71 10.65
N SER Y 85 -15.63 86.07 9.49
CA SER Y 85 -16.10 86.64 8.23
C SER Y 85 -16.32 85.50 7.26
N ASP Y 86 -17.32 85.67 6.40
CA ASP Y 86 -17.60 84.69 5.38
C ASP Y 86 -16.38 84.53 4.48
N ILE Y 87 -15.98 83.28 4.24
CA ILE Y 87 -14.74 82.98 3.54
C ILE Y 87 -15.07 82.27 2.22
N GLU Y 88 -14.13 82.37 1.29
CA GLU Y 88 -14.22 81.68 0.02
C GLU Y 88 -13.25 80.51 0.01
N PHE Y 89 -13.75 79.34 -0.39
CA PHE Y 89 -12.93 78.14 -0.34
C PHE Y 89 -11.67 78.30 -1.18
N SER Y 90 -11.82 78.79 -2.42
CA SER Y 90 -10.66 78.92 -3.31
C SER Y 90 -9.48 79.54 -2.61
N VAL Y 91 -9.72 80.49 -1.70
CA VAL Y 91 -8.63 81.18 -1.01
C VAL Y 91 -7.78 80.18 -0.25
N VAL Y 92 -8.37 79.46 0.71
CA VAL Y 92 -7.62 78.49 1.49
C VAL Y 92 -7.13 77.35 0.60
N ARG Y 93 -7.93 76.97 -0.40
CA ARG Y 93 -7.52 75.92 -1.33
C ARG Y 93 -6.17 76.24 -1.95
N GLU Y 94 -6.03 77.45 -2.50
CA GLU Y 94 -4.74 77.87 -3.02
C GLU Y 94 -3.65 77.74 -1.96
N ALA Y 95 -3.95 78.09 -0.72
CA ALA Y 95 -3.03 77.94 0.40
C ALA Y 95 -3.21 76.56 1.03
N GLY Y 96 -2.62 76.38 2.20
CA GLY Y 96 -2.78 75.17 2.96
C GLY Y 96 -1.81 75.12 4.11
N ILE Y 97 -2.28 74.69 5.29
CA ILE Y 97 -1.50 74.73 6.53
C ILE Y 97 -0.64 75.99 6.67
N ILE Y 98 -1.28 77.13 6.91
CA ILE Y 98 -0.57 78.40 6.93
C ILE Y 98 0.60 78.33 7.92
N ALA Y 99 0.28 78.16 9.20
CA ALA Y 99 1.29 78.05 10.25
C ALA Y 99 0.55 77.84 11.56
N THR Y 100 1.32 77.58 12.62
CA THR Y 100 0.76 77.49 13.96
C THR Y 100 1.79 78.03 14.95
N ASP Y 101 1.31 78.78 15.93
CA ASP Y 101 2.17 79.33 16.97
C ASP Y 101 1.72 78.81 18.34
N PRO Y 102 2.66 78.42 19.20
CA PRO Y 102 2.25 78.04 20.56
C PRO Y 102 1.96 79.24 21.42
N GLU Y 103 0.67 79.51 21.65
CA GLU Y 103 0.24 80.65 22.46
C GLU Y 103 -0.75 80.10 23.49
N TYR Y 104 -0.26 79.88 24.72
CA TYR Y 104 -1.00 79.16 25.74
C TYR Y 104 -1.94 80.13 26.45
N THR Y 105 -3.02 80.48 25.74
CA THR Y 105 -4.01 81.40 26.29
C THR Y 105 -4.50 80.88 27.64
N ASN Y 106 -4.79 79.58 27.71
CA ASN Y 106 -5.35 78.99 28.92
C ASN Y 106 -4.44 79.25 30.11
N VAL Y 107 -3.21 78.72 30.05
CA VAL Y 107 -2.30 78.83 31.18
C VAL Y 107 -1.98 80.29 31.47
N LEU Y 108 -1.75 81.09 30.42
CA LEU Y 108 -1.36 82.47 30.63
C LEU Y 108 -2.44 83.25 31.36
N ASN Y 109 -3.69 83.17 30.89
CA ASN Y 109 -4.74 83.92 31.54
C ASN Y 109 -5.12 83.32 32.89
N TYR Y 110 -4.96 82.02 33.08
CA TYR Y 110 -5.16 81.44 34.40
C TYR Y 110 -4.13 81.96 35.40
N LEU Y 111 -2.87 82.05 34.98
CA LEU Y 111 -1.85 82.66 35.81
C LEU Y 111 -2.17 84.13 36.09
N GLU Y 112 -2.66 84.84 35.08
CA GLU Y 112 -3.08 86.22 35.29
C GLU Y 112 -4.18 86.31 36.34
N ASP Y 113 -5.16 85.43 36.26
CA ASP Y 113 -6.25 85.44 37.25
C ASP Y 113 -5.72 85.13 38.64
N TYR Y 114 -4.81 84.17 38.76
CA TYR Y 114 -4.25 83.85 40.07
C TYR Y 114 -3.46 85.02 40.63
N ILE Y 115 -2.70 85.70 39.78
CA ILE Y 115 -2.00 86.90 40.23
C ILE Y 115 -3.00 87.96 40.68
N ASP Y 116 -4.08 88.13 39.93
CA ASP Y 116 -5.07 89.15 40.27
C ASP Y 116 -5.69 88.89 41.63
N ASP Y 117 -6.10 87.64 41.88
CA ASP Y 117 -6.71 87.35 43.17
C ASP Y 117 -5.68 87.30 44.29
N ALA Y 118 -4.40 87.04 43.97
CA ALA Y 118 -3.35 87.22 44.97
C ALA Y 118 -3.20 88.67 45.38
N ILE Y 119 -3.24 89.59 44.41
CA ILE Y 119 -3.19 91.00 44.73
C ILE Y 119 -4.44 91.41 45.52
N ALA Y 120 -5.59 90.82 45.19
CA ALA Y 120 -6.79 91.08 45.97
C ALA Y 120 -6.62 90.59 47.41
N ASN Y 121 -5.99 89.43 47.59
CA ASN Y 121 -5.69 88.95 48.93
C ASN Y 121 -4.78 89.92 49.67
N ILE Y 122 -3.77 90.45 48.98
CA ILE Y 122 -2.92 91.47 49.58
C ILE Y 122 -3.75 92.66 50.03
N GLN Y 123 -4.65 93.11 49.16
CA GLN Y 123 -5.54 94.21 49.52
C GLN Y 123 -6.37 93.89 50.75
N ALA Y 124 -6.81 92.64 50.88
CA ALA Y 124 -7.59 92.22 52.04
C ALA Y 124 -6.76 92.11 53.31
N SER Y 125 -5.44 92.18 53.21
CA SER Y 125 -4.57 92.08 54.37
C SER Y 125 -4.78 93.28 55.30
N MET Z 1 -7.75 43.62 69.60
CA MET Z 1 -7.53 44.69 70.56
C MET Z 1 -7.95 46.04 69.98
N ARG Z 2 -7.03 46.74 69.33
CA ARG Z 2 -7.29 48.05 68.80
C ARG Z 2 -8.34 47.99 67.69
N ARG Z 3 -9.15 49.04 67.61
CA ARG Z 3 -10.16 49.16 66.57
C ARG Z 3 -9.56 49.91 65.40
N LEU Z 4 -9.63 49.30 64.22
CA LEU Z 4 -9.09 49.86 62.99
C LEU Z 4 -10.23 50.47 62.19
N LYS Z 5 -10.18 51.78 61.98
CA LYS Z 5 -11.17 52.50 61.18
C LYS Z 5 -10.57 52.83 59.81
N GLY Z 6 -11.45 52.90 58.82
CA GLY Z 6 -11.04 53.32 57.50
C GLY Z 6 -12.19 53.88 56.69
N THR Z 7 -12.00 55.06 56.11
CA THR Z 7 -13.03 55.73 55.32
C THR Z 7 -12.66 55.60 53.85
N ILE Z 8 -13.58 55.07 53.05
CA ILE Z 8 -13.35 54.83 51.63
C ILE Z 8 -14.50 55.48 50.86
N ARG Z 9 -14.18 56.32 49.89
CA ARG Z 9 -15.16 57.19 49.24
C ARG Z 9 -14.93 57.22 47.74
N HIS Z 10 -16.02 57.41 47.00
CA HIS Z 10 -15.99 57.39 45.55
C HIS Z 10 -15.01 58.43 45.00
N LEU Z 11 -14.76 58.33 43.70
CA LEU Z 11 -14.00 59.35 42.99
C LEU Z 11 -14.74 60.69 43.02
N ASP Z 12 -16.05 60.66 42.84
CA ASP Z 12 -16.88 61.85 42.91
C ASP Z 12 -16.96 62.37 44.34
N ASP Z 13 -16.29 61.70 45.28
CA ASP Z 13 -16.20 62.05 46.69
C ASP Z 13 -17.43 61.60 47.45
N GLN Z 14 -18.31 60.81 46.85
CA GLN Z 14 -19.43 60.25 47.61
C GLN Z 14 -18.97 58.98 48.33
N PRO Z 15 -19.61 58.64 49.45
CA PRO Z 15 -19.21 57.44 50.17
C PRO Z 15 -19.40 56.18 49.33
N TRP Z 16 -18.50 55.23 49.51
CA TRP Z 16 -18.66 53.91 48.90
C TRP Z 16 -19.70 53.12 49.68
N ILE Z 17 -20.77 52.72 49.00
CA ILE Z 17 -21.93 52.12 49.65
C ILE Z 17 -21.90 50.62 49.38
N ASN Z 18 -21.80 49.84 50.46
CA ASN Z 18 -21.99 48.40 50.40
C ASN Z 18 -21.04 47.76 49.38
N VAL Z 19 -19.75 47.86 49.68
CA VAL Z 19 -18.72 47.14 48.95
C VAL Z 19 -17.87 46.41 49.98
N SER Z 20 -17.20 45.35 49.53
CA SER Z 20 -16.54 44.42 50.44
C SER Z 20 -15.04 44.68 50.51
N LEU Z 21 -14.47 44.33 51.65
CA LEU Z 21 -13.03 44.38 51.87
C LEU Z 21 -12.65 43.25 52.82
N PHE Z 22 -11.37 42.91 52.85
CA PHE Z 22 -10.94 41.74 53.59
C PHE Z 22 -9.61 41.99 54.27
N LEU Z 23 -9.40 41.30 55.39
CA LEU Z 23 -8.14 41.35 56.12
C LEU Z 23 -7.67 39.93 56.35
N THR Z 24 -6.36 39.76 56.48
CA THR Z 24 -5.75 38.45 56.69
C THR Z 24 -4.52 38.57 57.56
N LEU Z 25 -4.24 37.51 58.30
CA LEU Z 25 -3.02 37.35 59.08
C LEU Z 25 -2.22 36.18 58.53
N ILE Z 26 -0.92 36.16 58.82
CA ILE Z 26 -0.04 35.12 58.32
C ILE Z 26 0.60 34.33 59.45
N ASN Z 27 0.78 34.95 60.62
CA ASN Z 27 1.46 34.33 61.74
C ASN Z 27 0.48 34.13 62.89
N GLY Z 28 0.62 33.00 63.59
CA GLY Z 28 -0.14 32.79 64.79
C GLY Z 28 0.65 33.20 66.02
N THR Z 29 0.43 34.42 66.49
CA THR Z 29 1.18 34.91 67.63
C THR Z 29 0.56 34.38 68.92
N PHE Z 30 1.05 34.86 70.06
CA PHE Z 30 0.50 34.43 71.33
C PHE Z 30 0.98 35.38 72.42
N ASN Z 31 0.04 35.84 73.22
CA ASN Z 31 0.35 36.62 74.40
C ASN Z 31 0.76 35.67 75.52
N SER Z 32 0.91 36.20 76.74
CA SER Z 32 1.40 35.37 77.84
C SER Z 32 0.47 34.20 78.11
N ALA Z 33 -0.85 34.39 77.95
CA ALA Z 33 -1.81 33.35 78.31
C ALA Z 33 -2.93 33.23 77.28
N ASN Z 34 -2.60 33.30 76.00
CA ASN Z 34 -3.60 33.07 74.95
C ASN Z 34 -2.89 33.08 73.60
N GLN Z 35 -3.53 32.43 72.62
CA GLN Z 35 -2.98 32.28 71.29
C GLN Z 35 -3.85 33.03 70.29
N TYR Z 36 -3.21 33.69 69.32
CA TYR Z 36 -3.90 34.42 68.26
C TYR Z 36 -3.51 33.78 66.94
N PRO Z 37 -4.36 32.91 66.39
CA PRO Z 37 -3.97 32.13 65.20
C PRO Z 37 -4.14 32.88 63.88
N ILE Z 38 -3.93 32.18 62.77
CA ILE Z 38 -4.10 32.77 61.46
C ILE Z 38 -5.56 32.62 61.02
N ASP Z 39 -6.04 33.58 60.24
CA ASP Z 39 -7.40 33.57 59.71
C ASP Z 39 -7.56 34.79 58.81
N THR Z 40 -8.69 34.83 58.09
CA THR Z 40 -9.07 36.00 57.31
C THR Z 40 -10.48 36.41 57.69
N LYS Z 41 -10.74 37.71 57.64
CA LYS Z 41 -12.04 38.28 57.97
C LYS Z 41 -12.53 39.14 56.81
N HIS Z 42 -13.84 39.24 56.70
CA HIS Z 42 -14.51 40.00 55.65
C HIS Z 42 -15.37 41.09 56.28
N ALA Z 43 -15.55 42.19 55.56
CA ALA Z 43 -16.45 43.24 56.01
C ALA Z 43 -16.96 44.00 54.80
N LYS Z 44 -17.93 44.88 55.05
CA LYS Z 44 -18.56 45.67 54.00
C LYS Z 44 -18.60 47.13 54.41
N THR Z 45 -18.93 47.99 53.45
CA THR Z 45 -18.98 49.42 53.70
C THR Z 45 -20.37 49.84 54.14
N ASP Z 46 -20.42 50.83 55.03
CA ASP Z 46 -21.66 51.45 55.43
C ASP Z 46 -22.11 52.43 54.36
N GLN Z 47 -23.16 53.20 54.67
CA GLN Z 47 -23.61 54.23 53.73
C GLN Z 47 -22.60 55.36 53.61
N ASN Z 48 -21.78 55.59 54.64
CA ASN Z 48 -20.75 56.61 54.61
C ASN Z 48 -19.40 56.10 54.12
N GLY Z 49 -19.31 54.82 53.76
CA GLY Z 49 -18.04 54.28 53.32
C GLY Z 49 -17.01 54.13 54.40
N GLU Z 50 -17.45 53.98 55.65
CA GLU Z 50 -16.55 53.75 56.78
C GLU Z 50 -16.65 52.29 57.19
N PHE Z 51 -15.51 51.67 57.43
CA PHE Z 51 -15.43 50.29 57.89
C PHE Z 51 -14.51 50.21 59.10
N VAL Z 52 -14.96 49.52 60.15
CA VAL Z 52 -14.21 49.40 61.39
C VAL Z 52 -14.13 47.93 61.78
N PHE Z 53 -12.92 47.49 62.12
CA PHE Z 53 -12.68 46.15 62.62
C PHE Z 53 -12.05 46.23 64.00
N ASN Z 54 -11.93 45.08 64.65
CA ASN Z 54 -11.11 44.95 65.86
C ASN Z 54 -9.99 43.95 65.56
N VAL Z 55 -8.77 44.31 65.94
CA VAL Z 55 -7.59 43.54 65.59
C VAL Z 55 -6.64 43.57 66.78
N VAL Z 56 -5.67 42.67 66.75
CA VAL Z 56 -4.63 42.59 67.78
C VAL Z 56 -3.31 43.04 67.17
N PRO Z 57 -2.57 43.94 67.82
CA PRO Z 57 -1.27 44.35 67.27
C PRO Z 57 -0.19 43.30 67.46
N ASN Z 58 1.05 43.65 67.10
CA ASN Z 58 2.19 42.74 67.21
C ASN Z 58 2.69 42.74 68.64
N VAL Z 59 1.97 42.03 69.52
CA VAL Z 59 2.40 41.86 70.90
C VAL Z 59 3.17 40.57 71.12
N GLY Z 60 2.90 39.52 70.34
CA GLY Z 60 3.61 38.27 70.52
C GLY Z 60 5.05 38.36 70.05
N ILE Z 61 5.88 37.49 70.64
CA ILE Z 61 7.30 37.48 70.29
C ILE Z 61 7.47 37.24 68.80
N ASP Z 62 6.69 36.32 68.23
CA ASP Z 62 6.62 36.15 66.80
C ASP Z 62 5.80 37.29 66.18
N GLN Z 63 6.16 37.65 64.95
CA GLN Z 63 5.57 38.84 64.32
C GLN Z 63 4.13 38.58 63.89
N SER Z 64 3.30 39.62 63.99
CA SER Z 64 1.91 39.58 63.53
C SER Z 64 1.83 40.39 62.24
N TYR Z 65 1.55 39.70 61.13
CA TYR Z 65 1.59 40.30 59.79
C TYR Z 65 0.18 40.38 59.22
N TYR Z 66 -0.34 41.60 59.11
CA TYR Z 66 -1.68 41.81 58.57
C TYR Z 66 -1.61 42.29 57.13
N ILE Z 67 -2.63 41.92 56.35
CA ILE Z 67 -2.72 42.26 54.93
C ILE Z 67 -4.17 42.57 54.61
N LEU Z 68 -4.42 43.77 54.06
CA LEU Z 68 -5.75 44.20 53.68
C LEU Z 68 -5.90 44.12 52.16
N THR Z 69 -7.06 43.65 51.72
CA THR Z 69 -7.41 43.58 50.30
C THR Z 69 -8.65 44.43 50.10
N THR Z 70 -8.54 45.42 49.20
CA THR Z 70 -9.56 46.42 48.94
C THR Z 70 -10.35 46.03 47.70
N PRO Z 71 -11.36 46.83 47.30
CA PRO Z 71 -12.07 46.54 46.07
C PRO Z 71 -11.18 46.55 44.84
N ASP Z 72 -10.03 47.19 44.90
CA ASP Z 72 -9.11 47.25 43.76
C ASP Z 72 -7.88 46.36 43.86
N ASN Z 73 -7.85 45.44 44.81
CA ASN Z 73 -6.86 44.37 44.91
C ASN Z 73 -5.51 44.86 45.41
N LYS Z 74 -5.43 46.06 45.98
CA LYS Z 74 -4.18 46.54 46.56
C LYS Z 74 -3.96 45.84 47.90
N LYS Z 75 -2.94 44.99 47.95
CA LYS Z 75 -2.61 44.24 49.15
C LYS Z 75 -1.82 45.14 50.09
N HIS Z 76 -2.54 45.94 50.87
CA HIS Z 76 -1.91 46.82 51.84
C HIS Z 76 -1.36 45.96 52.98
N SER Z 77 -0.06 45.71 52.96
CA SER Z 77 0.60 45.03 54.06
C SER Z 77 0.80 46.02 55.20
N PHE Z 78 0.73 45.51 56.43
CA PHE Z 78 0.93 46.37 57.58
C PHE Z 78 0.90 45.51 58.84
N THR Z 79 1.12 46.16 59.97
CA THR Z 79 1.09 45.50 61.27
C THR Z 79 0.73 46.54 62.31
N VAL Z 80 -0.44 46.38 62.92
CA VAL Z 80 -0.91 47.32 63.93
C VAL Z 80 0.10 47.34 65.08
N PRO Z 81 0.62 48.51 65.45
CA PRO Z 81 1.54 48.55 66.59
C PRO Z 81 0.79 48.35 67.90
N ASP Z 82 1.56 47.95 68.93
CA ASP Z 82 0.97 47.65 70.22
C ASP Z 82 0.14 48.83 70.72
N GLY Z 83 -0.80 48.51 71.60
CA GLY Z 83 -1.69 49.49 72.17
C GLY Z 83 -3.14 49.02 72.17
N THR Z 84 -3.98 49.82 72.81
CA THR Z 84 -5.41 49.56 72.90
C THR Z 84 -6.26 50.63 72.25
N SER Z 85 -5.74 51.86 72.12
CA SER Z 85 -6.51 52.95 71.59
C SER Z 85 -6.88 52.68 70.13
N ASP Z 86 -7.84 53.46 69.63
CA ASP Z 86 -8.25 53.36 68.25
C ASP Z 86 -7.15 53.83 67.32
N ILE Z 87 -6.98 53.13 66.21
CA ILE Z 87 -5.97 53.46 65.20
C ILE Z 87 -6.68 53.62 63.87
N GLU Z 88 -6.42 54.73 63.19
CA GLU Z 88 -6.94 54.93 61.85
C GLU Z 88 -6.18 54.02 60.87
N PHE Z 89 -6.81 53.75 59.74
CA PHE Z 89 -6.19 52.91 58.73
C PHE Z 89 -5.06 53.59 57.98
N SER Z 90 -5.17 54.90 57.73
CA SER Z 90 -4.16 55.59 56.92
C SER Z 90 -2.78 55.49 57.57
N VAL Z 91 -2.71 55.64 58.90
CA VAL Z 91 -1.42 55.66 59.57
C VAL Z 91 -0.68 54.34 59.35
N VAL Z 92 -1.39 53.23 59.48
CA VAL Z 92 -0.75 51.93 59.30
C VAL Z 92 -0.53 51.62 57.82
N ARG Z 93 -1.39 52.11 56.94
CA ARG Z 93 -1.16 51.97 55.51
C ARG Z 93 0.05 52.76 55.04
N GLU Z 94 0.47 53.77 55.82
CA GLU Z 94 1.63 54.56 55.43
C GLU Z 94 2.89 53.72 55.29
N ALA Z 95 2.92 52.51 55.86
CA ALA Z 95 4.05 51.62 55.64
C ALA Z 95 4.16 51.23 54.17
N GLY Z 96 3.01 50.98 53.52
CA GLY Z 96 3.01 50.63 52.12
C GLY Z 96 2.74 51.81 51.21
N ILE Z 97 3.79 52.38 50.64
CA ILE Z 97 3.69 53.58 49.81
C ILE Z 97 4.70 53.46 48.67
N ILE Z 98 4.33 53.95 47.49
CA ILE Z 98 5.24 54.06 46.36
C ILE Z 98 4.71 55.15 45.45
N ALA Z 99 5.60 55.73 44.64
CA ALA Z 99 5.22 56.83 43.76
C ALA Z 99 6.15 56.86 42.56
N THR Z 100 5.61 57.26 41.42
CA THR Z 100 6.38 57.38 40.18
C THR Z 100 5.56 58.24 39.21
N ASP Z 101 6.02 58.29 37.96
CA ASP Z 101 5.36 58.95 36.84
C ASP Z 101 5.68 60.45 36.82
N PRO Z 102 5.60 61.10 35.64
CA PRO Z 102 5.93 62.53 35.56
C PRO Z 102 4.74 63.46 35.75
N GLU Z 103 3.63 62.93 36.24
CA GLU Z 103 2.34 63.63 36.21
C GLU Z 103 2.18 64.65 37.32
N TYR Z 104 3.16 64.79 38.21
CA TYR Z 104 2.97 65.56 39.43
C TYR Z 104 3.33 67.04 39.31
N THR Z 105 4.45 67.38 38.66
CA THR Z 105 5.08 68.68 38.84
C THR Z 105 4.18 69.86 38.52
N ASN Z 106 2.99 69.65 37.94
CA ASN Z 106 2.06 70.76 37.76
C ASN Z 106 1.75 71.43 39.10
N VAL Z 107 1.36 70.63 40.09
CA VAL Z 107 1.02 71.17 41.40
C VAL Z 107 2.24 71.83 42.04
N LEU Z 108 3.42 71.23 41.87
CA LEU Z 108 4.61 71.84 42.46
C LEU Z 108 4.94 73.17 41.82
N ASN Z 109 4.76 73.30 40.50
CA ASN Z 109 4.94 74.60 39.86
C ASN Z 109 3.97 75.62 40.41
N TYR Z 110 2.70 75.23 40.57
CA TYR Z 110 1.71 76.17 41.10
C TYR Z 110 2.10 76.60 42.52
N LEU Z 111 2.52 75.64 43.35
CA LEU Z 111 2.93 75.95 44.71
C LEU Z 111 4.18 76.83 44.74
N GLU Z 112 5.11 76.62 43.81
CA GLU Z 112 6.27 77.49 43.72
C GLU Z 112 5.86 78.92 43.39
N ASP Z 113 4.91 79.08 42.47
CA ASP Z 113 4.39 80.41 42.19
C ASP Z 113 3.79 81.02 43.44
N TYR Z 114 3.02 80.24 44.20
CA TYR Z 114 2.40 80.76 45.40
C TYR Z 114 3.45 81.16 46.44
N ILE Z 115 4.52 80.36 46.56
CA ILE Z 115 5.57 80.67 47.51
C ILE Z 115 6.31 81.93 47.10
N ASP Z 116 6.54 82.12 45.80
CA ASP Z 116 7.13 83.36 45.33
C ASP Z 116 6.24 84.55 45.69
N ASP Z 117 4.93 84.40 45.50
CA ASP Z 117 4.00 85.44 45.91
C ASP Z 117 4.12 85.71 47.41
N ALA Z 118 4.22 84.67 48.22
CA ALA Z 118 4.30 84.85 49.67
C ALA Z 118 5.56 85.59 50.07
N ILE Z 119 6.70 85.23 49.48
CA ILE Z 119 7.94 85.92 49.84
C ILE Z 119 7.91 87.37 49.35
N ALA Z 120 7.31 87.62 48.18
CA ALA Z 120 7.15 89.00 47.74
C ALA Z 120 6.30 89.78 48.72
N ASN Z 121 5.21 89.18 49.21
CA ASN Z 121 4.37 89.84 50.19
C ASN Z 121 5.15 90.13 51.47
N ILE Z 122 5.96 89.18 51.93
CA ILE Z 122 6.78 89.42 53.12
C ILE Z 122 7.72 90.60 52.87
N GLN Z 123 8.37 90.63 51.71
CA GLN Z 123 9.24 91.76 51.38
C GLN Z 123 8.45 93.05 51.31
N ALA Z 124 7.15 92.98 51.02
CA ALA Z 124 6.35 94.20 50.85
C ALA Z 124 6.37 95.03 52.12
N SER Z 125 6.23 94.39 53.28
CA SER Z 125 6.24 95.11 54.55
C SER Z 125 7.13 94.39 55.56
N MET AA 1 -12.28 69.41 46.76
CA MET AA 1 -13.30 68.76 45.94
C MET AA 1 -13.69 69.70 44.80
N ARG AA 2 -12.69 70.12 44.03
CA ARG AA 2 -12.92 71.14 43.02
C ARG AA 2 -14.01 70.71 42.04
N ARG AA 3 -14.57 71.68 41.35
CA ARG AA 3 -15.63 71.45 40.38
C ARG AA 3 -15.05 71.67 38.99
N LEU AA 4 -15.08 70.65 38.16
CA LEU AA 4 -14.50 70.68 36.83
C LEU AA 4 -15.61 70.90 35.82
N LYS AA 5 -15.59 72.06 35.17
CA LYS AA 5 -16.57 72.41 34.14
C LYS AA 5 -15.93 72.27 32.77
N GLY AA 6 -16.75 71.86 31.80
CA GLY AA 6 -16.29 71.78 30.43
C GLY AA 6 -17.43 72.00 29.48
N THR AA 7 -17.11 72.50 28.29
CA THR AA 7 -18.10 72.86 27.28
C THR AA 7 -17.68 72.27 25.94
N ILE AA 8 -18.12 71.04 25.68
CA ILE AA 8 -17.88 70.41 24.38
C ILE AA 8 -18.86 71.00 23.39
N ARG AA 9 -18.40 71.23 22.17
CA ARG AA 9 -19.22 71.86 21.14
C ARG AA 9 -18.96 71.19 19.79
N HIS AA 10 -20.02 71.12 18.98
CA HIS AA 10 -19.92 70.52 17.66
C HIS AA 10 -19.00 71.35 16.76
N LEU AA 11 -18.79 70.82 15.55
CA LEU AA 11 -18.09 71.59 14.52
C LEU AA 11 -18.92 72.76 14.02
N ASP AA 12 -20.21 72.80 14.35
CA ASP AA 12 -21.09 73.90 13.98
C ASP AA 12 -21.38 74.84 15.16
N ASP AA 13 -20.78 74.58 16.33
CA ASP AA 13 -20.98 75.28 17.59
C ASP AA 13 -22.28 74.89 18.27
N GLN AA 14 -23.11 74.04 17.67
CA GLN AA 14 -24.25 73.52 18.42
C GLN AA 14 -23.75 72.57 19.49
N PRO AA 15 -24.05 72.81 20.76
CA PRO AA 15 -23.53 71.93 21.81
C PRO AA 15 -24.01 70.50 21.61
N TRP AA 16 -23.13 69.56 21.93
CA TRP AA 16 -23.50 68.15 21.96
C TRP AA 16 -24.49 67.94 23.09
N ILE AA 17 -25.63 67.32 22.80
CA ILE AA 17 -26.64 67.10 23.83
C ILE AA 17 -26.47 65.70 24.39
N ASN AA 18 -26.45 65.62 25.73
CA ASN AA 18 -26.44 64.37 26.48
C ASN AA 18 -25.63 63.27 25.80
N VAL AA 19 -24.42 63.62 25.37
CA VAL AA 19 -23.51 62.64 24.81
C VAL AA 19 -22.59 62.15 25.92
N SER AA 20 -22.01 60.97 25.73
CA SER AA 20 -21.32 60.28 26.80
C SER AA 20 -19.87 60.76 26.92
N LEU AA 21 -19.48 61.14 28.13
CA LEU AA 21 -18.10 61.47 28.47
C LEU AA 21 -17.71 60.61 29.66
N PHE AA 22 -16.43 60.23 29.73
CA PHE AA 22 -15.98 59.39 30.83
C PHE AA 22 -14.77 60.01 31.50
N LEU AA 23 -14.68 59.79 32.81
CA LEU AA 23 -13.52 60.23 33.59
C LEU AA 23 -13.10 59.06 34.47
N THR AA 24 -11.80 58.80 34.53
CA THR AA 24 -11.30 57.68 35.31
C THR AA 24 -10.04 58.09 36.06
N LEU AA 25 -9.99 57.72 37.34
CA LEU AA 25 -8.78 57.86 38.13
C LEU AA 25 -7.92 56.61 37.95
N ILE AA 26 -6.60 56.80 37.98
CA ILE AA 26 -5.65 55.75 37.64
C ILE AA 26 -4.99 55.17 38.88
N ASN AA 27 -4.32 56.00 39.66
CA ASN AA 27 -3.64 55.56 40.87
C ASN AA 27 -4.51 55.90 42.07
N GLY AA 28 -5.17 54.89 42.64
CA GLY AA 28 -5.97 55.10 43.82
C GLY AA 28 -5.16 55.74 44.92
N THR AA 29 -5.45 57.01 45.23
CA THR AA 29 -4.68 57.79 46.16
C THR AA 29 -5.45 57.98 47.46
N PHE AA 30 -4.86 58.76 48.36
CA PHE AA 30 -5.49 59.09 49.63
C PHE AA 30 -4.80 60.30 50.23
N ASN AA 31 -5.44 60.89 51.22
CA ASN AA 31 -4.87 61.94 52.04
C ASN AA 31 -4.89 61.47 53.49
N SER AA 32 -4.08 62.15 54.31
CA SER AA 32 -3.98 61.77 55.71
C SER AA 32 -5.33 61.57 56.38
N ALA AA 33 -6.39 62.21 55.85
CA ALA AA 33 -7.71 62.14 56.47
C ALA AA 33 -8.69 61.26 55.71
N ASN AA 34 -8.43 60.91 54.45
CA ASN AA 34 -9.41 60.19 53.65
C ASN AA 34 -8.71 59.35 52.60
N GLN AA 35 -9.47 58.41 52.03
CA GLN AA 35 -8.99 57.52 50.99
C GLN AA 35 -9.91 57.62 49.78
N TYR AA 36 -9.32 57.84 48.60
CA TYR AA 36 -10.04 57.86 47.34
C TYR AA 36 -9.45 56.78 46.43
N PRO AA 37 -10.15 55.66 46.25
CA PRO AA 37 -9.62 54.57 45.42
C PRO AA 37 -9.91 54.81 43.95
N ILE AA 38 -9.61 53.81 43.13
CA ILE AA 38 -9.87 53.91 41.70
C ILE AA 38 -11.36 53.80 41.44
N ASP AA 39 -11.88 54.71 40.62
CA ASP AA 39 -13.27 54.66 40.19
C ASP AA 39 -13.40 55.49 38.92
N THR AA 40 -14.48 55.27 38.18
CA THR AA 40 -14.76 56.01 36.96
C THR AA 40 -16.19 56.55 37.01
N LYS AA 41 -16.36 57.75 36.49
CA LYS AA 41 -17.66 58.41 36.40
C LYS AA 41 -18.02 58.65 34.95
N HIS AA 42 -19.30 58.53 34.64
CA HIS AA 42 -19.83 58.80 33.31
C HIS AA 42 -20.75 60.00 33.40
N ALA AA 43 -20.53 60.98 32.52
CA ALA AA 43 -21.33 62.19 32.48
C ALA AA 43 -21.94 62.33 31.10
N LYS AA 44 -22.99 63.16 31.03
CA LYS AA 44 -23.66 63.46 29.79
C LYS AA 44 -23.78 64.97 29.62
N THR AA 45 -23.55 65.43 28.39
CA THR AA 45 -23.60 66.85 28.11
C THR AA 45 -25.02 67.39 28.29
N ASP AA 46 -25.12 68.54 28.96
CA ASP AA 46 -26.40 69.20 29.13
C ASP AA 46 -26.86 69.73 27.78
N GLN AA 47 -28.02 70.39 27.76
CA GLN AA 47 -28.53 70.93 26.51
C GLN AA 47 -27.58 71.95 25.92
N ASN AA 48 -26.94 72.75 26.77
CA ASN AA 48 -25.92 73.70 26.34
C ASN AA 48 -24.56 73.05 26.11
N GLY AA 49 -24.48 71.72 26.22
CA GLY AA 49 -23.24 71.01 25.99
C GLY AA 49 -22.29 71.00 27.18
N GLU AA 50 -22.66 71.64 28.28
CA GLU AA 50 -21.80 71.70 29.45
C GLU AA 50 -21.79 70.35 30.17
N PHE AA 51 -20.73 70.12 30.93
CA PHE AA 51 -20.62 68.93 31.76
C PHE AA 51 -19.73 69.25 32.96
N VAL AA 52 -20.16 68.81 34.13
CA VAL AA 52 -19.52 69.17 35.39
C VAL AA 52 -19.21 67.90 36.18
N PHE AA 53 -18.04 67.87 36.79
CA PHE AA 53 -17.62 66.80 37.68
C PHE AA 53 -17.22 67.36 39.03
N ASN AA 54 -17.37 66.56 40.08
CA ASN AA 54 -16.81 66.88 41.39
C ASN AA 54 -15.46 66.19 41.49
N VAL AA 55 -14.45 66.83 40.91
CA VAL AA 55 -13.12 66.24 40.87
C VAL AA 55 -12.41 66.51 42.18
N VAL AA 56 -11.35 65.75 42.45
CA VAL AA 56 -10.60 65.88 43.69
C VAL AA 56 -9.37 66.73 43.43
N PRO AA 57 -9.00 67.64 44.35
CA PRO AA 57 -7.69 68.29 44.24
C PRO AA 57 -6.60 67.24 44.17
N ASN AA 58 -5.94 67.14 43.02
CA ASN AA 58 -5.08 66.00 42.73
C ASN AA 58 -3.73 66.18 43.43
N VAL AA 59 -3.80 66.24 44.76
CA VAL AA 59 -2.64 66.10 45.63
C VAL AA 59 -2.87 64.84 46.45
N GLY AA 60 -1.77 64.22 46.83
CA GLY AA 60 -1.87 62.99 47.60
C GLY AA 60 -0.49 62.41 47.87
N ILE AA 61 -0.49 61.25 48.50
CA ILE AA 61 0.73 60.58 48.88
C ILE AA 61 1.28 59.72 47.76
N ASP AA 62 0.44 58.88 47.16
CA ASP AA 62 0.92 57.93 46.15
C ASP AA 62 1.01 58.61 44.79
N GLN AA 63 -0.14 58.99 44.23
CA GLN AA 63 -0.17 59.65 42.93
C GLN AA 63 -1.60 60.04 42.63
N SER AA 64 -1.79 61.22 42.03
CA SER AA 64 -3.10 61.76 41.70
C SER AA 64 -3.19 61.91 40.19
N TYR AA 65 -4.00 61.06 39.55
CA TYR AA 65 -4.12 61.01 38.11
C TYR AA 65 -5.60 60.86 37.75
N TYR AA 66 -5.99 61.38 36.59
CA TYR AA 66 -7.23 61.49 35.82
C TYR AA 66 -6.98 61.28 34.35
N ILE AA 67 -7.94 60.62 33.70
CA ILE AA 67 -7.99 60.49 32.25
C ILE AA 67 -9.42 60.74 31.81
N LEU AA 68 -9.59 61.62 30.83
CA LEU AA 68 -10.91 61.95 30.30
C LEU AA 68 -11.06 61.34 28.92
N THR AA 69 -12.14 60.58 28.72
CA THR AA 69 -12.44 59.98 27.43
C THR AA 69 -13.60 60.73 26.79
N THR AA 70 -13.35 61.24 25.59
CA THR AA 70 -14.31 62.04 24.85
C THR AA 70 -15.08 61.16 23.88
N PRO AA 71 -16.12 61.70 23.23
CA PRO AA 71 -16.87 60.88 22.27
C PRO AA 71 -15.97 60.28 21.20
N ASP AA 72 -15.01 61.03 20.71
CA ASP AA 72 -14.11 60.53 19.66
C ASP AA 72 -12.91 59.81 20.26
N ASN AA 73 -13.17 58.96 21.25
CA ASN AA 73 -12.19 57.99 21.75
C ASN AA 73 -10.86 58.62 22.13
N LYS AA 74 -10.82 59.94 22.27
CA LYS AA 74 -9.60 60.62 22.68
C LYS AA 74 -9.45 60.52 24.18
N LYS AA 75 -8.24 60.18 24.62
CA LYS AA 75 -7.91 60.10 26.05
C LYS AA 75 -7.01 61.29 26.40
N HIS AA 76 -7.53 62.18 27.23
CA HIS AA 76 -6.78 63.33 27.72
C HIS AA 76 -6.31 63.02 29.13
N SER AA 77 -5.00 62.86 29.29
CA SER AA 77 -4.39 62.69 30.60
C SER AA 77 -4.15 64.07 31.20
N PHE AA 78 -4.37 64.19 32.50
CA PHE AA 78 -4.18 65.47 33.17
C PHE AA 78 -4.17 65.25 34.67
N THR AA 79 -4.00 66.34 35.40
CA THR AA 79 -3.98 66.31 36.86
C THR AA 79 -4.62 67.58 37.37
N VAL AA 80 -5.54 67.45 38.32
CA VAL AA 80 -6.25 68.60 38.84
C VAL AA 80 -5.29 69.46 39.66
N PRO AA 81 -5.13 70.74 39.34
CA PRO AA 81 -4.42 71.63 40.27
C PRO AA 81 -5.12 71.64 41.62
N ASP AA 82 -4.32 71.60 42.68
CA ASP AA 82 -4.90 71.62 44.01
C ASP AA 82 -5.64 72.94 44.25
N GLY AA 83 -6.55 72.93 45.21
CA GLY AA 83 -7.35 74.08 45.54
C GLY AA 83 -8.81 73.72 45.69
N THR AA 84 -9.63 74.75 45.88
CA THR AA 84 -11.07 74.59 46.07
C THR AA 84 -11.75 75.70 45.26
N SER AA 85 -12.08 75.39 44.02
CA SER AA 85 -12.71 76.36 43.13
C SER AA 85 -13.09 75.62 41.84
N ASP AA 86 -13.90 76.28 41.02
CA ASP AA 86 -14.38 75.72 39.77
C ASP AA 86 -13.35 76.03 38.69
N ILE AA 87 -12.68 75.01 38.19
CA ILE AA 87 -11.63 75.15 37.20
C ILE AA 87 -12.17 74.68 35.85
N GLU AA 88 -12.01 75.52 34.84
CA GLU AA 88 -12.42 75.17 33.49
C GLU AA 88 -11.54 74.03 32.96
N PHE AA 89 -12.18 73.07 32.31
CA PHE AA 89 -11.45 71.90 31.82
C PHE AA 89 -10.39 72.29 30.79
N SER AA 90 -10.67 73.28 29.94
CA SER AA 90 -9.69 73.66 28.93
C SER AA 90 -8.35 74.00 29.56
N VAL AA 91 -8.36 74.53 30.78
CA VAL AA 91 -7.11 74.90 31.44
C VAL AA 91 -6.23 73.67 31.65
N VAL AA 92 -6.79 72.62 32.24
CA VAL AA 92 -6.02 71.40 32.44
C VAL AA 92 -5.69 70.73 31.12
N ARG AA 93 -6.64 70.75 30.18
CA ARG AA 93 -6.37 70.22 28.84
C ARG AA 93 -5.13 70.84 28.24
N GLU AA 94 -4.97 72.16 28.39
CA GLU AA 94 -3.76 72.86 27.96
C GLU AA 94 -2.56 72.57 28.84
N ALA AA 95 -2.77 72.38 30.14
CA ALA AA 95 -1.70 72.27 31.13
C ALA AA 95 -1.28 70.84 31.39
N GLY AA 96 -2.21 69.90 31.37
CA GLY AA 96 -1.88 68.50 31.58
C GLY AA 96 -1.38 67.84 30.32
N ILE AA 97 -1.20 68.64 29.26
CA ILE AA 97 -0.78 68.13 27.96
C ILE AA 97 0.68 68.45 27.65
N ILE AA 98 1.37 69.20 28.52
CA ILE AA 98 2.79 69.45 28.31
C ILE AA 98 3.63 68.24 28.67
N ALA AA 99 3.03 67.20 29.26
CA ALA AA 99 3.69 65.90 29.27
C ALA AA 99 4.11 65.51 27.86
N THR AA 100 3.24 65.75 26.89
CA THR AA 100 3.67 65.79 25.49
C THR AA 100 4.60 66.98 25.30
N ASP AA 101 5.56 66.83 24.40
CA ASP AA 101 6.67 67.78 24.38
C ASP AA 101 7.27 67.73 25.78
N PRO AA 102 7.96 66.63 26.11
CA PRO AA 102 8.10 66.26 27.52
C PRO AA 102 9.12 67.06 28.32
N GLU AA 103 9.92 67.92 27.70
CA GLU AA 103 10.94 68.64 28.45
C GLU AA 103 10.32 69.37 29.65
N TYR AA 104 9.14 69.95 29.46
CA TYR AA 104 8.39 70.57 30.55
C TYR AA 104 9.26 71.56 31.33
N THR AA 105 10.35 72.02 30.72
CA THR AA 105 11.23 73.00 31.35
C THR AA 105 11.38 74.29 30.57
N ASN AA 106 11.67 74.25 29.27
CA ASN AA 106 11.72 75.46 28.45
C ASN AA 106 10.37 76.16 28.40
N VAL AA 107 9.29 75.38 28.25
CA VAL AA 107 7.96 75.93 28.45
C VAL AA 107 7.81 76.43 29.87
N LEU AA 108 8.30 75.66 30.85
CA LEU AA 108 8.28 76.11 32.22
C LEU AA 108 9.09 77.39 32.40
N ASN AA 109 10.24 77.49 31.75
CA ASN AA 109 11.04 78.71 31.84
C ASN AA 109 10.30 79.89 31.21
N TYR AA 110 9.62 79.68 30.10
CA TYR AA 110 8.83 80.75 29.49
C TYR AA 110 7.72 81.21 30.44
N LEU AA 111 7.04 80.25 31.07
CA LEU AA 111 6.01 80.61 32.05
C LEU AA 111 6.62 81.39 33.22
N GLU AA 112 7.79 80.95 33.68
CA GLU AA 112 8.48 81.67 34.76
C GLU AA 112 8.83 83.09 34.34
N ASP AA 113 9.29 83.26 33.10
CA ASP AA 113 9.59 84.61 32.62
C ASP AA 113 8.34 85.47 32.57
N TYR AA 114 7.21 84.89 32.15
CA TYR AA 114 5.95 85.62 32.19
C TYR AA 114 5.62 86.05 33.62
N ILE AA 115 5.79 85.13 34.57
CA ILE AA 115 5.53 85.44 35.97
C ILE AA 115 6.44 86.56 36.45
N ASP AA 116 7.71 86.51 36.06
CA ASP AA 116 8.67 87.54 36.45
C ASP AA 116 8.29 88.90 35.88
N ASP AA 117 7.86 88.92 34.62
CA ASP AA 117 7.43 90.18 34.03
C ASP AA 117 6.20 90.73 34.76
N ALA AA 118 5.25 89.86 35.08
CA ALA AA 118 4.05 90.30 35.78
C ALA AA 118 4.40 90.87 37.16
N ILE AA 119 5.25 90.16 37.91
CA ILE AA 119 5.58 90.60 39.25
C ILE AA 119 6.40 91.88 39.21
N ALA AA 120 7.30 92.01 38.21
CA ALA AA 120 8.05 93.25 38.07
C ALA AA 120 7.12 94.42 37.77
N ASN AA 121 6.15 94.22 36.87
CA ASN AA 121 5.19 95.27 36.58
C ASN AA 121 4.41 95.65 37.83
N ILE AA 122 4.01 94.66 38.62
CA ILE AA 122 3.29 94.94 39.86
C ILE AA 122 4.16 95.72 40.82
N GLN AA 123 5.44 95.34 40.94
CA GLN AA 123 6.37 96.05 41.81
C GLN AA 123 6.65 97.47 41.32
N ALA AA 124 6.46 97.73 40.02
CA ALA AA 124 6.70 99.08 39.52
C ALA AA 124 5.90 100.11 40.30
N SER AA 125 4.75 99.72 40.84
CA SER AA 125 3.97 100.59 41.71
C SER AA 125 4.82 101.15 42.84
N MET BA 1 -7.13 38.63 -76.41
CA MET BA 1 -5.90 38.27 -75.73
C MET BA 1 -5.20 37.11 -76.43
N ARG BA 2 -3.94 36.85 -76.07
CA ARG BA 2 -3.15 35.82 -76.71
C ARG BA 2 -3.73 34.46 -76.36
N ARG BA 3 -4.40 33.83 -77.32
CA ARG BA 3 -4.83 32.46 -77.15
C ARG BA 3 -3.62 31.56 -76.97
N LEU BA 4 -3.88 30.30 -76.57
CA LEU BA 4 -2.82 29.31 -76.38
C LEU BA 4 -3.38 27.94 -76.73
N LYS BA 5 -3.21 27.54 -77.99
CA LYS BA 5 -3.70 26.24 -78.46
C LYS BA 5 -2.64 25.16 -78.22
N GLY BA 6 -2.27 25.02 -76.95
CA GLY BA 6 -1.46 23.88 -76.56
C GLY BA 6 -2.34 22.64 -76.45
N THR BA 7 -1.78 21.51 -76.86
CA THR BA 7 -2.54 20.26 -76.93
C THR BA 7 -1.68 19.11 -76.44
N ILE BA 8 -2.29 18.21 -75.66
CA ILE BA 8 -1.67 16.98 -75.21
C ILE BA 8 -2.17 15.86 -76.09
N ARG BA 9 -1.32 14.84 -76.29
CA ARG BA 9 -1.69 13.67 -77.07
C ARG BA 9 -1.46 12.43 -76.24
N HIS BA 10 -2.48 11.59 -76.13
CA HIS BA 10 -2.34 10.31 -75.46
C HIS BA 10 -1.40 9.41 -76.23
N LEU BA 11 -0.51 8.73 -75.50
CA LEU BA 11 0.58 7.95 -76.08
C LEU BA 11 0.12 6.96 -77.14
N ASP BA 12 -1.18 6.67 -77.19
CA ASP BA 12 -1.75 5.75 -78.16
C ASP BA 12 -2.11 6.48 -79.46
N ASP BA 13 -1.46 7.63 -79.70
CA ASP BA 13 -1.73 8.49 -80.86
C ASP BA 13 -3.10 9.16 -80.77
N GLN BA 14 -3.88 8.87 -79.74
CA GLN BA 14 -5.10 9.57 -79.45
C GLN BA 14 -4.84 10.70 -78.47
N PRO BA 15 -5.82 11.55 -78.23
CA PRO BA 15 -5.65 12.59 -77.21
C PRO BA 15 -6.18 12.15 -75.85
N TRP BA 16 -5.74 12.83 -74.80
CA TRP BA 16 -6.40 12.71 -73.51
C TRP BA 16 -7.59 13.63 -73.48
N ILE BA 17 -8.79 13.07 -73.33
CA ILE BA 17 -10.03 13.82 -73.47
C ILE BA 17 -10.53 14.21 -72.09
N ASN BA 18 -10.97 15.46 -71.96
CA ASN BA 18 -11.63 15.99 -70.76
C ASN BA 18 -10.77 15.86 -69.51
N VAL BA 19 -9.48 15.54 -69.66
CA VAL BA 19 -8.59 15.53 -68.51
C VAL BA 19 -8.37 16.96 -68.03
N SER BA 20 -7.80 17.09 -66.84
CA SER BA 20 -7.71 18.38 -66.18
C SER BA 20 -6.31 18.95 -66.30
N LEU BA 21 -6.23 20.24 -66.61
CA LEU BA 21 -4.98 20.99 -66.59
C LEU BA 21 -5.20 22.24 -65.75
N PHE BA 22 -4.13 22.74 -65.12
CA PHE BA 22 -4.24 23.92 -64.27
C PHE BA 22 -3.18 24.94 -64.65
N LEU BA 23 -3.53 26.22 -64.55
CA LEU BA 23 -2.59 27.29 -64.86
C LEU BA 23 -2.68 28.33 -63.76
N THR BA 24 -1.55 28.64 -63.15
CA THR BA 24 -1.49 29.55 -62.02
C THR BA 24 -0.53 30.69 -62.33
N LEU BA 25 -0.82 31.85 -61.77
CA LEU BA 25 0.09 33.00 -61.84
C LEU BA 25 0.78 33.18 -60.48
N ILE BA 26 1.99 33.71 -60.52
CA ILE BA 26 2.77 33.96 -59.31
C ILE BA 26 3.17 35.41 -59.15
N ASN BA 27 3.21 36.19 -60.23
CA ASN BA 27 3.54 37.61 -60.17
C ASN BA 27 2.30 38.40 -60.55
N GLY BA 28 1.67 39.03 -59.57
CA GLY BA 28 0.51 39.85 -59.86
C GLY BA 28 0.88 40.98 -60.79
N THR BA 29 0.46 40.87 -62.05
CA THR BA 29 0.86 41.82 -63.08
C THR BA 29 -0.04 43.06 -63.03
N PHE BA 30 0.40 44.10 -63.72
CA PHE BA 30 -0.32 45.37 -63.76
C PHE BA 30 0.16 46.18 -64.95
N ASN BA 31 -0.77 46.56 -65.81
CA ASN BA 31 -0.48 47.43 -66.93
C ASN BA 31 -0.90 48.85 -66.57
N SER BA 32 -0.80 49.76 -67.54
CA SER BA 32 -1.16 51.15 -67.30
C SER BA 32 -2.60 51.28 -66.82
N ALA BA 33 -3.50 50.50 -67.41
CA ALA BA 33 -4.93 50.68 -67.19
C ALA BA 33 -5.61 49.48 -66.54
N ASN BA 34 -4.87 48.47 -66.10
CA ASN BA 34 -5.50 47.29 -65.52
C ASN BA 34 -4.56 46.64 -64.52
N GLN BA 35 -5.17 45.88 -63.60
CA GLN BA 35 -4.44 45.18 -62.55
C GLN BA 35 -4.79 43.69 -62.62
N TYR BA 36 -3.75 42.86 -62.56
CA TYR BA 36 -3.88 41.42 -62.76
C TYR BA 36 -3.41 40.70 -61.49
N PRO BA 37 -4.32 40.36 -60.58
CA PRO BA 37 -3.91 39.72 -59.33
C PRO BA 37 -3.51 38.27 -59.55
N ILE BA 38 -2.84 37.71 -58.55
CA ILE BA 38 -2.38 36.33 -58.63
C ILE BA 38 -3.55 35.39 -58.42
N ASP BA 39 -3.71 34.44 -59.33
CA ASP BA 39 -4.88 33.57 -59.36
C ASP BA 39 -4.54 32.32 -60.15
N THR BA 40 -5.38 31.30 -59.98
CA THR BA 40 -5.24 30.04 -60.71
C THR BA 40 -6.57 29.70 -61.38
N LYS BA 41 -6.48 29.21 -62.61
CA LYS BA 41 -7.64 28.75 -63.36
C LYS BA 41 -7.40 27.34 -63.86
N HIS BA 42 -8.47 26.73 -64.36
CA HIS BA 42 -8.47 25.33 -64.75
C HIS BA 42 -9.05 25.19 -66.15
N ALA BA 43 -8.64 24.12 -66.83
CA ALA BA 43 -9.14 23.84 -68.17
C ALA BA 43 -9.16 22.33 -68.39
N LYS BA 44 -9.81 21.94 -69.48
CA LYS BA 44 -9.94 20.53 -69.85
C LYS BA 44 -9.57 20.34 -71.30
N THR BA 45 -9.15 19.12 -71.63
CA THR BA 45 -8.85 18.78 -73.01
C THR BA 45 -10.14 18.36 -73.73
N ASP BA 46 -10.26 18.78 -74.98
CA ASP BA 46 -11.42 18.43 -75.78
C ASP BA 46 -11.31 16.97 -76.25
N GLN BA 47 -12.31 16.54 -77.01
CA GLN BA 47 -12.25 15.21 -77.61
C GLN BA 47 -11.02 15.03 -78.48
N ASN BA 48 -10.50 16.12 -79.05
CA ASN BA 48 -9.29 16.06 -79.87
C ASN BA 48 -8.02 16.31 -79.06
N GLY BA 49 -8.14 16.80 -77.83
CA GLY BA 49 -7.00 16.90 -76.92
C GLY BA 49 -6.31 18.24 -76.84
N GLU BA 50 -6.86 19.29 -77.42
CA GLU BA 50 -6.26 20.61 -77.34
C GLU BA 50 -6.97 21.44 -76.27
N PHE BA 51 -6.31 22.52 -75.88
CA PHE BA 51 -6.83 23.43 -74.88
C PHE BA 51 -6.39 24.85 -75.23
N VAL BA 52 -7.26 25.81 -74.90
CA VAL BA 52 -7.00 27.22 -75.19
C VAL BA 52 -6.89 27.97 -73.87
N PHE BA 53 -6.10 29.04 -73.88
CA PHE BA 53 -5.93 29.90 -72.71
C PHE BA 53 -5.72 31.31 -73.21
N ASN BA 54 -6.56 32.24 -72.76
CA ASN BA 54 -6.35 33.66 -73.00
C ASN BA 54 -5.53 34.20 -71.84
N VAL BA 55 -4.24 34.41 -72.07
CA VAL BA 55 -3.29 34.72 -71.01
C VAL BA 55 -2.61 36.05 -71.34
N VAL BA 56 -2.53 36.92 -70.36
CA VAL BA 56 -1.97 38.24 -70.55
C VAL BA 56 -0.44 38.15 -70.56
N PRO BA 57 0.24 38.81 -71.50
CA PRO BA 57 1.71 38.81 -71.48
C PRO BA 57 2.25 39.61 -70.32
N ASN BA 58 3.57 39.77 -70.26
CA ASN BA 58 4.18 40.55 -69.19
C ASN BA 58 4.19 42.02 -69.57
N VAL BA 59 3.54 42.85 -68.75
CA VAL BA 59 3.46 44.28 -68.97
C VAL BA 59 3.82 45.03 -67.70
N GLY BA 60 4.45 44.33 -66.75
CA GLY BA 60 4.85 44.93 -65.49
C GLY BA 60 6.32 44.66 -65.21
N ILE BA 61 6.82 45.34 -64.17
CA ILE BA 61 8.23 45.19 -63.80
C ILE BA 61 8.53 43.73 -63.52
N ASP BA 62 7.71 43.10 -62.68
CA ASP BA 62 7.81 41.66 -62.49
C ASP BA 62 7.41 40.94 -63.76
N GLN BA 63 7.88 39.70 -63.89
CA GLN BA 63 7.63 38.91 -65.09
C GLN BA 63 6.29 38.18 -64.97
N SER BA 64 5.61 38.00 -66.12
CA SER BA 64 4.33 37.28 -66.15
C SER BA 64 4.61 35.79 -65.98
N TYR BA 65 4.88 35.42 -64.72
CA TYR BA 65 5.40 34.10 -64.38
C TYR BA 65 4.23 33.14 -64.12
N TYR BA 66 3.79 32.49 -65.19
CA TYR BA 66 2.75 31.47 -65.05
C TYR BA 66 3.39 30.09 -64.92
N ILE BA 67 2.63 29.17 -64.34
CA ILE BA 67 3.05 27.78 -64.20
C ILE BA 67 1.86 26.87 -64.46
N LEU BA 68 2.07 25.86 -65.30
CA LEU BA 68 1.04 24.90 -65.65
C LEU BA 68 1.30 23.57 -64.96
N THR BA 69 0.23 22.96 -64.49
CA THR BA 69 0.23 21.65 -63.86
C THR BA 69 -0.57 20.69 -64.73
N THR BA 70 0.04 19.55 -65.06
CA THR BA 70 -0.50 18.52 -65.93
C THR BA 70 -1.15 17.43 -65.08
N PRO BA 71 -2.00 16.58 -65.64
CA PRO BA 71 -2.58 15.48 -64.85
C PRO BA 71 -1.56 14.52 -64.28
N ASP BA 72 -0.38 14.44 -64.89
CA ASP BA 72 0.74 13.69 -64.35
C ASP BA 72 1.47 14.46 -63.26
N ASN BA 73 1.03 15.70 -62.98
CA ASN BA 73 1.56 16.53 -61.91
C ASN BA 73 2.90 17.15 -62.25
N LYS BA 74 3.28 17.19 -63.52
CA LYS BA 74 4.50 17.88 -63.91
C LYS BA 74 4.34 19.38 -63.69
N LYS BA 75 5.47 20.07 -63.61
CA LYS BA 75 5.50 21.52 -63.49
C LYS BA 75 6.08 22.11 -64.76
N HIS BA 76 5.41 23.13 -65.30
CA HIS BA 76 5.94 23.84 -66.48
C HIS BA 76 5.84 25.33 -66.21
N SER BA 77 6.98 25.98 -65.96
CA SER BA 77 7.03 27.42 -65.79
C SER BA 77 7.16 28.10 -67.14
N PHE BA 78 6.68 29.34 -67.22
CA PHE BA 78 6.79 30.07 -68.48
C PHE BA 78 6.31 31.50 -68.31
N THR BA 79 6.51 32.28 -69.37
CA THR BA 79 6.10 33.67 -69.47
C THR BA 79 5.64 33.94 -70.89
N VAL BA 80 4.54 34.69 -71.04
CA VAL BA 80 3.92 34.91 -72.34
C VAL BA 80 4.57 36.15 -72.96
N PRO BA 81 5.10 36.07 -74.18
CA PRO BA 81 5.50 37.30 -74.88
C PRO BA 81 4.30 38.11 -75.30
N ASP BA 82 4.55 39.39 -75.56
CA ASP BA 82 3.47 40.32 -75.86
C ASP BA 82 2.96 40.13 -77.28
N GLY BA 83 1.94 40.92 -77.63
CA GLY BA 83 1.28 40.88 -78.91
C GLY BA 83 -0.11 40.32 -78.76
N THR BA 84 -0.82 40.25 -79.88
CA THR BA 84 -2.17 39.68 -79.91
C THR BA 84 -2.22 38.73 -81.10
N SER BA 85 -1.86 37.47 -80.85
CA SER BA 85 -1.87 36.46 -81.89
C SER BA 85 -1.97 35.09 -81.22
N ASP BA 86 -2.74 34.20 -81.84
CA ASP BA 86 -2.93 32.87 -81.28
C ASP BA 86 -1.58 32.18 -81.14
N ILE BA 87 -1.17 31.94 -79.90
CA ILE BA 87 0.14 31.39 -79.61
C ILE BA 87 0.02 29.88 -79.42
N GLU BA 88 1.12 29.19 -79.63
CA GLU BA 88 1.21 27.75 -79.44
C GLU BA 88 2.05 27.46 -78.20
N PHE BA 89 1.62 26.46 -77.44
CA PHE BA 89 2.31 26.15 -76.18
C PHE BA 89 3.75 25.75 -76.41
N SER BA 90 4.00 24.92 -77.43
CA SER BA 90 5.35 24.42 -77.66
C SER BA 90 6.33 25.55 -77.90
N VAL BA 91 5.88 26.63 -78.55
CA VAL BA 91 6.78 27.74 -78.86
C VAL BA 91 7.38 28.30 -77.58
N VAL BA 92 6.55 28.56 -76.57
CA VAL BA 92 7.04 29.04 -75.29
C VAL BA 92 7.56 27.90 -74.41
N ARG BA 93 7.30 26.65 -74.80
CA ARG BA 93 7.82 25.52 -74.03
C ARG BA 93 9.32 25.38 -74.22
N GLU BA 94 9.79 25.46 -75.47
CA GLU BA 94 11.21 25.29 -75.75
C GLU BA 94 12.06 26.30 -75.00
N ALA BA 95 11.55 27.51 -74.77
CA ALA BA 95 12.26 28.55 -74.02
C ALA BA 95 11.42 28.84 -72.77
N GLY BA 96 12.02 28.64 -71.60
CA GLY BA 96 11.28 28.74 -70.36
C GLY BA 96 10.75 30.13 -70.07
N ILE BA 97 11.65 31.08 -69.77
CA ILE BA 97 11.27 32.45 -69.44
C ILE BA 97 12.27 33.48 -69.94
N ILE BA 98 11.76 34.59 -70.48
CA ILE BA 98 12.59 35.71 -70.88
C ILE BA 98 12.32 36.86 -69.91
N ALA BA 99 13.37 37.38 -69.32
CA ALA BA 99 13.28 38.56 -68.46
C ALA BA 99 13.45 39.82 -69.30
N THR BA 100 12.80 40.89 -68.87
CA THR BA 100 12.80 42.15 -69.60
C THR BA 100 13.14 43.31 -68.66
N ASP BA 101 13.46 44.44 -69.26
CA ASP BA 101 13.84 45.63 -68.51
C ASP BA 101 12.63 46.19 -67.76
N PRO BA 102 12.87 46.98 -66.72
CA PRO BA 102 11.74 47.60 -66.02
C PRO BA 102 11.01 48.59 -66.93
N GLU BA 103 9.71 48.35 -67.12
CA GLU BA 103 8.87 49.18 -67.96
C GLU BA 103 8.19 50.22 -67.11
N TYR BA 104 8.19 51.47 -67.59
CA TYR BA 104 7.50 52.56 -66.90
C TYR BA 104 6.74 53.43 -67.89
N THR BA 105 6.32 52.87 -69.02
CA THR BA 105 5.60 53.65 -70.03
C THR BA 105 4.39 54.32 -69.41
N ASN BA 106 3.80 53.70 -68.39
CA ASN BA 106 2.76 54.38 -67.64
C ASN BA 106 3.31 55.62 -66.93
N VAL BA 107 4.43 55.47 -66.22
CA VAL BA 107 5.05 56.61 -65.54
C VAL BA 107 5.49 57.64 -66.57
N LEU BA 108 6.09 57.19 -67.66
CA LEU BA 108 6.55 58.11 -68.70
C LEU BA 108 5.40 58.90 -69.31
N ASN BA 109 4.30 58.23 -69.63
CA ASN BA 109 3.15 58.92 -70.22
C ASN BA 109 2.51 59.87 -69.24
N TYR BA 110 2.40 59.47 -67.96
CA TYR BA 110 1.85 60.36 -66.96
C TYR BA 110 2.73 61.60 -66.79
N LEU BA 111 4.06 61.40 -66.77
CA LEU BA 111 4.97 62.53 -66.69
C LEU BA 111 4.85 63.42 -67.92
N GLU BA 112 4.69 62.83 -69.10
CA GLU BA 112 4.50 63.63 -70.30
C GLU BA 112 3.20 64.42 -70.24
N ASP BA 113 2.14 63.84 -69.68
CA ASP BA 113 0.90 64.58 -69.49
C ASP BA 113 1.13 65.77 -68.54
N TYR BA 114 1.90 65.55 -67.48
CA TYR BA 114 2.25 66.65 -66.60
C TYR BA 114 3.07 67.71 -67.32
N ILE BA 115 3.97 67.30 -68.21
CA ILE BA 115 4.72 68.25 -69.02
C ILE BA 115 3.77 69.04 -69.92
N ASP BA 116 2.77 68.39 -70.47
CA ASP BA 116 1.77 69.09 -71.26
C ASP BA 116 1.02 70.10 -70.40
N ASP BA 117 0.72 69.73 -69.16
CA ASP BA 117 0.11 70.68 -68.24
C ASP BA 117 1.02 71.89 -68.02
N ALA BA 118 2.31 71.65 -67.86
CA ALA BA 118 3.26 72.75 -67.70
C ALA BA 118 3.30 73.62 -68.95
N ILE BA 119 3.28 73.02 -70.14
CA ILE BA 119 3.33 73.79 -71.38
C ILE BA 119 2.06 74.64 -71.52
N ALA BA 120 0.91 74.09 -71.15
CA ALA BA 120 -0.32 74.87 -71.16
C ALA BA 120 -0.25 76.01 -70.16
N ASN BA 121 0.34 75.77 -68.98
CA ASN BA 121 0.54 76.84 -68.02
C ASN BA 121 1.40 77.96 -68.62
N ILE BA 122 2.47 77.58 -69.31
CA ILE BA 122 3.33 78.57 -69.94
C ILE BA 122 2.56 79.35 -71.00
N GLN BA 123 1.77 78.64 -71.81
CA GLN BA 123 0.95 79.31 -72.83
C GLN BA 123 -0.10 80.22 -72.21
N ALA BA 124 -0.49 79.97 -70.96
CA ALA BA 124 -1.46 80.81 -70.26
C ALA BA 124 -0.83 82.04 -69.65
N SER BA 125 0.48 82.27 -69.87
CA SER BA 125 1.16 83.42 -69.30
C SER BA 125 0.49 84.72 -69.70
N MET CA 1 -14.15 80.65 -20.42
CA MET CA 1 -14.42 79.30 -20.90
C MET CA 1 -14.61 79.31 -22.41
N ARG CA 2 -13.53 79.05 -23.14
CA ARG CA 2 -13.55 79.16 -24.59
C ARG CA 2 -14.27 77.97 -25.22
N ARG CA 3 -14.75 78.17 -26.44
CA ARG CA 3 -15.46 77.12 -27.17
C ARG CA 3 -14.47 76.40 -28.07
N LEU CA 4 -14.49 75.07 -28.01
CA LEU CA 4 -13.63 74.22 -28.82
C LEU CA 4 -14.45 73.58 -29.93
N LYS CA 5 -14.04 73.80 -31.17
CA LYS CA 5 -14.67 73.21 -32.34
C LYS CA 5 -13.82 72.06 -32.86
N GLY CA 6 -14.47 71.10 -33.52
CA GLY CA 6 -13.72 70.04 -34.17
C GLY CA 6 -14.56 69.35 -35.22
N THR CA 7 -13.94 69.12 -36.38
CA THR CA 7 -14.61 68.50 -37.50
C THR CA 7 -14.02 67.11 -37.72
N ILE CA 8 -14.88 66.10 -37.71
CA ILE CA 8 -14.49 64.71 -37.91
C ILE CA 8 -15.21 64.21 -39.15
N ARG CA 9 -14.45 63.66 -40.09
CA ARG CA 9 -14.97 63.22 -41.37
C ARG CA 9 -14.37 61.88 -41.74
N HIS CA 10 -15.15 61.03 -42.39
CA HIS CA 10 -14.65 59.78 -42.94
C HIS CA 10 -13.46 60.09 -43.85
N LEU CA 11 -12.68 59.07 -44.19
CA LEU CA 11 -11.48 59.31 -44.99
C LEU CA 11 -11.81 59.99 -46.31
N ASP CA 12 -13.04 59.80 -46.81
CA ASP CA 12 -13.49 60.44 -48.05
C ASP CA 12 -14.27 61.71 -47.77
N ASP CA 13 -13.97 62.40 -46.68
CA ASP CA 13 -14.63 63.63 -46.27
C ASP CA 13 -16.12 63.48 -46.06
N GLN CA 14 -16.62 62.26 -45.97
CA GLN CA 14 -18.00 62.05 -45.54
C GLN CA 14 -18.06 62.25 -44.03
N PRO CA 15 -18.97 63.08 -43.53
CA PRO CA 15 -18.99 63.35 -42.09
C PRO CA 15 -19.25 62.08 -41.29
N TRP CA 16 -18.57 61.97 -40.15
CA TRP CA 16 -18.84 60.91 -39.19
C TRP CA 16 -20.13 61.25 -38.45
N ILE CA 17 -21.24 60.67 -38.88
CA ILE CA 17 -22.55 61.05 -38.36
C ILE CA 17 -22.82 60.28 -37.09
N ASN CA 18 -23.10 61.00 -36.00
CA ASN CA 18 -23.58 60.41 -34.77
C ASN CA 18 -22.59 59.37 -34.22
N VAL CA 19 -21.41 59.85 -33.87
CA VAL CA 19 -20.41 59.04 -33.17
C VAL CA 19 -19.98 59.80 -31.93
N SER CA 20 -19.48 59.06 -30.94
CA SER CA 20 -19.24 59.62 -29.62
C SER CA 20 -17.78 59.98 -29.43
N LEU CA 21 -17.53 61.11 -28.78
CA LEU CA 21 -16.20 61.53 -28.38
C LEU CA 21 -16.26 61.98 -26.93
N PHE CA 22 -15.11 61.93 -26.25
CA PHE CA 22 -15.07 62.24 -24.84
C PHE CA 22 -13.90 63.16 -24.53
N LEU CA 23 -14.10 64.05 -23.55
CA LEU CA 23 -13.04 64.91 -23.05
C LEU CA 23 -12.98 64.76 -21.55
N THR CA 24 -11.80 64.94 -20.98
CA THR CA 24 -11.60 64.80 -19.53
C THR CA 24 -10.53 65.74 -19.03
N LEU CA 25 -10.84 66.46 -17.97
CA LEU CA 25 -9.83 67.17 -17.20
C LEU CA 25 -9.18 66.20 -16.22
N ILE CA 26 -7.89 66.39 -15.95
CA ILE CA 26 -7.17 65.45 -15.10
C ILE CA 26 -7.04 65.99 -13.68
N ASN CA 27 -6.50 67.20 -13.55
CA ASN CA 27 -6.28 67.81 -12.24
C ASN CA 27 -7.38 68.85 -12.00
N GLY CA 28 -8.19 68.61 -10.99
CA GLY CA 28 -9.21 69.58 -10.63
C GLY CA 28 -8.56 70.90 -10.26
N THR CA 29 -8.69 71.89 -11.13
CA THR CA 29 -8.07 73.18 -10.94
C THR CA 29 -9.08 74.16 -10.34
N PHE CA 30 -8.72 75.43 -10.32
CA PHE CA 30 -9.55 76.44 -9.68
C PHE CA 30 -8.98 77.81 -10.00
N ASN CA 31 -9.69 78.84 -9.55
CA ASN CA 31 -9.24 80.22 -9.63
C ASN CA 31 -9.74 80.95 -8.40
N SER CA 32 -9.33 82.21 -8.27
CA SER CA 32 -9.77 83.01 -7.14
C SER CA 32 -11.29 83.11 -7.05
N ALA CA 33 -11.98 82.99 -8.19
CA ALA CA 33 -13.43 83.14 -8.22
C ALA CA 33 -14.20 81.82 -8.28
N ASN CA 34 -13.55 80.72 -8.61
CA ASN CA 34 -14.27 79.47 -8.83
C ASN CA 34 -13.33 78.29 -8.66
N GLN CA 35 -13.93 77.13 -8.43
CA GLN CA 35 -13.22 75.87 -8.31
C GLN CA 35 -13.67 74.93 -9.41
N TYR CA 36 -12.72 74.35 -10.13
CA TYR CA 36 -13.01 73.44 -11.25
C TYR CA 36 -12.45 72.05 -10.96
N PRO CA 37 -13.29 71.09 -10.58
CA PRO CA 37 -12.80 69.74 -10.30
C PRO CA 37 -12.58 68.96 -11.59
N ILE CA 38 -12.23 67.68 -11.42
CA ILE CA 38 -12.09 66.80 -12.56
C ILE CA 38 -13.43 66.18 -12.90
N ASP CA 39 -13.79 66.22 -14.17
CA ASP CA 39 -15.02 65.61 -14.66
C ASP CA 39 -14.78 65.22 -16.11
N THR CA 40 -15.58 64.27 -16.58
CA THR CA 40 -15.49 63.77 -17.94
C THR CA 40 -16.80 64.09 -18.65
N LYS CA 41 -16.70 64.71 -19.82
CA LYS CA 41 -17.86 65.09 -20.60
C LYS CA 41 -17.83 64.35 -21.94
N HIS CA 42 -19.02 64.19 -22.52
CA HIS CA 42 -19.20 63.43 -23.75
C HIS CA 42 -19.99 64.27 -24.75
N ALA CA 43 -19.73 64.02 -26.03
CA ALA CA 43 -20.52 64.64 -27.08
C ALA CA 43 -20.63 63.68 -28.26
N LYS CA 44 -21.49 64.03 -29.19
CA LYS CA 44 -21.71 63.24 -30.40
C LYS CA 44 -21.51 64.12 -31.63
N THR CA 45 -21.49 63.48 -32.78
CA THR CA 45 -21.28 64.21 -34.03
C THR CA 45 -22.62 64.65 -34.61
N ASP CA 46 -22.60 65.83 -35.22
CA ASP CA 46 -23.75 66.33 -35.95
C ASP CA 46 -23.81 65.64 -37.31
N GLN CA 47 -24.76 66.05 -38.15
CA GLN CA 47 -24.83 65.49 -39.50
C GLN CA 47 -23.56 65.78 -40.29
N ASN CA 48 -22.92 66.92 -40.03
CA ASN CA 48 -21.67 67.28 -40.69
C ASN CA 48 -20.45 66.77 -39.95
N GLY CA 49 -20.62 66.06 -38.83
CA GLY CA 49 -19.51 65.56 -38.08
C GLY CA 49 -18.86 66.57 -37.15
N GLU CA 50 -19.36 67.80 -37.12
CA GLU CA 50 -18.81 68.81 -36.24
C GLU CA 50 -19.25 68.56 -34.80
N PHE CA 51 -18.36 68.84 -33.87
CA PHE CA 51 -18.63 68.73 -32.44
C PHE CA 51 -18.03 69.93 -31.74
N VAL CA 52 -18.76 70.45 -30.76
CA VAL CA 52 -18.37 71.66 -30.06
C VAL CA 52 -18.40 71.41 -28.56
N PHE CA 53 -17.57 72.14 -27.84
CA PHE CA 53 -17.48 72.07 -26.38
C PHE CA 53 -17.32 73.47 -25.83
N ASN CA 54 -17.69 73.65 -24.57
CA ASN CA 54 -17.30 74.81 -23.78
C ASN CA 54 -16.34 74.32 -22.71
N VAL CA 55 -15.10 74.83 -22.74
CA VAL CA 55 -14.01 74.27 -21.97
C VAL CA 55 -13.28 75.38 -21.25
N VAL CA 56 -12.70 75.04 -20.11
CA VAL CA 56 -12.00 76.01 -19.26
C VAL CA 56 -10.56 76.12 -19.75
N PRO CA 57 -10.03 77.33 -19.95
CA PRO CA 57 -8.61 77.43 -20.28
C PRO CA 57 -7.74 76.82 -19.19
N ASN CA 58 -6.65 76.19 -19.63
CA ASN CA 58 -5.77 75.43 -18.75
C ASN CA 58 -4.81 76.36 -18.02
N VAL CA 59 -5.40 77.34 -17.33
CA VAL CA 59 -4.63 78.37 -16.64
C VAL CA 59 -4.81 78.33 -15.14
N GLY CA 60 -5.50 77.33 -14.59
CA GLY CA 60 -5.71 77.25 -13.16
C GLY CA 60 -4.40 77.35 -12.40
N ILE CA 61 -4.47 77.76 -11.13
CA ILE CA 61 -3.25 77.88 -10.34
C ILE CA 61 -2.52 76.55 -10.31
N ASP CA 62 -3.24 75.47 -10.06
CA ASP CA 62 -2.71 74.15 -10.33
C ASP CA 62 -2.78 73.88 -11.83
N GLN CA 63 -1.79 73.15 -12.34
CA GLN CA 63 -1.71 72.89 -13.76
C GLN CA 63 -2.84 71.94 -14.14
N SER CA 64 -3.80 72.44 -14.92
CA SER CA 64 -4.84 71.59 -15.47
C SER CA 64 -4.25 70.71 -16.57
N TYR CA 65 -5.10 69.86 -17.13
CA TYR CA 65 -4.67 68.95 -18.20
C TYR CA 65 -5.91 68.37 -18.85
N TYR CA 66 -6.04 68.53 -20.17
CA TYR CA 66 -7.17 68.01 -20.91
C TYR CA 66 -6.73 66.83 -21.77
N ILE CA 67 -7.60 65.82 -21.86
CA ILE CA 67 -7.35 64.65 -22.68
C ILE CA 67 -8.61 64.33 -23.46
N LEU CA 68 -8.47 64.11 -24.76
CA LEU CA 68 -9.58 63.81 -25.65
C LEU CA 68 -9.45 62.38 -26.15
N THR CA 69 -10.58 61.67 -26.19
CA THR CA 69 -10.67 60.31 -26.70
C THR CA 69 -11.65 60.30 -27.86
N THR CA 70 -11.22 59.74 -28.98
CA THR CA 70 -11.92 59.76 -30.25
C THR CA 70 -12.48 58.39 -30.57
N PRO CA 71 -13.21 58.25 -31.69
CA PRO CA 71 -13.76 56.93 -32.03
C PRO CA 71 -12.69 55.86 -32.16
N ASP CA 72 -11.49 56.22 -32.61
CA ASP CA 72 -10.36 55.31 -32.65
C ASP CA 72 -9.63 55.25 -31.33
N ASN CA 73 -10.24 55.75 -30.26
CA ASN CA 73 -9.68 55.78 -28.92
C ASN CA 73 -8.20 56.13 -28.93
N LYS CA 74 -7.82 57.10 -29.76
CA LYS CA 74 -6.50 57.72 -29.67
C LYS CA 74 -6.60 58.84 -28.64
N LYS CA 75 -5.64 58.88 -27.73
CA LYS CA 75 -5.63 59.89 -26.67
C LYS CA 75 -4.87 61.11 -27.14
N HIS CA 76 -5.55 62.25 -27.16
CA HIS CA 76 -4.95 63.51 -27.57
C HIS CA 76 -4.87 64.42 -26.34
N SER CA 77 -3.66 64.66 -25.87
CA SER CA 77 -3.43 65.56 -24.75
C SER CA 77 -3.41 66.99 -25.23
N PHE CA 78 -3.83 67.91 -24.37
CA PHE CA 78 -3.74 69.33 -24.70
C PHE CA 78 -4.15 70.15 -23.50
N THR CA 79 -3.94 71.46 -23.63
CA THR CA 79 -4.17 72.42 -22.56
C THR CA 79 -4.66 73.72 -23.18
N VAL CA 80 -5.95 73.99 -23.06
CA VAL CA 80 -6.54 75.16 -23.70
C VAL CA 80 -5.90 76.42 -23.12
N PRO CA 81 -5.35 77.32 -23.94
CA PRO CA 81 -4.83 78.57 -23.42
C PRO CA 81 -5.95 79.56 -23.08
N ASP CA 82 -5.57 80.60 -22.35
CA ASP CA 82 -6.52 81.61 -21.92
C ASP CA 82 -7.16 82.31 -23.13
N GLY CA 83 -8.19 83.09 -22.85
CA GLY CA 83 -8.92 83.81 -23.85
C GLY CA 83 -10.40 83.48 -23.74
N THR CA 84 -11.18 84.02 -24.68
CA THR CA 84 -12.61 83.78 -24.73
C THR CA 84 -13.11 83.31 -26.09
N SER CA 85 -12.48 83.72 -27.18
CA SER CA 85 -12.91 83.29 -28.50
C SER CA 85 -12.72 81.78 -28.65
N ASP CA 86 -13.39 81.23 -29.65
CA ASP CA 86 -13.39 79.78 -29.84
C ASP CA 86 -12.06 79.29 -30.38
N ILE CA 87 -11.86 77.98 -30.33
CA ILE CA 87 -10.63 77.35 -30.78
C ILE CA 87 -10.97 76.12 -31.61
N GLU CA 88 -10.25 75.93 -32.71
CA GLU CA 88 -10.35 74.71 -33.48
C GLU CA 88 -9.52 73.61 -32.84
N PHE CA 89 -10.03 72.39 -32.88
CA PHE CA 89 -9.33 71.28 -32.26
C PHE CA 89 -8.00 70.99 -32.94
N SER CA 90 -7.92 71.16 -34.27
CA SER CA 90 -6.70 70.82 -34.98
C SER CA 90 -5.50 71.56 -34.41
N VAL CA 91 -5.65 72.86 -34.16
CA VAL CA 91 -4.52 73.66 -33.70
C VAL CA 91 -4.08 73.21 -32.30
N VAL CA 92 -5.03 73.02 -31.40
CA VAL CA 92 -4.66 72.79 -29.99
C VAL CA 92 -3.95 71.45 -29.85
N ARG CA 93 -4.43 70.42 -30.54
CA ARG CA 93 -3.78 69.12 -30.48
C ARG CA 93 -2.39 69.21 -31.10
N GLU CA 94 -1.41 68.66 -30.40
CA GLU CA 94 0.04 68.47 -30.42
C GLU CA 94 0.55 67.41 -31.40
N ALA CA 95 -0.33 66.52 -31.86
CA ALA CA 95 0.05 65.56 -32.91
C ALA CA 95 1.20 64.70 -32.41
N GLY CA 96 2.09 64.30 -33.31
CA GLY CA 96 3.19 63.43 -32.94
C GLY CA 96 4.04 63.15 -34.16
N ILE CA 97 5.06 62.32 -33.94
CA ILE CA 97 6.00 61.97 -35.00
C ILE CA 97 5.78 60.52 -35.39
N ILE CA 98 6.05 60.22 -36.67
CA ILE CA 98 5.83 58.89 -37.22
C ILE CA 98 7.09 58.51 -37.99
N ALA CA 99 7.87 57.58 -37.44
CA ALA CA 99 9.06 57.08 -38.12
C ALA CA 99 8.76 55.73 -38.75
N THR CA 100 8.14 55.78 -39.93
CA THR CA 100 7.67 54.96 -41.04
C THR CA 100 8.71 54.94 -42.16
N ASP CA 101 8.52 54.04 -43.10
CA ASP CA 101 9.16 53.60 -44.33
C ASP CA 101 9.00 54.65 -45.42
N PRO CA 102 9.77 54.59 -46.55
CA PRO CA 102 9.76 55.71 -47.52
C PRO CA 102 8.39 55.93 -48.13
N GLU CA 103 7.42 56.20 -47.26
CA GLU CA 103 5.98 56.40 -47.30
C GLU CA 103 5.54 57.62 -48.11
N TYR CA 104 6.48 58.49 -48.50
CA TYR CA 104 6.13 59.80 -49.02
C TYR CA 104 6.94 60.17 -50.27
N THR CA 105 7.63 59.20 -50.88
CA THR CA 105 8.56 59.52 -51.96
C THR CA 105 7.84 60.13 -53.17
N ASN CA 106 6.66 59.61 -53.51
CA ASN CA 106 5.92 60.14 -54.65
C ASN CA 106 5.76 61.64 -54.54
N VAL CA 107 5.29 62.11 -53.38
CA VAL CA 107 5.05 63.54 -53.19
C VAL CA 107 6.37 64.30 -53.17
N LEU CA 108 7.40 63.71 -52.57
CA LEU CA 108 8.71 64.37 -52.53
C LEU CA 108 9.19 64.69 -53.93
N ASN CA 109 9.23 63.67 -54.80
CA ASN CA 109 9.65 63.91 -56.17
C ASN CA 109 8.68 64.83 -56.91
N TYR CA 110 7.39 64.73 -56.61
CA TYR CA 110 6.42 65.59 -57.28
C TYR CA 110 6.72 67.06 -57.01
N LEU CA 111 6.96 67.41 -55.76
CA LEU CA 111 7.24 68.80 -55.42
C LEU CA 111 8.64 69.22 -55.83
N GLU CA 112 9.61 68.32 -55.80
CA GLU CA 112 10.93 68.65 -56.33
C GLU CA 112 10.83 69.00 -57.81
N ASP CA 113 10.08 68.21 -58.57
CA ASP CA 113 9.83 68.53 -59.97
C ASP CA 113 9.09 69.85 -60.10
N TYR CA 114 8.12 70.12 -59.21
CA TYR CA 114 7.40 71.39 -59.25
C TYR CA 114 8.38 72.56 -59.15
N ILE CA 115 9.28 72.53 -58.16
CA ILE CA 115 10.19 73.65 -57.97
C ILE CA 115 11.17 73.74 -59.13
N ASP CA 116 11.61 72.61 -59.66
CA ASP CA 116 12.49 72.64 -60.83
C ASP CA 116 11.79 73.28 -62.02
N ASP CA 117 10.52 72.93 -62.24
CA ASP CA 117 9.76 73.52 -63.32
C ASP CA 117 9.56 75.02 -63.10
N ALA CA 118 9.34 75.43 -61.85
CA ALA CA 118 9.23 76.85 -61.56
C ALA CA 118 10.52 77.59 -61.90
N ILE CA 119 11.66 76.99 -61.55
CA ILE CA 119 12.95 77.60 -61.91
C ILE CA 119 13.07 77.72 -63.42
N ALA CA 120 12.74 76.65 -64.15
CA ALA CA 120 12.83 76.70 -65.60
C ALA CA 120 11.92 77.80 -66.16
N ASN CA 121 10.70 77.92 -65.64
CA ASN CA 121 9.79 78.95 -66.12
C ASN CA 121 10.35 80.34 -65.84
N ILE CA 122 10.93 80.55 -64.66
CA ILE CA 122 11.51 81.85 -64.34
C ILE CA 122 12.64 82.17 -65.31
N GLN CA 123 13.46 81.18 -65.66
CA GLN CA 123 14.54 81.41 -66.60
C GLN CA 123 14.02 81.73 -68.01
N ALA CA 124 12.73 81.51 -68.29
CA ALA CA 124 12.23 81.69 -69.64
C ALA CA 124 12.49 83.10 -70.16
N SER CA 125 12.28 84.12 -69.32
CA SER CA 125 12.49 85.50 -69.74
C SER CA 125 13.92 85.73 -70.18
N MET DA 1 -11.00 66.38 -54.76
CA MET DA 1 -10.16 65.30 -54.26
C MET DA 1 -9.66 64.45 -55.42
N ARG DA 2 -8.98 63.35 -55.11
CA ARG DA 2 -8.45 62.44 -56.12
C ARG DA 2 -9.40 61.26 -56.24
N ARG DA 3 -9.99 61.09 -57.42
CA ARG DA 3 -10.86 59.96 -57.69
C ARG DA 3 -9.98 58.80 -58.13
N LEU DA 4 -9.42 58.09 -57.16
CA LEU DA 4 -8.61 56.92 -57.48
C LEU DA 4 -9.46 55.91 -58.22
N LYS DA 5 -9.12 55.66 -59.48
CA LYS DA 5 -9.81 54.72 -60.33
C LYS DA 5 -9.00 53.44 -60.44
N GLY DA 6 -9.68 52.30 -60.40
CA GLY DA 6 -9.01 51.03 -60.56
C GLY DA 6 -9.86 50.04 -61.34
N THR DA 7 -9.31 49.48 -62.41
CA THR DA 7 -10.02 48.54 -63.27
C THR DA 7 -9.40 47.16 -63.11
N ILE DA 8 -10.22 46.19 -62.73
CA ILE DA 8 -9.76 44.83 -62.45
C ILE DA 8 -10.51 43.88 -63.37
N ARG DA 9 -9.77 42.95 -63.97
CA ARG DA 9 -10.33 41.88 -64.78
C ARG DA 9 -9.77 40.55 -64.31
N HIS DA 10 -10.57 39.50 -64.44
CA HIS DA 10 -10.11 38.17 -64.08
C HIS DA 10 -8.96 37.76 -65.00
N LEU DA 11 -8.36 36.61 -64.69
CA LEU DA 11 -7.32 36.09 -65.57
C LEU DA 11 -7.86 35.84 -66.97
N ASP DA 12 -9.17 35.64 -67.09
CA ASP DA 12 -9.81 35.56 -68.39
C ASP DA 12 -9.88 36.91 -69.10
N ASP DA 13 -9.57 37.99 -68.38
CA ASP DA 13 -9.61 39.37 -68.85
C ASP DA 13 -11.03 39.94 -68.85
N GLN DA 14 -11.99 39.23 -68.25
CA GLN DA 14 -13.32 39.80 -68.07
C GLN DA 14 -13.37 40.60 -66.77
N PRO DA 15 -14.11 41.71 -66.74
CA PRO DA 15 -14.17 42.51 -65.52
C PRO DA 15 -14.84 41.77 -64.38
N TRP DA 16 -14.33 42.02 -63.18
CA TRP DA 16 -14.99 41.56 -61.95
C TRP DA 16 -16.14 42.53 -61.67
N ILE DA 17 -17.37 42.04 -61.84
CA ILE DA 17 -18.53 42.88 -61.57
C ILE DA 17 -18.87 42.79 -60.08
N ASN DA 18 -19.09 43.96 -59.48
CA ASN DA 18 -19.52 44.09 -58.09
C ASN DA 18 -18.84 43.08 -57.18
N VAL DA 19 -17.51 43.16 -57.12
CA VAL DA 19 -16.72 42.31 -56.24
C VAL DA 19 -16.08 43.18 -55.17
N SER DA 20 -15.75 42.55 -54.04
CA SER DA 20 -15.37 43.30 -52.85
C SER DA 20 -13.94 43.80 -52.92
N LEU DA 21 -13.75 45.05 -52.49
CA LEU DA 21 -12.43 45.65 -52.31
C LEU DA 21 -12.46 46.49 -51.05
N PHE DA 22 -11.33 46.57 -50.36
CA PHE DA 22 -11.26 47.31 -49.10
C PHE DA 22 -10.18 48.39 -49.17
N LEU DA 23 -10.47 49.53 -48.58
CA LEU DA 23 -9.49 50.59 -48.42
C LEU DA 23 -9.51 51.04 -46.97
N THR DA 24 -8.31 51.30 -46.43
CA THR DA 24 -8.18 51.68 -45.03
C THR DA 24 -7.05 52.67 -44.83
N LEU DA 25 -7.31 53.66 -43.98
CA LEU DA 25 -6.29 54.59 -43.52
C LEU DA 25 -5.67 54.03 -42.24
N ILE DA 26 -4.42 54.42 -41.98
CA ILE DA 26 -3.66 53.86 -40.87
C ILE DA 26 -3.60 54.82 -39.69
N ASN DA 27 -3.31 56.10 -39.94
CA ASN DA 27 -3.20 57.09 -38.87
C ASN DA 27 -3.97 58.33 -39.30
N GLY DA 28 -4.95 58.71 -38.47
CA GLY DA 28 -5.74 59.89 -38.74
C GLY DA 28 -4.88 61.12 -38.92
N THR DA 29 -5.17 61.90 -39.96
CA THR DA 29 -4.40 63.08 -40.30
C THR DA 29 -5.31 64.29 -40.42
N PHE DA 30 -4.70 65.46 -40.35
CA PHE DA 30 -5.41 66.73 -40.47
C PHE DA 30 -4.67 67.62 -41.44
N ASN DA 31 -5.43 68.50 -42.09
CA ASN DA 31 -4.87 69.62 -42.82
C ASN DA 31 -4.84 70.83 -41.87
N SER DA 32 -4.41 71.98 -42.41
CA SER DA 32 -4.31 73.17 -41.58
C SER DA 32 -5.64 73.57 -40.95
N ALA DA 33 -6.76 73.10 -41.51
CA ALA DA 33 -8.08 73.54 -41.05
C ALA DA 33 -9.06 72.40 -40.76
N ASN DA 34 -8.67 71.14 -40.96
CA ASN DA 34 -9.63 70.05 -40.82
C ASN DA 34 -8.89 68.79 -40.38
N GLN DA 35 -9.67 67.85 -39.84
CA GLN DA 35 -9.16 66.59 -39.33
C GLN DA 35 -9.85 65.44 -40.05
N TYR DA 36 -9.06 64.43 -40.45
CA TYR DA 36 -9.53 63.30 -41.24
C TYR DA 36 -9.08 62.01 -40.55
N PRO DA 37 -9.78 61.57 -39.51
CA PRO DA 37 -9.31 60.43 -38.71
C PRO DA 37 -9.49 59.10 -39.45
N ILE DA 38 -9.21 58.01 -38.73
CA ILE DA 38 -9.19 56.69 -39.34
C ILE DA 38 -10.57 56.29 -39.80
N ASP DA 39 -10.63 55.52 -40.89
CA ASP DA 39 -11.86 54.92 -41.37
C ASP DA 39 -11.50 53.79 -42.32
N THR DA 40 -12.50 52.98 -42.66
CA THR DA 40 -12.35 51.93 -43.64
C THR DA 40 -13.59 51.88 -44.51
N LYS DA 41 -13.40 51.67 -45.81
CA LYS DA 41 -14.49 51.56 -46.76
C LYS DA 41 -14.37 50.23 -47.51
N HIS DA 42 -15.53 49.65 -47.79
CA HIS DA 42 -15.62 48.50 -48.69
C HIS DA 42 -16.43 48.92 -49.91
N ALA DA 43 -15.88 48.69 -51.09
CA ALA DA 43 -16.55 49.07 -52.33
C ALA DA 43 -16.64 47.85 -53.24
N LYS DA 44 -17.38 48.03 -54.32
CA LYS DA 44 -17.62 46.98 -55.30
C LYS DA 44 -17.41 47.52 -56.70
N THR DA 45 -17.11 46.62 -57.63
CA THR DA 45 -16.79 47.00 -58.99
C THR DA 45 -18.07 47.15 -59.83
N ASP DA 46 -17.95 47.91 -60.90
CA ASP DA 46 -19.03 48.08 -61.85
C ASP DA 46 -18.99 46.92 -62.86
N GLN DA 47 -19.85 46.99 -63.88
CA GLN DA 47 -19.86 45.96 -64.90
C GLN DA 47 -18.52 45.84 -65.60
N ASN DA 48 -17.89 46.98 -65.90
CA ASN DA 48 -16.57 47.00 -66.52
C ASN DA 48 -15.46 46.76 -65.51
N GLY DA 49 -15.80 46.42 -64.27
CA GLY DA 49 -14.82 46.09 -63.26
C GLY DA 49 -14.19 47.28 -62.57
N GLU DA 50 -14.55 48.50 -62.96
CA GLU DA 50 -13.93 49.68 -62.40
C GLU DA 50 -14.47 49.97 -61.00
N PHE DA 51 -13.65 50.64 -60.20
CA PHE DA 51 -14.07 51.15 -58.89
C PHE DA 51 -13.36 52.46 -58.65
N VAL DA 52 -14.11 53.46 -58.21
CA VAL DA 52 -13.61 54.82 -58.03
C VAL DA 52 -13.82 55.24 -56.59
N PHE DA 53 -12.75 55.69 -55.95
CA PHE DA 53 -12.80 56.21 -54.58
C PHE DA 53 -12.39 57.68 -54.63
N ASN DA 54 -13.32 58.58 -54.35
CA ASN DA 54 -12.96 59.96 -54.12
C ASN DA 54 -12.30 60.07 -52.76
N VAL DA 55 -11.00 60.38 -52.76
CA VAL DA 55 -10.20 60.31 -51.54
C VAL DA 55 -9.29 61.53 -51.48
N VAL DA 56 -9.10 62.02 -50.26
CA VAL DA 56 -8.17 63.12 -50.00
C VAL DA 56 -6.75 62.61 -50.22
N PRO DA 57 -5.84 63.41 -50.78
CA PRO DA 57 -4.44 62.99 -50.81
C PRO DA 57 -3.96 62.70 -49.40
N ASN DA 58 -3.17 61.64 -49.25
CA ASN DA 58 -2.46 60.92 -48.21
C ASN DA 58 -1.44 61.82 -47.51
N VAL DA 59 -1.02 62.89 -48.14
CA VAL DA 59 -0.19 63.89 -47.50
C VAL DA 59 -0.97 64.51 -46.36
N GLY DA 60 -0.26 65.22 -45.48
CA GLY DA 60 -0.90 65.89 -44.37
C GLY DA 60 0.12 66.24 -43.32
N ILE DA 61 -0.32 67.03 -42.34
CA ILE DA 61 0.58 67.45 -41.28
C ILE DA 61 1.07 66.24 -40.50
N ASP DA 62 0.38 65.11 -40.62
CA ASP DA 62 0.78 63.86 -39.98
C ASP DA 62 0.86 62.76 -41.02
N GLN DA 63 1.51 61.66 -40.64
CA GLN DA 63 1.69 60.53 -41.53
C GLN DA 63 0.37 59.79 -41.72
N SER DA 64 0.21 59.19 -42.90
CA SER DA 64 -0.95 58.37 -43.21
C SER DA 64 -0.64 57.39 -44.33
N TYR DA 65 -1.22 56.19 -44.25
CA TYR DA 65 -1.07 55.17 -45.27
C TYR DA 65 -2.44 54.77 -45.79
N TYR DA 66 -2.57 54.66 -47.11
CA TYR DA 66 -3.75 54.10 -47.73
C TYR DA 66 -3.44 52.66 -48.12
N ILE DA 67 -4.17 51.72 -47.53
CA ILE DA 67 -3.93 50.30 -47.73
C ILE DA 67 -5.14 49.71 -48.43
N LEU DA 68 -4.88 49.03 -49.54
CA LEU DA 68 -5.92 48.41 -50.36
C LEU DA 68 -5.84 46.91 -50.19
N THR DA 69 -7.00 46.28 -50.03
CA THR DA 69 -7.13 44.83 -49.89
C THR DA 69 -7.98 44.33 -51.06
N THR DA 70 -7.41 43.39 -51.81
CA THR DA 70 -8.00 42.86 -53.02
C THR DA 70 -8.70 41.52 -52.74
N PRO DA 71 -9.43 40.99 -53.72
CA PRO DA 71 -10.12 39.70 -53.48
C PRO DA 71 -9.17 38.59 -53.10
N ASP DA 72 -7.92 38.67 -53.53
CA ASP DA 72 -6.89 37.75 -53.07
C ASP DA 72 -6.26 38.23 -51.77
N ASN DA 73 -6.85 39.23 -51.13
CA ASN DA 73 -6.38 39.82 -49.88
C ASN DA 73 -4.90 40.18 -49.91
N LYS DA 74 -4.40 40.62 -51.05
CA LYS DA 74 -3.09 41.26 -51.08
C LYS DA 74 -3.20 42.65 -50.47
N LYS DA 75 -2.21 43.03 -49.67
CA LYS DA 75 -2.17 44.35 -49.04
C LYS DA 75 -1.26 45.24 -49.87
N HIS DA 76 -1.85 46.25 -50.50
CA HIS DA 76 -1.09 47.24 -51.24
C HIS DA 76 -1.05 48.53 -50.44
N SER DA 77 0.14 48.97 -50.04
CA SER DA 77 0.30 50.21 -49.29
C SER DA 77 0.71 51.30 -50.25
N PHE DA 78 0.15 52.50 -50.06
CA PHE DA 78 0.44 53.60 -50.98
C PHE DA 78 0.06 54.93 -50.35
N THR DA 79 0.60 55.99 -50.96
CA THR DA 79 0.43 57.37 -50.52
C THR DA 79 -0.10 58.17 -51.70
N VAL DA 80 -1.37 58.57 -51.64
CA VAL DA 80 -1.93 59.41 -52.70
C VAL DA 80 -1.19 60.74 -52.72
N PRO DA 81 -0.61 61.16 -53.84
CA PRO DA 81 0.09 62.45 -53.87
C PRO DA 81 -0.88 63.61 -53.82
N ASP DA 82 -0.36 64.75 -53.39
CA ASP DA 82 -1.18 65.95 -53.25
C ASP DA 82 -1.66 66.42 -54.62
N GLY DA 83 -2.97 66.38 -54.84
CA GLY DA 83 -3.52 66.86 -56.09
C GLY DA 83 -5.03 66.77 -56.04
N THR DA 84 -5.65 67.32 -57.08
CA THR DA 84 -7.11 67.32 -57.23
C THR DA 84 -7.42 66.80 -58.62
N SER DA 85 -7.42 65.48 -58.76
CA SER DA 85 -7.72 64.84 -60.03
C SER DA 85 -7.74 63.34 -59.83
N ASP DA 86 -8.57 62.66 -60.62
CA ASP DA 86 -8.57 61.21 -60.61
C ASP DA 86 -7.20 60.69 -61.04
N ILE DA 87 -6.76 59.61 -60.41
CA ILE DA 87 -5.52 58.95 -60.78
C ILE DA 87 -5.75 57.45 -60.79
N GLU DA 88 -5.26 56.80 -61.84
CA GLU DA 88 -5.41 55.36 -61.97
C GLU DA 88 -4.66 54.67 -60.84
N PHE DA 89 -5.32 53.71 -60.19
CA PHE DA 89 -4.71 53.04 -59.05
C PHE DA 89 -3.41 52.34 -59.42
N SER DA 90 -3.24 51.98 -60.69
CA SER DA 90 -2.03 51.27 -61.09
C SER DA 90 -0.79 52.10 -60.84
N VAL DA 91 -0.86 53.41 -61.12
CA VAL DA 91 0.32 54.26 -60.97
C VAL DA 91 0.76 54.31 -59.51
N VAL DA 92 -0.19 54.50 -58.59
CA VAL DA 92 0.16 54.54 -57.18
C VAL DA 92 0.62 53.17 -56.70
N ARG DA 93 0.00 52.11 -57.20
CA ARG DA 93 0.41 50.76 -56.82
C ARG DA 93 1.84 50.48 -57.21
N GLU DA 94 2.25 50.85 -58.43
CA GLU DA 94 3.63 50.72 -58.83
C GLU DA 94 4.54 51.74 -58.16
N ALA DA 95 3.97 52.85 -57.67
CA ALA DA 95 4.75 53.91 -57.03
C ALA DA 95 4.81 53.78 -55.52
N GLY DA 96 3.77 53.23 -54.89
CA GLY DA 96 3.81 52.98 -53.47
C GLY DA 96 4.52 51.68 -53.16
N ILE DA 97 4.97 51.00 -54.21
CA ILE DA 97 5.66 49.72 -54.10
C ILE DA 97 7.17 49.90 -54.11
N ILE DA 98 7.64 51.14 -54.05
CA ILE DA 98 9.08 51.41 -53.99
C ILE DA 98 9.56 51.07 -52.60
N ALA DA 99 8.64 50.85 -51.67
CA ALA DA 99 9.02 50.48 -50.30
C ALA DA 99 9.98 49.29 -50.30
N THR DA 100 9.72 48.29 -51.15
CA THR DA 100 10.65 47.19 -51.29
C THR DA 100 11.98 47.72 -51.81
N ASP DA 101 13.08 47.13 -51.34
CA ASP DA 101 14.39 47.70 -51.60
C ASP DA 101 14.29 49.20 -51.31
N PRO DA 102 14.18 49.58 -50.03
CA PRO DA 102 13.71 50.93 -49.70
C PRO DA 102 14.49 52.02 -50.42
N GLU DA 103 13.74 52.98 -50.97
CA GLU DA 103 14.26 54.11 -51.74
C GLU DA 103 15.50 53.80 -52.57
N TYR DA 104 15.29 52.95 -53.59
CA TYR DA 104 16.35 52.71 -54.57
C TYR DA 104 16.44 53.95 -55.44
N THR DA 105 17.08 54.99 -54.89
CA THR DA 105 17.19 56.27 -55.58
C THR DA 105 17.77 56.10 -56.97
N ASN DA 106 18.48 54.99 -57.21
CA ASN DA 106 18.97 54.71 -58.55
C ASN DA 106 17.82 54.78 -59.57
N VAL DA 107 16.68 54.19 -59.22
CA VAL DA 107 15.49 54.35 -60.04
C VAL DA 107 15.03 55.81 -60.02
N LEU DA 108 15.07 56.43 -58.84
CA LEU DA 108 14.75 57.86 -58.76
C LEU DA 108 15.69 58.66 -59.65
N ASN DA 109 16.96 58.27 -59.71
CA ASN DA 109 17.91 58.97 -60.56
C ASN DA 109 17.62 58.71 -62.04
N TYR DA 110 17.15 57.51 -62.37
CA TYR DA 110 16.64 57.26 -63.72
C TYR DA 110 15.53 58.24 -64.06
N LEU DA 111 14.57 58.40 -63.15
CA LEU DA 111 13.51 59.38 -63.37
C LEU DA 111 14.09 60.78 -63.55
N GLU DA 112 15.05 61.15 -62.70
CA GLU DA 112 15.61 62.49 -62.75
C GLU DA 112 16.32 62.76 -64.07
N ASP DA 113 17.11 61.81 -64.53
CA ASP DA 113 17.79 62.01 -65.81
C ASP DA 113 16.80 62.01 -66.97
N TYR DA 114 15.68 61.29 -66.84
CA TYR DA 114 14.62 61.47 -67.82
C TYR DA 114 14.08 62.89 -67.79
N ILE DA 115 13.86 63.44 -66.60
CA ILE DA 115 13.43 64.83 -66.50
C ILE DA 115 14.43 65.74 -67.18
N ASP DA 116 15.72 65.48 -66.98
CA ASP DA 116 16.76 66.31 -67.55
C ASP DA 116 16.80 66.21 -69.07
N ASP DA 117 16.62 65.01 -69.62
CA ASP DA 117 16.58 64.88 -71.07
C ASP DA 117 15.36 65.59 -71.65
N ALA DA 118 14.21 65.47 -70.97
CA ALA DA 118 13.03 66.20 -71.42
C ALA DA 118 13.28 67.71 -71.37
N ILE DA 119 13.96 68.18 -70.32
CA ILE DA 119 14.28 69.59 -70.20
C ILE DA 119 15.20 70.02 -71.33
N ALA DA 120 16.19 69.20 -71.68
CA ALA DA 120 17.07 69.53 -72.79
C ALA DA 120 16.30 69.60 -74.10
N ASN DA 121 15.41 68.65 -74.34
CA ASN DA 121 14.60 68.68 -75.55
C ASN DA 121 13.74 69.93 -75.60
N ILE DA 122 13.18 70.33 -74.45
CA ILE DA 122 12.41 71.57 -74.38
C ILE DA 122 13.29 72.76 -74.71
N GLN DA 123 14.50 72.79 -74.14
CA GLN DA 123 15.42 73.89 -74.39
C GLN DA 123 15.84 73.96 -75.85
N ALA DA 124 15.81 72.83 -76.55
CA ALA DA 124 16.15 72.83 -77.97
C ALA DA 124 15.26 73.79 -78.76
N SER DA 125 14.06 74.07 -78.26
CA SER DA 125 13.17 75.04 -78.87
C SER DA 125 13.89 76.35 -79.14
#